data_2K5J
#
_entry.id   2K5J
#
_entity_poly.entity_id   1
_entity_poly.type   'polypeptide(L)'
_entity_poly.pdbx_seq_one_letter_code
;MNSLAGIDMGRILLDLSNEVIKQLDDLEVQRNLPRADLLREAVDQYLINQSQTARTSVPGIWQGCEEDGVEYQRKLREEW
;
_entity_poly.pdbx_strand_id   A,B
#
# COMPACT_ATOMS: atom_id res chain seq x y z
N MET A 1 -24.46 -5.68 -20.42
CA MET A 1 -24.80 -4.23 -20.41
C MET A 1 -23.67 -3.45 -19.76
N ASN A 2 -22.44 -3.68 -20.24
CA ASN A 2 -21.28 -2.98 -19.68
C ASN A 2 -21.06 -1.65 -20.39
N SER A 3 -21.61 -0.59 -19.81
CA SER A 3 -21.48 0.74 -20.38
C SER A 3 -20.04 1.23 -20.27
N LEU A 4 -19.31 0.69 -19.29
CA LEU A 4 -17.92 1.08 -19.08
C LEU A 4 -17.80 2.59 -18.99
N ALA A 5 -17.73 3.10 -17.75
CA ALA A 5 -17.61 4.54 -17.53
C ALA A 5 -16.30 5.06 -18.10
N GLY A 6 -15.22 4.27 -17.95
CA GLY A 6 -13.91 4.66 -18.45
C GLY A 6 -13.63 4.00 -19.80
N ILE A 7 -13.00 4.75 -20.70
CA ILE A 7 -12.68 4.25 -22.02
C ILE A 7 -11.25 3.73 -22.05
N ASP A 8 -11.10 2.53 -22.58
CA ASP A 8 -9.78 1.90 -22.69
C ASP A 8 -9.16 1.74 -21.30
N MET A 9 -9.98 1.38 -20.32
CA MET A 9 -9.50 1.19 -18.94
C MET A 9 -9.85 -0.20 -18.46
N GLY A 10 -8.83 -0.93 -18.00
CA GLY A 10 -9.03 -2.29 -17.51
C GLY A 10 -9.37 -2.27 -16.03
N ARG A 11 -9.52 -3.45 -15.44
CA ARG A 11 -9.85 -3.58 -14.03
C ARG A 11 -9.16 -4.79 -13.42
N ILE A 12 -8.73 -4.67 -12.17
CA ILE A 12 -8.06 -5.76 -11.47
C ILE A 12 -8.64 -5.93 -10.07
N LEU A 13 -8.60 -7.15 -9.56
CA LEU A 13 -9.12 -7.45 -8.23
C LEU A 13 -8.01 -7.34 -7.19
N LEU A 14 -8.40 -6.89 -6.00
CA LEU A 14 -7.45 -6.73 -4.91
C LEU A 14 -7.94 -7.46 -3.66
N ASP A 15 -7.02 -8.21 -3.06
CA ASP A 15 -7.33 -8.97 -1.84
C ASP A 15 -6.66 -8.32 -0.63
N LEU A 16 -7.49 -7.77 0.26
CA LEU A 16 -6.98 -7.11 1.48
C LEU A 16 -7.78 -7.56 2.70
N SER A 17 -7.10 -7.63 3.83
CA SER A 17 -7.74 -8.05 5.07
C SER A 17 -8.79 -7.03 5.49
N ASN A 18 -9.70 -7.46 6.35
CA ASN A 18 -10.76 -6.58 6.83
C ASN A 18 -10.18 -5.38 7.58
N GLU A 19 -9.13 -5.65 8.36
CA GLU A 19 -8.48 -4.59 9.13
C GLU A 19 -8.02 -3.46 8.21
N VAL A 20 -7.59 -3.82 7.00
CA VAL A 20 -7.13 -2.84 6.04
C VAL A 20 -8.31 -1.97 5.56
N ILE A 21 -9.43 -2.62 5.29
CA ILE A 21 -10.62 -1.90 4.82
C ILE A 21 -10.95 -0.77 5.80
N LYS A 22 -10.74 -1.03 7.09
CA LYS A 22 -11.01 -0.03 8.11
C LYS A 22 -10.05 1.14 7.95
N GLN A 23 -8.79 0.83 7.64
CA GLN A 23 -7.77 1.87 7.47
C GLN A 23 -8.13 2.75 6.28
N LEU A 24 -8.48 2.12 5.16
CA LEU A 24 -8.84 2.86 3.96
C LEU A 24 -10.08 3.70 4.20
N ASP A 25 -11.06 3.12 4.90
CA ASP A 25 -12.29 3.84 5.19
C ASP A 25 -11.99 5.15 5.91
N ASP A 26 -11.11 5.08 6.92
CA ASP A 26 -10.74 6.28 7.66
C ASP A 26 -10.17 7.34 6.73
N LEU A 27 -9.31 6.89 5.81
CA LEU A 27 -8.70 7.79 4.84
C LEU A 27 -9.75 8.33 3.87
N GLU A 28 -10.73 7.50 3.56
CA GLU A 28 -11.79 7.89 2.65
C GLU A 28 -12.69 8.94 3.27
N VAL A 29 -12.92 8.81 4.58
CA VAL A 29 -13.78 9.77 5.28
C VAL A 29 -13.16 11.17 5.26
N GLN A 30 -11.90 11.27 5.66
CA GLN A 30 -11.21 12.55 5.69
C GLN A 30 -11.12 13.13 4.29
N ARG A 31 -10.86 12.28 3.31
CA ARG A 31 -10.74 12.73 1.93
C ARG A 31 -12.11 12.78 1.26
N ASN A 32 -13.08 12.12 1.87
CA ASN A 32 -14.42 12.08 1.32
C ASN A 32 -14.40 11.59 -0.12
N LEU A 33 -13.57 10.58 -0.37
CA LEU A 33 -13.45 10.02 -1.72
C LEU A 33 -13.43 8.49 -1.69
N PRO A 34 -13.85 7.86 -2.76
CA PRO A 34 -13.87 6.37 -2.85
C PRO A 34 -12.46 5.77 -2.78
N ARG A 35 -12.38 4.54 -2.32
CA ARG A 35 -11.11 3.85 -2.21
C ARG A 35 -10.45 3.72 -3.57
N ALA A 36 -11.24 3.33 -4.58
CA ALA A 36 -10.71 3.16 -5.92
C ALA A 36 -9.88 4.37 -6.32
N ASP A 37 -10.37 5.55 -5.97
CA ASP A 37 -9.65 6.78 -6.29
C ASP A 37 -8.32 6.83 -5.53
N LEU A 38 -8.35 6.38 -4.28
CA LEU A 38 -7.16 6.38 -3.44
C LEU A 38 -6.15 5.36 -3.94
N LEU A 39 -6.64 4.18 -4.31
CA LEU A 39 -5.77 3.13 -4.80
C LEU A 39 -5.05 3.55 -6.07
N ARG A 40 -5.79 4.13 -6.99
CA ARG A 40 -5.20 4.58 -8.25
C ARG A 40 -4.04 5.52 -7.98
N GLU A 41 -4.24 6.45 -7.05
CA GLU A 41 -3.20 7.40 -6.71
C GLU A 41 -2.01 6.70 -6.07
N ALA A 42 -2.30 5.67 -5.27
CA ALA A 42 -1.24 4.91 -4.62
C ALA A 42 -0.30 4.30 -5.64
N VAL A 43 -0.86 3.63 -6.64
CA VAL A 43 -0.04 3.01 -7.67
C VAL A 43 0.76 4.07 -8.44
N ASP A 44 0.05 5.06 -8.97
CA ASP A 44 0.70 6.11 -9.73
C ASP A 44 1.87 6.68 -8.94
N GLN A 45 1.64 6.91 -7.64
CA GLN A 45 2.69 7.43 -6.78
C GLN A 45 3.82 6.43 -6.64
N TYR A 46 3.47 5.16 -6.55
CA TYR A 46 4.47 4.10 -6.42
C TYR A 46 5.39 4.07 -7.64
N LEU A 47 4.79 4.11 -8.81
CA LEU A 47 5.56 4.08 -10.06
C LEU A 47 6.48 5.30 -10.15
N ILE A 48 5.97 6.46 -9.77
CA ILE A 48 6.77 7.66 -9.81
C ILE A 48 8.00 7.52 -8.92
N ASN A 49 7.80 6.99 -7.72
CA ASN A 49 8.90 6.79 -6.79
C ASN A 49 9.88 5.75 -7.33
N GLN A 50 9.34 4.69 -7.91
CA GLN A 50 10.16 3.62 -8.46
C GLN A 50 11.01 4.14 -9.61
N SER A 51 10.39 4.92 -10.49
CA SER A 51 11.09 5.48 -11.65
C SER A 51 11.20 7.00 -11.53
N GLN A 52 12.41 7.48 -11.34
CA GLN A 52 12.65 8.91 -11.20
C GLN A 52 14.12 9.24 -11.43
N THR A 53 15.00 8.44 -10.83
CA THR A 53 16.44 8.65 -10.97
C THR A 53 17.18 7.31 -10.99
N ALA A 54 18.40 7.33 -11.50
CA ALA A 54 19.21 6.11 -11.59
C ALA A 54 20.68 6.43 -11.36
N ARG A 55 21.00 7.72 -11.35
CA ARG A 55 22.38 8.15 -11.14
C ARG A 55 22.87 7.76 -9.75
N THR A 56 21.97 7.85 -8.77
CA THR A 56 22.31 7.51 -7.39
C THR A 56 22.74 6.05 -7.29
N SER A 57 21.98 5.17 -7.95
CA SER A 57 22.29 3.75 -7.93
C SER A 57 23.47 3.46 -8.82
N VAL A 58 24.12 2.31 -8.60
CA VAL A 58 25.28 1.92 -9.41
C VAL A 58 25.12 0.49 -9.92
N PRO A 59 25.74 0.17 -11.05
CA PRO A 59 25.68 -1.20 -11.61
C PRO A 59 26.00 -2.29 -10.58
N GLY A 60 25.35 -3.43 -10.73
CA GLY A 60 25.57 -4.54 -9.80
C GLY A 60 26.98 -5.10 -9.96
N ILE A 61 27.16 -6.37 -9.56
CA ILE A 61 28.46 -7.01 -9.65
C ILE A 61 28.54 -7.87 -10.91
N TRP A 62 29.50 -7.56 -11.77
CA TRP A 62 29.68 -8.30 -13.02
C TRP A 62 31.13 -8.22 -13.49
N GLN A 63 31.72 -9.39 -13.75
CA GLN A 63 33.11 -9.43 -14.21
C GLN A 63 33.38 -10.74 -14.94
N GLY A 64 32.57 -11.76 -14.65
CA GLY A 64 32.74 -13.07 -15.28
C GLY A 64 33.64 -13.97 -14.45
N CYS A 65 34.66 -13.37 -13.83
CA CYS A 65 35.59 -14.13 -13.00
C CYS A 65 36.09 -15.37 -13.75
N GLU A 66 36.97 -16.12 -13.11
CA GLU A 66 37.51 -17.33 -13.72
C GLU A 66 38.01 -17.03 -15.13
N GLU A 67 39.16 -16.36 -15.23
CA GLU A 67 39.74 -16.01 -16.52
C GLU A 67 40.72 -17.09 -16.97
N ASP A 68 40.89 -17.22 -18.28
CA ASP A 68 41.80 -18.21 -18.83
C ASP A 68 43.24 -17.72 -18.75
N GLY A 69 44.19 -18.60 -19.04
CA GLY A 69 45.60 -18.24 -18.99
C GLY A 69 46.44 -19.27 -19.73
N VAL A 70 47.75 -19.05 -19.75
CA VAL A 70 48.67 -19.97 -20.42
C VAL A 70 48.66 -21.34 -19.73
N GLU A 71 48.43 -21.33 -18.42
CA GLU A 71 48.39 -22.57 -17.66
C GLU A 71 49.69 -23.34 -17.82
N TYR A 72 50.81 -22.62 -17.80
CA TYR A 72 52.13 -23.23 -17.94
C TYR A 72 53.12 -22.63 -16.96
N GLN A 73 53.13 -23.16 -15.73
CA GLN A 73 54.03 -22.67 -14.69
C GLN A 73 54.62 -23.83 -13.90
N ARG A 74 53.96 -24.17 -12.79
CA ARG A 74 54.43 -25.27 -11.95
C ARG A 74 55.90 -25.10 -11.63
N LYS A 75 56.68 -26.16 -11.86
CA LYS A 75 58.11 -26.11 -11.57
C LYS A 75 58.36 -25.49 -10.21
N LEU A 76 58.85 -24.24 -10.22
CA LEU A 76 59.14 -23.52 -8.98
C LEU A 76 58.05 -22.48 -8.71
N ARG A 77 56.83 -22.79 -9.08
CA ARG A 77 55.72 -21.88 -8.86
C ARG A 77 55.56 -21.58 -7.38
N GLU A 78 55.65 -22.62 -6.55
CA GLU A 78 55.51 -22.46 -5.11
C GLU A 78 56.73 -21.72 -4.55
N GLU A 79 56.49 -20.92 -3.51
CA GLU A 79 57.58 -20.17 -2.87
C GLU A 79 58.30 -19.30 -3.90
N TRP A 80 57.56 -18.40 -4.53
CA TRP A 80 58.14 -17.52 -5.55
C TRP A 80 57.17 -16.40 -5.90
N MET B 1 -3.19 -14.24 18.21
CA MET B 1 -4.18 -14.41 17.11
C MET B 1 -4.81 -15.80 17.21
N ASN B 2 -6.13 -15.84 17.23
CA ASN B 2 -6.84 -17.12 17.33
C ASN B 2 -6.54 -18.00 16.12
N SER B 3 -6.51 -17.39 14.94
CA SER B 3 -6.22 -18.12 13.71
C SER B 3 -5.66 -17.19 12.65
N LEU B 4 -4.92 -17.76 11.70
CA LEU B 4 -4.33 -16.97 10.62
C LEU B 4 -4.28 -17.78 9.33
N ALA B 5 -3.65 -17.20 8.30
CA ALA B 5 -3.53 -17.87 7.02
C ALA B 5 -4.91 -18.30 6.51
N GLY B 6 -5.95 -17.86 7.20
CA GLY B 6 -7.31 -18.20 6.81
C GLY B 6 -7.72 -17.43 5.56
N ILE B 7 -8.84 -17.82 4.96
CA ILE B 7 -9.33 -17.15 3.75
C ILE B 7 -10.60 -16.36 4.08
N ASP B 8 -10.48 -15.04 4.05
CA ASP B 8 -11.61 -14.17 4.33
C ASP B 8 -11.26 -12.71 4.03
N MET B 9 -10.37 -12.51 3.06
CA MET B 9 -9.96 -11.16 2.68
C MET B 9 -10.98 -10.54 1.73
N GLY B 10 -11.35 -9.30 2.00
CA GLY B 10 -12.32 -8.61 1.17
C GLY B 10 -11.75 -8.34 -0.21
N ARG B 11 -12.59 -8.47 -1.23
CA ARG B 11 -12.16 -8.24 -2.60
C ARG B 11 -12.46 -6.81 -3.03
N ILE B 12 -11.49 -6.18 -3.69
CA ILE B 12 -11.65 -4.80 -4.16
C ILE B 12 -11.18 -4.68 -5.60
N LEU B 13 -11.97 -4.01 -6.40
CA LEU B 13 -11.64 -3.82 -7.82
C LEU B 13 -10.89 -2.52 -8.03
N LEU B 14 -9.83 -2.60 -8.84
CA LEU B 14 -9.02 -1.42 -9.14
C LEU B 14 -9.04 -1.13 -10.62
N ASP B 15 -9.38 0.12 -10.97
CA ASP B 15 -9.43 0.54 -12.37
C ASP B 15 -8.18 1.30 -12.76
N LEU B 16 -7.48 0.81 -13.77
CA LEU B 16 -6.24 1.45 -14.24
C LEU B 16 -6.39 1.84 -15.69
N SER B 17 -5.28 2.15 -16.36
CA SER B 17 -5.36 2.47 -17.78
C SER B 17 -4.50 1.54 -18.59
N ASN B 18 -5.11 0.46 -19.06
CA ASN B 18 -4.48 -0.51 -19.97
C ASN B 18 -2.95 -0.47 -19.90
N GLU B 19 -2.43 0.60 -20.49
CA GLU B 19 -1.00 0.83 -20.56
C GLU B 19 -0.40 0.68 -19.17
N VAL B 20 -1.23 0.80 -18.14
CA VAL B 20 -0.75 0.62 -16.77
C VAL B 20 -0.45 -0.85 -16.50
N ILE B 21 -1.35 -1.74 -16.94
CA ILE B 21 -1.17 -3.16 -16.73
C ILE B 21 0.19 -3.58 -17.27
N LYS B 22 0.61 -2.93 -18.35
CA LYS B 22 1.91 -3.22 -18.94
C LYS B 22 3.03 -2.73 -18.02
N GLN B 23 2.89 -1.50 -17.52
CA GLN B 23 3.89 -0.92 -16.63
C GLN B 23 4.14 -1.85 -15.45
N LEU B 24 3.06 -2.34 -14.86
CA LEU B 24 3.16 -3.23 -13.72
C LEU B 24 3.87 -4.52 -14.12
N ASP B 25 3.59 -4.98 -15.33
CA ASP B 25 4.20 -6.21 -15.83
C ASP B 25 5.72 -6.07 -15.82
N ASP B 26 6.22 -4.93 -16.27
CA ASP B 26 7.66 -4.71 -16.31
C ASP B 26 8.25 -4.80 -14.91
N LEU B 27 7.55 -4.23 -13.94
CA LEU B 27 8.02 -4.25 -12.56
C LEU B 27 7.88 -5.65 -11.98
N GLU B 28 6.78 -6.32 -12.31
CA GLU B 28 6.53 -7.66 -11.78
C GLU B 28 7.51 -8.66 -12.39
N VAL B 29 7.77 -8.50 -13.69
CA VAL B 29 8.68 -9.41 -14.40
C VAL B 29 10.13 -9.15 -13.98
N GLN B 30 10.54 -7.90 -14.06
CA GLN B 30 11.92 -7.54 -13.72
C GLN B 30 12.25 -8.01 -12.31
N ARG B 31 11.32 -7.82 -11.39
CA ARG B 31 11.53 -8.24 -10.01
C ARG B 31 11.31 -9.74 -9.85
N ASN B 32 10.54 -10.32 -10.77
CA ASN B 32 10.26 -11.75 -10.72
C ASN B 32 9.52 -12.12 -9.44
N LEU B 33 8.33 -11.55 -9.25
CA LEU B 33 7.54 -11.81 -8.06
C LEU B 33 6.06 -11.59 -8.33
N PRO B 34 5.20 -12.15 -7.52
CA PRO B 34 3.73 -11.99 -7.69
C PRO B 34 3.30 -10.52 -7.61
N ARG B 35 2.37 -10.13 -8.47
CA ARG B 35 1.86 -8.76 -8.49
C ARG B 35 1.18 -8.43 -7.17
N ALA B 36 0.40 -9.39 -6.66
CA ALA B 36 -0.32 -9.18 -5.42
C ALA B 36 0.62 -8.62 -4.36
N ASP B 37 1.85 -9.11 -4.33
CA ASP B 37 2.82 -8.64 -3.36
C ASP B 37 3.16 -7.17 -3.64
N LEU B 38 3.31 -6.84 -4.92
CA LEU B 38 3.63 -5.47 -5.29
C LEU B 38 2.51 -4.53 -4.88
N LEU B 39 1.28 -4.96 -5.08
CA LEU B 39 0.14 -4.13 -4.73
C LEU B 39 0.06 -3.95 -3.22
N ARG B 40 0.21 -5.05 -2.49
CA ARG B 40 0.12 -5.00 -1.04
C ARG B 40 1.06 -3.94 -0.47
N GLU B 41 2.32 -3.98 -0.89
CA GLU B 41 3.30 -3.02 -0.41
C GLU B 41 2.94 -1.62 -0.90
N ALA B 42 2.33 -1.54 -2.08
CA ALA B 42 1.97 -0.26 -2.67
C ALA B 42 1.01 0.47 -1.74
N VAL B 43 -0.06 -0.22 -1.34
CA VAL B 43 -1.04 0.39 -0.45
C VAL B 43 -0.43 0.64 0.93
N ASP B 44 0.18 -0.40 1.49
CA ASP B 44 0.79 -0.28 2.81
C ASP B 44 1.75 0.90 2.83
N GLN B 45 2.60 0.99 1.82
CA GLN B 45 3.55 2.10 1.74
C GLN B 45 2.81 3.43 1.74
N TYR B 46 1.71 3.48 1.00
CA TYR B 46 0.92 4.70 0.93
C TYR B 46 0.35 5.07 2.30
N LEU B 47 -0.15 4.06 3.00
CA LEU B 47 -0.73 4.28 4.33
C LEU B 47 0.33 4.81 5.30
N ILE B 48 1.53 4.24 5.24
CA ILE B 48 2.60 4.68 6.12
C ILE B 48 2.94 6.14 5.87
N ASN B 49 3.06 6.52 4.61
CA ASN B 49 3.38 7.89 4.26
C ASN B 49 2.26 8.83 4.70
N GLN B 50 1.02 8.36 4.54
CA GLN B 50 -0.14 9.16 4.91
C GLN B 50 -0.50 8.96 6.38
N SER B 51 0.51 8.69 7.20
CA SER B 51 0.31 8.49 8.64
C SER B 51 1.26 9.35 9.44
N GLN B 52 1.39 10.62 9.06
CA GLN B 52 2.27 11.55 9.76
C GLN B 52 1.51 12.25 10.89
N THR B 53 0.21 12.02 10.96
CA THR B 53 -0.62 12.64 11.99
C THR B 53 -0.71 11.73 13.21
N ALA B 54 -0.02 10.61 13.15
CA ALA B 54 -0.02 9.66 14.26
C ALA B 54 0.39 10.36 15.55
N ARG B 55 -0.57 11.01 16.21
CA ARG B 55 -0.31 11.72 17.46
C ARG B 55 -0.76 10.87 18.66
N THR B 56 -0.67 9.56 18.51
CA THR B 56 -1.06 8.66 19.58
C THR B 56 -2.57 8.70 19.79
N SER B 57 -3.33 8.61 18.69
CA SER B 57 -4.78 8.64 18.77
C SER B 57 -5.31 7.36 19.42
N VAL B 58 -6.38 7.49 20.19
CA VAL B 58 -6.98 6.34 20.85
C VAL B 58 -8.35 6.71 21.42
N PRO B 59 -9.33 6.82 20.57
CA PRO B 59 -10.71 7.18 20.99
C PRO B 59 -11.30 6.15 21.97
N GLY B 60 -12.04 6.64 22.96
CA GLY B 60 -12.66 5.77 23.94
C GLY B 60 -13.71 4.87 23.29
N ILE B 61 -14.41 5.41 22.29
CA ILE B 61 -15.43 4.65 21.60
C ILE B 61 -14.81 3.58 20.71
N TRP B 62 -13.51 3.74 20.44
CA TRP B 62 -12.81 2.79 19.59
C TRP B 62 -13.47 2.68 18.23
N GLN B 63 -13.83 3.83 17.66
CA GLN B 63 -14.47 3.86 16.35
C GLN B 63 -15.84 3.17 16.42
N GLY B 64 -16.90 3.96 16.29
CA GLY B 64 -18.25 3.41 16.32
C GLY B 64 -19.22 4.28 15.52
N CYS B 65 -18.71 5.38 14.98
CA CYS B 65 -19.53 6.29 14.19
C CYS B 65 -20.04 5.59 12.93
N GLU B 66 -19.18 4.77 12.33
CA GLU B 66 -19.56 4.04 11.11
C GLU B 66 -19.76 2.57 11.42
N GLU B 67 -20.87 2.02 10.94
CA GLU B 67 -21.19 0.61 11.16
C GLU B 67 -21.19 0.29 12.65
N ASP B 68 -22.36 -0.09 13.18
CA ASP B 68 -22.48 -0.41 14.59
C ASP B 68 -21.69 -1.68 14.91
N GLY B 69 -21.37 -2.45 13.88
CA GLY B 69 -20.62 -3.69 14.06
C GLY B 69 -21.55 -4.83 14.48
N VAL B 70 -22.34 -5.32 13.52
CA VAL B 70 -23.28 -6.42 13.79
C VAL B 70 -23.18 -7.47 12.69
N GLU B 71 -23.21 -8.74 13.09
CA GLU B 71 -23.13 -9.84 12.14
C GLU B 71 -23.86 -11.06 12.69
N TYR B 72 -24.50 -11.80 11.79
CA TYR B 72 -25.24 -13.00 12.18
C TYR B 72 -24.37 -14.23 12.03
N GLN B 73 -23.95 -14.81 13.15
CA GLN B 73 -23.11 -16.01 13.13
C GLN B 73 -23.58 -17.01 14.18
N ARG B 74 -22.79 -17.18 15.24
CA ARG B 74 -23.13 -18.12 16.30
C ARG B 74 -23.70 -19.41 15.71
N LYS B 75 -25.01 -19.45 15.54
CA LYS B 75 -25.67 -20.62 14.99
C LYS B 75 -25.43 -20.73 13.49
N LEU B 76 -26.36 -20.20 12.71
CA LEU B 76 -26.24 -20.24 11.27
C LEU B 76 -25.78 -21.61 10.79
N ARG B 77 -25.43 -21.71 9.51
CA ARG B 77 -24.96 -22.96 8.94
C ARG B 77 -23.90 -22.71 7.88
N GLU B 78 -22.86 -23.54 7.87
CA GLU B 78 -21.78 -23.40 6.90
C GLU B 78 -21.21 -24.76 6.53
N GLU B 79 -22.08 -25.71 6.22
CA GLU B 79 -21.64 -27.05 5.86
C GLU B 79 -20.78 -27.65 6.96
N TRP B 80 -20.66 -28.97 6.97
CA TRP B 80 -19.85 -29.65 7.97
C TRP B 80 -19.37 -31.00 7.44
N MET A 1 -14.28 9.32 -28.91
CA MET A 1 -14.49 9.87 -27.54
C MET A 1 -13.19 9.78 -26.75
N ASN A 2 -13.05 8.71 -25.96
CA ASN A 2 -11.84 8.53 -25.16
C ASN A 2 -11.61 9.72 -24.25
N SER A 3 -12.69 10.28 -23.73
CA SER A 3 -12.59 11.43 -22.84
C SER A 3 -11.80 11.08 -21.58
N LEU A 4 -12.11 9.92 -21.01
CA LEU A 4 -11.42 9.47 -19.81
C LEU A 4 -11.50 7.96 -19.68
N ALA A 5 -11.89 7.29 -20.76
CA ALA A 5 -12.00 5.84 -20.76
C ALA A 5 -11.68 5.28 -22.15
N GLY A 6 -12.66 5.35 -23.04
CA GLY A 6 -12.48 4.84 -24.39
C GLY A 6 -12.26 3.33 -24.39
N ILE A 7 -11.04 2.91 -24.09
CA ILE A 7 -10.72 1.49 -24.05
C ILE A 7 -11.34 0.83 -22.83
N ASP A 8 -12.30 1.51 -22.22
CA ASP A 8 -12.98 0.99 -21.05
C ASP A 8 -11.98 0.60 -19.98
N MET A 9 -10.84 1.30 -19.95
CA MET A 9 -9.80 1.01 -18.97
C MET A 9 -9.61 -0.49 -18.81
N GLY A 10 -8.91 -0.88 -17.74
CA GLY A 10 -8.66 -2.29 -17.48
C GLY A 10 -9.52 -2.79 -16.32
N ARG A 11 -9.33 -4.06 -15.96
CA ARG A 11 -10.10 -4.65 -14.86
C ARG A 11 -9.25 -5.66 -14.11
N ILE A 12 -9.07 -5.42 -12.81
CA ILE A 12 -8.26 -6.32 -11.98
C ILE A 12 -8.90 -6.50 -10.61
N LEU A 13 -8.75 -7.68 -10.03
CA LEU A 13 -9.31 -7.97 -8.72
C LEU A 13 -8.26 -7.80 -7.64
N LEU A 14 -8.54 -6.93 -6.68
CA LEU A 14 -7.61 -6.70 -5.58
C LEU A 14 -8.09 -7.38 -4.32
N ASP A 15 -7.24 -8.21 -3.72
CA ASP A 15 -7.58 -8.92 -2.51
C ASP A 15 -6.88 -8.30 -1.30
N LEU A 16 -7.66 -7.69 -0.41
CA LEU A 16 -7.09 -7.07 0.78
C LEU A 16 -7.87 -7.49 2.02
N SER A 17 -7.15 -7.65 3.14
CA SER A 17 -7.79 -8.04 4.39
C SER A 17 -8.87 -7.04 4.77
N ASN A 18 -9.90 -7.53 5.45
CA ASN A 18 -11.00 -6.67 5.88
C ASN A 18 -10.51 -5.57 6.80
N GLU A 19 -9.54 -5.91 7.65
CA GLU A 19 -9.00 -4.94 8.59
C GLU A 19 -8.47 -3.72 7.85
N VAL A 20 -7.97 -3.93 6.63
CA VAL A 20 -7.45 -2.84 5.83
C VAL A 20 -8.58 -1.95 5.31
N ILE A 21 -9.66 -2.60 4.87
CA ILE A 21 -10.81 -1.87 4.34
C ILE A 21 -11.26 -0.82 5.35
N LYS A 22 -11.22 -1.17 6.63
CA LYS A 22 -11.62 -0.24 7.68
C LYS A 22 -10.65 0.94 7.71
N GLN A 23 -9.36 0.66 7.54
CA GLN A 23 -8.35 1.71 7.54
C GLN A 23 -8.56 2.65 6.35
N LEU A 24 -8.77 2.08 5.17
CA LEU A 24 -8.99 2.87 3.97
C LEU A 24 -10.28 3.68 4.09
N ASP A 25 -11.31 3.04 4.64
CA ASP A 25 -12.60 3.71 4.80
C ASP A 25 -12.45 4.98 5.64
N ASP A 26 -11.80 4.84 6.80
CA ASP A 26 -11.58 5.98 7.68
C ASP A 26 -10.81 7.07 6.96
N LEU A 27 -9.76 6.68 6.25
CA LEU A 27 -8.94 7.64 5.52
C LEU A 27 -9.73 8.23 4.35
N GLU A 28 -10.59 7.42 3.76
CA GLU A 28 -11.37 7.87 2.61
C GLU A 28 -12.39 8.93 3.03
N VAL A 29 -12.99 8.74 4.19
CA VAL A 29 -13.98 9.67 4.70
C VAL A 29 -13.34 11.03 5.00
N GLN A 30 -12.18 11.00 5.64
CA GLN A 30 -11.48 12.23 6.00
C GLN A 30 -11.14 13.03 4.75
N ARG A 31 -10.63 12.35 3.73
CA ARG A 31 -10.26 13.01 2.49
C ARG A 31 -11.50 13.35 1.67
N ASN A 32 -12.62 12.73 2.01
CA ASN A 32 -13.86 12.97 1.30
C ASN A 32 -13.69 12.71 -0.19
N LEU A 33 -12.85 11.75 -0.52
CA LEU A 33 -12.60 11.40 -1.92
C LEU A 33 -12.79 9.91 -2.13
N PRO A 34 -13.05 9.51 -3.36
CA PRO A 34 -13.23 8.08 -3.73
C PRO A 34 -12.01 7.23 -3.43
N ARG A 35 -12.23 6.01 -2.97
CA ARG A 35 -11.14 5.10 -2.66
C ARG A 35 -10.31 4.82 -3.90
N ALA A 36 -10.98 4.60 -5.03
CA ALA A 36 -10.29 4.32 -6.28
C ALA A 36 -9.17 5.32 -6.51
N ASP A 37 -9.42 6.58 -6.15
CA ASP A 37 -8.42 7.63 -6.32
C ASP A 37 -7.22 7.37 -5.40
N LEU A 38 -7.50 6.88 -4.19
CA LEU A 38 -6.43 6.58 -3.24
C LEU A 38 -5.55 5.45 -3.74
N LEU A 39 -6.20 4.40 -4.28
CA LEU A 39 -5.47 3.25 -4.78
C LEU A 39 -4.58 3.64 -5.96
N ARG A 40 -5.15 4.41 -6.88
CA ARG A 40 -4.39 4.86 -8.05
C ARG A 40 -3.17 5.66 -7.63
N GLU A 41 -3.35 6.55 -6.67
CA GLU A 41 -2.25 7.37 -6.18
C GLU A 41 -1.17 6.50 -5.54
N ALA A 42 -1.61 5.52 -4.75
CA ALA A 42 -0.67 4.63 -4.08
C ALA A 42 0.24 3.94 -5.10
N VAL A 43 -0.36 3.42 -6.17
CA VAL A 43 0.41 2.74 -7.21
C VAL A 43 1.23 3.75 -8.01
N ASP A 44 0.56 4.78 -8.51
CA ASP A 44 1.23 5.80 -9.31
C ASP A 44 2.42 6.36 -8.54
N GLN A 45 2.21 6.67 -7.26
CA GLN A 45 3.28 7.21 -6.43
C GLN A 45 4.48 6.28 -6.45
N TYR A 46 4.22 4.98 -6.36
CA TYR A 46 5.30 4.00 -6.35
C TYR A 46 6.05 4.03 -7.68
N LEU A 47 5.31 4.15 -8.77
CA LEU A 47 5.90 4.18 -10.10
C LEU A 47 6.80 5.40 -10.25
N ILE A 48 6.39 6.52 -9.67
CA ILE A 48 7.17 7.74 -9.76
C ILE A 48 8.55 7.56 -9.14
N ASN A 49 8.58 6.92 -7.97
CA ASN A 49 9.85 6.70 -7.29
C ASN A 49 10.76 5.78 -8.11
N GLN A 50 10.25 4.62 -8.48
CA GLN A 50 11.02 3.68 -9.28
C GLN A 50 11.15 4.16 -10.71
N SER A 51 10.95 5.46 -10.92
CA SER A 51 11.03 6.03 -12.25
C SER A 51 12.47 6.45 -12.55
N GLN A 52 13.34 6.37 -11.54
CA GLN A 52 14.73 6.74 -11.71
C GLN A 52 15.46 5.70 -12.54
N THR A 53 16.27 6.16 -13.50
CA THR A 53 17.03 5.25 -14.35
C THR A 53 16.13 4.13 -14.85
N ALA A 54 15.25 4.45 -15.80
CA ALA A 54 14.34 3.44 -16.35
C ALA A 54 14.97 2.76 -17.57
N ARG A 55 15.25 1.48 -17.43
CA ARG A 55 15.85 0.71 -18.51
C ARG A 55 14.92 0.65 -19.71
N THR A 56 13.62 0.52 -19.45
CA THR A 56 12.64 0.45 -20.51
C THR A 56 13.06 -0.58 -21.56
N SER A 57 12.71 -1.84 -21.30
CA SER A 57 13.07 -2.92 -22.24
C SER A 57 12.28 -2.78 -23.53
N VAL A 58 12.89 -3.18 -24.63
CA VAL A 58 12.24 -3.09 -25.93
C VAL A 58 10.84 -3.71 -25.87
N PRO A 59 9.94 -3.24 -26.69
CA PRO A 59 8.55 -3.76 -26.74
C PRO A 59 8.50 -5.29 -26.72
N GLY A 60 7.36 -5.82 -26.27
CA GLY A 60 7.19 -7.28 -26.21
C GLY A 60 5.73 -7.65 -26.34
N ILE A 61 5.35 -8.13 -27.53
CA ILE A 61 3.97 -8.53 -27.78
C ILE A 61 3.84 -10.04 -27.82
N TRP A 62 2.91 -10.58 -27.04
CA TRP A 62 2.69 -12.02 -27.00
C TRP A 62 1.26 -12.34 -26.60
N GLN A 63 0.32 -11.53 -27.08
CA GLN A 63 -1.09 -11.73 -26.76
C GLN A 63 -1.63 -12.96 -27.48
N GLY A 64 -2.34 -13.81 -26.73
CA GLY A 64 -2.91 -15.02 -27.31
C GLY A 64 -3.79 -15.73 -26.29
N CYS A 65 -5.09 -15.44 -26.33
CA CYS A 65 -6.03 -16.07 -25.41
C CYS A 65 -7.42 -16.16 -26.05
N GLU A 66 -7.79 -17.38 -26.44
CA GLU A 66 -9.09 -17.60 -27.07
C GLU A 66 -10.21 -16.96 -26.23
N GLU A 67 -11.28 -16.54 -26.90
CA GLU A 67 -12.41 -15.93 -26.20
C GLU A 67 -13.70 -16.17 -26.98
N ASP A 68 -13.57 -16.47 -28.26
CA ASP A 68 -14.74 -16.71 -29.10
C ASP A 68 -15.49 -17.95 -28.61
N GLY A 69 -16.81 -17.83 -28.51
CA GLY A 69 -17.63 -18.94 -28.06
C GLY A 69 -19.10 -18.55 -28.04
N VAL A 70 -19.92 -19.30 -28.79
CA VAL A 70 -21.35 -19.01 -28.87
C VAL A 70 -22.15 -20.31 -28.81
N GLU A 71 -23.43 -20.19 -28.48
CA GLU A 71 -24.30 -21.36 -28.39
C GLU A 71 -25.75 -20.98 -28.69
N TYR A 72 -26.31 -21.56 -29.75
CA TYR A 72 -27.69 -21.27 -30.13
C TYR A 72 -28.62 -22.37 -29.63
N GLN A 73 -29.76 -21.97 -29.06
CA GLN A 73 -30.72 -22.93 -28.55
C GLN A 73 -31.55 -23.52 -29.68
N ARG A 74 -32.20 -22.64 -30.45
CA ARG A 74 -33.04 -23.08 -31.56
C ARG A 74 -34.02 -24.15 -31.10
N LYS A 75 -34.96 -23.76 -30.25
CA LYS A 75 -35.96 -24.69 -29.75
C LYS A 75 -36.90 -25.12 -30.86
N LEU A 76 -37.18 -26.42 -30.93
CA LEU A 76 -38.08 -26.95 -31.95
C LEU A 76 -39.52 -26.77 -31.54
N ARG A 77 -40.34 -26.26 -32.47
CA ARG A 77 -41.75 -26.04 -32.20
C ARG A 77 -42.59 -27.19 -32.73
N GLU A 78 -43.46 -27.73 -31.89
CA GLU A 78 -44.32 -28.84 -32.28
C GLU A 78 -45.43 -28.36 -33.21
N GLU A 79 -45.80 -29.20 -34.17
CA GLU A 79 -46.85 -28.84 -35.12
C GLU A 79 -48.05 -29.77 -34.95
N TRP A 80 -49.02 -29.64 -35.86
CA TRP A 80 -50.21 -30.47 -35.81
C TRP A 80 -50.79 -30.67 -37.21
N MET B 1 6.03 -21.84 8.46
CA MET B 1 6.31 -21.41 7.06
C MET B 1 5.03 -20.88 6.42
N ASN B 2 4.93 -19.56 6.33
CA ASN B 2 3.75 -18.93 5.74
C ASN B 2 2.48 -19.57 6.29
N SER B 3 1.37 -19.38 5.59
CA SER B 3 0.10 -19.94 6.01
C SER B 3 -0.25 -19.48 7.42
N LEU B 4 -0.84 -18.30 7.53
CA LEU B 4 -1.22 -17.76 8.83
C LEU B 4 -2.63 -18.21 9.21
N ALA B 5 -3.23 -19.03 8.36
CA ALA B 5 -4.57 -19.52 8.61
C ALA B 5 -5.56 -18.37 8.74
N GLY B 6 -6.80 -18.68 9.10
CA GLY B 6 -7.82 -17.65 9.25
C GLY B 6 -8.13 -17.00 7.91
N ILE B 7 -8.10 -17.80 6.84
CA ILE B 7 -8.39 -17.28 5.51
C ILE B 7 -9.73 -16.59 5.48
N ASP B 8 -9.71 -15.26 5.61
CA ASP B 8 -10.95 -14.48 5.60
C ASP B 8 -10.69 -13.10 4.99
N MET B 9 -9.91 -13.06 3.91
CA MET B 9 -9.60 -11.80 3.25
C MET B 9 -10.84 -11.23 2.59
N GLY B 10 -10.66 -10.15 1.83
CA GLY B 10 -11.77 -9.51 1.14
C GLY B 10 -11.54 -9.48 -0.36
N ARG B 11 -12.52 -8.98 -1.10
CA ARG B 11 -12.41 -8.89 -2.56
C ARG B 11 -12.89 -7.54 -3.06
N ILE B 12 -12.05 -6.86 -3.83
CA ILE B 12 -12.41 -5.55 -4.37
C ILE B 12 -12.07 -5.47 -5.86
N LEU B 13 -12.88 -4.72 -6.61
CA LEU B 13 -12.65 -4.56 -8.04
C LEU B 13 -11.96 -3.24 -8.33
N LEU B 14 -10.92 -3.28 -9.16
CA LEU B 14 -10.17 -2.08 -9.51
C LEU B 14 -9.95 -2.01 -11.02
N ASP B 15 -10.07 -0.81 -11.58
CA ASP B 15 -9.87 -0.62 -13.01
C ASP B 15 -8.69 0.30 -13.27
N LEU B 16 -7.69 -0.21 -13.98
CA LEU B 16 -6.50 0.58 -14.30
C LEU B 16 -6.28 0.62 -15.81
N SER B 17 -5.71 1.73 -16.28
CA SER B 17 -5.45 1.90 -17.71
C SER B 17 -4.52 0.79 -18.20
N ASN B 18 -4.65 0.44 -19.47
CA ASN B 18 -3.83 -0.60 -20.06
C ASN B 18 -2.35 -0.21 -20.01
N GLU B 19 -2.09 1.07 -20.23
CA GLU B 19 -0.71 1.57 -20.21
C GLU B 19 -0.05 1.25 -18.88
N VAL B 20 -0.82 1.31 -17.80
CA VAL B 20 -0.30 1.02 -16.47
C VAL B 20 0.03 -0.47 -16.32
N ILE B 21 -0.87 -1.32 -16.83
CA ILE B 21 -0.67 -2.76 -16.73
C ILE B 21 0.67 -3.14 -17.35
N LYS B 22 1.03 -2.49 -18.45
CA LYS B 22 2.29 -2.76 -19.12
C LYS B 22 3.47 -2.35 -18.22
N GLN B 23 3.30 -1.25 -17.50
CA GLN B 23 4.34 -0.77 -16.61
C GLN B 23 4.56 -1.77 -15.47
N LEU B 24 3.45 -2.21 -14.86
CA LEU B 24 3.52 -3.16 -13.75
C LEU B 24 4.20 -4.45 -14.21
N ASP B 25 3.86 -4.89 -15.41
CA ASP B 25 4.42 -6.12 -15.94
C ASP B 25 5.96 -6.07 -15.91
N ASP B 26 6.52 -4.94 -16.33
CA ASP B 26 7.97 -4.78 -16.34
C ASP B 26 8.53 -4.93 -14.94
N LEU B 27 7.92 -4.28 -13.97
CA LEU B 27 8.37 -4.35 -12.59
C LEU B 27 8.16 -5.75 -12.02
N GLU B 28 7.15 -6.44 -12.53
CA GLU B 28 6.84 -7.78 -12.05
C GLU B 28 7.93 -8.77 -12.45
N VAL B 29 8.38 -8.67 -13.70
CA VAL B 29 9.40 -9.56 -14.20
C VAL B 29 10.73 -9.35 -13.48
N GLN B 30 11.08 -8.09 -13.26
CA GLN B 30 12.32 -7.76 -12.58
C GLN B 30 12.38 -8.43 -11.21
N ARG B 31 11.32 -8.32 -10.45
CA ARG B 31 11.26 -8.92 -9.12
C ARG B 31 10.81 -10.37 -9.19
N ASN B 32 10.11 -10.70 -10.27
CA ASN B 32 9.62 -12.07 -10.44
C ASN B 32 8.66 -12.45 -9.32
N LEU B 33 7.57 -11.71 -9.20
CA LEU B 33 6.58 -11.99 -8.16
C LEU B 33 5.18 -11.68 -8.66
N PRO B 34 4.18 -12.26 -8.03
CA PRO B 34 2.76 -12.04 -8.42
C PRO B 34 2.35 -10.57 -8.30
N ARG B 35 1.53 -10.11 -9.24
CA ARG B 35 1.08 -8.73 -9.23
C ARG B 35 0.30 -8.43 -7.95
N ALA B 36 -0.55 -9.37 -7.56
CA ALA B 36 -1.36 -9.19 -6.35
C ALA B 36 -0.48 -8.73 -5.19
N ASP B 37 0.74 -9.25 -5.12
CA ASP B 37 1.67 -8.87 -4.06
C ASP B 37 2.11 -7.42 -4.23
N LEU B 38 2.34 -7.02 -5.48
CA LEU B 38 2.77 -5.65 -5.77
C LEU B 38 1.70 -4.66 -5.37
N LEU B 39 0.44 -4.99 -5.66
CA LEU B 39 -0.67 -4.12 -5.32
C LEU B 39 -0.77 -3.94 -3.81
N ARG B 40 -0.62 -5.02 -3.08
CA ARG B 40 -0.69 -4.98 -1.62
C ARG B 40 0.39 -4.05 -1.07
N GLU B 41 1.59 -4.16 -1.62
CA GLU B 41 2.70 -3.32 -1.18
C GLU B 41 2.40 -1.85 -1.41
N ALA B 42 1.90 -1.54 -2.60
CA ALA B 42 1.57 -0.15 -2.94
C ALA B 42 0.60 0.43 -1.92
N VAL B 43 -0.46 -0.31 -1.62
CA VAL B 43 -1.46 0.15 -0.66
C VAL B 43 -0.87 0.17 0.75
N ASP B 44 -0.29 -0.95 1.17
CA ASP B 44 0.31 -1.05 2.50
C ASP B 44 1.31 0.08 2.71
N GLN B 45 2.21 0.26 1.74
CA GLN B 45 3.21 1.32 1.85
C GLN B 45 2.54 2.68 2.06
N TYR B 46 1.45 2.91 1.35
CA TYR B 46 0.73 4.18 1.46
C TYR B 46 0.16 4.34 2.87
N LEU B 47 -0.41 3.27 3.41
CA LEU B 47 -0.99 3.31 4.75
C LEU B 47 0.09 3.62 5.79
N ILE B 48 1.29 3.15 5.54
CA ILE B 48 2.39 3.37 6.48
C ILE B 48 2.67 4.86 6.63
N ASN B 49 2.68 5.58 5.51
CA ASN B 49 2.92 7.01 5.53
C ASN B 49 1.81 7.72 6.30
N GLN B 50 0.61 7.16 6.24
CA GLN B 50 -0.53 7.75 6.93
C GLN B 50 -0.37 7.61 8.44
N SER B 51 0.87 7.55 8.90
CA SER B 51 1.16 7.43 10.33
C SER B 51 0.91 6.00 10.80
N GLN B 52 0.64 5.12 9.85
CA GLN B 52 0.39 3.71 10.18
C GLN B 52 -0.56 3.60 11.37
N THR B 53 -1.86 3.62 11.08
CA THR B 53 -2.86 3.52 12.12
C THR B 53 -2.97 2.08 12.62
N ALA B 54 -3.56 1.91 13.81
CA ALA B 54 -3.71 0.58 14.38
C ALA B 54 -4.80 0.59 15.46
N ARG B 55 -5.76 -0.31 15.32
CA ARG B 55 -6.85 -0.40 16.29
C ARG B 55 -7.51 0.96 16.48
N THR B 56 -7.96 1.57 15.39
CA THR B 56 -8.60 2.87 15.45
C THR B 56 -9.87 2.81 16.28
N SER B 57 -10.67 1.77 16.04
CA SER B 57 -11.91 1.59 16.79
C SER B 57 -12.37 0.15 16.72
N VAL B 58 -13.18 -0.26 17.71
CA VAL B 58 -13.68 -1.63 17.75
C VAL B 58 -15.00 -1.73 17.00
N PRO B 59 -15.29 -2.89 16.44
CA PRO B 59 -16.56 -3.12 15.70
C PRO B 59 -17.77 -2.55 16.42
N GLY B 60 -18.61 -1.84 15.67
CA GLY B 60 -19.80 -1.24 16.26
C GLY B 60 -20.96 -2.21 16.26
N ILE B 61 -22.10 -1.78 16.80
CA ILE B 61 -23.28 -2.63 16.87
C ILE B 61 -24.42 -2.02 16.06
N TRP B 62 -25.18 -2.87 15.37
CA TRP B 62 -26.29 -2.40 14.55
C TRP B 62 -27.55 -3.21 14.85
N GLN B 63 -28.68 -2.53 14.92
CA GLN B 63 -29.96 -3.20 15.19
C GLN B 63 -30.65 -3.57 13.89
N GLY B 64 -29.91 -4.16 12.96
CA GLY B 64 -30.46 -4.55 11.67
C GLY B 64 -31.42 -5.73 11.84
N CYS B 65 -32.21 -5.98 10.80
CA CYS B 65 -33.17 -7.09 10.84
C CYS B 65 -33.19 -7.82 9.50
N GLU B 66 -32.17 -7.59 8.69
CA GLU B 66 -32.08 -8.23 7.38
C GLU B 66 -31.93 -9.74 7.53
N GLU B 67 -32.69 -10.49 6.75
CA GLU B 67 -32.62 -11.95 6.81
C GLU B 67 -33.07 -12.56 5.49
N ASP B 68 -34.17 -12.04 4.95
CA ASP B 68 -34.70 -12.55 3.68
C ASP B 68 -34.68 -14.07 3.67
N GLY B 69 -35.64 -14.68 4.36
CA GLY B 69 -35.72 -16.14 4.41
C GLY B 69 -37.14 -16.60 4.68
N VAL B 70 -37.98 -16.52 3.66
CA VAL B 70 -39.38 -16.93 3.79
C VAL B 70 -39.93 -17.43 2.46
N GLU B 71 -39.12 -17.31 1.42
CA GLU B 71 -39.53 -17.75 0.09
C GLU B 71 -40.06 -19.18 0.14
N TYR B 72 -40.46 -19.69 -1.02
CA TYR B 72 -40.99 -21.06 -1.10
C TYR B 72 -40.83 -21.62 -2.51
N GLN B 73 -40.95 -22.94 -2.63
CA GLN B 73 -40.82 -23.59 -3.93
C GLN B 73 -42.20 -23.88 -4.51
N ARG B 74 -42.28 -23.96 -5.84
CA ARG B 74 -43.54 -24.24 -6.50
C ARG B 74 -43.98 -25.67 -6.23
N LYS B 75 -45.29 -25.85 -6.02
CA LYS B 75 -45.83 -27.18 -5.75
C LYS B 75 -46.34 -27.82 -7.03
N LEU B 76 -45.57 -28.75 -7.56
CA LEU B 76 -45.95 -29.44 -8.79
C LEU B 76 -47.21 -30.28 -8.56
N ARG B 77 -47.28 -30.91 -7.39
CA ARG B 77 -48.42 -31.75 -7.05
C ARG B 77 -48.54 -32.92 -8.04
N GLU B 78 -47.78 -33.97 -7.78
CA GLU B 78 -47.82 -35.15 -8.65
C GLU B 78 -49.19 -35.80 -8.62
N GLU B 79 -49.91 -35.63 -7.52
CA GLU B 79 -51.24 -36.20 -7.39
C GLU B 79 -51.20 -37.72 -7.56
N TRP B 80 -51.13 -38.15 -8.82
CA TRP B 80 -51.08 -39.59 -9.11
C TRP B 80 -49.99 -40.26 -8.30
N MET A 1 -15.11 12.45 -10.57
CA MET A 1 -14.48 13.64 -11.21
C MET A 1 -15.08 13.84 -12.60
N ASN A 2 -16.30 14.36 -12.64
CA ASN A 2 -16.97 14.61 -13.92
C ASN A 2 -17.04 13.32 -14.74
N SER A 3 -17.42 12.23 -14.10
CA SER A 3 -17.53 10.95 -14.78
C SER A 3 -16.20 10.59 -15.45
N LEU A 4 -15.33 9.92 -14.71
CA LEU A 4 -14.03 9.53 -15.25
C LEU A 4 -14.14 8.23 -16.02
N ALA A 5 -13.63 8.23 -17.25
CA ALA A 5 -13.67 7.03 -18.09
C ALA A 5 -12.59 7.10 -19.16
N GLY A 6 -11.71 6.11 -19.17
CA GLY A 6 -10.63 6.05 -20.16
C GLY A 6 -11.05 5.22 -21.36
N ILE A 7 -10.11 4.98 -22.29
CA ILE A 7 -10.38 4.20 -23.48
C ILE A 7 -9.79 2.81 -23.32
N ASP A 8 -10.66 1.82 -23.29
CA ASP A 8 -10.22 0.42 -23.16
C ASP A 8 -9.45 0.23 -21.87
N MET A 9 -10.01 0.74 -20.78
CA MET A 9 -9.36 0.62 -19.47
C MET A 9 -9.19 -0.85 -19.09
N GLY A 10 -8.43 -1.09 -18.03
CA GLY A 10 -8.19 -2.46 -17.57
C GLY A 10 -8.91 -2.72 -16.25
N ARG A 11 -8.87 -3.97 -15.79
CA ARG A 11 -9.52 -4.34 -14.54
C ARG A 11 -8.75 -5.45 -13.85
N ILE A 12 -8.59 -5.34 -12.53
CA ILE A 12 -7.88 -6.36 -11.76
C ILE A 12 -8.61 -6.62 -10.45
N LEU A 13 -8.51 -7.84 -9.96
CA LEU A 13 -9.16 -8.22 -8.71
C LEU A 13 -8.21 -8.03 -7.54
N LEU A 14 -8.59 -7.17 -6.60
CA LEU A 14 -7.75 -6.91 -5.43
C LEU A 14 -8.45 -7.40 -4.16
N ASP A 15 -7.71 -8.16 -3.34
CA ASP A 15 -8.24 -8.69 -2.09
C ASP A 15 -7.49 -8.09 -0.91
N LEU A 16 -8.25 -7.54 0.05
CA LEU A 16 -7.64 -6.93 1.24
C LEU A 16 -8.35 -7.40 2.50
N SER A 17 -7.58 -7.56 3.57
CA SER A 17 -8.13 -8.01 4.84
C SER A 17 -9.09 -6.96 5.41
N ASN A 18 -9.95 -7.40 6.31
CA ASN A 18 -10.92 -6.49 6.92
C ASN A 18 -10.21 -5.36 7.66
N GLU A 19 -9.09 -5.70 8.30
CA GLU A 19 -8.32 -4.71 9.05
C GLU A 19 -7.86 -3.58 8.13
N VAL A 20 -7.51 -3.94 6.89
CA VAL A 20 -7.05 -2.96 5.92
C VAL A 20 -8.19 -2.01 5.53
N ILE A 21 -9.37 -2.59 5.30
CA ILE A 21 -10.52 -1.78 4.92
C ILE A 21 -10.75 -0.68 5.94
N LYS A 22 -10.52 -0.99 7.21
CA LYS A 22 -10.68 0.00 8.27
C LYS A 22 -9.65 1.12 8.10
N GLN A 23 -8.43 0.74 7.70
CA GLN A 23 -7.38 1.72 7.50
C GLN A 23 -7.73 2.64 6.33
N LEU A 24 -8.12 2.05 5.21
CA LEU A 24 -8.48 2.82 4.03
C LEU A 24 -9.68 3.73 4.33
N ASP A 25 -10.64 3.20 5.06
CA ASP A 25 -11.83 3.96 5.41
C ASP A 25 -11.44 5.26 6.11
N ASP A 26 -10.49 5.17 7.03
CA ASP A 26 -10.04 6.34 7.77
C ASP A 26 -9.46 7.38 6.80
N LEU A 27 -8.69 6.91 5.83
CA LEU A 27 -8.08 7.79 4.84
C LEU A 27 -9.15 8.33 3.89
N GLU A 28 -10.16 7.50 3.62
CA GLU A 28 -11.22 7.90 2.71
C GLU A 28 -12.08 8.99 3.34
N VAL A 29 -12.35 8.85 4.63
CA VAL A 29 -13.17 9.83 5.33
C VAL A 29 -12.45 11.17 5.42
N GLN A 30 -11.20 11.14 5.88
CA GLN A 30 -10.43 12.36 6.02
C GLN A 30 -10.43 13.14 4.71
N ARG A 31 -10.14 12.46 3.62
CA ARG A 31 -10.11 13.10 2.31
C ARG A 31 -11.49 13.05 1.66
N ASN A 32 -12.38 12.26 2.22
CA ASN A 32 -13.73 12.11 1.69
C ASN A 32 -13.69 11.64 0.25
N LEU A 33 -12.66 10.84 -0.08
CA LEU A 33 -12.51 10.31 -1.44
C LEU A 33 -12.70 8.79 -1.44
N PRO A 34 -13.04 8.24 -2.57
CA PRO A 34 -13.24 6.77 -2.72
C PRO A 34 -11.92 6.02 -2.65
N ARG A 35 -11.99 4.74 -2.29
CA ARG A 35 -10.79 3.91 -2.18
C ARG A 35 -10.15 3.74 -3.56
N ALA A 36 -10.97 3.46 -4.56
CA ALA A 36 -10.45 3.26 -5.91
C ALA A 36 -9.49 4.39 -6.28
N ASP A 37 -9.83 5.60 -5.90
CA ASP A 37 -8.98 6.76 -6.20
C ASP A 37 -7.66 6.63 -5.44
N LEU A 38 -7.73 6.16 -4.21
CA LEU A 38 -6.54 6.01 -3.40
C LEU A 38 -5.61 4.95 -3.99
N LEU A 39 -6.20 3.87 -4.47
CA LEU A 39 -5.42 2.79 -5.06
C LEU A 39 -4.68 3.28 -6.29
N ARG A 40 -5.38 3.99 -7.16
CA ARG A 40 -4.77 4.51 -8.37
C ARG A 40 -3.62 5.44 -8.04
N GLU A 41 -3.84 6.31 -7.05
CA GLU A 41 -2.79 7.24 -6.64
C GLU A 41 -1.64 6.50 -5.97
N ALA A 42 -1.97 5.54 -5.12
CA ALA A 42 -0.94 4.76 -4.43
C ALA A 42 -0.05 4.07 -5.45
N VAL A 43 -0.66 3.45 -6.47
CA VAL A 43 0.11 2.78 -7.50
C VAL A 43 0.89 3.80 -8.33
N ASP A 44 0.20 4.82 -8.83
CA ASP A 44 0.84 5.84 -9.63
C ASP A 44 2.03 6.43 -8.88
N GLN A 45 1.80 6.79 -7.62
CA GLN A 45 2.87 7.34 -6.79
C GLN A 45 4.00 6.33 -6.65
N TYR A 46 3.64 5.06 -6.48
CA TYR A 46 4.64 4.01 -6.33
C TYR A 46 5.51 3.93 -7.57
N LEU A 47 4.89 4.05 -8.74
CA LEU A 47 5.62 3.98 -9.99
C LEU A 47 6.63 5.12 -10.10
N ILE A 48 6.22 6.31 -9.67
CA ILE A 48 7.11 7.46 -9.72
C ILE A 48 8.35 7.21 -8.87
N ASN A 49 8.14 6.70 -7.66
CA ASN A 49 9.26 6.43 -6.77
C ASN A 49 10.15 5.33 -7.35
N GLN A 50 9.52 4.31 -7.91
CA GLN A 50 10.26 3.20 -8.50
C GLN A 50 11.07 3.65 -9.70
N SER A 51 10.45 4.46 -10.55
CA SER A 51 11.12 4.97 -11.74
C SER A 51 12.05 6.12 -11.38
N GLN A 52 11.50 7.12 -10.71
CA GLN A 52 12.28 8.29 -10.30
C GLN A 52 12.98 8.90 -11.52
N THR A 53 14.12 8.34 -11.88
CA THR A 53 14.89 8.83 -13.02
C THR A 53 15.61 7.68 -13.73
N ALA A 54 14.91 6.58 -13.92
CA ALA A 54 15.49 5.42 -14.59
C ALA A 54 16.75 4.97 -13.86
N ARG A 55 16.87 5.35 -12.59
CA ARG A 55 18.03 4.98 -11.79
C ARG A 55 19.31 5.38 -12.50
N THR A 56 19.46 6.66 -12.79
CA THR A 56 20.65 7.17 -13.47
C THR A 56 21.36 8.21 -12.61
N SER A 57 20.96 8.29 -11.35
CA SER A 57 21.57 9.25 -10.43
C SER A 57 23.06 8.98 -10.29
N VAL A 58 23.42 7.71 -10.17
CA VAL A 58 24.81 7.34 -10.02
C VAL A 58 25.51 7.34 -11.39
N PRO A 59 26.79 7.63 -11.41
CA PRO A 59 27.59 7.66 -12.69
C PRO A 59 27.78 6.25 -13.27
N GLY A 60 27.82 6.18 -14.60
CA GLY A 60 28.00 4.90 -15.26
C GLY A 60 26.75 4.05 -15.16
N ILE A 61 26.25 3.60 -16.31
CA ILE A 61 25.05 2.77 -16.36
C ILE A 61 25.40 1.32 -16.64
N TRP A 62 25.66 0.55 -15.58
CA TRP A 62 26.01 -0.86 -15.74
C TRP A 62 25.49 -1.66 -14.55
N GLN A 63 25.27 -2.95 -14.76
CA GLN A 63 24.78 -3.83 -13.71
C GLN A 63 25.40 -5.22 -13.83
N GLY A 64 26.62 -5.36 -13.30
CA GLY A 64 27.31 -6.64 -13.34
C GLY A 64 26.56 -7.71 -12.55
N CYS A 65 25.98 -7.30 -11.43
CA CYS A 65 25.23 -8.22 -10.58
C CYS A 65 24.09 -8.87 -11.37
N GLU A 66 23.46 -8.07 -12.24
CA GLU A 66 22.35 -8.57 -13.04
C GLU A 66 21.31 -9.25 -12.16
N GLU A 67 20.23 -8.54 -11.89
CA GLU A 67 19.15 -9.08 -11.05
C GLU A 67 19.72 -9.59 -9.73
N ASP A 68 18.89 -10.32 -8.98
CA ASP A 68 19.32 -10.86 -7.69
C ASP A 68 20.30 -12.00 -7.89
N GLY A 69 21.35 -12.02 -7.07
CA GLY A 69 22.36 -13.07 -7.17
C GLY A 69 23.40 -12.93 -6.07
N VAL A 70 24.13 -14.00 -5.81
CA VAL A 70 25.16 -14.00 -4.77
C VAL A 70 26.42 -14.71 -5.26
N GLU A 71 27.54 -14.44 -4.60
CA GLU A 71 28.80 -15.06 -4.97
C GLU A 71 28.90 -16.48 -4.41
N TYR A 72 28.60 -17.46 -5.24
CA TYR A 72 28.64 -18.86 -4.83
C TYR A 72 30.06 -19.24 -4.41
N GLN A 73 31.04 -18.82 -5.19
CA GLN A 73 32.43 -19.13 -4.90
C GLN A 73 32.93 -18.24 -3.76
N ARG A 74 33.64 -18.86 -2.81
CA ARG A 74 34.18 -18.11 -1.67
C ARG A 74 35.63 -17.73 -1.93
N LYS A 75 35.98 -16.49 -1.60
CA LYS A 75 37.34 -16.00 -1.79
C LYS A 75 38.16 -16.18 -0.52
N LEU A 76 37.51 -16.66 0.54
CA LEU A 76 38.18 -16.86 1.81
C LEU A 76 39.16 -18.02 1.72
N ARG A 77 40.37 -17.82 2.25
CA ARG A 77 41.39 -18.85 2.22
C ARG A 77 42.34 -18.71 3.40
N GLU A 78 42.64 -19.83 4.06
CA GLU A 78 43.55 -19.80 5.21
C GLU A 78 44.26 -21.15 5.34
N GLU A 79 43.50 -22.23 5.34
CA GLU A 79 44.07 -23.56 5.47
C GLU A 79 45.00 -23.63 6.68
N TRP A 80 44.42 -23.85 7.85
CA TRP A 80 45.21 -23.94 9.08
C TRP A 80 46.06 -22.68 9.26
N MET B 1 -0.50 -19.07 -5.14
CA MET B 1 -0.98 -19.94 -4.03
C MET B 1 -2.37 -19.50 -3.62
N ASN B 2 -2.49 -18.24 -3.18
CA ASN B 2 -3.77 -17.70 -2.75
C ASN B 2 -4.56 -17.16 -3.93
N SER B 3 -5.59 -17.89 -4.34
CA SER B 3 -6.42 -17.46 -5.47
C SER B 3 -7.75 -18.20 -5.46
N LEU B 4 -7.71 -19.48 -5.14
CA LEU B 4 -8.92 -20.29 -5.11
C LEU B 4 -9.89 -19.76 -4.05
N ALA B 5 -9.35 -19.40 -2.90
CA ALA B 5 -10.18 -18.88 -1.81
C ALA B 5 -9.32 -18.12 -0.81
N GLY B 6 -9.91 -17.08 -0.21
CA GLY B 6 -9.19 -16.28 0.77
C GLY B 6 -9.79 -16.45 2.17
N ILE B 7 -9.05 -16.03 3.19
CA ILE B 7 -9.51 -16.15 4.56
C ILE B 7 -10.20 -14.86 5.01
N ASP B 8 -11.52 -14.82 4.85
CA ASP B 8 -12.29 -13.66 5.24
C ASP B 8 -11.68 -12.39 4.63
N MET B 9 -11.20 -12.51 3.39
CA MET B 9 -10.59 -11.38 2.70
C MET B 9 -11.61 -10.73 1.75
N GLY B 10 -11.88 -9.44 1.97
CA GLY B 10 -12.82 -8.72 1.15
C GLY B 10 -12.28 -8.56 -0.27
N ARG B 11 -13.16 -8.70 -1.25
CA ARG B 11 -12.78 -8.55 -2.65
C ARG B 11 -13.10 -7.15 -3.15
N ILE B 12 -12.13 -6.55 -3.85
CA ILE B 12 -12.31 -5.19 -4.39
C ILE B 12 -11.88 -5.13 -5.84
N LEU B 13 -12.66 -4.39 -6.63
CA LEU B 13 -12.37 -4.25 -8.04
C LEU B 13 -11.47 -3.05 -8.28
N LEU B 14 -10.38 -3.28 -9.00
CA LEU B 14 -9.42 -2.21 -9.31
C LEU B 14 -9.43 -1.90 -10.79
N ASP B 15 -9.62 -0.62 -11.13
CA ASP B 15 -9.63 -0.18 -12.51
C ASP B 15 -8.29 0.43 -12.90
N LEU B 16 -7.75 0.01 -14.04
CA LEU B 16 -6.47 0.51 -14.52
C LEU B 16 -6.55 0.86 -16.00
N SER B 17 -5.38 1.05 -16.62
CA SER B 17 -5.33 1.39 -18.04
C SER B 17 -4.28 0.52 -18.75
N ASN B 18 -4.48 0.32 -20.04
CA ASN B 18 -3.57 -0.49 -20.83
C ASN B 18 -2.15 0.05 -20.71
N GLU B 19 -2.03 1.37 -20.73
CA GLU B 19 -0.72 2.01 -20.62
C GLU B 19 -0.06 1.68 -19.28
N VAL B 20 -0.86 1.66 -18.22
CA VAL B 20 -0.35 1.35 -16.89
C VAL B 20 0.07 -0.12 -16.80
N ILE B 21 -0.77 -1.00 -17.35
CA ILE B 21 -0.49 -2.43 -17.31
C ILE B 21 0.91 -2.70 -17.87
N LYS B 22 1.27 -1.96 -18.92
CA LYS B 22 2.59 -2.12 -19.52
C LYS B 22 3.68 -1.68 -18.53
N GLN B 23 3.40 -0.60 -17.80
CA GLN B 23 4.35 -0.09 -16.81
C GLN B 23 4.53 -1.10 -15.68
N LEU B 24 3.41 -1.57 -15.14
CA LEU B 24 3.45 -2.54 -14.05
C LEU B 24 4.15 -3.82 -14.49
N ASP B 25 3.85 -4.28 -15.69
CA ASP B 25 4.46 -5.50 -16.21
C ASP B 25 5.97 -5.42 -16.07
N ASP B 26 6.54 -4.26 -16.39
CA ASP B 26 7.99 -4.08 -16.29
C ASP B 26 8.44 -4.34 -14.85
N LEU B 27 7.68 -3.82 -13.90
CA LEU B 27 8.00 -3.98 -12.49
C LEU B 27 7.86 -5.45 -12.08
N GLU B 28 6.90 -6.13 -12.68
CA GLU B 28 6.66 -7.53 -12.37
C GLU B 28 7.81 -8.40 -12.87
N VAL B 29 8.36 -8.05 -14.00
CA VAL B 29 9.46 -8.82 -14.57
C VAL B 29 10.69 -8.77 -13.68
N GLN B 30 11.10 -7.57 -13.31
CA GLN B 30 12.28 -7.40 -12.47
C GLN B 30 12.05 -8.05 -11.11
N ARG B 31 10.85 -7.87 -10.58
CA ARG B 31 10.50 -8.44 -9.27
C ARG B 31 10.05 -9.89 -9.42
N ASN B 32 9.67 -10.26 -10.64
CA ASN B 32 9.21 -11.61 -10.89
C ASN B 32 8.12 -12.00 -9.90
N LEU B 33 7.16 -11.09 -9.71
CA LEU B 33 6.06 -11.34 -8.78
C LEU B 33 4.74 -10.85 -9.35
N PRO B 34 3.65 -11.45 -8.93
CA PRO B 34 2.29 -11.06 -9.41
C PRO B 34 1.92 -9.63 -9.02
N ARG B 35 1.06 -9.01 -9.81
CA ARG B 35 0.63 -7.64 -9.53
C ARG B 35 -0.08 -7.57 -8.19
N ALA B 36 -0.98 -8.53 -7.94
CA ALA B 36 -1.72 -8.53 -6.69
C ALA B 36 -0.79 -8.33 -5.50
N ASP B 37 0.37 -8.99 -5.55
CA ASP B 37 1.34 -8.85 -4.47
C ASP B 37 1.90 -7.43 -4.42
N LEU B 38 2.14 -6.86 -5.60
CA LEU B 38 2.66 -5.50 -5.69
C LEU B 38 1.64 -4.49 -5.19
N LEU B 39 0.38 -4.70 -5.56
CA LEU B 39 -0.68 -3.80 -5.15
C LEU B 39 -0.79 -3.74 -3.63
N ARG B 40 -0.76 -4.89 -3.00
CA ARG B 40 -0.86 -4.96 -1.55
C ARG B 40 0.25 -4.13 -0.92
N GLU B 41 1.46 -4.25 -1.45
CA GLU B 41 2.59 -3.49 -0.94
C GLU B 41 2.41 -2.00 -1.20
N ALA B 42 1.85 -1.67 -2.36
CA ALA B 42 1.62 -0.27 -2.71
C ALA B 42 0.81 0.43 -1.63
N VAL B 43 -0.22 -0.25 -1.13
CA VAL B 43 -1.07 0.32 -0.09
C VAL B 43 -0.26 0.54 1.19
N ASP B 44 0.41 -0.50 1.66
CA ASP B 44 1.21 -0.40 2.87
C ASP B 44 2.14 0.81 2.78
N GLN B 45 2.87 0.93 1.68
CA GLN B 45 3.77 2.04 1.49
C GLN B 45 2.99 3.36 1.50
N TYR B 46 1.83 3.36 0.86
CA TYR B 46 1.01 4.56 0.80
C TYR B 46 0.58 4.97 2.20
N LEU B 47 0.12 4.00 2.99
CA LEU B 47 -0.33 4.27 4.35
C LEU B 47 0.82 4.81 5.19
N ILE B 48 1.99 4.23 5.04
CA ILE B 48 3.16 4.67 5.81
C ILE B 48 3.49 6.12 5.47
N ASN B 49 3.50 6.44 4.17
CA ASN B 49 3.82 7.79 3.74
C ASN B 49 2.76 8.77 4.24
N GLN B 50 1.50 8.34 4.17
CA GLN B 50 0.40 9.18 4.63
C GLN B 50 0.52 9.46 6.13
N SER B 51 0.84 8.42 6.89
CA SER B 51 0.99 8.56 8.34
C SER B 51 2.14 7.70 8.84
N GLN B 52 3.36 8.18 8.63
CA GLN B 52 4.55 7.45 9.07
C GLN B 52 4.71 7.57 10.59
N THR B 53 4.37 8.72 11.14
CA THR B 53 4.49 8.95 12.57
C THR B 53 5.85 8.49 13.08
N ALA B 54 6.77 9.44 13.23
CA ALA B 54 8.11 9.12 13.71
C ALA B 54 8.78 10.36 14.30
N ARG B 55 8.83 11.42 13.52
CA ARG B 55 9.46 12.66 13.96
C ARG B 55 10.78 12.38 14.66
N THR B 56 11.86 12.35 13.90
CA THR B 56 13.18 12.09 14.47
C THR B 56 13.17 10.79 15.26
N SER B 57 13.50 9.69 14.60
CA SER B 57 13.54 8.38 15.26
C SER B 57 14.41 7.42 14.48
N VAL B 58 14.16 6.12 14.64
CA VAL B 58 14.94 5.09 13.96
C VAL B 58 14.04 3.93 13.53
N PRO B 59 13.21 4.17 12.55
CA PRO B 59 12.26 3.13 12.03
C PRO B 59 12.99 1.84 11.66
N GLY B 60 14.19 1.97 11.11
CA GLY B 60 14.98 0.81 10.72
C GLY B 60 14.65 0.41 9.28
N ILE B 61 15.61 0.60 8.38
CA ILE B 61 15.42 0.25 6.97
C ILE B 61 15.92 -1.17 6.71
N TRP B 62 15.06 -1.99 6.11
CA TRP B 62 15.42 -3.37 5.80
C TRP B 62 16.83 -3.44 5.23
N GLN B 63 17.72 -4.10 5.96
CA GLN B 63 19.11 -4.22 5.52
C GLN B 63 19.18 -5.02 4.21
N GLY B 64 18.38 -6.07 4.12
CA GLY B 64 18.36 -6.90 2.92
C GLY B 64 17.50 -8.14 3.13
N CYS B 65 17.52 -9.04 2.15
CA CYS B 65 16.74 -10.27 2.23
C CYS B 65 17.40 -11.27 3.18
N GLU B 66 17.39 -10.95 4.48
CA GLU B 66 18.00 -11.82 5.47
C GLU B 66 17.25 -13.15 5.54
N GLU B 67 15.92 -13.08 5.45
CA GLU B 67 15.09 -14.27 5.50
C GLU B 67 15.59 -15.22 6.59
N ASP B 68 15.34 -14.87 7.85
CA ASP B 68 15.78 -15.69 8.97
C ASP B 68 17.19 -16.21 8.73
N GLY B 69 18.19 -15.41 9.10
CA GLY B 69 19.58 -15.81 8.93
C GLY B 69 19.89 -17.08 9.71
N VAL B 70 20.49 -18.05 9.03
CA VAL B 70 20.83 -19.32 9.67
C VAL B 70 22.11 -19.89 9.07
N GLU B 71 22.88 -20.61 9.89
CA GLU B 71 24.13 -21.20 9.43
C GLU B 71 24.31 -22.58 10.04
N TYR B 72 25.11 -23.40 9.38
CA TYR B 72 25.37 -24.75 9.87
C TYR B 72 26.25 -24.72 11.11
N GLN B 73 25.88 -25.52 12.11
CA GLN B 73 26.63 -25.56 13.36
C GLN B 73 28.01 -26.18 13.12
N ARG B 74 28.07 -27.15 12.22
CA ARG B 74 29.33 -27.81 11.92
C ARG B 74 30.32 -26.82 11.31
N LYS B 75 31.51 -26.76 11.89
CA LYS B 75 32.54 -25.86 11.40
C LYS B 75 33.90 -26.23 11.98
N LEU B 76 34.73 -26.87 11.17
CA LEU B 76 36.07 -27.27 11.62
C LEU B 76 37.15 -26.41 10.96
N ARG B 77 38.03 -25.87 11.77
CA ARG B 77 39.11 -25.02 11.27
C ARG B 77 40.24 -25.87 10.70
N GLU B 78 39.87 -26.89 9.93
CA GLU B 78 40.86 -27.78 9.33
C GLU B 78 41.74 -28.40 10.41
N GLU B 79 41.22 -29.42 11.07
CA GLU B 79 41.95 -30.11 12.12
C GLU B 79 42.38 -29.12 13.21
N TRP B 80 42.56 -29.62 14.42
CA TRP B 80 42.97 -28.78 15.54
C TRP B 80 44.17 -27.91 15.14
N MET A 1 -27.88 -0.54 -27.56
CA MET A 1 -28.13 0.83 -27.06
C MET A 1 -27.03 1.24 -26.09
N ASN A 2 -27.05 0.67 -24.89
CA ASN A 2 -26.03 0.98 -23.90
C ASN A 2 -24.66 0.57 -24.38
N SER A 3 -24.57 -0.61 -25.00
CA SER A 3 -23.31 -1.10 -25.52
C SER A 3 -22.27 -1.21 -24.40
N LEU A 4 -22.20 -2.38 -23.79
CA LEU A 4 -21.25 -2.61 -22.71
C LEU A 4 -19.81 -2.46 -23.21
N ALA A 5 -19.55 -3.02 -24.38
CA ALA A 5 -18.22 -2.95 -24.97
C ALA A 5 -17.73 -1.51 -25.01
N GLY A 6 -16.58 -1.30 -25.64
CA GLY A 6 -16.00 0.04 -25.75
C GLY A 6 -15.19 0.39 -24.51
N ILE A 7 -14.81 -0.64 -23.76
CA ILE A 7 -14.02 -0.42 -22.55
C ILE A 7 -12.52 -0.40 -22.89
N ASP A 8 -11.95 0.78 -22.87
CA ASP A 8 -10.52 0.94 -23.19
C ASP A 8 -9.67 0.74 -21.94
N MET A 9 -10.32 0.31 -20.86
CA MET A 9 -9.61 0.09 -19.59
C MET A 9 -9.57 -1.40 -19.27
N GLY A 10 -9.02 -1.73 -18.10
CA GLY A 10 -8.92 -3.13 -17.68
C GLY A 10 -9.29 -3.27 -16.21
N ARG A 11 -10.03 -4.33 -15.90
CA ARG A 11 -10.46 -4.57 -14.53
C ARG A 11 -9.53 -5.58 -13.84
N ILE A 12 -9.19 -5.31 -12.59
CA ILE A 12 -8.31 -6.20 -11.84
C ILE A 12 -8.91 -6.52 -10.47
N LEU A 13 -8.66 -7.73 -9.99
CA LEU A 13 -9.18 -8.16 -8.69
C LEU A 13 -8.09 -8.07 -7.63
N LEU A 14 -8.39 -7.37 -6.54
CA LEU A 14 -7.43 -7.24 -5.45
C LEU A 14 -8.05 -7.70 -4.14
N ASP A 15 -7.29 -8.49 -3.38
CA ASP A 15 -7.78 -9.00 -2.10
C ASP A 15 -7.30 -8.13 -0.95
N LEU A 16 -8.25 -7.60 -0.17
CA LEU A 16 -7.92 -6.76 0.96
C LEU A 16 -8.21 -7.47 2.26
N SER A 17 -8.08 -6.74 3.38
CA SER A 17 -8.33 -7.32 4.70
C SER A 17 -9.29 -6.44 5.49
N ASN A 18 -10.13 -7.08 6.29
CA ASN A 18 -11.11 -6.34 7.09
C ASN A 18 -10.42 -5.27 7.92
N GLU A 19 -9.23 -5.58 8.43
CA GLU A 19 -8.48 -4.62 9.22
C GLU A 19 -8.03 -3.45 8.36
N VAL A 20 -7.57 -3.76 7.15
CA VAL A 20 -7.10 -2.72 6.23
C VAL A 20 -8.27 -1.87 5.74
N ILE A 21 -9.37 -2.53 5.37
CA ILE A 21 -10.53 -1.82 4.87
C ILE A 21 -10.96 -0.74 5.86
N LYS A 22 -10.84 -1.05 7.15
CA LYS A 22 -11.19 -0.09 8.19
C LYS A 22 -10.24 1.10 8.15
N GLN A 23 -8.96 0.83 7.89
CA GLN A 23 -7.96 1.89 7.83
C GLN A 23 -8.23 2.80 6.64
N LEU A 24 -8.46 2.20 5.48
CA LEU A 24 -8.73 2.99 4.28
C LEU A 24 -9.98 3.83 4.45
N ASP A 25 -11.01 3.23 5.04
CA ASP A 25 -12.27 3.95 5.25
C ASP A 25 -12.03 5.22 6.06
N ASP A 26 -11.26 5.10 7.13
CA ASP A 26 -10.96 6.24 7.98
C ASP A 26 -10.24 7.33 7.18
N LEU A 27 -9.23 6.94 6.42
CA LEU A 27 -8.48 7.88 5.61
C LEU A 27 -9.32 8.37 4.44
N GLU A 28 -10.20 7.52 3.97
CA GLU A 28 -11.07 7.88 2.84
C GLU A 28 -12.09 8.93 3.25
N VAL A 29 -12.65 8.76 4.44
CA VAL A 29 -13.65 9.70 4.95
C VAL A 29 -13.02 11.07 5.18
N GLN A 30 -11.83 11.08 5.76
CA GLN A 30 -11.14 12.33 6.03
C GLN A 30 -10.76 13.04 4.72
N ARG A 31 -10.32 12.26 3.75
CA ARG A 31 -9.93 12.82 2.45
C ARG A 31 -11.15 13.26 1.67
N ASN A 32 -12.32 12.73 2.04
CA ASN A 32 -13.55 13.08 1.35
C ASN A 32 -13.46 12.75 -0.12
N LEU A 33 -12.81 11.62 -0.43
CA LEU A 33 -12.66 11.20 -1.82
C LEU A 33 -12.88 9.70 -1.95
N PRO A 34 -13.29 9.25 -3.11
CA PRO A 34 -13.53 7.81 -3.38
C PRO A 34 -12.26 6.98 -3.23
N ARG A 35 -12.43 5.74 -2.76
CA ARG A 35 -11.29 4.85 -2.57
C ARG A 35 -10.58 4.61 -3.90
N ALA A 36 -11.36 4.37 -4.95
CA ALA A 36 -10.79 4.12 -6.27
C ALA A 36 -9.74 5.17 -6.61
N ASP A 37 -10.02 6.42 -6.26
CA ASP A 37 -9.08 7.50 -6.52
C ASP A 37 -7.81 7.32 -5.69
N LEU A 38 -7.98 6.88 -4.44
CA LEU A 38 -6.84 6.67 -3.56
C LEU A 38 -5.96 5.55 -4.08
N LEU A 39 -6.59 4.49 -4.56
CA LEU A 39 -5.84 3.34 -5.09
C LEU A 39 -5.01 3.77 -6.29
N ARG A 40 -5.61 4.54 -7.19
CA ARG A 40 -4.91 4.99 -8.38
C ARG A 40 -3.69 5.82 -8.01
N GLU A 41 -3.87 6.70 -7.02
CA GLU A 41 -2.78 7.55 -6.57
C GLU A 41 -1.68 6.72 -5.93
N ALA A 42 -2.06 5.69 -5.20
CA ALA A 42 -1.10 4.81 -4.54
C ALA A 42 -0.23 4.12 -5.57
N VAL A 43 -0.85 3.62 -6.64
CA VAL A 43 -0.11 2.94 -7.69
C VAL A 43 0.80 3.91 -8.42
N ASP A 44 0.22 5.03 -8.89
CA ASP A 44 1.00 6.03 -9.60
C ASP A 44 2.20 6.46 -8.76
N GLN A 45 1.94 6.77 -7.49
CA GLN A 45 3.01 7.18 -6.58
C GLN A 45 4.05 6.07 -6.44
N TYR A 46 3.56 4.83 -6.35
CA TYR A 46 4.44 3.68 -6.21
C TYR A 46 5.37 3.56 -7.40
N LEU A 47 4.82 3.77 -8.59
CA LEU A 47 5.62 3.69 -9.82
C LEU A 47 6.76 4.70 -9.78
N ILE A 48 6.46 5.91 -9.34
CA ILE A 48 7.47 6.95 -9.25
C ILE A 48 8.53 6.57 -8.22
N ASN A 49 8.09 6.14 -7.04
CA ASN A 49 9.00 5.73 -5.99
C ASN A 49 9.80 4.50 -6.42
N GLN A 50 9.16 3.62 -7.20
CA GLN A 50 9.83 2.44 -7.66
C GLN A 50 11.00 2.79 -8.58
N SER A 51 10.80 3.78 -9.43
CA SER A 51 11.84 4.19 -10.36
C SER A 51 12.92 4.97 -9.62
N GLN A 52 14.01 5.25 -10.31
CA GLN A 52 15.12 5.99 -9.72
C GLN A 52 15.61 5.28 -8.45
N THR A 53 16.83 4.76 -8.49
CA THR A 53 17.40 4.06 -7.35
C THR A 53 16.63 2.77 -7.08
N ALA A 54 15.37 2.90 -6.71
CA ALA A 54 14.54 1.74 -6.42
C ALA A 54 15.10 0.96 -5.23
N ARG A 55 14.37 0.98 -4.12
CA ARG A 55 14.81 0.28 -2.92
C ARG A 55 13.62 -0.39 -2.23
N THR A 56 13.48 -1.69 -2.42
CA THR A 56 12.37 -2.44 -1.81
C THR A 56 12.90 -3.66 -1.07
N SER A 57 12.82 -3.63 0.25
CA SER A 57 13.28 -4.76 1.06
C SER A 57 12.22 -5.84 1.13
N VAL A 58 12.64 -7.06 1.49
CA VAL A 58 11.71 -8.17 1.59
C VAL A 58 12.15 -9.15 2.67
N PRO A 59 11.21 -9.84 3.27
CA PRO A 59 11.51 -10.83 4.34
C PRO A 59 12.32 -12.01 3.83
N GLY A 60 13.15 -12.58 4.69
CA GLY A 60 13.96 -13.74 4.32
C GLY A 60 13.75 -14.89 5.29
N ILE A 61 12.85 -15.80 4.92
CA ILE A 61 12.57 -16.97 5.76
C ILE A 61 12.43 -18.22 4.91
N TRP A 62 13.11 -19.29 5.31
CA TRP A 62 13.06 -20.55 4.57
C TRP A 62 13.45 -21.71 5.48
N GLN A 63 12.68 -22.79 5.42
CA GLN A 63 12.96 -23.97 6.23
C GLN A 63 12.64 -25.24 5.45
N GLY A 64 13.66 -26.05 5.22
CA GLY A 64 13.48 -27.31 4.49
C GLY A 64 12.60 -28.28 5.27
N CYS A 65 12.79 -28.32 6.58
CA CYS A 65 12.00 -29.21 7.43
C CYS A 65 12.11 -30.65 6.94
N GLU A 66 11.70 -31.59 7.78
CA GLU A 66 11.75 -33.00 7.42
C GLU A 66 10.75 -33.80 8.25
N GLU A 67 10.36 -34.96 7.73
CA GLU A 67 9.41 -35.83 8.44
C GLU A 67 9.76 -37.29 8.22
N ASP A 68 9.67 -38.08 9.29
CA ASP A 68 9.98 -39.50 9.21
C ASP A 68 9.21 -40.27 10.28
N GLY A 69 8.01 -40.71 9.94
CA GLY A 69 7.18 -41.46 10.89
C GLY A 69 6.32 -42.49 10.17
N VAL A 70 6.98 -43.41 9.45
CA VAL A 70 6.27 -44.44 8.73
C VAL A 70 5.50 -45.36 9.69
N GLU A 71 5.99 -45.43 10.92
CA GLU A 71 5.35 -46.27 11.93
C GLU A 71 5.33 -47.73 11.47
N TYR A 72 6.37 -48.47 11.81
CA TYR A 72 6.46 -49.89 11.44
C TYR A 72 6.17 -50.77 12.65
N GLN A 73 5.38 -51.81 12.42
CA GLN A 73 5.03 -52.74 13.50
C GLN A 73 5.08 -54.18 13.00
N ARG A 74 5.10 -55.12 13.94
CA ARG A 74 5.16 -56.53 13.60
C ARG A 74 6.40 -56.83 12.77
N LYS A 75 7.04 -57.96 13.07
CA LYS A 75 8.26 -58.35 12.33
C LYS A 75 7.96 -59.52 11.40
N LEU A 76 6.73 -60.03 11.46
CA LEU A 76 6.34 -61.15 10.61
C LEU A 76 7.32 -62.31 10.78
N ARG A 77 6.86 -63.36 11.45
CA ARG A 77 7.70 -64.54 11.68
C ARG A 77 6.85 -65.79 11.85
N GLU A 78 6.21 -66.21 10.76
CA GLU A 78 5.35 -67.40 10.80
C GLU A 78 6.15 -68.64 10.44
N GLU A 79 7.37 -68.44 9.97
CA GLU A 79 8.23 -69.56 9.58
C GLU A 79 9.45 -69.65 10.50
N TRP A 80 9.78 -70.87 10.90
CA TRP A 80 10.92 -71.09 11.79
C TRP A 80 12.22 -70.68 11.09
N MET B 1 1.62 -25.57 11.40
CA MET B 1 1.21 -26.94 10.98
C MET B 1 -0.14 -27.28 11.60
N ASN B 2 -0.32 -26.87 12.86
CA ASN B 2 -1.58 -27.13 13.57
C ASN B 2 -2.49 -25.91 13.50
N SER B 3 -2.08 -24.90 12.72
CA SER B 3 -2.88 -23.69 12.59
C SER B 3 -4.20 -23.99 11.90
N LEU B 4 -5.19 -23.11 12.10
CA LEU B 4 -6.50 -23.30 11.50
C LEU B 4 -6.57 -22.59 10.14
N ALA B 5 -6.93 -23.34 9.11
CA ALA B 5 -7.04 -22.77 7.77
C ALA B 5 -8.26 -21.87 7.66
N GLY B 6 -8.12 -20.78 6.93
CA GLY B 6 -9.22 -19.83 6.76
C GLY B 6 -8.72 -18.51 6.18
N ILE B 7 -9.44 -17.99 5.18
CA ILE B 7 -9.06 -16.73 4.55
C ILE B 7 -10.07 -15.65 4.90
N ASP B 8 -9.61 -14.62 5.60
CA ASP B 8 -10.49 -13.51 5.99
C ASP B 8 -10.17 -12.27 5.17
N MET B 9 -9.85 -12.47 3.90
CA MET B 9 -9.54 -11.35 3.00
C MET B 9 -10.69 -11.10 2.04
N GLY B 10 -11.20 -9.88 2.05
CA GLY B 10 -12.31 -9.52 1.17
C GLY B 10 -11.84 -9.44 -0.28
N ARG B 11 -12.75 -9.03 -1.17
CA ARG B 11 -12.41 -8.92 -2.59
C ARG B 11 -12.78 -7.54 -3.10
N ILE B 12 -11.79 -6.83 -3.65
CA ILE B 12 -12.01 -5.49 -4.18
C ILE B 12 -11.73 -5.44 -5.66
N LEU B 13 -12.43 -4.54 -6.37
CA LEU B 13 -12.25 -4.40 -7.81
C LEU B 13 -11.49 -3.12 -8.13
N LEU B 14 -10.38 -3.27 -8.86
CA LEU B 14 -9.56 -2.11 -9.23
C LEU B 14 -9.52 -1.97 -10.74
N ASP B 15 -9.75 -0.73 -11.22
CA ASP B 15 -9.73 -0.46 -12.65
C ASP B 15 -8.55 0.43 -13.01
N LEU B 16 -7.71 -0.05 -13.92
CA LEU B 16 -6.54 0.71 -14.36
C LEU B 16 -6.43 0.70 -15.89
N SER B 17 -5.95 1.80 -16.45
CA SER B 17 -5.79 1.91 -17.88
C SER B 17 -4.87 0.81 -18.41
N ASN B 18 -5.07 0.43 -19.67
CA ASN B 18 -4.26 -0.61 -20.27
C ASN B 18 -2.78 -0.22 -20.28
N GLU B 19 -2.54 1.09 -20.35
CA GLU B 19 -1.17 1.59 -20.36
C GLU B 19 -0.47 1.30 -19.03
N VAL B 20 -1.23 1.39 -17.94
CA VAL B 20 -0.67 1.14 -16.62
C VAL B 20 -0.37 -0.35 -16.45
N ILE B 21 -1.28 -1.20 -16.91
CA ILE B 21 -1.09 -2.64 -16.80
C ILE B 21 0.24 -3.05 -17.42
N LYS B 22 0.61 -2.39 -18.52
CA LYS B 22 1.87 -2.68 -19.19
C LYS B 22 3.04 -2.29 -18.29
N GLN B 23 2.88 -1.19 -17.55
CA GLN B 23 3.92 -0.74 -16.63
C GLN B 23 4.10 -1.74 -15.50
N LEU B 24 2.98 -2.17 -14.91
CA LEU B 24 3.02 -3.14 -13.82
C LEU B 24 3.55 -4.48 -14.32
N ASP B 25 3.11 -4.88 -15.50
CA ASP B 25 3.54 -6.15 -16.07
C ASP B 25 5.04 -6.18 -16.24
N ASP B 26 5.60 -5.11 -16.79
CA ASP B 26 7.04 -5.02 -17.00
C ASP B 26 7.78 -5.10 -15.66
N LEU B 27 7.23 -4.44 -14.65
CA LEU B 27 7.85 -4.45 -13.33
C LEU B 27 7.63 -5.79 -12.64
N GLU B 28 6.56 -6.46 -13.01
CA GLU B 28 6.24 -7.76 -12.42
C GLU B 28 7.24 -8.82 -12.86
N VAL B 29 7.58 -8.79 -14.15
CA VAL B 29 8.52 -9.77 -14.68
C VAL B 29 9.87 -9.66 -13.99
N GLN B 30 10.33 -8.44 -13.80
CA GLN B 30 11.61 -8.21 -13.15
C GLN B 30 11.60 -8.75 -11.73
N ARG B 31 10.48 -8.56 -11.03
CA ARG B 31 10.36 -9.04 -9.65
C ARG B 31 9.98 -10.52 -9.62
N ASN B 32 9.42 -11.00 -10.72
CA ASN B 32 9.02 -12.40 -10.81
C ASN B 32 8.06 -12.74 -9.67
N LEU B 33 7.15 -11.82 -9.37
CA LEU B 33 6.19 -12.04 -8.30
C LEU B 33 4.78 -11.69 -8.75
N PRO B 34 3.78 -12.29 -8.16
CA PRO B 34 2.36 -12.04 -8.52
C PRO B 34 1.98 -10.56 -8.38
N ARG B 35 1.15 -10.09 -9.30
CA ARG B 35 0.73 -8.69 -9.27
C ARG B 35 -0.05 -8.41 -7.99
N ALA B 36 -0.91 -9.33 -7.60
CA ALA B 36 -1.71 -9.14 -6.39
C ALA B 36 -0.82 -8.74 -5.22
N ASP B 37 0.35 -9.37 -5.12
CA ASP B 37 1.28 -9.05 -4.05
C ASP B 37 1.85 -7.64 -4.23
N LEU B 38 2.13 -7.28 -5.48
CA LEU B 38 2.69 -5.96 -5.77
C LEU B 38 1.67 -4.87 -5.44
N LEU B 39 0.42 -5.11 -5.80
CA LEU B 39 -0.65 -4.15 -5.53
C LEU B 39 -0.82 -3.96 -4.02
N ARG B 40 -0.78 -5.07 -3.29
CA ARG B 40 -0.94 -5.02 -1.84
C ARG B 40 0.19 -4.20 -1.22
N GLU B 41 1.42 -4.43 -1.68
CA GLU B 41 2.57 -3.71 -1.15
C GLU B 41 2.38 -2.20 -1.34
N ALA B 42 1.81 -1.82 -2.47
CA ALA B 42 1.60 -0.41 -2.76
C ALA B 42 0.65 0.20 -1.73
N VAL B 43 -0.38 -0.55 -1.37
CA VAL B 43 -1.35 -0.06 -0.39
C VAL B 43 -0.68 0.14 0.97
N ASP B 44 -0.03 -0.91 1.47
CA ASP B 44 0.65 -0.84 2.75
C ASP B 44 1.59 0.36 2.78
N GLN B 45 2.38 0.51 1.73
CA GLN B 45 3.32 1.62 1.64
C GLN B 45 2.57 2.96 1.59
N TYR B 46 1.48 2.99 0.84
CA TYR B 46 0.68 4.20 0.70
C TYR B 46 0.17 4.67 2.06
N LEU B 47 -0.31 3.73 2.86
CA LEU B 47 -0.83 4.06 4.18
C LEU B 47 0.25 4.66 5.06
N ILE B 48 1.45 4.11 4.96
CA ILE B 48 2.57 4.59 5.77
C ILE B 48 2.85 6.06 5.45
N ASN B 49 2.88 6.40 4.17
CA ASN B 49 3.13 7.78 3.76
C ASN B 49 1.99 8.68 4.21
N GLN B 50 0.76 8.19 4.08
CA GLN B 50 -0.41 8.97 4.48
C GLN B 50 -0.39 9.23 5.99
N SER B 51 -0.04 8.20 6.76
CA SER B 51 0.02 8.34 8.20
C SER B 51 1.33 8.98 8.63
N GLN B 52 1.55 9.04 9.94
CA GLN B 52 2.78 9.64 10.47
C GLN B 52 3.02 11.00 9.84
N THR B 53 4.13 11.65 10.21
CA THR B 53 4.47 12.95 9.67
C THR B 53 3.40 13.97 10.03
N ALA B 54 2.24 13.86 9.39
CA ALA B 54 1.13 14.77 9.65
C ALA B 54 1.59 16.22 9.47
N ARG B 55 1.24 16.79 8.32
CA ARG B 55 1.63 18.17 8.02
C ARG B 55 0.53 19.14 8.44
N THR B 56 0.70 19.76 9.60
CA THR B 56 -0.28 20.71 10.12
C THR B 56 -1.57 19.98 10.49
N SER B 57 -1.73 18.77 9.99
CA SER B 57 -2.93 17.99 10.29
C SER B 57 -4.17 18.66 9.71
N VAL B 58 -4.01 19.88 9.20
CA VAL B 58 -5.12 20.62 8.63
C VAL B 58 -4.61 21.92 7.98
N PRO B 59 -4.04 21.82 6.82
CA PRO B 59 -3.50 23.00 6.08
C PRO B 59 -4.55 24.10 5.93
N GLY B 60 -5.80 23.71 5.72
CA GLY B 60 -6.89 24.67 5.57
C GLY B 60 -7.01 25.11 4.11
N ILE B 61 -7.86 24.42 3.35
CA ILE B 61 -8.06 24.75 1.95
C ILE B 61 -8.66 26.14 1.82
N TRP B 62 -9.65 26.44 2.66
CA TRP B 62 -10.31 27.74 2.62
C TRP B 62 -9.39 28.82 3.15
N GLN B 63 -9.41 29.98 2.51
CA GLN B 63 -8.56 31.10 2.93
C GLN B 63 -9.29 32.43 2.72
N GLY B 64 -9.75 32.65 1.49
CA GLY B 64 -10.45 33.89 1.18
C GLY B 64 -11.90 33.82 1.65
N CYS B 65 -12.58 34.97 1.62
CA CYS B 65 -13.98 35.03 2.05
C CYS B 65 -14.80 35.84 1.06
N GLU B 66 -15.96 35.30 0.67
CA GLU B 66 -16.83 35.98 -0.28
C GLU B 66 -17.62 37.07 0.42
N GLU B 67 -17.49 38.30 -0.08
CA GLU B 67 -18.20 39.44 0.50
C GLU B 67 -19.54 39.65 -0.21
N ASP B 68 -20.62 39.55 0.55
CA ASP B 68 -21.95 39.72 -0.01
C ASP B 68 -22.31 41.21 -0.08
N GLY B 69 -23.38 41.52 -0.79
CA GLY B 69 -23.82 42.90 -0.92
C GLY B 69 -25.19 42.97 -1.61
N VAL B 70 -26.24 42.65 -0.85
CA VAL B 70 -27.59 42.68 -1.39
C VAL B 70 -27.94 44.11 -1.85
N GLU B 71 -28.68 44.82 -1.00
CA GLU B 71 -29.08 46.18 -1.33
C GLU B 71 -29.82 46.22 -2.66
N TYR B 72 -31.14 46.10 -2.61
CA TYR B 72 -31.95 46.11 -3.81
C TYR B 72 -32.13 47.54 -4.33
N GLN B 73 -32.06 47.71 -5.65
CA GLN B 73 -32.22 49.02 -6.25
C GLN B 73 -33.69 49.40 -6.35
N ARG B 74 -34.06 50.51 -5.71
CA ARG B 74 -35.45 50.96 -5.73
C ARG B 74 -35.51 52.48 -5.82
N LYS B 75 -34.45 53.08 -6.36
CA LYS B 75 -34.39 54.53 -6.49
C LYS B 75 -35.44 55.01 -7.50
N LEU B 76 -36.14 56.08 -7.14
CA LEU B 76 -37.16 56.63 -8.02
C LEU B 76 -37.17 58.15 -7.96
N ARG B 77 -36.37 58.77 -8.82
CA ARG B 77 -36.28 60.24 -8.85
C ARG B 77 -36.27 60.80 -7.44
N GLU B 78 -37.46 61.08 -6.91
CA GLU B 78 -37.57 61.63 -5.56
C GLU B 78 -37.05 60.62 -4.53
N GLU B 79 -36.32 61.13 -3.54
CA GLU B 79 -35.77 60.29 -2.50
C GLU B 79 -36.89 59.63 -1.68
N TRP B 80 -38.01 60.34 -1.56
CA TRP B 80 -39.15 59.82 -0.81
C TRP B 80 -40.46 60.22 -1.47
N MET A 1 -23.30 -5.83 -15.26
CA MET A 1 -24.65 -6.30 -15.67
C MET A 1 -25.40 -5.17 -16.35
N ASN A 2 -26.20 -5.51 -17.36
CA ASN A 2 -26.96 -4.50 -18.09
C ASN A 2 -26.03 -3.42 -18.65
N SER A 3 -24.81 -3.82 -18.99
CA SER A 3 -23.83 -2.88 -19.53
C SER A 3 -22.76 -3.62 -20.32
N LEU A 4 -22.21 -2.97 -21.33
CA LEU A 4 -21.17 -3.58 -22.16
C LEU A 4 -19.79 -3.34 -21.54
N ALA A 5 -18.97 -4.37 -21.53
CA ALA A 5 -17.63 -4.26 -20.97
C ALA A 5 -16.68 -3.62 -21.98
N GLY A 6 -16.58 -2.30 -21.94
CA GLY A 6 -15.70 -1.58 -22.86
C GLY A 6 -15.27 -0.24 -22.27
N ILE A 7 -15.18 -0.19 -20.95
CA ILE A 7 -14.77 1.03 -20.26
C ILE A 7 -13.34 1.41 -20.65
N ASP A 8 -12.77 0.65 -21.56
CA ASP A 8 -11.40 0.91 -22.02
C ASP A 8 -10.44 0.84 -20.85
N MET A 9 -10.80 0.07 -19.83
CA MET A 9 -9.95 -0.08 -18.64
C MET A 9 -9.96 -1.51 -18.16
N GLY A 10 -8.77 -2.10 -18.02
CA GLY A 10 -8.66 -3.47 -17.56
C GLY A 10 -9.23 -3.63 -16.15
N ARG A 11 -9.87 -4.76 -15.90
CA ARG A 11 -10.46 -5.02 -14.59
C ARG A 11 -9.55 -5.93 -13.77
N ILE A 12 -9.07 -5.41 -12.64
CA ILE A 12 -8.18 -6.18 -11.78
C ILE A 12 -8.83 -6.43 -10.43
N LEU A 13 -8.65 -7.64 -9.91
CA LEU A 13 -9.22 -8.00 -8.61
C LEU A 13 -8.19 -7.86 -7.51
N LEU A 14 -8.53 -7.09 -6.47
CA LEU A 14 -7.62 -6.88 -5.35
C LEU A 14 -8.30 -7.25 -4.05
N ASP A 15 -7.58 -7.94 -3.18
CA ASP A 15 -8.12 -8.36 -1.88
C ASP A 15 -7.23 -7.90 -0.75
N LEU A 16 -7.84 -7.36 0.31
CA LEU A 16 -7.09 -6.89 1.47
C LEU A 16 -7.74 -7.34 2.75
N SER A 17 -6.96 -7.45 3.82
CA SER A 17 -7.48 -7.87 5.11
C SER A 17 -8.55 -6.91 5.59
N ASN A 18 -9.52 -7.43 6.35
CA ASN A 18 -10.60 -6.60 6.86
C ASN A 18 -10.04 -5.43 7.66
N GLU A 19 -9.00 -5.69 8.44
CA GLU A 19 -8.38 -4.65 9.25
C GLU A 19 -7.90 -3.51 8.36
N VAL A 20 -7.39 -3.85 7.18
CA VAL A 20 -6.90 -2.84 6.24
C VAL A 20 -8.06 -2.03 5.67
N ILE A 21 -9.13 -2.72 5.30
CA ILE A 21 -10.30 -2.06 4.73
C ILE A 21 -10.78 -0.95 5.67
N LYS A 22 -10.72 -1.22 6.97
CA LYS A 22 -11.14 -0.23 7.97
C LYS A 22 -10.20 0.98 7.91
N GLN A 23 -8.92 0.73 7.69
CA GLN A 23 -7.93 1.81 7.62
C GLN A 23 -8.20 2.68 6.39
N LEU A 24 -8.42 2.03 5.24
CA LEU A 24 -8.70 2.77 4.01
C LEU A 24 -9.99 3.56 4.13
N ASP A 25 -11.00 2.94 4.73
CA ASP A 25 -12.29 3.60 4.91
C ASP A 25 -12.14 4.88 5.73
N ASP A 26 -11.43 4.78 6.85
CA ASP A 26 -11.21 5.93 7.72
C ASP A 26 -10.49 7.04 6.96
N LEU A 27 -9.46 6.68 6.22
CA LEU A 27 -8.69 7.65 5.45
C LEU A 27 -9.53 8.19 4.29
N GLU A 28 -10.41 7.35 3.77
CA GLU A 28 -11.25 7.74 2.64
C GLU A 28 -12.23 8.84 3.07
N VAL A 29 -12.81 8.68 4.25
CA VAL A 29 -13.77 9.66 4.75
C VAL A 29 -13.10 11.01 4.97
N GLN A 30 -11.90 10.97 5.54
CA GLN A 30 -11.16 12.20 5.80
C GLN A 30 -10.80 12.91 4.50
N ARG A 31 -10.36 12.13 3.52
CA ARG A 31 -9.98 12.70 2.22
C ARG A 31 -11.21 13.18 1.47
N ASN A 32 -12.30 12.45 1.61
CA ASN A 32 -13.54 12.80 0.94
C ASN A 32 -13.48 12.48 -0.54
N LEU A 33 -13.10 11.24 -0.85
CA LEU A 33 -13.01 10.81 -2.24
C LEU A 33 -13.14 9.29 -2.34
N PRO A 34 -13.52 8.81 -3.47
CA PRO A 34 -13.67 7.33 -3.71
C PRO A 34 -12.38 6.56 -3.44
N ARG A 35 -12.52 5.34 -2.94
CA ARG A 35 -11.36 4.50 -2.65
C ARG A 35 -10.57 4.23 -3.92
N ALA A 36 -11.29 3.96 -5.01
CA ALA A 36 -10.63 3.67 -6.28
C ALA A 36 -9.59 4.73 -6.60
N ASP A 37 -9.91 5.98 -6.30
CA ASP A 37 -8.99 7.08 -6.56
C ASP A 37 -7.74 6.94 -5.68
N LEU A 38 -7.94 6.49 -4.45
CA LEU A 38 -6.83 6.31 -3.53
C LEU A 38 -5.91 5.19 -4.00
N LEU A 39 -6.52 4.10 -4.47
CA LEU A 39 -5.75 2.95 -4.93
C LEU A 39 -4.92 3.32 -6.16
N ARG A 40 -5.53 4.03 -7.09
CA ARG A 40 -4.83 4.45 -8.30
C ARG A 40 -3.62 5.31 -7.94
N GLU A 41 -3.81 6.23 -7.00
CA GLU A 41 -2.73 7.12 -6.57
C GLU A 41 -1.61 6.31 -5.92
N ALA A 42 -1.99 5.36 -5.07
CA ALA A 42 -1.01 4.53 -4.38
C ALA A 42 -0.10 3.84 -5.39
N VAL A 43 -0.70 3.26 -6.43
CA VAL A 43 0.07 2.57 -7.45
C VAL A 43 0.89 3.57 -8.28
N ASP A 44 0.21 4.58 -8.80
CA ASP A 44 0.90 5.59 -9.61
C ASP A 44 2.05 6.21 -8.80
N GLN A 45 1.77 6.60 -7.57
CA GLN A 45 2.79 7.19 -6.72
C GLN A 45 3.99 6.25 -6.59
N TYR A 46 3.71 4.96 -6.44
CA TYR A 46 4.77 3.97 -6.31
C TYR A 46 5.65 3.95 -7.56
N LEU A 47 5.03 4.10 -8.72
CA LEU A 47 5.77 4.09 -9.97
C LEU A 47 6.77 5.23 -10.02
N ILE A 48 6.37 6.39 -9.51
CA ILE A 48 7.24 7.54 -9.51
C ILE A 48 8.51 7.27 -8.71
N ASN A 49 8.34 6.72 -7.52
CA ASN A 49 9.48 6.43 -6.66
C ASN A 49 10.38 5.37 -7.28
N GLN A 50 9.80 4.25 -7.66
CA GLN A 50 10.57 3.18 -8.28
C GLN A 50 10.95 3.53 -9.71
N SER A 51 10.95 4.83 -10.01
CA SER A 51 11.30 5.29 -11.34
C SER A 51 12.80 5.53 -11.46
N GLN A 52 13.47 5.63 -10.30
CA GLN A 52 14.92 5.86 -10.28
C GLN A 52 15.57 5.01 -9.22
N THR A 53 16.71 4.41 -9.56
CA THR A 53 17.43 3.56 -8.62
C THR A 53 18.62 4.32 -8.01
N ALA A 54 18.55 4.57 -6.72
CA ALA A 54 19.61 5.30 -6.03
C ALA A 54 19.51 5.11 -4.52
N ARG A 55 20.61 5.32 -3.82
CA ARG A 55 20.63 5.18 -2.37
C ARG A 55 19.91 3.89 -1.95
N THR A 56 20.69 2.84 -1.75
CA THR A 56 20.11 1.56 -1.35
C THR A 56 19.80 1.54 0.14
N SER A 57 18.59 1.13 0.49
CA SER A 57 18.18 1.09 1.89
C SER A 57 18.31 -0.33 2.44
N VAL A 58 17.98 -0.50 3.71
CA VAL A 58 18.07 -1.82 4.34
C VAL A 58 16.83 -2.08 5.19
N PRO A 59 15.68 -2.06 4.58
CA PRO A 59 14.38 -2.30 5.28
C PRO A 59 14.23 -3.76 5.70
N GLY A 60 15.05 -4.63 5.13
CA GLY A 60 14.99 -6.05 5.45
C GLY A 60 15.30 -6.29 6.91
N ILE A 61 14.66 -7.29 7.51
CA ILE A 61 14.88 -7.61 8.92
C ILE A 61 15.72 -8.88 9.04
N TRP A 62 16.84 -8.78 9.77
CA TRP A 62 17.71 -9.93 9.96
C TRP A 62 17.26 -10.77 11.15
N GLN A 63 17.06 -10.10 12.29
CA GLN A 63 16.64 -10.80 13.50
C GLN A 63 15.28 -11.45 13.29
N GLY A 64 15.13 -12.69 13.75
CA GLY A 64 13.87 -13.41 13.60
C GLY A 64 13.05 -13.33 14.88
N CYS A 65 11.76 -13.64 14.78
CA CYS A 65 10.88 -13.60 15.94
C CYS A 65 10.95 -14.91 16.71
N GLU A 66 11.25 -14.81 18.01
CA GLU A 66 11.34 -16.00 18.85
C GLU A 66 9.96 -16.59 19.09
N GLU A 67 9.88 -17.91 19.04
CA GLU A 67 8.62 -18.61 19.25
C GLU A 67 8.18 -18.47 20.71
N ASP A 68 6.92 -18.07 20.91
CA ASP A 68 6.39 -17.89 22.26
C ASP A 68 6.17 -19.25 22.93
N GLY A 69 6.38 -20.32 22.16
CA GLY A 69 6.21 -21.67 22.69
C GLY A 69 7.06 -21.88 23.93
N VAL A 70 6.59 -22.76 24.82
CA VAL A 70 7.32 -23.05 26.05
C VAL A 70 7.04 -24.48 26.51
N GLU A 71 6.01 -25.09 25.94
CA GLU A 71 5.65 -26.45 26.31
C GLU A 71 5.39 -26.55 27.81
N TYR A 72 4.13 -26.77 28.17
CA TYR A 72 3.76 -26.89 29.59
C TYR A 72 4.04 -28.30 30.10
N GLN A 73 4.11 -28.44 31.41
CA GLN A 73 4.38 -29.74 32.02
C GLN A 73 3.22 -30.69 31.77
N ARG A 74 2.01 -30.13 31.65
CA ARG A 74 0.83 -30.95 31.41
C ARG A 74 0.65 -31.98 32.51
N LYS A 75 0.18 -31.52 33.67
CA LYS A 75 -0.02 -32.42 34.81
C LYS A 75 -1.48 -32.90 34.86
N LEU A 76 -1.66 -34.22 34.71
CA LEU A 76 -3.00 -34.79 34.73
C LEU A 76 -2.93 -36.30 34.94
N ARG A 77 -3.91 -36.85 35.63
CA ARG A 77 -3.95 -38.29 35.87
C ARG A 77 -4.40 -39.04 34.63
N GLU A 78 -5.71 -39.00 34.37
CA GLU A 78 -6.25 -39.69 33.20
C GLU A 78 -7.73 -39.36 33.03
N GLU A 79 -8.02 -38.36 32.21
CA GLU A 79 -9.40 -37.95 31.97
C GLU A 79 -10.10 -37.65 33.28
N TRP A 80 -10.00 -36.41 33.74
CA TRP A 80 -10.64 -36.01 34.99
C TRP A 80 -11.48 -34.75 34.78
N MET B 1 -5.99 -6.19 21.61
CA MET B 1 -6.61 -6.88 20.45
C MET B 1 -5.82 -8.15 20.14
N ASN B 2 -6.46 -9.30 20.37
CA ASN B 2 -5.82 -10.58 20.11
C ASN B 2 -5.87 -10.92 18.62
N SER B 3 -6.81 -11.78 18.26
CA SER B 3 -6.96 -12.19 16.87
C SER B 3 -8.42 -12.54 16.57
N LEU B 4 -8.96 -11.94 15.52
CA LEU B 4 -10.34 -12.20 15.13
C LEU B 4 -10.44 -13.51 14.37
N ALA B 5 -11.52 -14.26 14.61
CA ALA B 5 -11.73 -15.53 13.93
C ALA B 5 -12.65 -15.37 12.74
N GLY B 6 -12.10 -15.51 11.54
CA GLY B 6 -12.89 -15.36 10.32
C GLY B 6 -12.21 -14.41 9.33
N ILE B 7 -10.88 -14.50 9.26
CA ILE B 7 -10.13 -13.65 8.35
C ILE B 7 -10.01 -14.30 6.99
N ASP B 8 -10.93 -13.94 6.09
CA ASP B 8 -10.92 -14.50 4.74
C ASP B 8 -10.60 -13.41 3.72
N MET B 9 -9.76 -12.46 4.12
CA MET B 9 -9.38 -11.37 3.23
C MET B 9 -10.62 -10.70 2.64
N GLY B 10 -10.42 -9.57 1.98
CA GLY B 10 -11.54 -8.84 1.37
C GLY B 10 -11.51 -8.98 -0.14
N ARG B 11 -12.28 -8.13 -0.82
CA ARG B 11 -12.35 -8.16 -2.28
C ARG B 11 -12.75 -6.81 -2.82
N ILE B 12 -11.91 -6.26 -3.72
CA ILE B 12 -12.20 -4.95 -4.31
C ILE B 12 -11.89 -4.97 -5.80
N LEU B 13 -12.67 -4.22 -6.57
CA LEU B 13 -12.47 -4.16 -8.02
C LEU B 13 -11.71 -2.91 -8.39
N LEU B 14 -10.52 -3.10 -8.98
CA LEU B 14 -9.69 -1.98 -9.38
C LEU B 14 -9.56 -1.92 -10.90
N ASP B 15 -9.80 -0.75 -11.47
CA ASP B 15 -9.72 -0.57 -12.92
C ASP B 15 -8.46 0.20 -13.29
N LEU B 16 -7.62 -0.41 -14.12
CA LEU B 16 -6.38 0.24 -14.55
C LEU B 16 -6.24 0.16 -16.06
N SER B 17 -5.81 1.25 -16.67
CA SER B 17 -5.63 1.30 -18.13
C SER B 17 -4.64 0.22 -18.57
N ASN B 18 -4.72 -0.15 -19.84
CA ASN B 18 -3.83 -1.16 -20.38
C ASN B 18 -2.38 -0.72 -20.28
N GLU B 19 -2.14 0.56 -20.52
CA GLU B 19 -0.79 1.10 -20.46
C GLU B 19 -0.18 0.88 -19.07
N VAL B 20 -1.00 1.05 -18.05
CA VAL B 20 -0.54 0.87 -16.67
C VAL B 20 -0.15 -0.57 -16.41
N ILE B 21 -1.00 -1.49 -16.87
CA ILE B 21 -0.74 -2.93 -16.69
C ILE B 21 0.62 -3.28 -17.30
N LYS B 22 0.95 -2.65 -18.41
CA LYS B 22 2.22 -2.90 -19.08
C LYS B 22 3.38 -2.44 -18.20
N GLN B 23 3.17 -1.33 -17.48
CA GLN B 23 4.20 -0.79 -16.60
C GLN B 23 4.43 -1.75 -15.42
N LEU B 24 3.35 -2.17 -14.79
CA LEU B 24 3.46 -3.08 -13.65
C LEU B 24 4.09 -4.40 -14.07
N ASP B 25 3.69 -4.91 -15.22
CA ASP B 25 4.23 -6.17 -15.72
C ASP B 25 5.74 -6.09 -15.86
N ASP B 26 6.22 -4.97 -16.39
CA ASP B 26 7.66 -4.79 -16.59
C ASP B 26 8.39 -4.86 -15.24
N LEU B 27 7.79 -4.24 -14.22
CA LEU B 27 8.39 -4.24 -12.89
C LEU B 27 8.25 -5.61 -12.24
N GLU B 28 7.19 -6.33 -12.60
CA GLU B 28 6.95 -7.64 -12.02
C GLU B 28 8.00 -8.64 -12.48
N VAL B 29 8.29 -8.64 -13.78
CA VAL B 29 9.28 -9.55 -14.34
C VAL B 29 10.68 -9.19 -13.86
N GLN B 30 10.97 -7.89 -13.84
CA GLN B 30 12.28 -7.41 -13.40
C GLN B 30 12.66 -8.07 -12.08
N ARG B 31 11.66 -8.37 -11.25
CA ARG B 31 11.92 -9.03 -9.98
C ARG B 31 11.57 -10.50 -10.06
N ASN B 32 10.32 -10.83 -9.76
CA ASN B 32 9.87 -12.22 -9.80
C ASN B 32 8.53 -12.36 -9.09
N LEU B 33 7.83 -11.26 -8.92
CA LEU B 33 6.55 -11.28 -8.23
C LEU B 33 5.46 -10.63 -9.05
N PRO B 34 4.25 -11.09 -8.92
CA PRO B 34 3.09 -10.55 -9.68
C PRO B 34 2.68 -9.17 -9.15
N ARG B 35 1.78 -8.52 -9.88
CA ARG B 35 1.29 -7.19 -9.47
C ARG B 35 0.54 -7.29 -8.15
N ALA B 36 -0.28 -8.32 -8.01
CA ALA B 36 -1.07 -8.50 -6.80
C ALA B 36 -0.17 -8.35 -5.56
N ASP B 37 1.05 -8.87 -5.65
CA ASP B 37 2.00 -8.76 -4.55
C ASP B 37 2.52 -7.34 -4.42
N LEU B 38 2.78 -6.70 -5.54
CA LEU B 38 3.28 -5.33 -5.55
C LEU B 38 2.21 -4.37 -5.04
N LEU B 39 0.97 -4.64 -5.40
CA LEU B 39 -0.15 -3.79 -4.99
C LEU B 39 -0.25 -3.75 -3.47
N ARG B 40 -0.09 -4.90 -2.84
CA ARG B 40 -0.18 -4.99 -1.39
C ARG B 40 0.86 -4.09 -0.74
N GLU B 41 2.08 -4.11 -1.27
CA GLU B 41 3.16 -3.29 -0.74
C GLU B 41 2.88 -1.81 -1.03
N ALA B 42 2.41 -1.52 -2.24
CA ALA B 42 2.12 -0.14 -2.63
C ALA B 42 1.09 0.46 -1.66
N VAL B 43 0.05 -0.31 -1.36
CA VAL B 43 -1.00 0.16 -0.45
C VAL B 43 -0.44 0.25 0.98
N ASP B 44 0.18 -0.84 1.44
CA ASP B 44 0.76 -0.87 2.78
C ASP B 44 1.71 0.31 2.95
N GLN B 45 2.58 0.54 1.96
CA GLN B 45 3.52 1.65 2.02
C GLN B 45 2.76 2.99 2.03
N TYR B 46 1.71 3.07 1.23
CA TYR B 46 0.91 4.29 1.15
C TYR B 46 0.31 4.62 2.51
N LEU B 47 -0.21 3.59 3.18
CA LEU B 47 -0.83 3.78 4.49
C LEU B 47 0.19 4.37 5.48
N ILE B 48 1.40 3.83 5.46
CA ILE B 48 2.45 4.33 6.36
C ILE B 48 2.75 5.79 6.06
N ASN B 49 2.86 6.12 4.78
CA ASN B 49 3.15 7.50 4.38
C ASN B 49 1.99 8.42 4.79
N GLN B 50 0.79 7.84 4.89
CA GLN B 50 -0.37 8.62 5.28
C GLN B 50 -0.45 8.75 6.80
N SER B 51 -0.15 7.66 7.49
CA SER B 51 -0.17 7.67 8.95
C SER B 51 0.97 8.51 9.51
N GLN B 52 2.14 8.39 8.89
CA GLN B 52 3.31 9.13 9.33
C GLN B 52 3.59 8.88 10.80
N THR B 53 2.90 7.89 11.37
CA THR B 53 3.08 7.55 12.77
C THR B 53 2.85 6.05 12.99
N ALA B 54 3.32 5.56 14.14
CA ALA B 54 3.16 4.14 14.46
C ALA B 54 3.68 3.28 13.32
N ARG B 55 5.01 3.25 13.16
CA ARG B 55 5.62 2.46 12.10
C ARG B 55 6.06 1.10 12.65
N THR B 56 5.38 0.05 12.23
CA THR B 56 5.70 -1.30 12.67
C THR B 56 4.97 -2.34 11.83
N SER B 57 5.34 -2.43 10.57
CA SER B 57 4.72 -3.40 9.67
C SER B 57 5.26 -4.79 9.92
N VAL B 58 4.56 -5.80 9.41
CA VAL B 58 4.98 -7.19 9.58
C VAL B 58 4.57 -8.03 8.37
N PRO B 59 5.23 -7.84 7.28
CA PRO B 59 4.94 -8.60 6.01
C PRO B 59 5.14 -10.10 6.19
N GLY B 60 4.32 -10.89 5.50
CA GLY B 60 4.43 -12.35 5.59
C GLY B 60 4.30 -12.82 7.03
N ILE B 61 3.10 -12.66 7.60
CA ILE B 61 2.87 -13.08 8.97
C ILE B 61 2.83 -14.60 9.08
N TRP B 62 2.59 -15.26 7.95
CA TRP B 62 2.52 -16.72 7.93
C TRP B 62 3.93 -17.31 7.86
N GLN B 63 4.26 -18.14 8.86
CA GLN B 63 5.58 -18.77 8.90
C GLN B 63 5.60 -20.02 8.04
N GLY B 64 6.60 -20.12 7.17
CA GLY B 64 6.72 -21.28 6.29
C GLY B 64 7.99 -21.18 5.46
N CYS B 65 7.94 -21.74 4.25
CA CYS B 65 9.09 -21.72 3.36
C CYS B 65 9.34 -20.31 2.83
N GLU B 66 9.99 -19.48 3.63
CA GLU B 66 10.28 -18.11 3.22
C GLU B 66 11.74 -17.98 2.79
N GLU B 67 11.97 -18.17 1.49
CA GLU B 67 13.32 -18.06 0.93
C GLU B 67 14.28 -18.95 1.71
N ASP B 68 14.10 -20.26 1.60
CA ASP B 68 14.96 -21.21 2.29
C ASP B 68 15.10 -22.50 1.49
N GLY B 69 14.76 -22.43 0.20
CA GLY B 69 14.85 -23.60 -0.65
C GLY B 69 16.31 -23.93 -0.97
N VAL B 70 16.84 -24.94 -0.29
CA VAL B 70 18.22 -25.35 -0.51
C VAL B 70 18.43 -25.82 -1.94
N GLU B 71 17.50 -26.65 -2.44
CA GLU B 71 17.60 -27.16 -3.80
C GLU B 71 16.44 -26.62 -4.65
N TYR B 72 16.37 -27.08 -5.90
CA TYR B 72 15.31 -26.65 -6.80
C TYR B 72 15.36 -25.14 -6.99
N GLN B 73 14.96 -24.40 -5.96
CA GLN B 73 14.96 -22.95 -6.02
C GLN B 73 16.38 -22.42 -6.19
N ARG B 74 16.54 -21.42 -7.05
CA ARG B 74 17.84 -20.82 -7.28
C ARG B 74 18.28 -19.98 -6.10
N LYS B 75 19.59 -19.92 -5.86
CA LYS B 75 20.12 -19.15 -4.74
C LYS B 75 21.32 -18.32 -5.20
N LEU B 76 21.43 -17.10 -4.67
CA LEU B 76 22.53 -16.21 -5.04
C LEU B 76 23.62 -16.26 -3.97
N ARG B 77 24.70 -16.98 -4.26
CA ARG B 77 25.81 -17.09 -3.32
C ARG B 77 26.51 -15.76 -3.16
N GLU B 78 26.67 -15.04 -4.28
CA GLU B 78 27.33 -13.75 -4.25
C GLU B 78 26.62 -12.80 -3.29
N GLU B 79 25.51 -12.21 -3.74
CA GLU B 79 24.75 -11.29 -2.91
C GLU B 79 25.65 -10.17 -2.39
N TRP B 80 25.46 -8.97 -2.93
CA TRP B 80 26.26 -7.83 -2.51
C TRP B 80 26.40 -7.80 -0.98
N MET A 1 -25.87 -5.13 -25.52
CA MET A 1 -25.77 -5.24 -27.00
C MET A 1 -24.45 -5.93 -27.36
N ASN A 2 -23.38 -5.54 -26.70
CA ASN A 2 -22.07 -6.12 -26.96
C ASN A 2 -21.70 -6.01 -28.43
N SER A 3 -22.02 -4.85 -29.02
CA SER A 3 -21.72 -4.61 -30.43
C SER A 3 -20.26 -4.21 -30.61
N LEU A 4 -19.84 -3.20 -29.86
CA LEU A 4 -18.46 -2.72 -29.94
C LEU A 4 -17.62 -3.36 -28.85
N ALA A 5 -16.45 -3.86 -29.24
CA ALA A 5 -15.54 -4.51 -28.28
C ALA A 5 -14.47 -3.52 -27.82
N GLY A 6 -14.92 -2.43 -27.19
CA GLY A 6 -13.99 -1.42 -26.69
C GLY A 6 -13.25 -1.92 -25.46
N ILE A 7 -12.09 -1.33 -25.18
CA ILE A 7 -11.30 -1.72 -24.03
C ILE A 7 -11.51 -0.76 -22.88
N ASP A 8 -12.28 -1.20 -21.88
CA ASP A 8 -12.57 -0.36 -20.71
C ASP A 8 -11.73 -0.81 -19.52
N MET A 9 -10.46 -0.42 -19.51
CA MET A 9 -9.57 -0.78 -18.41
C MET A 9 -9.54 -2.29 -18.23
N GLY A 10 -8.36 -2.86 -18.33
CA GLY A 10 -8.21 -4.31 -18.18
C GLY A 10 -8.97 -4.82 -16.97
N ARG A 11 -9.19 -3.94 -16.01
CA ARG A 11 -9.90 -4.31 -14.79
C ARG A 11 -9.17 -5.43 -14.08
N ILE A 12 -8.79 -5.18 -12.83
CA ILE A 12 -8.08 -6.19 -12.03
C ILE A 12 -8.74 -6.36 -10.68
N LEU A 13 -8.54 -7.53 -10.07
CA LEU A 13 -9.11 -7.81 -8.75
C LEU A 13 -8.07 -7.68 -7.68
N LEU A 14 -8.39 -6.91 -6.64
CA LEU A 14 -7.49 -6.69 -5.52
C LEU A 14 -8.07 -7.23 -4.23
N ASP A 15 -7.28 -7.97 -3.48
CA ASP A 15 -7.73 -8.54 -2.21
C ASP A 15 -7.02 -7.89 -1.04
N LEU A 16 -7.81 -7.42 -0.06
CA LEU A 16 -7.25 -6.78 1.13
C LEU A 16 -7.90 -7.32 2.39
N SER A 17 -7.09 -7.47 3.45
CA SER A 17 -7.61 -7.97 4.71
C SER A 17 -8.68 -7.03 5.27
N ASN A 18 -9.60 -7.59 6.03
CA ASN A 18 -10.67 -6.80 6.63
C ASN A 18 -10.09 -5.68 7.50
N GLU A 19 -8.88 -5.89 7.99
CA GLU A 19 -8.22 -4.89 8.82
C GLU A 19 -7.80 -3.69 7.99
N VAL A 20 -7.31 -3.95 6.78
CA VAL A 20 -6.88 -2.87 5.90
C VAL A 20 -8.07 -2.07 5.40
N ILE A 21 -9.15 -2.77 5.04
CA ILE A 21 -10.34 -2.12 4.54
C ILE A 21 -10.84 -1.10 5.55
N LYS A 22 -10.77 -1.45 6.83
CA LYS A 22 -11.20 -0.55 7.90
C LYS A 22 -10.32 0.69 7.93
N GLN A 23 -9.02 0.50 7.64
CA GLN A 23 -8.09 1.62 7.62
C GLN A 23 -8.40 2.55 6.46
N LEU A 24 -8.62 1.97 5.28
CA LEU A 24 -8.93 2.75 4.08
C LEU A 24 -10.24 3.50 4.27
N ASP A 25 -11.23 2.81 4.82
CA ASP A 25 -12.54 3.42 5.03
C ASP A 25 -12.41 4.67 5.90
N ASP A 26 -11.70 4.55 7.01
CA ASP A 26 -11.50 5.68 7.92
C ASP A 26 -10.79 6.82 7.19
N LEU A 27 -9.72 6.50 6.48
CA LEU A 27 -8.96 7.50 5.75
C LEU A 27 -9.77 8.06 4.61
N GLU A 28 -10.63 7.22 4.04
CA GLU A 28 -11.46 7.64 2.91
C GLU A 28 -12.46 8.71 3.35
N VAL A 29 -13.00 8.56 4.55
CA VAL A 29 -13.97 9.51 5.07
C VAL A 29 -13.35 10.89 5.21
N GLN A 30 -12.12 10.92 5.70
CA GLN A 30 -11.42 12.19 5.90
C GLN A 30 -11.16 12.88 4.55
N ARG A 31 -10.71 12.11 3.57
CA ARG A 31 -10.42 12.65 2.26
C ARG A 31 -11.71 12.94 1.50
N ASN A 32 -12.78 12.24 1.86
CA ASN A 32 -14.05 12.42 1.20
C ASN A 32 -13.92 12.19 -0.30
N LEU A 33 -13.23 11.10 -0.67
CA LEU A 33 -13.05 10.77 -2.09
C LEU A 33 -13.19 9.26 -2.29
N PRO A 34 -13.43 8.85 -3.49
CA PRO A 34 -13.53 7.41 -3.85
C PRO A 34 -12.25 6.63 -3.58
N ARG A 35 -12.40 5.39 -3.12
CA ARG A 35 -11.26 4.55 -2.82
C ARG A 35 -10.43 4.32 -4.09
N ALA A 36 -11.10 4.08 -5.21
CA ALA A 36 -10.41 3.85 -6.47
C ALA A 36 -9.35 4.92 -6.70
N ASP A 37 -9.67 6.15 -6.34
CA ASP A 37 -8.72 7.26 -6.50
C ASP A 37 -7.52 7.08 -5.57
N LEU A 38 -7.78 6.60 -4.36
CA LEU A 38 -6.72 6.39 -3.39
C LEU A 38 -5.78 5.28 -3.86
N LEU A 39 -6.35 4.20 -4.35
CA LEU A 39 -5.55 3.07 -4.84
C LEU A 39 -4.73 3.48 -6.04
N ARG A 40 -5.35 4.20 -6.97
CA ARG A 40 -4.68 4.65 -8.17
C ARG A 40 -3.45 5.48 -7.81
N GLU A 41 -3.61 6.38 -6.84
CA GLU A 41 -2.51 7.22 -6.41
C GLU A 41 -1.40 6.37 -5.78
N ALA A 42 -1.81 5.36 -5.01
CA ALA A 42 -0.84 4.48 -4.36
C ALA A 42 0.09 3.86 -5.41
N VAL A 43 -0.51 3.32 -6.48
CA VAL A 43 0.28 2.69 -7.54
C VAL A 43 1.11 3.75 -8.27
N ASP A 44 0.44 4.82 -8.71
CA ASP A 44 1.15 5.89 -9.42
C ASP A 44 2.32 6.37 -8.60
N GLN A 45 2.10 6.56 -7.30
CA GLN A 45 3.16 7.02 -6.41
C GLN A 45 4.29 5.99 -6.37
N TYR A 46 3.92 4.71 -6.35
CA TYR A 46 4.90 3.64 -6.31
C TYR A 46 5.77 3.68 -7.56
N LEU A 47 5.14 3.92 -8.71
CA LEU A 47 5.87 3.98 -9.97
C LEU A 47 6.88 5.11 -9.97
N ILE A 48 6.45 6.26 -9.44
CA ILE A 48 7.34 7.42 -9.39
C ILE A 48 8.57 7.12 -8.55
N ASN A 49 8.37 6.48 -7.41
CA ASN A 49 9.48 6.13 -6.53
C ASN A 49 10.38 5.11 -7.20
N GLN A 50 9.77 4.20 -7.98
CA GLN A 50 10.52 3.16 -8.67
C GLN A 50 11.14 3.72 -9.95
N SER A 51 11.35 5.03 -9.98
CA SER A 51 11.94 5.68 -11.15
C SER A 51 12.91 6.78 -10.72
N GLN A 52 12.43 7.71 -9.90
CA GLN A 52 13.27 8.80 -9.43
C GLN A 52 14.41 8.28 -8.57
N THR A 53 14.10 7.34 -7.68
CA THR A 53 15.12 6.76 -6.80
C THR A 53 14.83 5.28 -6.57
N ALA A 54 15.63 4.66 -5.71
CA ALA A 54 15.46 3.24 -5.41
C ALA A 54 15.95 2.39 -6.57
N ARG A 55 15.28 2.51 -7.71
CA ARG A 55 15.63 1.73 -8.90
C ARG A 55 15.86 0.27 -8.53
N THR A 56 17.08 -0.05 -8.11
CA THR A 56 17.42 -1.42 -7.73
C THR A 56 16.97 -1.70 -6.31
N SER A 57 17.05 -2.96 -5.89
CA SER A 57 16.65 -3.35 -4.55
C SER A 57 17.51 -2.65 -3.51
N VAL A 58 16.88 -2.22 -2.42
CA VAL A 58 17.60 -1.56 -1.36
C VAL A 58 16.89 -1.78 -0.01
N PRO A 59 17.64 -1.93 1.05
CA PRO A 59 17.06 -2.06 2.41
C PRO A 59 15.97 -1.03 2.69
N GLY A 60 14.86 -1.51 3.24
CA GLY A 60 13.74 -0.63 3.56
C GLY A 60 13.59 -0.45 5.06
N ILE A 61 13.34 -1.56 5.76
CA ILE A 61 13.18 -1.52 7.22
C ILE A 61 14.40 -2.11 7.91
N TRP A 62 14.76 -1.52 9.04
CA TRP A 62 15.92 -2.00 9.80
C TRP A 62 15.52 -3.15 10.71
N GLN A 63 14.27 -3.61 10.58
CA GLN A 63 13.78 -4.72 11.39
C GLN A 63 13.81 -4.35 12.87
N GLY A 64 15.01 -4.26 13.43
CA GLY A 64 15.17 -3.93 14.85
C GLY A 64 14.95 -5.15 15.73
N CYS A 65 16.05 -5.82 16.07
CA CYS A 65 15.98 -7.00 16.92
C CYS A 65 15.90 -6.61 18.38
N GLU A 66 14.98 -7.23 19.12
CA GLU A 66 14.81 -6.93 20.54
C GLU A 66 14.81 -8.22 21.36
N GLU A 67 15.15 -8.10 22.64
CA GLU A 67 15.19 -9.26 23.51
C GLU A 67 13.85 -9.98 23.52
N ASP A 68 13.89 -11.31 23.55
CA ASP A 68 12.66 -12.11 23.56
C ASP A 68 12.83 -13.33 24.46
N GLY A 69 12.03 -13.40 25.51
CA GLY A 69 12.09 -14.53 26.43
C GLY A 69 13.22 -14.33 27.43
N VAL A 70 13.71 -15.43 28.01
CA VAL A 70 14.80 -15.37 28.98
C VAL A 70 15.98 -16.20 28.51
N GLU A 71 17.16 -15.59 28.47
CA GLU A 71 18.37 -16.28 28.05
C GLU A 71 18.92 -17.14 29.17
N TYR A 72 18.88 -16.60 30.40
CA TYR A 72 19.38 -17.32 31.57
C TYR A 72 18.34 -17.35 32.67
N GLN A 73 18.32 -18.44 33.43
CA GLN A 73 17.36 -18.58 34.53
C GLN A 73 17.97 -19.38 35.66
N ARG A 74 17.36 -19.30 36.85
CA ARG A 74 17.85 -20.01 38.03
C ARG A 74 16.73 -20.81 38.67
N LYS A 75 17.08 -21.94 39.28
CA LYS A 75 16.09 -22.79 39.93
C LYS A 75 15.91 -22.39 41.39
N LEU A 76 14.68 -22.42 41.86
CA LEU A 76 14.38 -22.04 43.24
C LEU A 76 14.73 -23.19 44.18
N ARG A 77 14.85 -24.40 43.62
CA ARG A 77 15.19 -25.58 44.41
C ARG A 77 16.27 -26.39 43.72
N GLU A 78 17.35 -26.67 44.45
CA GLU A 78 18.46 -27.45 43.89
C GLU A 78 19.27 -28.09 44.99
N GLU A 79 19.17 -29.41 45.11
CA GLU A 79 19.92 -30.16 46.14
C GLU A 79 21.05 -30.96 45.50
N TRP A 80 21.96 -30.26 44.84
CA TRP A 80 23.10 -30.91 44.20
C TRP A 80 24.22 -29.92 43.93
N MET B 1 -9.65 -25.65 17.18
CA MET B 1 -9.54 -24.33 16.50
C MET B 1 -10.91 -23.91 15.99
N ASN B 2 -11.67 -23.22 16.83
CA ASN B 2 -13.01 -22.76 16.45
C ASN B 2 -13.22 -21.32 16.88
N SER B 3 -13.60 -20.47 15.93
CA SER B 3 -13.84 -19.06 16.22
C SER B 3 -12.52 -18.34 16.46
N LEU B 4 -11.52 -19.08 16.92
CA LEU B 4 -10.22 -18.50 17.20
C LEU B 4 -9.61 -17.91 15.92
N ALA B 5 -9.73 -18.66 14.82
CA ALA B 5 -9.19 -18.21 13.55
C ALA B 5 -9.92 -16.97 13.07
N GLY B 6 -9.18 -16.02 12.50
CA GLY B 6 -9.79 -14.78 12.00
C GLY B 6 -9.31 -14.48 10.59
N ILE B 7 -9.55 -15.43 9.67
CA ILE B 7 -9.14 -15.25 8.28
C ILE B 7 -10.35 -14.95 7.41
N ASP B 8 -10.46 -13.70 6.97
CA ASP B 8 -11.58 -13.28 6.12
C ASP B 8 -11.17 -12.13 5.21
N MET B 9 -10.58 -12.45 4.07
CA MET B 9 -10.14 -11.44 3.13
C MET B 9 -11.34 -10.83 2.41
N GLY B 10 -11.10 -9.74 1.68
CA GLY B 10 -12.17 -9.06 0.95
C GLY B 10 -11.90 -9.09 -0.55
N ARG B 11 -12.78 -8.43 -1.31
CA ARG B 11 -12.62 -8.38 -2.75
C ARG B 11 -13.01 -7.00 -3.28
N ILE B 12 -12.11 -6.40 -4.05
CA ILE B 12 -12.35 -5.07 -4.63
C ILE B 12 -11.94 -5.03 -6.09
N LEU B 13 -12.73 -4.37 -6.92
CA LEU B 13 -12.43 -4.27 -8.35
C LEU B 13 -11.77 -2.95 -8.65
N LEU B 14 -10.65 -3.01 -9.38
CA LEU B 14 -9.92 -1.81 -9.76
C LEU B 14 -9.76 -1.71 -11.27
N ASP B 15 -10.01 -0.53 -11.81
CA ASP B 15 -9.87 -0.31 -13.25
C ASP B 15 -8.50 0.26 -13.58
N LEU B 16 -7.73 -0.47 -14.39
CA LEU B 16 -6.40 -0.02 -14.79
C LEU B 16 -6.38 0.39 -16.25
N SER B 17 -5.18 0.62 -16.77
CA SER B 17 -5.03 1.01 -18.18
C SER B 17 -3.99 0.13 -18.87
N ASN B 18 -4.17 -0.08 -20.16
CA ASN B 18 -3.24 -0.90 -20.92
C ASN B 18 -1.82 -0.34 -20.81
N GLU B 19 -1.70 0.98 -20.82
CA GLU B 19 -0.40 1.61 -20.71
C GLU B 19 0.22 1.33 -19.34
N VAL B 20 -0.59 1.41 -18.30
CA VAL B 20 -0.11 1.16 -16.93
C VAL B 20 0.23 -0.32 -16.76
N ILE B 21 -0.65 -1.20 -17.24
CA ILE B 21 -0.42 -2.63 -17.13
C ILE B 21 0.95 -2.99 -17.70
N LYS B 22 1.34 -2.28 -18.75
CA LYS B 22 2.65 -2.52 -19.38
C LYS B 22 3.76 -2.14 -18.42
N GLN B 23 3.56 -1.05 -17.68
CA GLN B 23 4.56 -0.59 -16.73
C GLN B 23 4.72 -1.60 -15.60
N LEU B 24 3.60 -2.07 -15.06
CA LEU B 24 3.63 -3.05 -13.98
C LEU B 24 4.24 -4.36 -14.47
N ASP B 25 3.86 -4.78 -15.67
CA ASP B 25 4.38 -6.01 -16.24
C ASP B 25 5.90 -5.97 -16.30
N ASP B 26 6.44 -4.86 -16.80
CA ASP B 26 7.89 -4.71 -16.90
C ASP B 26 8.53 -4.78 -15.52
N LEU B 27 7.95 -4.06 -14.57
CA LEU B 27 8.47 -4.05 -13.21
C LEU B 27 8.33 -5.42 -12.56
N GLU B 28 7.26 -6.12 -12.92
CA GLU B 28 7.00 -7.43 -12.36
C GLU B 28 8.08 -8.42 -12.80
N VAL B 29 8.46 -8.34 -14.07
CA VAL B 29 9.45 -9.25 -14.61
C VAL B 29 10.86 -8.79 -14.23
N GLN B 30 11.04 -7.48 -14.16
CA GLN B 30 12.35 -6.93 -13.82
C GLN B 30 12.93 -7.67 -12.62
N ARG B 31 12.06 -8.04 -11.68
CA ARG B 31 12.51 -8.76 -10.49
C ARG B 31 12.12 -10.22 -10.58
N ASN B 32 10.92 -10.55 -10.11
CA ASN B 32 10.43 -11.93 -10.15
C ASN B 32 9.18 -12.07 -9.28
N LEU B 33 8.55 -10.94 -8.97
CA LEU B 33 7.36 -10.97 -8.11
C LEU B 33 6.11 -10.61 -8.90
N PRO B 34 4.97 -11.11 -8.50
CA PRO B 34 3.67 -10.81 -9.14
C PRO B 34 3.21 -9.39 -8.85
N ARG B 35 2.32 -8.88 -9.70
CA ARG B 35 1.79 -7.53 -9.52
C ARG B 35 0.98 -7.44 -8.22
N ALA B 36 0.13 -8.44 -8.01
CA ALA B 36 -0.71 -8.46 -6.81
C ALA B 36 0.11 -8.17 -5.57
N ASP B 37 1.31 -8.73 -5.53
CA ASP B 37 2.19 -8.51 -4.39
C ASP B 37 2.70 -7.08 -4.35
N LEU B 38 3.01 -6.53 -5.52
CA LEU B 38 3.51 -5.16 -5.60
C LEU B 38 2.41 -4.17 -5.24
N LEU B 39 1.18 -4.47 -5.68
CA LEU B 39 0.05 -3.60 -5.39
C LEU B 39 -0.18 -3.50 -3.89
N ARG B 40 -0.10 -4.65 -3.21
CA ARG B 40 -0.30 -4.69 -1.77
C ARG B 40 0.74 -3.81 -1.06
N GLU B 41 1.99 -3.88 -1.53
CA GLU B 41 3.05 -3.09 -0.93
C GLU B 41 2.80 -1.60 -1.14
N ALA B 42 2.28 -1.26 -2.31
CA ALA B 42 1.98 0.14 -2.63
C ALA B 42 0.96 0.70 -1.64
N VAL B 43 -0.06 -0.09 -1.33
CA VAL B 43 -1.10 0.35 -0.40
C VAL B 43 -0.51 0.50 1.00
N ASP B 44 0.16 -0.55 1.48
CA ASP B 44 0.76 -0.52 2.81
C ASP B 44 1.67 0.70 2.94
N GLN B 45 2.53 0.89 1.95
CA GLN B 45 3.44 2.04 1.95
C GLN B 45 2.66 3.34 1.98
N TYR B 46 1.56 3.39 1.21
CA TYR B 46 0.73 4.58 1.15
C TYR B 46 0.16 4.91 2.53
N LEU B 47 -0.29 3.89 3.24
CA LEU B 47 -0.86 4.07 4.57
C LEU B 47 0.16 4.71 5.51
N ILE B 48 1.40 4.26 5.42
CA ILE B 48 2.45 4.79 6.27
C ILE B 48 2.62 6.28 6.01
N ASN B 49 2.65 6.67 4.74
CA ASN B 49 2.81 8.07 4.39
C ASN B 49 1.64 8.88 4.90
N GLN B 50 0.45 8.28 4.87
CA GLN B 50 -0.75 8.94 5.38
C GLN B 50 -0.62 9.13 6.89
N SER B 51 0.58 9.45 7.35
CA SER B 51 0.84 9.64 8.77
C SER B 51 1.11 8.31 9.44
N GLN B 52 0.07 7.63 9.90
CA GLN B 52 0.22 6.34 10.54
C GLN B 52 -1.08 5.96 11.25
N THR B 53 -1.62 4.79 10.92
CA THR B 53 -2.84 4.31 11.58
C THR B 53 -2.50 3.29 12.67
N ALA B 54 -2.41 3.75 13.91
CA ALA B 54 -2.10 2.86 15.03
C ALA B 54 -3.10 3.07 16.17
N ARG B 55 -3.80 2.00 16.52
CA ARG B 55 -4.79 2.09 17.61
C ARG B 55 -4.20 1.56 18.90
N THR B 56 -2.94 1.90 19.16
CA THR B 56 -2.27 1.46 20.38
C THR B 56 -2.33 2.55 21.45
N SER B 57 -2.96 2.23 22.58
CA SER B 57 -3.07 3.18 23.68
C SER B 57 -3.35 2.46 24.98
N VAL B 58 -3.10 3.15 26.10
CA VAL B 58 -3.34 2.57 27.41
C VAL B 58 -3.89 3.61 28.37
N PRO B 59 -5.12 4.01 28.18
CA PRO B 59 -5.79 5.03 29.04
C PRO B 59 -5.82 4.61 30.51
N GLY B 60 -5.63 5.57 31.40
CA GLY B 60 -5.66 5.28 32.84
C GLY B 60 -4.63 6.13 33.58
N ILE B 61 -4.41 5.82 34.84
CA ILE B 61 -3.45 6.56 35.65
C ILE B 61 -2.03 6.13 35.33
N TRP B 62 -1.13 7.10 35.21
CA TRP B 62 0.27 6.81 34.89
C TRP B 62 0.85 5.83 35.91
N GLN B 63 0.56 6.07 37.19
CA GLN B 63 1.06 5.20 38.25
C GLN B 63 -0.01 4.16 38.62
N GLY B 64 -0.42 3.36 37.64
CA GLY B 64 -1.43 2.34 37.87
C GLY B 64 -1.03 1.44 39.03
N CYS B 65 -1.92 1.31 40.01
CA CYS B 65 -1.64 0.47 41.18
C CYS B 65 -2.48 -0.81 41.12
N GLU B 66 -3.22 -0.97 40.03
CA GLU B 66 -4.07 -2.15 39.87
C GLU B 66 -3.23 -3.42 39.97
N GLU B 67 -3.79 -4.44 40.63
CA GLU B 67 -3.08 -5.71 40.80
C GLU B 67 -3.12 -6.52 39.50
N ASP B 68 -2.24 -7.50 39.40
CA ASP B 68 -2.19 -8.35 38.21
C ASP B 68 -3.41 -9.26 38.15
N GLY B 69 -4.24 -9.07 37.14
CA GLY B 69 -5.45 -9.89 36.98
C GLY B 69 -6.55 -9.09 36.29
N VAL B 70 -6.23 -8.53 35.13
CA VAL B 70 -7.21 -7.75 34.38
C VAL B 70 -8.26 -8.65 33.76
N GLU B 71 -9.53 -8.28 33.91
CA GLU B 71 -10.63 -9.06 33.36
C GLU B 71 -11.81 -8.17 32.99
N TYR B 72 -12.96 -8.78 32.75
CA TYR B 72 -14.15 -8.03 32.38
C TYR B 72 -13.89 -7.18 31.14
N GLN B 73 -14.58 -7.51 30.06
CA GLN B 73 -14.41 -6.78 28.81
C GLN B 73 -14.89 -5.33 28.97
N ARG B 74 -14.00 -4.39 28.68
CA ARG B 74 -14.34 -2.97 28.78
C ARG B 74 -15.63 -2.67 28.02
N LYS B 75 -16.76 -2.89 28.66
CA LYS B 75 -18.05 -2.63 28.03
C LYS B 75 -19.10 -2.26 29.08
N LEU B 76 -19.48 -0.99 29.12
CA LEU B 76 -20.47 -0.53 30.07
C LEU B 76 -20.22 -1.13 31.45
N ARG B 77 -19.55 -0.37 32.32
CA ARG B 77 -19.25 -0.85 33.66
C ARG B 77 -20.54 -1.11 34.43
N GLU B 78 -21.50 -0.21 34.30
CA GLU B 78 -22.77 -0.35 34.99
C GLU B 78 -23.82 0.57 34.38
N GLU B 79 -23.38 1.72 33.89
CA GLU B 79 -24.29 2.69 33.28
C GLU B 79 -23.62 3.36 32.07
N TRP B 80 -24.43 3.99 31.24
CA TRP B 80 -23.92 4.67 30.05
C TRP B 80 -23.17 3.69 29.16
N MET A 1 -18.42 -7.20 -24.17
CA MET A 1 -17.84 -8.43 -24.79
C MET A 1 -18.42 -8.62 -26.19
N ASN A 2 -19.57 -9.29 -26.25
CA ASN A 2 -20.23 -9.54 -27.53
C ASN A 2 -20.69 -8.23 -28.14
N SER A 3 -21.20 -7.32 -27.30
CA SER A 3 -21.68 -6.03 -27.77
C SER A 3 -21.56 -4.98 -26.67
N LEU A 4 -21.57 -3.72 -27.07
CA LEU A 4 -21.46 -2.62 -26.11
C LEU A 4 -20.19 -2.76 -25.28
N ALA A 5 -19.97 -1.80 -24.38
CA ALA A 5 -18.78 -1.83 -23.53
C ALA A 5 -17.51 -1.78 -24.38
N GLY A 6 -17.22 -2.88 -25.06
CA GLY A 6 -16.03 -2.94 -25.90
C GLY A 6 -14.77 -2.93 -25.06
N ILE A 7 -13.88 -1.99 -25.34
CA ILE A 7 -12.63 -1.87 -24.59
C ILE A 7 -12.73 -0.77 -23.55
N ASP A 8 -12.75 -1.16 -22.28
CA ASP A 8 -12.84 -0.19 -21.19
C ASP A 8 -11.82 -0.50 -20.10
N MET A 9 -10.62 0.04 -20.25
CA MET A 9 -9.57 -0.18 -19.28
C MET A 9 -9.33 -1.67 -19.09
N GLY A 10 -8.54 -2.01 -18.07
CA GLY A 10 -8.24 -3.43 -17.77
C GLY A 10 -8.76 -3.81 -16.39
N ARG A 11 -9.51 -4.91 -16.34
CA ARG A 11 -10.07 -5.38 -15.08
C ARG A 11 -9.02 -6.12 -14.27
N ILE A 12 -9.02 -5.88 -12.96
CA ILE A 12 -8.07 -6.54 -12.08
C ILE A 12 -8.74 -6.96 -10.78
N LEU A 13 -8.16 -7.96 -10.12
CA LEU A 13 -8.71 -8.47 -8.87
C LEU A 13 -7.70 -8.31 -7.75
N LEU A 14 -8.11 -7.65 -6.67
CA LEU A 14 -7.23 -7.43 -5.53
C LEU A 14 -7.85 -8.03 -4.27
N ASP A 15 -7.06 -8.81 -3.53
CA ASP A 15 -7.54 -9.44 -2.30
C ASP A 15 -6.92 -8.79 -1.08
N LEU A 16 -7.75 -8.17 -0.24
CA LEU A 16 -7.27 -7.52 0.98
C LEU A 16 -8.11 -7.93 2.17
N SER A 17 -7.47 -8.06 3.33
CA SER A 17 -8.17 -8.44 4.54
C SER A 17 -9.34 -7.50 4.82
N ASN A 18 -9.79 -7.44 6.07
CA ASN A 18 -10.89 -6.57 6.44
C ASN A 18 -10.41 -5.43 7.32
N GLU A 19 -9.33 -5.67 8.06
CA GLU A 19 -8.77 -4.65 8.94
C GLU A 19 -8.19 -3.51 8.10
N VAL A 20 -7.72 -3.82 6.91
CA VAL A 20 -7.14 -2.81 6.02
C VAL A 20 -8.22 -1.85 5.54
N ILE A 21 -9.37 -2.40 5.15
CA ILE A 21 -10.47 -1.57 4.67
C ILE A 21 -10.81 -0.50 5.70
N LYS A 22 -10.71 -0.86 6.98
CA LYS A 22 -10.99 0.09 8.05
C LYS A 22 -9.94 1.20 8.05
N GLN A 23 -8.69 0.83 7.77
CA GLN A 23 -7.61 1.80 7.74
C GLN A 23 -7.82 2.79 6.61
N LEU A 24 -8.11 2.28 5.42
CA LEU A 24 -8.35 3.14 4.26
C LEU A 24 -9.53 4.06 4.51
N ASP A 25 -10.56 3.54 5.16
CA ASP A 25 -11.74 4.33 5.45
C ASP A 25 -11.37 5.59 6.22
N ASP A 26 -10.47 5.45 7.19
CA ASP A 26 -10.04 6.59 8.00
C ASP A 26 -9.39 7.65 7.11
N LEU A 27 -8.55 7.21 6.18
CA LEU A 27 -7.87 8.13 5.28
C LEU A 27 -8.83 8.62 4.20
N GLU A 28 -9.81 7.80 3.86
CA GLU A 28 -10.78 8.16 2.84
C GLU A 28 -11.79 9.15 3.38
N VAL A 29 -12.21 8.94 4.62
CA VAL A 29 -13.18 9.83 5.24
C VAL A 29 -12.63 11.25 5.35
N GLN A 30 -11.44 11.37 5.90
CA GLN A 30 -10.81 12.67 6.06
C GLN A 30 -10.66 13.35 4.71
N ARG A 31 -10.21 12.60 3.71
CA ARG A 31 -10.04 13.13 2.37
C ARG A 31 -11.38 13.35 1.69
N ASN A 32 -12.34 12.47 2.00
CA ASN A 32 -13.67 12.58 1.41
C ASN A 32 -13.60 12.39 -0.10
N LEU A 33 -12.98 11.30 -0.53
CA LEU A 33 -12.85 11.02 -1.96
C LEU A 33 -13.05 9.53 -2.23
N PRO A 34 -13.47 9.19 -3.42
CA PRO A 34 -13.72 7.78 -3.82
C PRO A 34 -12.46 6.92 -3.68
N ARG A 35 -12.65 5.66 -3.31
CA ARG A 35 -11.53 4.75 -3.14
C ARG A 35 -10.76 4.58 -4.44
N ALA A 36 -11.49 4.34 -5.53
CA ALA A 36 -10.85 4.15 -6.83
C ALA A 36 -9.80 5.24 -7.08
N ASP A 37 -10.15 6.47 -6.72
CA ASP A 37 -9.22 7.58 -6.90
C ASP A 37 -7.99 7.41 -6.01
N LEU A 38 -8.20 6.91 -4.80
CA LEU A 38 -7.10 6.69 -3.87
C LEU A 38 -6.18 5.59 -4.39
N LEU A 39 -6.77 4.54 -4.93
CA LEU A 39 -5.99 3.42 -5.45
C LEU A 39 -5.09 3.86 -6.59
N ARG A 40 -5.66 4.59 -7.54
CA ARG A 40 -4.89 5.08 -8.68
C ARG A 40 -3.75 5.98 -8.21
N GLU A 41 -4.04 6.85 -7.24
CA GLU A 41 -3.03 7.75 -6.71
C GLU A 41 -1.98 6.98 -5.93
N ALA A 42 -2.41 5.96 -5.20
CA ALA A 42 -1.50 5.15 -4.40
C ALA A 42 -0.50 4.44 -5.32
N VAL A 43 -1.01 3.85 -6.40
CA VAL A 43 -0.15 3.14 -7.33
C VAL A 43 0.80 4.10 -8.05
N ASP A 44 0.24 5.15 -8.64
CA ASP A 44 1.05 6.14 -9.35
C ASP A 44 2.18 6.61 -8.46
N GLN A 45 1.86 6.91 -7.20
CA GLN A 45 2.87 7.36 -6.25
C GLN A 45 3.99 6.35 -6.14
N TYR A 46 3.63 5.07 -6.13
CA TYR A 46 4.62 3.99 -6.03
C TYR A 46 5.54 4.01 -7.25
N LEU A 47 4.95 4.19 -8.41
CA LEU A 47 5.73 4.23 -9.65
C LEU A 47 6.75 5.35 -9.61
N ILE A 48 6.34 6.49 -9.06
CA ILE A 48 7.24 7.63 -8.98
C ILE A 48 8.47 7.29 -8.17
N ASN A 49 8.25 6.63 -7.03
CA ASN A 49 9.36 6.24 -6.16
C ASN A 49 10.29 5.28 -6.90
N GLN A 50 9.70 4.36 -7.67
CA GLN A 50 10.50 3.40 -8.42
C GLN A 50 11.39 4.11 -9.43
N SER A 51 10.83 5.12 -10.11
CA SER A 51 11.58 5.87 -11.11
C SER A 51 12.92 6.31 -10.53
N GLN A 52 12.91 6.72 -9.26
CA GLN A 52 14.13 7.17 -8.61
C GLN A 52 15.25 6.14 -8.79
N THR A 53 16.49 6.59 -8.61
CA THR A 53 17.63 5.70 -8.77
C THR A 53 17.72 4.72 -7.61
N ALA A 54 16.61 4.56 -6.90
CA ALA A 54 16.56 3.65 -5.76
C ALA A 54 17.60 4.04 -4.72
N ARG A 55 17.28 3.80 -3.46
CA ARG A 55 18.20 4.13 -2.37
C ARG A 55 18.12 3.07 -1.27
N THR A 56 16.94 2.86 -0.73
CA THR A 56 16.75 1.88 0.33
C THR A 56 17.06 0.47 -0.18
N SER A 57 16.54 0.16 -1.37
CA SER A 57 16.78 -1.14 -1.96
C SER A 57 15.98 -2.20 -1.24
N VAL A 58 15.55 -1.91 -0.02
CA VAL A 58 14.77 -2.83 0.77
C VAL A 58 15.34 -4.26 0.69
N PRO A 59 15.15 -5.05 1.69
CA PRO A 59 15.65 -6.45 1.69
C PRO A 59 15.25 -7.21 0.41
N GLY A 60 16.19 -8.01 -0.11
CA GLY A 60 15.93 -8.77 -1.32
C GLY A 60 16.97 -9.87 -1.49
N ILE A 61 16.52 -11.12 -1.43
CA ILE A 61 17.42 -12.25 -1.59
C ILE A 61 16.77 -13.35 -2.42
N TRP A 62 17.51 -13.88 -3.38
CA TRP A 62 16.98 -14.94 -4.25
C TRP A 62 17.23 -16.31 -3.62
N GLN A 63 16.14 -17.03 -3.34
CA GLN A 63 16.25 -18.36 -2.74
C GLN A 63 15.05 -19.22 -3.14
N GLY A 64 15.34 -20.39 -3.70
CA GLY A 64 14.29 -21.30 -4.12
C GLY A 64 14.86 -22.52 -4.83
N CYS A 65 14.02 -23.53 -5.03
CA CYS A 65 14.46 -24.75 -5.70
C CYS A 65 13.28 -25.66 -5.99
N GLU A 66 13.49 -26.64 -6.86
CA GLU A 66 12.42 -27.57 -7.22
C GLU A 66 11.15 -26.81 -7.59
N GLU A 67 11.14 -26.25 -8.79
CA GLU A 67 9.97 -25.49 -9.25
C GLU A 67 8.75 -26.40 -9.33
N ASP A 68 8.45 -26.88 -10.53
CA ASP A 68 7.30 -27.77 -10.72
C ASP A 68 7.36 -28.43 -12.09
N GLY A 69 6.66 -29.56 -12.21
CA GLY A 69 6.64 -30.29 -13.49
C GLY A 69 5.47 -29.85 -14.35
N VAL A 70 5.75 -29.04 -15.37
CA VAL A 70 4.71 -28.57 -16.26
C VAL A 70 4.14 -29.72 -17.08
N GLU A 71 4.96 -30.74 -17.33
CA GLU A 71 4.52 -31.90 -18.10
C GLU A 71 3.38 -32.62 -17.38
N TYR A 72 3.46 -32.66 -16.05
CA TYR A 72 2.44 -33.34 -15.25
C TYR A 72 2.03 -34.65 -15.91
N GLN A 73 2.78 -35.70 -15.60
CA GLN A 73 2.50 -37.02 -16.17
C GLN A 73 1.23 -37.60 -15.55
N ARG A 74 0.41 -38.24 -16.39
CA ARG A 74 -0.83 -38.84 -15.91
C ARG A 74 -0.58 -40.24 -15.36
N LYS A 75 0.24 -40.33 -14.32
CA LYS A 75 0.56 -41.61 -13.72
C LYS A 75 -0.68 -42.25 -13.11
N LEU A 76 -1.50 -41.43 -12.46
CA LEU A 76 -2.72 -41.93 -11.83
C LEU A 76 -3.69 -42.47 -12.89
N ARG A 77 -4.61 -41.62 -13.33
CA ARG A 77 -5.58 -42.02 -14.35
C ARG A 77 -4.93 -42.08 -15.71
N GLU A 78 -5.18 -43.17 -16.45
CA GLU A 78 -4.61 -43.34 -17.77
C GLU A 78 -5.43 -44.34 -18.58
N GLU A 79 -5.21 -44.37 -19.88
CA GLU A 79 -5.94 -45.29 -20.76
C GLU A 79 -5.01 -45.89 -21.80
N TRP A 80 -4.33 -45.03 -22.55
CA TRP A 80 -3.41 -45.49 -23.58
C TRP A 80 -2.56 -44.33 -24.10
N MET B 1 -5.30 -12.08 17.94
CA MET B 1 -4.33 -11.01 17.57
C MET B 1 -3.04 -11.65 17.05
N ASN B 2 -2.43 -11.03 16.05
CA ASN B 2 -1.19 -11.55 15.48
C ASN B 2 -1.40 -12.99 15.00
N SER B 3 -2.60 -13.28 14.52
CA SER B 3 -2.92 -14.63 14.03
C SER B 3 -2.22 -14.88 12.70
N LEU B 4 -1.59 -13.86 12.15
CA LEU B 4 -0.88 -13.99 10.88
C LEU B 4 -1.84 -14.44 9.78
N ALA B 5 -1.59 -13.99 8.56
CA ALA B 5 -2.43 -14.36 7.43
C ALA B 5 -3.87 -13.90 7.66
N GLY B 6 -4.45 -13.26 6.66
CA GLY B 6 -5.82 -12.77 6.76
C GLY B 6 -6.81 -13.90 6.51
N ILE B 7 -7.93 -13.88 7.25
CA ILE B 7 -8.96 -14.92 7.11
C ILE B 7 -10.16 -14.36 6.37
N ASP B 8 -10.54 -15.03 5.29
CA ASP B 8 -11.68 -14.61 4.49
C ASP B 8 -11.51 -13.16 4.05
N MET B 9 -10.63 -12.92 3.09
CA MET B 9 -10.39 -11.57 2.59
C MET B 9 -11.70 -10.90 2.26
N GLY B 10 -11.63 -9.64 1.82
CA GLY B 10 -12.83 -8.88 1.49
C GLY B 10 -13.04 -8.83 -0.01
N ARG B 11 -12.01 -9.20 -0.77
CA ARG B 11 -12.08 -9.18 -2.23
C ARG B 11 -12.47 -7.79 -2.73
N ILE B 12 -11.67 -7.25 -3.63
CA ILE B 12 -11.95 -5.92 -4.18
C ILE B 12 -11.63 -5.88 -5.67
N LEU B 13 -12.45 -5.17 -6.43
CA LEU B 13 -12.24 -5.06 -7.87
C LEU B 13 -11.51 -3.77 -8.20
N LEU B 14 -10.52 -3.87 -9.10
CA LEU B 14 -9.74 -2.70 -9.49
C LEU B 14 -9.62 -2.64 -11.01
N ASP B 15 -9.75 -1.44 -11.57
CA ASP B 15 -9.65 -1.25 -13.01
C ASP B 15 -8.57 -0.22 -13.34
N LEU B 16 -7.59 -0.64 -14.14
CA LEU B 16 -6.49 0.24 -14.54
C LEU B 16 -6.36 0.30 -16.05
N SER B 17 -5.83 1.40 -16.55
CA SER B 17 -5.64 1.58 -17.99
C SER B 17 -4.63 0.57 -18.52
N ASN B 18 -4.69 0.31 -19.82
CA ASN B 18 -3.78 -0.65 -20.45
C ASN B 18 -2.33 -0.16 -20.31
N GLU B 19 -2.13 1.13 -20.46
CA GLU B 19 -0.79 1.71 -20.35
C GLU B 19 -0.19 1.40 -19.00
N VAL B 20 -1.02 1.42 -17.96
CA VAL B 20 -0.55 1.15 -16.60
C VAL B 20 -0.07 -0.29 -16.48
N ILE B 21 -0.82 -1.23 -17.08
CA ILE B 21 -0.46 -2.63 -17.03
C ILE B 21 0.97 -2.82 -17.53
N LYS B 22 1.35 -2.03 -18.53
CA LYS B 22 2.71 -2.12 -19.09
C LYS B 22 3.74 -1.71 -18.03
N GLN B 23 3.48 -0.59 -17.35
CA GLN B 23 4.37 -0.13 -16.31
C GLN B 23 4.50 -1.18 -15.21
N LEU B 24 3.36 -1.69 -14.75
CA LEU B 24 3.35 -2.70 -13.71
C LEU B 24 4.06 -3.97 -14.19
N ASP B 25 3.83 -4.32 -15.45
CA ASP B 25 4.46 -5.51 -16.02
C ASP B 25 5.97 -5.43 -15.88
N ASP B 26 6.53 -4.26 -16.19
CA ASP B 26 7.98 -4.07 -16.10
C ASP B 26 8.45 -4.31 -14.67
N LEU B 27 7.69 -3.80 -13.70
CA LEU B 27 8.05 -3.97 -12.30
C LEU B 27 7.81 -5.41 -11.86
N GLU B 28 6.81 -6.04 -12.44
CA GLU B 28 6.49 -7.42 -12.09
C GLU B 28 7.55 -8.37 -12.61
N VAL B 29 8.03 -8.12 -13.83
CA VAL B 29 9.05 -8.97 -14.43
C VAL B 29 10.37 -8.87 -13.67
N GLN B 30 10.82 -7.64 -13.46
CA GLN B 30 12.08 -7.43 -12.74
C GLN B 30 12.05 -8.11 -11.39
N ARG B 31 10.94 -7.97 -10.68
CA ARG B 31 10.81 -8.58 -9.36
C ARG B 31 10.50 -10.07 -9.48
N ASN B 32 10.03 -10.49 -10.65
CA ASN B 32 9.71 -11.88 -10.87
C ASN B 32 8.71 -12.38 -9.83
N LEU B 33 7.79 -11.50 -9.45
CA LEU B 33 6.78 -11.87 -8.46
C LEU B 33 5.39 -11.46 -8.94
N PRO B 34 4.37 -12.05 -8.39
CA PRO B 34 2.96 -11.72 -8.75
C PRO B 34 2.61 -10.26 -8.49
N ARG B 35 1.84 -9.68 -9.40
CA ARG B 35 1.44 -8.27 -9.27
C ARG B 35 0.66 -8.07 -7.97
N ALA B 36 -0.25 -8.98 -7.68
CA ALA B 36 -1.06 -8.87 -6.47
C ALA B 36 -0.19 -8.56 -5.26
N ASP B 37 0.99 -9.19 -5.22
CA ASP B 37 1.91 -8.95 -4.11
C ASP B 37 2.44 -7.51 -4.15
N LEU B 38 2.72 -7.01 -5.34
CA LEU B 38 3.22 -5.65 -5.50
C LEU B 38 2.18 -4.64 -5.03
N LEU B 39 0.92 -4.89 -5.36
CA LEU B 39 -0.16 -3.99 -4.99
C LEU B 39 -0.26 -3.89 -3.48
N ARG B 40 -0.19 -5.03 -2.81
CA ARG B 40 -0.27 -5.06 -1.34
C ARG B 40 0.83 -4.19 -0.74
N GLU B 41 2.04 -4.32 -1.27
CA GLU B 41 3.17 -3.53 -0.79
C GLU B 41 2.94 -2.06 -1.07
N ALA B 42 2.41 -1.75 -2.25
CA ALA B 42 2.15 -0.37 -2.63
C ALA B 42 1.22 0.30 -1.62
N VAL B 43 0.13 -0.37 -1.30
CA VAL B 43 -0.84 0.17 -0.34
C VAL B 43 -0.18 0.33 1.03
N ASP B 44 0.39 -0.76 1.54
CA ASP B 44 1.04 -0.73 2.84
C ASP B 44 2.01 0.44 2.91
N GLN B 45 2.86 0.56 1.89
CA GLN B 45 3.83 1.65 1.84
C GLN B 45 3.12 3.00 1.87
N TYR B 46 2.04 3.10 1.12
CA TYR B 46 1.27 4.34 1.06
C TYR B 46 0.70 4.68 2.43
N LEU B 47 0.12 3.67 3.09
CA LEU B 47 -0.47 3.88 4.40
C LEU B 47 0.58 4.31 5.41
N ILE B 48 1.75 3.69 5.36
CA ILE B 48 2.82 4.01 6.28
C ILE B 48 3.25 5.48 6.11
N ASN B 49 3.40 5.90 4.86
CA ASN B 49 3.81 7.27 4.58
C ASN B 49 2.72 8.25 5.04
N GLN B 50 1.46 7.90 4.76
CA GLN B 50 0.34 8.75 5.17
C GLN B 50 0.20 8.78 6.68
N SER B 51 0.32 7.62 7.30
CA SER B 51 0.21 7.52 8.75
C SER B 51 1.40 8.17 9.44
N GLN B 52 2.54 7.48 9.39
CA GLN B 52 3.76 8.01 10.01
C GLN B 52 4.42 9.03 9.10
N THR B 53 4.52 10.26 9.58
CA THR B 53 5.14 11.34 8.80
C THR B 53 6.64 11.41 9.08
N ALA B 54 7.06 10.78 10.16
CA ALA B 54 8.48 10.77 10.54
C ALA B 54 8.79 9.56 11.41
N ARG B 55 10.09 9.34 11.65
CA ARG B 55 10.53 8.21 12.47
C ARG B 55 10.06 6.90 11.85
N THR B 56 10.74 6.49 10.78
CA THR B 56 10.39 5.25 10.09
C THR B 56 11.09 4.07 10.75
N SER B 57 10.61 2.86 10.45
CA SER B 57 11.20 1.65 11.01
C SER B 57 11.05 0.49 10.05
N VAL B 58 12.03 -0.42 10.06
CA VAL B 58 11.99 -1.57 9.18
C VAL B 58 12.56 -2.81 9.89
N PRO B 59 12.09 -3.97 9.54
CA PRO B 59 12.56 -5.25 10.15
C PRO B 59 14.01 -5.56 9.78
N GLY B 60 14.69 -6.31 10.64
CA GLY B 60 16.07 -6.68 10.39
C GLY B 60 16.39 -8.05 10.99
N ILE B 61 16.48 -8.11 12.31
CA ILE B 61 16.78 -9.37 12.98
C ILE B 61 15.65 -10.37 12.76
N TRP B 62 14.41 -9.91 12.89
CA TRP B 62 13.26 -10.78 12.71
C TRP B 62 12.77 -10.73 11.27
N GLN B 63 12.65 -11.90 10.64
CA GLN B 63 12.18 -11.97 9.26
C GLN B 63 11.34 -13.22 9.05
N GLY B 64 10.46 -13.17 8.05
CA GLY B 64 9.60 -14.31 7.75
C GLY B 64 10.26 -15.24 6.75
N CYS B 65 9.63 -16.38 6.50
CA CYS B 65 10.17 -17.37 5.56
C CYS B 65 9.06 -17.93 4.68
N GLU B 66 9.44 -18.35 3.47
CA GLU B 66 8.47 -18.90 2.54
C GLU B 66 7.31 -17.93 2.32
N GLU B 67 7.61 -16.63 2.41
CA GLU B 67 6.59 -15.62 2.22
C GLU B 67 6.04 -15.64 0.81
N ASP B 68 6.93 -15.86 -0.15
CA ASP B 68 6.53 -15.91 -1.57
C ASP B 68 7.23 -17.06 -2.27
N GLY B 69 6.55 -18.20 -2.34
CA GLY B 69 7.12 -19.38 -3.00
C GLY B 69 6.80 -19.38 -4.48
N VAL B 70 6.04 -18.39 -4.93
CA VAL B 70 5.66 -18.28 -6.33
C VAL B 70 6.80 -17.68 -7.14
N GLU B 71 7.12 -18.31 -8.26
CA GLU B 71 8.20 -17.82 -9.12
C GLU B 71 7.94 -18.21 -10.58
N TYR B 72 7.21 -17.36 -11.29
CA TYR B 72 6.90 -17.62 -12.69
C TYR B 72 8.13 -17.46 -13.56
N GLN B 73 8.39 -18.46 -14.40
CA GLN B 73 9.54 -18.41 -15.29
C GLN B 73 9.35 -19.36 -16.46
N ARG B 74 9.94 -19.02 -17.60
CA ARG B 74 9.82 -19.86 -18.81
C ARG B 74 11.19 -20.46 -19.16
N LYS B 75 11.19 -21.75 -19.48
CA LYS B 75 12.42 -22.43 -19.83
C LYS B 75 12.77 -22.18 -21.29
N LEU B 76 13.57 -21.15 -21.54
CA LEU B 76 13.98 -20.82 -22.91
C LEU B 76 15.48 -20.62 -22.98
N ARG B 77 16.14 -21.38 -23.85
CA ARG B 77 17.59 -21.27 -24.00
C ARG B 77 18.27 -21.12 -22.65
N GLU B 78 18.63 -22.24 -22.04
CA GLU B 78 19.28 -22.21 -20.75
C GLU B 78 20.59 -21.44 -20.81
N GLU B 79 21.53 -21.93 -21.62
CA GLU B 79 22.81 -21.26 -21.78
C GLU B 79 23.64 -21.94 -22.87
N TRP B 80 23.89 -23.24 -22.69
CA TRP B 80 24.67 -23.99 -23.67
C TRP B 80 25.93 -23.22 -24.06
N MET A 1 -22.48 10.17 -7.05
CA MET A 1 -23.22 9.62 -8.21
C MET A 1 -22.54 10.06 -9.50
N ASN A 2 -21.82 9.14 -10.13
CA ASN A 2 -21.12 9.44 -11.37
C ASN A 2 -21.07 8.22 -12.27
N SER A 3 -21.48 8.38 -13.53
CA SER A 3 -21.47 7.27 -14.47
C SER A 3 -20.04 6.78 -14.70
N LEU A 4 -19.11 7.72 -14.86
CA LEU A 4 -17.72 7.37 -15.09
C LEU A 4 -17.59 6.39 -16.24
N ALA A 5 -17.63 6.92 -17.46
CA ALA A 5 -17.50 6.08 -18.65
C ALA A 5 -16.06 5.64 -18.84
N GLY A 6 -15.87 4.39 -19.26
CA GLY A 6 -14.54 3.86 -19.48
C GLY A 6 -14.52 2.34 -19.33
N ILE A 7 -15.25 1.65 -20.20
CA ILE A 7 -15.31 0.19 -20.14
C ILE A 7 -14.23 -0.42 -21.03
N ASP A 8 -13.37 0.43 -21.57
CA ASP A 8 -12.28 -0.04 -22.43
C ASP A 8 -11.00 -0.25 -21.64
N MET A 9 -11.11 -0.17 -20.32
CA MET A 9 -9.96 -0.34 -19.45
C MET A 9 -9.57 -1.81 -19.36
N GLY A 10 -8.61 -2.12 -18.49
CA GLY A 10 -8.15 -3.49 -18.32
C GLY A 10 -8.93 -4.23 -17.24
N ARG A 11 -9.45 -3.46 -16.29
CA ARG A 11 -10.21 -4.03 -15.19
C ARG A 11 -9.36 -5.07 -14.45
N ILE A 12 -9.24 -4.90 -13.14
CA ILE A 12 -8.44 -5.82 -12.33
C ILE A 12 -9.08 -6.03 -10.97
N LEU A 13 -8.92 -7.24 -10.42
CA LEU A 13 -9.48 -7.56 -9.11
C LEU A 13 -8.42 -7.39 -8.03
N LEU A 14 -8.80 -6.73 -6.94
CA LEU A 14 -7.87 -6.51 -5.84
C LEU A 14 -8.34 -7.26 -4.59
N ASP A 15 -7.47 -8.13 -4.08
CA ASP A 15 -7.79 -8.90 -2.88
C ASP A 15 -7.08 -8.33 -1.66
N LEU A 16 -7.85 -7.74 -0.76
CA LEU A 16 -7.28 -7.16 0.46
C LEU A 16 -7.43 -8.11 1.63
N SER A 17 -7.11 -7.64 2.83
CA SER A 17 -7.20 -8.46 4.03
C SER A 17 -8.41 -8.06 4.85
N ASN A 18 -9.21 -7.13 4.34
CA ASN A 18 -10.39 -6.65 5.05
C ASN A 18 -9.99 -5.68 6.17
N GLU A 19 -8.91 -6.01 6.87
CA GLU A 19 -8.43 -5.16 7.95
C GLU A 19 -7.84 -3.88 7.37
N VAL A 20 -7.39 -3.95 6.12
CA VAL A 20 -6.81 -2.78 5.46
C VAL A 20 -7.91 -1.82 5.02
N ILE A 21 -9.07 -2.37 4.67
CA ILE A 21 -10.20 -1.55 4.23
C ILE A 21 -10.56 -0.55 5.32
N LYS A 22 -10.57 -1.00 6.56
CA LYS A 22 -10.89 -0.12 7.69
C LYS A 22 -9.81 0.96 7.82
N GLN A 23 -8.56 0.59 7.53
CA GLN A 23 -7.46 1.55 7.60
C GLN A 23 -7.64 2.62 6.53
N LEU A 24 -7.91 2.20 5.30
CA LEU A 24 -8.11 3.12 4.20
C LEU A 24 -9.36 3.97 4.44
N ASP A 25 -10.35 3.38 5.11
CA ASP A 25 -11.59 4.09 5.39
C ASP A 25 -11.31 5.33 6.22
N ASP A 26 -10.41 5.21 7.19
CA ASP A 26 -10.06 6.34 8.03
C ASP A 26 -9.41 7.45 7.21
N LEU A 27 -8.59 7.06 6.24
CA LEU A 27 -7.91 8.02 5.39
C LEU A 27 -8.88 8.58 4.35
N GLU A 28 -9.86 7.79 3.97
CA GLU A 28 -10.84 8.21 2.97
C GLU A 28 -11.69 9.35 3.50
N VAL A 29 -12.06 9.28 4.78
CA VAL A 29 -12.87 10.32 5.39
C VAL A 29 -12.12 11.65 5.43
N GLN A 30 -10.89 11.62 5.92
CA GLN A 30 -10.08 12.82 6.01
C GLN A 30 -9.92 13.46 4.63
N ARG A 31 -9.65 12.64 3.62
CA ARG A 31 -9.47 13.15 2.27
C ARG A 31 -10.82 13.47 1.63
N ASN A 32 -11.87 12.85 2.15
CA ASN A 32 -13.22 13.10 1.64
C ASN A 32 -13.27 12.80 0.14
N LEU A 33 -12.62 11.70 -0.27
CA LEU A 33 -12.61 11.32 -1.67
C LEU A 33 -12.78 9.82 -1.82
N PRO A 34 -13.31 9.38 -2.94
CA PRO A 34 -13.54 7.94 -3.21
C PRO A 34 -12.27 7.11 -3.10
N ARG A 35 -12.40 5.91 -2.57
CA ARG A 35 -11.24 5.03 -2.40
C ARG A 35 -10.57 4.76 -3.74
N ALA A 36 -11.37 4.41 -4.74
CA ALA A 36 -10.83 4.13 -6.07
C ALA A 36 -9.83 5.19 -6.48
N ASP A 37 -10.15 6.45 -6.21
CA ASP A 37 -9.26 7.54 -6.55
C ASP A 37 -7.96 7.46 -5.74
N LEU A 38 -8.07 7.05 -4.49
CA LEU A 38 -6.90 6.91 -3.63
C LEU A 38 -6.00 5.79 -4.12
N LEU A 39 -6.61 4.69 -4.56
CA LEU A 39 -5.85 3.55 -5.04
C LEU A 39 -5.02 3.94 -6.26
N ARG A 40 -5.67 4.62 -7.21
CA ARG A 40 -4.98 5.04 -8.43
C ARG A 40 -3.77 5.92 -8.08
N GLU A 41 -3.97 6.83 -7.14
CA GLU A 41 -2.89 7.73 -6.73
C GLU A 41 -1.79 6.94 -6.01
N ALA A 42 -2.20 6.01 -5.15
CA ALA A 42 -1.23 5.20 -4.41
C ALA A 42 -0.31 4.45 -5.36
N VAL A 43 -0.90 3.79 -6.36
CA VAL A 43 -0.11 3.05 -7.34
C VAL A 43 0.71 4.02 -8.18
N ASP A 44 0.05 5.01 -8.77
CA ASP A 44 0.74 5.99 -9.60
C ASP A 44 1.91 6.58 -8.83
N GLN A 45 1.65 7.01 -7.61
CA GLN A 45 2.71 7.59 -6.78
C GLN A 45 3.78 6.55 -6.48
N TYR A 46 3.36 5.31 -6.25
CA TYR A 46 4.30 4.24 -5.96
C TYR A 46 5.29 4.07 -7.10
N LEU A 47 4.79 4.17 -8.32
CA LEU A 47 5.63 4.02 -9.50
C LEU A 47 6.73 5.07 -9.51
N ILE A 48 6.38 6.30 -9.17
CA ILE A 48 7.34 7.40 -9.14
C ILE A 48 8.41 7.13 -8.09
N ASN A 49 7.98 6.75 -6.89
CA ASN A 49 8.91 6.47 -5.81
C ASN A 49 9.78 5.26 -6.15
N GLN A 50 9.18 4.24 -6.78
CA GLN A 50 9.90 3.05 -7.15
C GLN A 50 11.08 3.39 -8.05
N SER A 51 10.85 4.29 -8.99
CA SER A 51 11.91 4.70 -9.92
C SER A 51 13.04 5.36 -9.16
N GLN A 52 12.70 6.23 -8.23
CA GLN A 52 13.71 6.94 -7.44
C GLN A 52 14.43 5.97 -6.52
N THR A 53 13.69 5.03 -5.94
CA THR A 53 14.28 4.05 -5.03
C THR A 53 15.12 4.76 -3.98
N ALA A 54 14.48 5.20 -2.90
CA ALA A 54 15.20 5.88 -1.82
C ALA A 54 15.61 4.89 -0.73
N ARG A 55 15.18 3.63 -0.89
CA ARG A 55 15.51 2.60 0.08
C ARG A 55 15.11 3.02 1.48
N THR A 56 13.80 3.02 1.75
CA THR A 56 13.29 3.40 3.07
C THR A 56 12.54 2.23 3.70
N SER A 57 13.00 1.80 4.87
CA SER A 57 12.35 0.70 5.57
C SER A 57 12.76 0.69 7.04
N VAL A 58 13.01 1.87 7.59
CA VAL A 58 13.40 1.99 8.98
C VAL A 58 12.18 1.82 9.90
N PRO A 59 12.40 1.32 11.09
CA PRO A 59 11.30 1.12 12.08
C PRO A 59 10.72 2.44 12.57
N GLY A 60 9.45 2.40 12.97
CA GLY A 60 8.79 3.60 13.47
C GLY A 60 7.91 3.28 14.68
N ILE A 61 8.31 2.25 15.42
CA ILE A 61 7.54 1.85 16.61
C ILE A 61 8.41 1.95 17.86
N TRP A 62 7.83 2.51 18.92
CA TRP A 62 8.56 2.67 20.18
C TRP A 62 8.00 1.73 21.26
N GLN A 63 8.84 1.32 22.19
CA GLN A 63 8.42 0.43 23.26
C GLN A 63 7.26 1.05 24.03
N GLY A 64 6.23 0.26 24.29
CA GLY A 64 5.07 0.74 25.02
C GLY A 64 5.46 1.24 26.40
N CYS A 65 6.33 0.48 27.07
CA CYS A 65 6.79 0.86 28.41
C CYS A 65 5.62 1.30 29.27
N GLU A 66 5.92 1.72 30.50
CA GLU A 66 4.88 2.17 31.41
C GLU A 66 5.42 3.26 32.33
N GLU A 67 4.51 4.06 32.91
CA GLU A 67 4.90 5.13 33.81
C GLU A 67 3.97 5.20 35.00
N ASP A 68 4.54 5.38 36.19
CA ASP A 68 3.75 5.45 37.41
C ASP A 68 3.29 6.88 37.67
N GLY A 69 2.55 7.07 38.75
CA GLY A 69 2.04 8.40 39.11
C GLY A 69 1.64 8.45 40.57
N VAL A 70 0.77 9.41 40.91
CA VAL A 70 0.32 9.57 42.28
C VAL A 70 -0.65 8.46 42.65
N GLU A 71 -0.44 7.86 43.83
CA GLU A 71 -1.31 6.79 44.30
C GLU A 71 -1.53 6.89 45.80
N TYR A 72 -0.47 6.72 46.57
CA TYR A 72 -0.55 6.81 48.03
C TYR A 72 -0.40 8.25 48.49
N GLN A 73 -1.32 8.69 49.34
CA GLN A 73 -1.28 10.06 49.86
C GLN A 73 -0.56 10.10 51.20
N ARG A 74 0.16 11.20 51.45
CA ARG A 74 0.89 11.34 52.71
C ARG A 74 -0.04 11.17 53.90
N LYS A 75 -0.89 12.17 54.12
CA LYS A 75 -1.83 12.13 55.24
C LYS A 75 -2.83 13.28 55.14
N LEU A 76 -4.04 12.96 54.69
CA LEU A 76 -5.09 13.97 54.57
C LEU A 76 -5.45 14.54 55.94
N ARG A 77 -5.44 13.66 56.94
CA ARG A 77 -5.80 14.08 58.30
C ARG A 77 -4.85 15.18 58.77
N GLU A 78 -5.43 16.25 59.33
CA GLU A 78 -4.62 17.37 59.82
C GLU A 78 -4.17 17.12 61.25
N GLU A 79 -2.93 17.51 61.55
CA GLU A 79 -2.38 17.32 62.89
C GLU A 79 -2.86 18.42 63.82
N TRP A 80 -3.95 18.16 64.54
CA TRP A 80 -4.51 19.13 65.46
C TRP A 80 -3.82 19.04 66.83
N MET B 1 5.15 -14.45 9.70
CA MET B 1 4.26 -15.65 9.81
C MET B 1 2.83 -15.26 9.44
N ASN B 2 2.45 -15.55 8.20
CA ASN B 2 1.10 -15.23 7.74
C ASN B 2 0.10 -16.27 8.21
N SER B 3 -0.87 -15.83 9.00
CA SER B 3 -1.89 -16.74 9.52
C SER B 3 -2.93 -17.05 8.45
N LEU B 4 -2.79 -16.41 7.29
CA LEU B 4 -3.72 -16.63 6.20
C LEU B 4 -3.77 -18.10 5.82
N ALA B 5 -4.80 -18.79 6.30
CA ALA B 5 -4.96 -20.22 6.00
C ALA B 5 -5.88 -20.41 4.80
N GLY B 6 -7.18 -20.19 5.00
CA GLY B 6 -8.15 -20.35 3.94
C GLY B 6 -8.40 -19.03 3.22
N ILE B 7 -9.66 -18.62 3.14
CA ILE B 7 -10.01 -17.37 2.50
C ILE B 7 -10.41 -16.33 3.54
N ASP B 8 -9.58 -15.30 3.69
CA ASP B 8 -9.87 -14.23 4.63
C ASP B 8 -9.71 -12.87 3.97
N MET B 9 -10.06 -12.79 2.69
CA MET B 9 -9.94 -11.53 1.95
C MET B 9 -11.32 -10.94 1.71
N GLY B 10 -11.35 -9.71 1.20
CA GLY B 10 -12.62 -9.04 0.92
C GLY B 10 -12.91 -9.00 -0.57
N ARG B 11 -11.86 -9.09 -1.37
CA ARG B 11 -12.02 -9.07 -2.82
C ARG B 11 -12.74 -7.80 -3.26
N ILE B 12 -12.09 -7.02 -4.13
CA ILE B 12 -12.68 -5.79 -4.63
C ILE B 12 -12.33 -5.58 -6.10
N LEU B 13 -13.24 -4.95 -6.83
CA LEU B 13 -13.01 -4.67 -8.25
C LEU B 13 -12.37 -3.31 -8.43
N LEU B 14 -11.49 -3.20 -9.43
CA LEU B 14 -10.81 -1.94 -9.71
C LEU B 14 -10.66 -1.75 -11.21
N ASP B 15 -10.75 -0.50 -11.65
CA ASP B 15 -10.60 -0.20 -13.07
C ASP B 15 -9.23 0.38 -13.36
N LEU B 16 -8.37 -0.43 -13.99
CA LEU B 16 -7.02 0.01 -14.35
C LEU B 16 -6.80 -0.06 -15.85
N SER B 17 -6.17 0.97 -16.39
CA SER B 17 -5.91 1.01 -17.82
C SER B 17 -4.92 -0.09 -18.22
N ASN B 18 -4.96 -0.48 -19.48
CA ASN B 18 -4.06 -1.52 -19.98
C ASN B 18 -2.62 -1.00 -20.02
N GLU B 19 -2.47 0.31 -20.11
CA GLU B 19 -1.14 0.92 -20.17
C GLU B 19 -0.41 0.73 -18.83
N VAL B 20 -1.16 0.80 -17.75
CA VAL B 20 -0.59 0.63 -16.42
C VAL B 20 -0.10 -0.80 -16.22
N ILE B 21 -0.91 -1.76 -16.66
CA ILE B 21 -0.55 -3.17 -16.53
C ILE B 21 0.83 -3.41 -17.13
N LYS B 22 1.12 -2.75 -18.24
CA LYS B 22 2.41 -2.89 -18.89
C LYS B 22 3.52 -2.37 -17.98
N GLN B 23 3.23 -1.29 -17.26
CA GLN B 23 4.21 -0.71 -16.34
C GLN B 23 4.45 -1.65 -15.18
N LEU B 24 3.37 -2.13 -14.58
CA LEU B 24 3.48 -3.05 -13.43
C LEU B 24 4.20 -4.32 -13.86
N ASP B 25 3.90 -4.80 -15.05
CA ASP B 25 4.53 -6.01 -15.56
C ASP B 25 6.04 -5.93 -15.42
N ASP B 26 6.60 -4.76 -15.73
CA ASP B 26 8.04 -4.56 -15.62
C ASP B 26 8.51 -4.74 -14.18
N LEU B 27 7.73 -4.24 -13.24
CA LEU B 27 8.06 -4.37 -11.83
C LEU B 27 7.92 -5.81 -11.37
N GLU B 28 7.04 -6.55 -12.03
CA GLU B 28 6.82 -7.94 -11.67
C GLU B 28 8.03 -8.81 -12.01
N VAL B 29 8.60 -8.56 -13.18
CA VAL B 29 9.76 -9.32 -13.63
C VAL B 29 11.01 -8.88 -12.88
N GLN B 30 11.16 -7.57 -12.71
CA GLN B 30 12.33 -7.02 -12.04
C GLN B 30 12.46 -7.57 -10.62
N ARG B 31 11.35 -7.56 -9.89
CA ARG B 31 11.34 -8.05 -8.51
C ARG B 31 10.99 -9.54 -8.47
N ASN B 32 10.55 -10.07 -9.60
CA ASN B 32 10.20 -11.49 -9.67
C ASN B 32 9.24 -11.85 -8.55
N LEU B 33 8.18 -11.05 -8.39
CA LEU B 33 7.19 -11.32 -7.36
C LEU B 33 5.79 -11.07 -7.90
N PRO B 34 4.82 -11.76 -7.37
CA PRO B 34 3.39 -11.64 -7.83
C PRO B 34 2.86 -10.22 -7.72
N ARG B 35 1.92 -9.87 -8.59
CA ARG B 35 1.34 -8.53 -8.58
C ARG B 35 0.66 -8.26 -7.24
N ALA B 36 -0.17 -9.20 -6.80
CA ALA B 36 -0.89 -9.03 -5.54
C ALA B 36 0.06 -8.53 -4.46
N ASP B 37 1.28 -9.05 -4.44
CA ASP B 37 2.27 -8.62 -3.47
C ASP B 37 2.65 -7.16 -3.70
N LEU B 38 2.77 -6.78 -4.96
CA LEU B 38 3.13 -5.41 -5.29
C LEU B 38 2.04 -4.44 -4.85
N LEU B 39 0.80 -4.83 -5.08
CA LEU B 39 -0.33 -3.98 -4.68
C LEU B 39 -0.37 -3.82 -3.17
N ARG B 40 -0.25 -4.93 -2.45
CA ARG B 40 -0.28 -4.89 -1.00
C ARG B 40 0.83 -3.99 -0.47
N GLU B 41 2.03 -4.14 -1.04
CA GLU B 41 3.17 -3.33 -0.62
C GLU B 41 2.94 -1.87 -1.00
N ALA B 42 2.40 -1.65 -2.20
CA ALA B 42 2.14 -0.29 -2.67
C ALA B 42 1.22 0.43 -1.70
N VAL B 43 0.13 -0.23 -1.31
CA VAL B 43 -0.82 0.36 -0.37
C VAL B 43 -0.16 0.53 1.00
N ASP B 44 0.41 -0.56 1.51
CA ASP B 44 1.06 -0.52 2.82
C ASP B 44 2.06 0.64 2.86
N GLN B 45 2.89 0.75 1.83
CA GLN B 45 3.86 1.83 1.77
C GLN B 45 3.17 3.19 1.80
N TYR B 46 2.06 3.28 1.07
CA TYR B 46 1.30 4.53 1.02
C TYR B 46 0.80 4.91 2.41
N LEU B 47 0.28 3.92 3.14
CA LEU B 47 -0.24 4.16 4.48
C LEU B 47 0.86 4.69 5.40
N ILE B 48 2.05 4.12 5.29
CA ILE B 48 3.17 4.55 6.11
C ILE B 48 3.52 6.01 5.80
N ASN B 49 3.58 6.33 4.52
CA ASN B 49 3.89 7.70 4.11
C ASN B 49 2.84 8.67 4.63
N GLN B 50 1.60 8.19 4.71
CA GLN B 50 0.51 9.01 5.22
C GLN B 50 0.60 9.16 6.73
N SER B 51 1.83 9.21 7.24
CA SER B 51 2.05 9.35 8.67
C SER B 51 1.80 8.04 9.40
N GLN B 52 1.62 6.97 8.63
CA GLN B 52 1.37 5.66 9.20
C GLN B 52 0.31 5.74 10.30
N THR B 53 0.01 4.59 10.91
CA THR B 53 -0.93 4.55 12.01
C THR B 53 -2.34 4.78 11.49
N ALA B 54 -3.34 4.38 12.27
CA ALA B 54 -4.72 4.54 11.86
C ALA B 54 -5.66 4.24 13.03
N ARG B 55 -6.92 3.97 12.72
CA ARG B 55 -7.91 3.67 13.75
C ARG B 55 -7.94 4.76 14.82
N THR B 56 -7.06 4.64 15.81
CA THR B 56 -6.99 5.62 16.89
C THR B 56 -6.07 6.76 16.51
N SER B 57 -5.12 6.48 15.61
CA SER B 57 -4.18 7.50 15.16
C SER B 57 -3.36 8.04 16.34
N VAL B 58 -3.67 7.54 17.54
CA VAL B 58 -2.96 7.98 18.74
C VAL B 58 -3.37 7.13 19.94
N PRO B 59 -2.90 5.93 20.01
CA PRO B 59 -3.22 4.99 21.12
C PRO B 59 -2.80 5.54 22.48
N GLY B 60 -3.59 5.26 23.50
CA GLY B 60 -3.29 5.73 24.85
C GLY B 60 -2.60 4.65 25.67
N ILE B 61 -1.39 4.94 26.11
CA ILE B 61 -0.63 3.98 26.91
C ILE B 61 -1.04 4.06 28.38
N TRP B 62 -1.83 5.08 28.71
CA TRP B 62 -2.28 5.26 30.08
C TRP B 62 -3.10 4.05 30.54
N GLN B 63 -3.96 3.56 29.65
CA GLN B 63 -4.79 2.41 29.97
C GLN B 63 -3.93 1.19 30.26
N GLY B 64 -4.38 0.36 31.20
CA GLY B 64 -3.64 -0.84 31.58
C GLY B 64 -4.15 -1.41 32.89
N CYS B 65 -5.34 -2.00 32.85
CA CYS B 65 -5.94 -2.58 34.05
C CYS B 65 -5.38 -3.97 34.30
N GLU B 66 -4.72 -4.14 35.44
CA GLU B 66 -4.14 -5.45 35.80
C GLU B 66 -4.37 -5.76 37.27
N GLU B 67 -5.45 -5.20 37.82
CA GLU B 67 -5.79 -5.43 39.22
C GLU B 67 -6.35 -6.82 39.40
N ASP B 68 -6.41 -7.60 38.32
CA ASP B 68 -6.93 -8.96 38.38
C ASP B 68 -6.08 -9.82 39.30
N GLY B 69 -4.77 -9.63 39.25
CA GLY B 69 -3.86 -10.39 40.09
C GLY B 69 -3.75 -11.83 39.61
N VAL B 70 -3.12 -12.00 38.45
CA VAL B 70 -2.95 -13.34 37.87
C VAL B 70 -2.09 -14.20 38.78
N GLU B 71 -1.02 -13.61 39.33
CA GLU B 71 -0.12 -14.33 40.22
C GLU B 71 -0.32 -13.89 41.66
N TYR B 72 -0.66 -14.84 42.51
CA TYR B 72 -0.88 -14.54 43.93
C TYR B 72 0.44 -14.24 44.63
N GLN B 73 0.45 -13.20 45.44
CA GLN B 73 1.67 -12.81 46.16
C GLN B 73 1.86 -13.69 47.39
N ARG B 74 3.01 -14.35 47.48
CA ARG B 74 3.30 -15.22 48.60
C ARG B 74 2.21 -16.27 48.77
N LYS B 75 2.56 -17.53 48.51
CA LYS B 75 1.62 -18.62 48.64
C LYS B 75 1.13 -18.74 50.09
N LEU B 76 0.39 -19.80 50.37
CA LEU B 76 -0.11 -20.03 51.72
C LEU B 76 -0.40 -21.52 51.94
N ARG B 77 0.07 -22.35 51.03
CA ARG B 77 -0.17 -23.79 51.12
C ARG B 77 0.61 -24.37 52.29
N GLU B 78 -0.07 -25.12 53.15
CA GLU B 78 0.58 -25.73 54.30
C GLU B 78 -0.39 -26.69 55.00
N GLU B 79 -0.13 -27.98 54.87
CA GLU B 79 -0.98 -28.99 55.50
C GLU B 79 -0.90 -28.89 57.01
N TRP B 80 0.32 -28.71 57.53
CA TRP B 80 0.52 -28.59 58.97
C TRP B 80 1.97 -28.24 59.28
N MET A 1 -8.85 10.46 -19.95
CA MET A 1 -7.92 11.59 -20.20
C MET A 1 -8.26 12.23 -21.55
N ASN A 2 -8.04 11.47 -22.62
CA ASN A 2 -8.33 11.96 -23.97
C ASN A 2 -9.83 11.99 -24.22
N SER A 3 -10.30 12.98 -24.96
CA SER A 3 -11.72 13.10 -25.27
C SER A 3 -12.56 12.93 -24.01
N LEU A 4 -11.98 13.30 -22.88
CA LEU A 4 -12.69 13.18 -21.60
C LEU A 4 -13.10 11.74 -21.35
N ALA A 5 -12.89 11.28 -20.13
CA ALA A 5 -13.24 9.91 -19.76
C ALA A 5 -12.50 8.91 -20.65
N GLY A 6 -12.69 7.63 -20.38
CA GLY A 6 -12.04 6.59 -21.16
C GLY A 6 -12.40 5.21 -20.62
N ILE A 7 -13.32 4.53 -21.30
CA ILE A 7 -13.73 3.19 -20.89
C ILE A 7 -12.86 2.13 -21.54
N ASP A 8 -11.71 2.56 -22.07
CA ASP A 8 -10.79 1.63 -22.73
C ASP A 8 -9.84 1.01 -21.72
N MET A 9 -10.10 1.25 -20.44
CA MET A 9 -9.26 0.70 -19.38
C MET A 9 -9.51 -0.79 -19.21
N GLY A 10 -9.24 -1.29 -18.01
CA GLY A 10 -9.44 -2.71 -17.72
C GLY A 10 -9.76 -2.93 -16.26
N ARG A 11 -10.30 -4.10 -15.94
CA ARG A 11 -10.65 -4.42 -14.55
C ARG A 11 -9.60 -5.33 -13.93
N ILE A 12 -9.35 -5.13 -12.63
CA ILE A 12 -8.36 -5.94 -11.92
C ILE A 12 -8.88 -6.33 -10.55
N LEU A 13 -8.68 -7.59 -10.17
CA LEU A 13 -9.12 -8.07 -8.86
C LEU A 13 -8.02 -7.95 -7.84
N LEU A 14 -8.31 -7.25 -6.75
CA LEU A 14 -7.34 -7.04 -5.68
C LEU A 14 -7.81 -7.69 -4.38
N ASP A 15 -6.93 -8.47 -3.77
CA ASP A 15 -7.27 -9.13 -2.51
C ASP A 15 -6.66 -8.40 -1.33
N LEU A 16 -7.50 -7.77 -0.51
CA LEU A 16 -7.04 -7.03 0.65
C LEU A 16 -7.34 -7.81 1.92
N SER A 17 -7.24 -7.12 3.06
CA SER A 17 -7.50 -7.76 4.35
C SER A 17 -8.75 -7.16 4.98
N ASN A 18 -8.82 -7.23 6.32
CA ASN A 18 -9.96 -6.69 7.05
C ASN A 18 -9.55 -5.46 7.84
N GLU A 19 -8.35 -5.51 8.42
CA GLU A 19 -7.84 -4.39 9.21
C GLU A 19 -7.51 -3.21 8.29
N VAL A 20 -7.15 -3.52 7.05
CA VAL A 20 -6.80 -2.49 6.07
C VAL A 20 -8.06 -1.76 5.60
N ILE A 21 -9.14 -2.51 5.44
CA ILE A 21 -10.40 -1.93 4.99
C ILE A 21 -10.82 -0.79 5.90
N LYS A 22 -10.66 -1.00 7.20
CA LYS A 22 -11.01 0.03 8.18
C LYS A 22 -10.10 1.25 7.99
N GLN A 23 -8.83 1.00 7.70
CA GLN A 23 -7.86 2.08 7.51
C GLN A 23 -8.23 2.88 6.24
N LEU A 24 -8.54 2.17 5.17
CA LEU A 24 -8.90 2.82 3.92
C LEU A 24 -10.18 3.63 4.08
N ASP A 25 -11.18 3.04 4.72
CA ASP A 25 -12.45 3.73 4.94
C ASP A 25 -12.25 4.99 5.76
N ASP A 26 -11.49 4.87 6.85
CA ASP A 26 -11.23 6.03 7.71
C ASP A 26 -10.53 7.13 6.93
N LEU A 27 -9.53 6.76 6.14
CA LEU A 27 -8.79 7.72 5.34
C LEU A 27 -9.67 8.28 4.24
N GLU A 28 -10.60 7.47 3.76
CA GLU A 28 -11.50 7.91 2.69
C GLU A 28 -12.43 9.01 3.19
N VAL A 29 -12.94 8.85 4.40
CA VAL A 29 -13.83 9.85 4.97
C VAL A 29 -13.12 11.17 5.16
N GLN A 30 -11.88 11.11 5.63
CA GLN A 30 -11.11 12.32 5.87
C GLN A 30 -10.81 13.03 4.55
N ARG A 31 -10.38 12.26 3.55
CA ARG A 31 -10.07 12.83 2.24
C ARG A 31 -11.34 13.03 1.43
N ASN A 32 -12.44 12.45 1.89
CA ASN A 32 -13.72 12.58 1.20
C ASN A 32 -13.59 12.11 -0.23
N LEU A 33 -12.81 11.05 -0.45
CA LEU A 33 -12.62 10.52 -1.79
C LEU A 33 -12.76 9.00 -1.79
N PRO A 34 -13.19 8.44 -2.88
CA PRO A 34 -13.38 6.97 -3.02
C PRO A 34 -12.05 6.22 -2.96
N ARG A 35 -12.11 4.95 -2.56
CA ARG A 35 -10.90 4.13 -2.46
C ARG A 35 -10.25 3.99 -3.82
N ALA A 36 -11.05 3.76 -4.85
CA ALA A 36 -10.53 3.59 -6.20
C ALA A 36 -9.58 4.74 -6.53
N ASP A 37 -9.93 5.94 -6.10
CA ASP A 37 -9.09 7.11 -6.36
C ASP A 37 -7.79 7.02 -5.55
N LEU A 38 -7.91 6.57 -4.31
CA LEU A 38 -6.75 6.44 -3.45
C LEU A 38 -5.81 5.37 -3.97
N LEU A 39 -6.38 4.24 -4.41
CA LEU A 39 -5.59 3.15 -4.94
C LEU A 39 -4.86 3.56 -6.21
N ARG A 40 -5.58 4.25 -7.10
CA ARG A 40 -4.99 4.70 -8.36
C ARG A 40 -3.78 5.59 -8.09
N GLU A 41 -3.91 6.48 -7.12
CA GLU A 41 -2.81 7.37 -6.76
C GLU A 41 -1.70 6.60 -6.08
N ALA A 42 -2.07 5.63 -5.25
CA ALA A 42 -1.08 4.83 -4.54
C ALA A 42 -0.20 4.07 -5.52
N VAL A 43 -0.82 3.49 -6.53
CA VAL A 43 -0.07 2.73 -7.53
C VAL A 43 0.80 3.66 -8.36
N ASP A 44 0.20 4.70 -8.93
CA ASP A 44 0.94 5.66 -9.73
C ASP A 44 2.11 6.21 -8.94
N GLN A 45 1.88 6.55 -7.67
CA GLN A 45 2.93 7.07 -6.82
C GLN A 45 4.01 6.01 -6.58
N TYR A 46 3.58 4.76 -6.46
CA TYR A 46 4.51 3.67 -6.21
C TYR A 46 5.47 3.52 -7.39
N LEU A 47 4.95 3.67 -8.61
CA LEU A 47 5.76 3.52 -9.81
C LEU A 47 6.92 4.52 -9.78
N ILE A 48 6.62 5.77 -9.47
CA ILE A 48 7.66 6.80 -9.39
C ILE A 48 8.72 6.37 -8.38
N ASN A 49 8.29 5.86 -7.25
CA ASN A 49 9.23 5.43 -6.21
C ASN A 49 10.06 4.26 -6.74
N GLN A 50 9.44 3.40 -7.54
CA GLN A 50 10.14 2.25 -8.09
C GLN A 50 10.87 2.64 -9.37
N SER A 51 11.23 3.91 -9.47
CA SER A 51 11.93 4.41 -10.65
C SER A 51 13.43 4.47 -10.40
N GLN A 52 13.84 4.17 -9.17
CA GLN A 52 15.26 4.20 -8.81
C GLN A 52 15.55 3.17 -7.74
N THR A 53 16.10 2.03 -8.15
CA THR A 53 16.43 0.96 -7.21
C THR A 53 17.93 0.92 -6.95
N ALA A 54 18.64 1.91 -7.48
CA ALA A 54 20.09 1.98 -7.31
C ALA A 54 20.45 1.99 -5.83
N ARG A 55 19.66 2.70 -5.03
CA ARG A 55 19.90 2.80 -3.60
C ARG A 55 18.64 2.44 -2.82
N THR A 56 18.83 1.77 -1.69
CA THR A 56 17.70 1.37 -0.85
C THR A 56 18.08 1.42 0.62
N SER A 57 17.08 1.50 1.49
CA SER A 57 17.32 1.56 2.93
C SER A 57 16.73 0.33 3.62
N VAL A 58 17.53 -0.28 4.49
CA VAL A 58 17.08 -1.46 5.21
C VAL A 58 16.11 -1.08 6.32
N PRO A 59 15.16 -1.93 6.62
CA PRO A 59 14.14 -1.67 7.68
C PRO A 59 14.76 -1.69 9.08
N GLY A 60 14.39 -0.70 9.88
CA GLY A 60 14.90 -0.62 11.25
C GLY A 60 14.34 -1.73 12.11
N ILE A 61 13.04 -2.02 11.94
CA ILE A 61 12.39 -3.06 12.72
C ILE A 61 11.56 -3.95 11.79
N TRP A 62 11.78 -5.25 11.85
CA TRP A 62 11.02 -6.19 11.05
C TRP A 62 10.61 -7.41 11.87
N GLN A 63 9.42 -7.36 12.45
CA GLN A 63 8.92 -8.48 13.26
C GLN A 63 8.71 -9.71 12.40
N GLY A 64 8.18 -9.50 11.19
CA GLY A 64 7.93 -10.61 10.27
C GLY A 64 6.50 -11.12 10.41
N CYS A 65 6.09 -11.37 11.65
CA CYS A 65 4.74 -11.87 11.91
C CYS A 65 4.46 -11.92 13.41
N GLU A 66 3.42 -11.24 13.84
CA GLU A 66 3.05 -11.22 15.26
C GLU A 66 2.22 -12.44 15.62
N GLU A 67 2.40 -12.93 16.84
CA GLU A 67 1.66 -14.10 17.29
C GLU A 67 0.17 -13.80 17.37
N ASP A 68 -0.64 -14.66 16.77
CA ASP A 68 -2.09 -14.46 16.78
C ASP A 68 -2.72 -15.18 17.97
N GLY A 69 -3.18 -14.40 18.95
CA GLY A 69 -3.80 -14.96 20.13
C GLY A 69 -5.17 -15.51 19.82
N VAL A 70 -5.60 -16.51 20.59
CA VAL A 70 -6.91 -17.12 20.38
C VAL A 70 -7.61 -17.35 21.71
N GLU A 71 -8.92 -17.09 21.73
CA GLU A 71 -9.70 -17.27 22.95
C GLU A 71 -9.71 -18.73 23.38
N TYR A 72 -8.84 -19.06 24.32
CA TYR A 72 -8.76 -20.43 24.81
C TYR A 72 -10.05 -20.85 25.48
N GLN A 73 -10.98 -19.91 25.59
CA GLN A 73 -12.27 -20.18 26.21
C GLN A 73 -12.11 -20.39 27.70
N ARG A 74 -11.03 -21.07 28.09
CA ARG A 74 -10.77 -21.34 29.50
C ARG A 74 -12.00 -21.93 30.18
N LYS A 75 -11.96 -22.04 31.50
CA LYS A 75 -13.08 -22.58 32.25
C LYS A 75 -13.35 -21.74 33.49
N LEU A 76 -14.61 -21.74 33.94
CA LEU A 76 -14.98 -20.97 35.12
C LEU A 76 -15.95 -21.76 35.99
N ARG A 77 -15.44 -22.83 36.61
CA ARG A 77 -16.27 -23.66 37.47
C ARG A 77 -16.75 -22.88 38.68
N GLU A 78 -15.87 -22.07 39.25
CA GLU A 78 -16.21 -21.27 40.42
C GLU A 78 -16.79 -22.14 41.51
N GLU A 79 -17.10 -21.52 42.65
CA GLU A 79 -17.67 -22.27 43.78
C GLU A 79 -18.79 -21.47 44.43
N TRP A 80 -19.80 -22.19 44.92
CA TRP A 80 -20.94 -21.53 45.56
C TRP A 80 -20.62 -21.18 47.01
N MET B 1 -22.04 -26.24 3.04
CA MET B 1 -20.64 -26.27 3.54
C MET B 1 -19.69 -26.40 2.34
N ASN B 2 -20.07 -25.78 1.23
CA ASN B 2 -19.24 -25.84 0.03
C ASN B 2 -17.88 -25.20 0.28
N SER B 3 -17.89 -24.09 1.02
CA SER B 3 -16.64 -23.39 1.31
C SER B 3 -15.84 -24.15 2.35
N LEU B 4 -14.51 -23.99 2.30
CA LEU B 4 -13.64 -24.66 3.25
C LEU B 4 -12.85 -23.65 4.08
N ALA B 5 -13.07 -23.67 5.38
CA ALA B 5 -12.38 -22.75 6.28
C ALA B 5 -12.84 -21.32 6.03
N GLY B 6 -12.66 -20.85 4.81
CA GLY B 6 -13.05 -19.49 4.44
C GLY B 6 -11.87 -18.55 4.50
N ILE B 7 -11.95 -17.45 3.76
CA ILE B 7 -10.87 -16.46 3.75
C ILE B 7 -11.32 -15.16 4.41
N ASP B 8 -10.61 -14.78 5.46
CA ASP B 8 -10.93 -13.55 6.19
C ASP B 8 -10.45 -12.33 5.42
N MET B 9 -10.12 -12.53 4.14
CA MET B 9 -9.62 -11.44 3.31
C MET B 9 -10.79 -10.63 2.75
N GLY B 10 -10.48 -9.47 2.18
CA GLY B 10 -11.52 -8.61 1.60
C GLY B 10 -11.32 -8.45 0.11
N ARG B 11 -12.33 -8.85 -0.67
CA ARG B 11 -12.26 -8.74 -2.11
C ARG B 11 -12.61 -7.34 -2.56
N ILE B 12 -11.84 -6.80 -3.51
CA ILE B 12 -12.09 -5.46 -4.04
C ILE B 12 -11.93 -5.45 -5.55
N LEU B 13 -12.54 -4.45 -6.19
CA LEU B 13 -12.45 -4.34 -7.65
C LEU B 13 -11.67 -3.10 -8.03
N LEU B 14 -10.49 -3.30 -8.60
CA LEU B 14 -9.65 -2.19 -9.02
C LEU B 14 -9.52 -2.15 -10.54
N ASP B 15 -9.74 -0.98 -11.13
CA ASP B 15 -9.65 -0.81 -12.57
C ASP B 15 -8.60 0.23 -12.93
N LEU B 16 -7.62 -0.18 -13.74
CA LEU B 16 -6.55 0.73 -14.16
C LEU B 16 -6.37 0.68 -15.67
N SER B 17 -5.89 1.79 -16.23
CA SER B 17 -5.68 1.87 -17.67
C SER B 17 -4.78 0.73 -18.15
N ASN B 18 -4.96 0.33 -19.40
CA ASN B 18 -4.15 -0.74 -19.98
C ASN B 18 -2.68 -0.35 -19.98
N GLU B 19 -2.40 0.92 -20.27
CA GLU B 19 -1.03 1.40 -20.31
C GLU B 19 -0.33 1.13 -18.98
N VAL B 20 -1.09 1.21 -17.88
CA VAL B 20 -0.54 0.97 -16.56
C VAL B 20 -0.17 -0.50 -16.39
N ILE B 21 -1.06 -1.38 -16.86
CA ILE B 21 -0.83 -2.82 -16.74
C ILE B 21 0.52 -3.17 -17.37
N LYS B 22 0.85 -2.50 -18.46
CA LYS B 22 2.12 -2.75 -19.15
C LYS B 22 3.29 -2.31 -18.25
N GLN B 23 3.10 -1.23 -17.52
CA GLN B 23 4.14 -0.73 -16.63
C GLN B 23 4.37 -1.72 -15.49
N LEU B 24 3.28 -2.17 -14.86
CA LEU B 24 3.37 -3.12 -13.76
C LEU B 24 4.08 -4.39 -14.22
N ASP B 25 3.74 -4.85 -15.42
CA ASP B 25 4.36 -6.06 -15.96
C ASP B 25 5.87 -5.91 -16.02
N ASP B 26 6.34 -4.73 -16.41
CA ASP B 26 7.78 -4.48 -16.49
C ASP B 26 8.41 -4.62 -15.11
N LEU B 27 7.80 -4.01 -14.11
CA LEU B 27 8.31 -4.08 -12.76
C LEU B 27 8.23 -5.51 -12.22
N GLU B 28 7.22 -6.24 -12.67
CA GLU B 28 7.03 -7.62 -12.22
C GLU B 28 8.21 -8.49 -12.67
N VAL B 29 8.63 -8.31 -13.91
CA VAL B 29 9.75 -9.08 -14.44
C VAL B 29 11.02 -8.83 -13.64
N GLN B 30 11.25 -7.56 -13.32
CA GLN B 30 12.44 -7.18 -12.56
C GLN B 30 12.37 -7.77 -11.14
N ARG B 31 11.17 -7.78 -10.57
CA ARG B 31 10.99 -8.31 -9.22
C ARG B 31 10.57 -9.77 -9.28
N ASN B 32 10.40 -10.29 -10.49
CA ASN B 32 10.00 -11.68 -10.66
C ASN B 32 8.90 -12.06 -9.67
N LEU B 33 8.00 -11.12 -9.42
CA LEU B 33 6.90 -11.36 -8.49
C LEU B 33 5.57 -10.90 -9.06
N PRO B 34 4.50 -11.52 -8.66
CA PRO B 34 3.14 -11.16 -9.16
C PRO B 34 2.74 -9.75 -8.75
N ARG B 35 1.91 -9.11 -9.58
CA ARG B 35 1.45 -7.76 -9.31
C ARG B 35 0.69 -7.72 -7.98
N ALA B 36 -0.16 -8.71 -7.76
CA ALA B 36 -0.95 -8.77 -6.54
C ALA B 36 -0.06 -8.55 -5.32
N ASP B 37 1.12 -9.15 -5.34
CA ASP B 37 2.06 -9.00 -4.23
C ASP B 37 2.62 -7.58 -4.19
N LEU B 38 2.93 -7.05 -5.38
CA LEU B 38 3.47 -5.70 -5.46
C LEU B 38 2.44 -4.67 -5.04
N LEU B 39 1.20 -4.86 -5.47
CA LEU B 39 0.13 -3.94 -5.14
C LEU B 39 -0.10 -3.91 -3.63
N ARG B 40 -0.07 -5.08 -3.00
CA ARG B 40 -0.27 -5.16 -1.56
C ARG B 40 0.73 -4.28 -0.84
N GLU B 41 1.99 -4.34 -1.26
CA GLU B 41 3.03 -3.53 -0.63
C GLU B 41 2.82 -2.05 -0.96
N ALA B 42 2.39 -1.77 -2.19
CA ALA B 42 2.17 -0.40 -2.61
C ALA B 42 1.15 0.28 -1.70
N VAL B 43 0.08 -0.44 -1.37
CA VAL B 43 -0.96 0.10 -0.50
C VAL B 43 -0.43 0.29 0.92
N ASP B 44 0.13 -0.79 1.49
CA ASP B 44 0.68 -0.73 2.84
C ASP B 44 1.70 0.39 2.95
N GLN B 45 2.65 0.42 2.00
CA GLN B 45 3.68 1.45 2.00
C GLN B 45 3.05 2.84 2.03
N TYR B 46 1.99 3.02 1.25
CA TYR B 46 1.30 4.31 1.20
C TYR B 46 0.69 4.65 2.57
N LEU B 47 0.07 3.67 3.19
CA LEU B 47 -0.55 3.86 4.50
C LEU B 47 0.50 4.22 5.53
N ILE B 48 1.68 3.63 5.41
CA ILE B 48 2.76 3.90 6.36
C ILE B 48 3.11 5.38 6.36
N ASN B 49 3.21 5.96 5.17
CA ASN B 49 3.54 7.37 5.05
C ASN B 49 2.38 8.24 5.56
N GLN B 50 1.16 7.77 5.32
CA GLN B 50 -0.03 8.48 5.77
C GLN B 50 -0.15 8.41 7.28
N SER B 51 0.98 8.28 7.96
CA SER B 51 1.00 8.20 9.42
C SER B 51 0.61 6.80 9.88
N GLN B 52 1.38 6.25 10.81
CA GLN B 52 1.11 4.91 11.32
C GLN B 52 1.32 4.86 12.84
N THR B 53 0.71 5.80 13.54
CA THR B 53 0.83 5.85 14.99
C THR B 53 -0.16 4.90 15.65
N ALA B 54 0.00 4.69 16.95
CA ALA B 54 -0.89 3.81 17.69
C ALA B 54 -1.24 4.41 19.05
N ARG B 55 -2.40 5.07 19.13
CA ARG B 55 -2.83 5.69 20.37
C ARG B 55 -3.20 4.62 21.40
N THR B 56 -3.58 3.44 20.91
CA THR B 56 -3.95 2.34 21.79
C THR B 56 -2.74 1.86 22.58
N SER B 57 -1.56 1.98 21.97
CA SER B 57 -0.33 1.53 22.62
C SER B 57 -0.44 0.07 23.02
N VAL B 58 -0.21 -0.83 22.08
CA VAL B 58 -0.28 -2.26 22.35
C VAL B 58 0.75 -3.02 21.53
N PRO B 59 2.00 -2.69 21.68
CA PRO B 59 3.11 -3.33 20.93
C PRO B 59 3.34 -4.77 21.40
N GLY B 60 3.89 -5.60 20.51
CA GLY B 60 4.18 -6.99 20.85
C GLY B 60 5.19 -7.08 21.97
N ILE B 61 6.16 -6.16 21.98
CA ILE B 61 7.19 -6.15 23.01
C ILE B 61 6.95 -5.03 23.99
N TRP B 62 6.66 -5.38 25.25
CA TRP B 62 6.40 -4.38 26.28
C TRP B 62 7.70 -4.02 27.00
N GLN B 63 8.27 -4.99 27.71
CA GLN B 63 9.50 -4.77 28.44
C GLN B 63 10.69 -4.72 27.49
N GLY B 64 10.81 -3.61 26.77
CA GLY B 64 11.92 -3.44 25.82
C GLY B 64 11.93 -2.03 25.24
N CYS B 65 13.01 -1.69 24.55
CA CYS B 65 13.13 -0.36 23.95
C CYS B 65 14.38 -0.29 23.08
N GLU B 66 15.32 -1.20 23.32
CA GLU B 66 16.56 -1.22 22.55
C GLU B 66 17.24 -2.58 22.67
N GLU B 67 16.45 -3.60 22.96
CA GLU B 67 16.98 -4.95 23.11
C GLU B 67 17.57 -5.43 21.80
N ASP B 68 18.72 -6.10 21.87
CA ASP B 68 19.38 -6.62 20.68
C ASP B 68 19.99 -7.99 20.94
N GLY B 69 19.18 -8.90 21.45
CA GLY B 69 19.67 -10.25 21.75
C GLY B 69 20.36 -10.29 23.10
N VAL B 70 20.20 -9.23 23.88
CA VAL B 70 20.83 -9.15 25.20
C VAL B 70 19.76 -8.96 26.29
N GLU B 71 19.86 -9.77 27.33
CA GLU B 71 18.90 -9.67 28.43
C GLU B 71 18.95 -8.29 29.07
N TYR B 72 19.77 -8.15 30.11
CA TYR B 72 19.90 -6.87 30.79
C TYR B 72 21.11 -6.89 31.73
N GLN B 73 21.63 -8.09 31.99
CA GLN B 73 22.78 -8.22 32.88
C GLN B 73 22.50 -7.59 34.23
N ARG B 74 21.88 -8.34 35.12
CA ARG B 74 21.55 -7.84 36.45
C ARG B 74 21.05 -6.41 36.37
N LYS B 75 21.95 -5.45 36.62
CA LYS B 75 21.58 -4.03 36.57
C LYS B 75 22.11 -3.39 35.29
N LEU B 76 21.75 -2.13 35.08
CA LEU B 76 22.20 -1.41 33.90
C LEU B 76 23.67 -1.03 34.02
N ARG B 77 24.38 -1.06 32.90
CA ARG B 77 25.80 -0.73 32.89
C ARG B 77 26.05 0.59 33.62
N GLU B 78 25.65 1.69 32.99
CA GLU B 78 25.83 3.01 33.59
C GLU B 78 27.23 3.14 34.16
N GLU B 79 28.24 2.86 33.33
CA GLU B 79 29.63 2.96 33.77
C GLU B 79 29.99 4.41 34.06
N TRP B 80 29.46 5.33 33.26
CA TRP B 80 29.75 6.75 33.45
C TRP B 80 28.61 7.60 32.90
N MET A 1 -15.18 3.43 -29.67
CA MET A 1 -15.37 3.11 -28.23
C MET A 1 -15.08 1.63 -27.99
N ASN A 2 -14.95 0.88 -29.07
CA ASN A 2 -14.68 -0.56 -28.97
C ASN A 2 -13.33 -0.80 -28.32
N SER A 3 -12.33 -0.03 -28.73
CA SER A 3 -10.99 -0.17 -28.16
C SER A 3 -10.15 1.07 -28.46
N LEU A 4 -9.41 1.54 -27.47
CA LEU A 4 -8.56 2.71 -27.65
C LEU A 4 -9.29 3.80 -28.42
N ALA A 5 -10.35 4.33 -27.82
CA ALA A 5 -11.14 5.38 -28.47
C ALA A 5 -11.88 6.20 -27.42
N GLY A 6 -11.48 6.06 -26.17
CA GLY A 6 -12.13 6.80 -25.08
C GLY A 6 -11.76 6.21 -23.73
N ILE A 7 -12.75 6.05 -22.86
CA ILE A 7 -12.51 5.49 -21.53
C ILE A 7 -12.90 4.02 -21.50
N ASP A 8 -11.89 3.16 -21.42
CA ASP A 8 -12.13 1.73 -21.37
C ASP A 8 -10.90 1.00 -20.84
N MET A 9 -10.63 1.15 -19.54
CA MET A 9 -9.48 0.50 -18.92
C MET A 9 -9.81 -0.95 -18.58
N GLY A 10 -8.78 -1.75 -18.35
CA GLY A 10 -8.96 -3.15 -18.02
C GLY A 10 -9.56 -3.29 -16.63
N ARG A 11 -9.77 -4.53 -16.20
CA ARG A 11 -10.35 -4.81 -14.89
C ARG A 11 -9.52 -5.83 -14.14
N ILE A 12 -9.14 -5.51 -12.91
CA ILE A 12 -8.33 -6.40 -12.09
C ILE A 12 -8.98 -6.63 -10.73
N LEU A 13 -8.80 -7.83 -10.19
CA LEU A 13 -9.37 -8.17 -8.90
C LEU A 13 -8.33 -8.01 -7.80
N LEU A 14 -8.75 -7.41 -6.68
CA LEU A 14 -7.85 -7.21 -5.55
C LEU A 14 -8.50 -7.69 -4.27
N ASP A 15 -7.74 -8.40 -3.45
CA ASP A 15 -8.25 -8.91 -2.18
C ASP A 15 -7.44 -8.36 -1.00
N LEU A 16 -8.14 -7.72 -0.06
CA LEU A 16 -7.48 -7.15 1.12
C LEU A 16 -8.19 -7.59 2.38
N SER A 17 -7.43 -7.67 3.48
CA SER A 17 -8.00 -8.08 4.75
C SER A 17 -8.99 -7.04 5.27
N ASN A 18 -9.91 -7.48 6.11
CA ASN A 18 -10.91 -6.58 6.67
C ASN A 18 -10.25 -5.47 7.47
N GLU A 19 -9.11 -5.78 8.08
CA GLU A 19 -8.38 -4.79 8.87
C GLU A 19 -7.94 -3.63 7.98
N VAL A 20 -7.60 -3.93 6.74
CA VAL A 20 -7.17 -2.90 5.80
C VAL A 20 -8.34 -1.98 5.46
N ILE A 21 -9.51 -2.56 5.24
CA ILE A 21 -10.69 -1.78 4.90
C ILE A 21 -10.91 -0.68 5.94
N LYS A 22 -10.72 -1.03 7.20
CA LYS A 22 -10.89 -0.05 8.27
C LYS A 22 -9.87 1.08 8.13
N GLN A 23 -8.65 0.72 7.72
CA GLN A 23 -7.60 1.71 7.54
C GLN A 23 -7.96 2.66 6.40
N LEU A 24 -8.34 2.08 5.26
CA LEU A 24 -8.71 2.89 4.10
C LEU A 24 -9.88 3.80 4.43
N ASP A 25 -10.83 3.29 5.20
CA ASP A 25 -12.00 4.07 5.57
C ASP A 25 -11.58 5.38 6.23
N ASP A 26 -10.64 5.31 7.15
CA ASP A 26 -10.17 6.50 7.84
C ASP A 26 -9.57 7.51 6.85
N LEU A 27 -8.78 7.00 5.91
CA LEU A 27 -8.16 7.85 4.91
C LEU A 27 -9.18 8.28 3.86
N GLU A 28 -10.18 7.44 3.65
CA GLU A 28 -11.21 7.74 2.67
C GLU A 28 -12.18 8.78 3.19
N VAL A 29 -12.56 8.64 4.46
CA VAL A 29 -13.50 9.57 5.07
C VAL A 29 -12.89 10.97 5.19
N GLN A 30 -11.69 11.03 5.77
CA GLN A 30 -11.00 12.29 5.93
C GLN A 30 -10.92 13.04 4.61
N ARG A 31 -10.55 12.33 3.55
CA ARG A 31 -10.44 12.94 2.23
C ARG A 31 -11.80 13.02 1.55
N ASN A 32 -12.65 12.04 1.84
CA ASN A 32 -13.98 12.00 1.25
C ASN A 32 -13.91 11.86 -0.26
N LEU A 33 -13.41 10.72 -0.71
CA LEU A 33 -13.26 10.48 -2.14
C LEU A 33 -13.38 8.98 -2.44
N PRO A 34 -13.68 8.64 -3.66
CA PRO A 34 -13.83 7.22 -4.09
C PRO A 34 -12.54 6.42 -3.84
N ARG A 35 -12.71 5.17 -3.42
CA ARG A 35 -11.57 4.30 -3.16
C ARG A 35 -10.75 4.11 -4.42
N ALA A 36 -11.43 3.87 -5.54
CA ALA A 36 -10.74 3.66 -6.81
C ALA A 36 -9.67 4.72 -7.02
N ASP A 37 -10.01 5.96 -6.68
CA ASP A 37 -9.07 7.06 -6.83
C ASP A 37 -7.85 6.86 -5.93
N LEU A 38 -8.10 6.36 -4.72
CA LEU A 38 -7.02 6.11 -3.77
C LEU A 38 -6.09 5.02 -4.28
N LEU A 39 -6.68 3.95 -4.81
CA LEU A 39 -5.89 2.85 -5.32
C LEU A 39 -5.00 3.29 -6.48
N ARG A 40 -5.61 4.01 -7.43
CA ARG A 40 -4.86 4.50 -8.58
C ARG A 40 -3.69 5.37 -8.14
N GLU A 41 -3.94 6.25 -7.18
CA GLU A 41 -2.89 7.12 -6.67
C GLU A 41 -1.83 6.32 -5.93
N ALA A 42 -2.27 5.33 -5.17
CA ALA A 42 -1.33 4.49 -4.42
C ALA A 42 -0.36 3.81 -5.36
N VAL A 43 -0.88 3.23 -6.44
CA VAL A 43 -0.02 2.56 -7.42
C VAL A 43 0.83 3.58 -8.16
N ASP A 44 0.17 4.61 -8.71
CA ASP A 44 0.88 5.64 -9.45
C ASP A 44 2.01 6.19 -8.61
N GLN A 45 1.72 6.53 -7.36
CA GLN A 45 2.75 7.05 -6.46
C GLN A 45 3.91 6.08 -6.36
N TYR A 46 3.60 4.79 -6.25
CA TYR A 46 4.64 3.77 -6.15
C TYR A 46 5.49 3.73 -7.41
N LEU A 47 4.82 3.81 -8.55
CA LEU A 47 5.51 3.78 -9.83
C LEU A 47 6.46 4.96 -9.97
N ILE A 48 6.00 6.13 -9.52
CA ILE A 48 6.80 7.33 -9.62
C ILE A 48 8.11 7.15 -8.83
N ASN A 49 8.00 6.62 -7.63
CA ASN A 49 9.18 6.40 -6.79
C ASN A 49 10.10 5.38 -7.45
N GLN A 50 9.52 4.35 -8.05
CA GLN A 50 10.30 3.31 -8.70
C GLN A 50 10.78 3.78 -10.07
N SER A 51 10.94 5.09 -10.22
CA SER A 51 11.40 5.65 -11.48
C SER A 51 11.95 7.06 -11.26
N GLN A 52 12.67 7.56 -12.26
CA GLN A 52 13.26 8.90 -12.17
C GLN A 52 14.28 8.97 -11.03
N THR A 53 14.12 8.11 -10.03
CA THR A 53 15.03 8.07 -8.90
C THR A 53 14.92 9.36 -8.10
N ALA A 54 14.28 10.37 -8.68
CA ALA A 54 14.13 11.65 -7.99
C ALA A 54 13.09 11.55 -6.88
N ARG A 55 13.36 12.23 -5.77
CA ARG A 55 12.43 12.20 -4.63
C ARG A 55 12.32 13.60 -4.03
N THR A 56 11.09 13.99 -3.71
CA THR A 56 10.85 15.31 -3.12
C THR A 56 11.17 15.29 -1.63
N SER A 57 11.31 16.48 -1.05
CA SER A 57 11.61 16.59 0.37
C SER A 57 10.38 16.35 1.21
N VAL A 58 10.58 16.07 2.50
CA VAL A 58 9.47 15.80 3.38
C VAL A 58 8.69 17.11 3.66
N PRO A 59 7.38 17.07 3.63
CA PRO A 59 6.53 18.25 3.93
C PRO A 59 6.91 18.91 5.25
N GLY A 60 6.82 20.24 5.29
CA GLY A 60 7.16 20.99 6.49
C GLY A 60 6.26 20.58 7.66
N ILE A 61 6.75 20.80 8.87
CA ILE A 61 5.99 20.45 10.08
C ILE A 61 6.04 21.58 11.09
N TRP A 62 5.24 21.46 12.15
CA TRP A 62 5.20 22.47 13.18
C TRP A 62 6.33 22.25 14.19
N GLN A 63 6.63 23.28 14.97
CA GLN A 63 7.70 23.20 15.96
C GLN A 63 7.41 22.07 16.95
N GLY A 64 8.45 21.30 17.27
CA GLY A 64 8.30 20.19 18.20
C GLY A 64 9.66 19.70 18.68
N CYS A 65 9.98 20.01 19.94
CA CYS A 65 11.26 19.60 20.51
C CYS A 65 11.09 18.34 21.35
N GLU A 66 12.11 17.48 21.33
CA GLU A 66 12.06 16.24 22.09
C GLU A 66 11.97 16.53 23.58
N GLU A 67 10.93 16.00 24.22
CA GLU A 67 10.72 16.22 25.65
C GLU A 67 11.38 15.09 26.46
N ASP A 68 12.41 15.43 27.21
CA ASP A 68 13.11 14.45 28.03
C ASP A 68 12.16 13.86 29.07
N GLY A 69 11.37 14.72 29.71
CA GLY A 69 10.44 14.27 30.73
C GLY A 69 11.14 14.05 32.06
N VAL A 70 12.42 14.40 32.11
CA VAL A 70 13.20 14.23 33.33
C VAL A 70 13.00 12.85 33.91
N GLU A 71 13.91 11.93 33.61
CA GLU A 71 13.83 10.56 34.11
C GLU A 71 15.15 10.12 34.71
N TYR A 72 15.11 9.74 35.98
CA TYR A 72 16.32 9.29 36.68
C TYR A 72 16.49 7.78 36.53
N GLN A 73 16.62 7.32 35.30
CA GLN A 73 16.79 5.89 35.04
C GLN A 73 15.69 5.09 35.71
N ARG A 74 15.89 4.76 36.99
CA ARG A 74 14.92 3.99 37.74
C ARG A 74 14.46 2.78 36.93
N LYS A 75 15.38 1.87 36.66
CA LYS A 75 15.06 0.68 35.89
C LYS A 75 14.05 -0.18 36.63
N LEU A 76 14.24 -0.30 37.94
CA LEU A 76 13.33 -1.10 38.76
C LEU A 76 13.63 -0.89 40.25
N ARG A 77 14.81 -1.33 40.67
CA ARG A 77 15.21 -1.21 42.06
C ARG A 77 14.05 -1.60 42.99
N GLU A 78 14.01 -2.87 43.36
CA GLU A 78 12.96 -3.36 44.25
C GLU A 78 13.39 -3.22 45.70
N GLU A 79 12.44 -2.93 46.58
CA GLU A 79 12.73 -2.79 48.01
C GLU A 79 11.56 -3.29 48.84
N TRP A 80 10.35 -3.22 48.27
CA TRP A 80 9.17 -3.67 48.99
C TRP A 80 9.12 -5.20 49.04
N MET B 1 -4.30 -20.44 15.69
CA MET B 1 -3.58 -21.67 15.25
C MET B 1 -4.57 -22.82 15.12
N ASN B 2 -5.18 -22.93 13.95
CA ASN B 2 -6.16 -23.99 13.70
C ASN B 2 -7.28 -23.93 14.73
N SER B 3 -7.65 -22.72 15.12
CA SER B 3 -8.72 -22.53 16.11
C SER B 3 -9.19 -21.08 16.12
N LEU B 4 -8.48 -20.25 16.89
CA LEU B 4 -8.83 -18.84 16.99
C LEU B 4 -8.66 -18.16 15.64
N ALA B 5 -7.63 -18.54 14.92
CA ALA B 5 -7.35 -17.96 13.61
C ALA B 5 -8.48 -18.28 12.63
N GLY B 6 -8.75 -17.35 11.72
CA GLY B 6 -9.82 -17.55 10.74
C GLY B 6 -9.50 -16.79 9.46
N ILE B 7 -10.12 -17.21 8.36
CA ILE B 7 -9.90 -16.56 7.07
C ILE B 7 -11.15 -15.79 6.64
N ASP B 8 -11.01 -14.48 6.52
CA ASP B 8 -12.13 -13.64 6.11
C ASP B 8 -11.62 -12.37 5.44
N MET B 9 -11.18 -12.50 4.20
CA MET B 9 -10.66 -11.36 3.44
C MET B 9 -11.79 -10.68 2.68
N GLY B 10 -11.46 -9.58 2.01
CA GLY B 10 -12.46 -8.83 1.24
C GLY B 10 -12.18 -8.93 -0.25
N ARG B 11 -13.02 -8.28 -1.05
CA ARG B 11 -12.86 -8.30 -2.51
C ARG B 11 -13.16 -6.93 -3.09
N ILE B 12 -12.23 -6.41 -3.89
CA ILE B 12 -12.40 -5.10 -4.51
C ILE B 12 -12.01 -5.15 -5.98
N LEU B 13 -12.66 -4.32 -6.80
CA LEU B 13 -12.36 -4.28 -8.23
C LEU B 13 -11.50 -3.09 -8.56
N LEU B 14 -10.39 -3.33 -9.25
CA LEU B 14 -9.47 -2.27 -9.64
C LEU B 14 -9.31 -2.22 -11.14
N ASP B 15 -9.42 -1.02 -11.71
CA ASP B 15 -9.27 -0.84 -13.16
C ASP B 15 -8.01 -0.05 -13.48
N LEU B 16 -7.19 -0.60 -14.38
CA LEU B 16 -5.95 0.07 -14.79
C LEU B 16 -5.87 0.16 -16.30
N SER B 17 -5.38 1.29 -16.79
CA SER B 17 -5.26 1.51 -18.23
C SER B 17 -4.21 0.55 -18.81
N ASN B 18 -4.34 0.27 -20.11
CA ASN B 18 -3.41 -0.63 -20.77
C ASN B 18 -1.98 -0.12 -20.64
N GLU B 19 -1.83 1.19 -20.72
CA GLU B 19 -0.50 1.80 -20.60
C GLU B 19 0.11 1.49 -19.23
N VAL B 20 -0.74 1.47 -18.20
CA VAL B 20 -0.27 1.17 -16.86
C VAL B 20 0.17 -0.29 -16.74
N ILE B 21 -0.61 -1.18 -17.36
CA ILE B 21 -0.28 -2.61 -17.31
C ILE B 21 1.14 -2.84 -17.79
N LYS B 22 1.54 -2.12 -18.83
CA LYS B 22 2.89 -2.24 -19.37
C LYS B 22 3.91 -1.78 -18.34
N GLN B 23 3.57 -0.73 -17.59
CA GLN B 23 4.47 -0.20 -16.56
C GLN B 23 4.66 -1.25 -15.47
N LEU B 24 3.55 -1.81 -14.99
CA LEU B 24 3.60 -2.83 -13.95
C LEU B 24 4.31 -4.07 -14.47
N ASP B 25 4.12 -4.36 -15.76
CA ASP B 25 4.75 -5.53 -16.36
C ASP B 25 6.26 -5.45 -16.23
N ASP B 26 6.81 -4.26 -16.42
CA ASP B 26 8.25 -4.07 -16.31
C ASP B 26 8.72 -4.32 -14.89
N LEU B 27 7.93 -3.87 -13.91
CA LEU B 27 8.27 -4.05 -12.52
C LEU B 27 8.08 -5.50 -12.10
N GLU B 28 7.15 -6.19 -12.75
CA GLU B 28 6.89 -7.58 -12.42
C GLU B 28 8.05 -8.47 -12.84
N VAL B 29 8.59 -8.20 -14.03
CA VAL B 29 9.71 -8.98 -14.54
C VAL B 29 10.98 -8.70 -13.74
N GLN B 30 11.27 -7.42 -13.54
CA GLN B 30 12.45 -7.03 -12.79
C GLN B 30 12.42 -7.62 -11.38
N ARG B 31 11.27 -7.50 -10.72
CA ARG B 31 11.11 -8.02 -9.38
C ARG B 31 10.91 -9.53 -9.40
N ASN B 32 10.37 -10.03 -10.51
CA ASN B 32 10.12 -11.46 -10.64
C ASN B 32 9.18 -11.93 -9.56
N LEU B 33 8.14 -11.15 -9.28
CA LEU B 33 7.18 -11.50 -8.25
C LEU B 33 5.76 -11.21 -8.71
N PRO B 34 4.79 -11.91 -8.17
CA PRO B 34 3.36 -11.72 -8.52
C PRO B 34 2.87 -10.30 -8.24
N ARG B 35 1.98 -9.80 -9.10
CA ARG B 35 1.45 -8.46 -8.93
C ARG B 35 0.75 -8.34 -7.58
N ALA B 36 -0.05 -9.34 -7.24
CA ALA B 36 -0.78 -9.31 -5.97
C ALA B 36 0.16 -8.89 -4.84
N ASP B 37 1.36 -9.45 -4.84
CA ASP B 37 2.34 -9.10 -3.81
C ASP B 37 2.74 -7.63 -3.92
N LEU B 38 2.90 -7.15 -5.15
CA LEU B 38 3.27 -5.76 -5.37
C LEU B 38 2.17 -4.83 -4.89
N LEU B 39 0.92 -5.21 -5.14
CA LEU B 39 -0.21 -4.39 -4.73
C LEU B 39 -0.24 -4.26 -3.22
N ARG B 40 -0.10 -5.38 -2.53
CA ARG B 40 -0.11 -5.37 -1.06
C ARG B 40 1.00 -4.49 -0.53
N GLU B 41 2.18 -4.62 -1.13
CA GLU B 41 3.33 -3.82 -0.71
C GLU B 41 3.09 -2.34 -1.01
N ALA B 42 2.46 -2.06 -2.15
CA ALA B 42 2.18 -0.68 -2.53
C ALA B 42 1.27 -0.02 -1.50
N VAL B 43 0.20 -0.72 -1.11
CA VAL B 43 -0.73 -0.18 -0.13
C VAL B 43 -0.04 0.02 1.21
N ASP B 44 0.59 -1.04 1.71
CA ASP B 44 1.29 -0.96 2.99
C ASP B 44 2.21 0.25 3.00
N GLN B 45 3.00 0.40 1.95
CA GLN B 45 3.92 1.53 1.84
C GLN B 45 3.14 2.84 1.80
N TYR B 46 2.04 2.84 1.05
CA TYR B 46 1.21 4.04 0.93
C TYR B 46 0.69 4.46 2.30
N LEU B 47 0.14 3.51 3.04
CA LEU B 47 -0.40 3.81 4.36
C LEU B 47 0.68 4.36 5.27
N ILE B 48 1.85 3.74 5.23
CA ILE B 48 2.96 4.19 6.06
C ILE B 48 3.42 5.58 5.64
N ASN B 49 3.62 5.78 4.35
CA ASN B 49 4.04 7.07 3.84
C ASN B 49 2.96 8.13 4.06
N GLN B 50 1.69 7.75 3.80
CA GLN B 50 0.59 8.66 3.97
C GLN B 50 0.48 9.08 5.44
N SER B 51 0.63 8.12 6.33
CA SER B 51 0.54 8.40 7.77
C SER B 51 1.91 8.81 8.32
N GLN B 52 2.95 8.65 7.49
CA GLN B 52 4.29 9.00 7.91
C GLN B 52 4.67 8.26 9.19
N THR B 53 5.97 8.15 9.45
CA THR B 53 6.45 7.47 10.66
C THR B 53 7.68 8.17 11.20
N ALA B 54 7.93 7.98 12.50
CA ALA B 54 9.09 8.59 13.14
C ALA B 54 9.01 10.12 13.05
N ARG B 55 10.11 10.78 13.37
CA ARG B 55 10.16 12.24 13.32
C ARG B 55 11.50 12.72 12.77
N THR B 56 11.58 14.01 12.46
CA THR B 56 12.81 14.58 11.92
C THR B 56 13.94 14.46 12.95
N SER B 57 15.12 14.09 12.47
CA SER B 57 16.26 13.92 13.36
C SER B 57 16.63 15.24 13.98
N VAL B 58 16.76 15.25 15.31
CA VAL B 58 17.13 16.46 16.03
C VAL B 58 16.34 17.69 15.52
N PRO B 59 16.09 18.64 16.34
CA PRO B 59 15.36 19.87 15.91
C PRO B 59 15.97 20.48 14.63
N GLY B 60 17.29 20.46 14.54
CA GLY B 60 17.97 21.02 13.37
C GLY B 60 18.34 22.48 13.60
N ILE B 61 17.73 23.37 12.81
CA ILE B 61 17.99 24.79 12.94
C ILE B 61 17.14 25.40 14.05
N TRP B 62 17.74 26.33 14.80
CA TRP B 62 17.02 26.99 15.89
C TRP B 62 16.22 28.16 15.37
N GLN B 63 14.93 28.18 15.69
CA GLN B 63 14.05 29.26 15.24
C GLN B 63 14.02 30.37 16.28
N GLY B 64 13.99 29.99 17.55
CA GLY B 64 13.95 30.98 18.64
C GLY B 64 12.95 30.56 19.70
N CYS B 65 12.18 31.52 20.20
CA CYS B 65 11.18 31.25 21.23
C CYS B 65 9.77 31.46 20.68
N GLU B 66 8.77 31.18 21.50
CA GLU B 66 7.38 31.34 21.08
C GLU B 66 7.11 32.77 20.68
N GLU B 67 6.49 32.95 19.51
CA GLU B 67 6.17 34.29 19.01
C GLU B 67 4.70 34.61 19.24
N ASP B 68 4.37 35.90 19.19
CA ASP B 68 2.99 36.32 19.41
C ASP B 68 2.19 36.17 18.12
N GLY B 69 1.21 35.28 18.13
CA GLY B 69 0.37 35.05 16.95
C GLY B 69 -1.02 34.59 17.36
N VAL B 70 -1.48 35.05 18.52
CA VAL B 70 -2.81 34.68 19.02
C VAL B 70 -3.72 35.89 19.06
N GLU B 71 -4.91 35.75 18.48
CA GLU B 71 -5.87 36.85 18.45
C GLU B 71 -6.71 36.86 19.73
N TYR B 72 -7.51 35.82 19.91
CA TYR B 72 -8.36 35.72 21.10
C TYR B 72 -8.98 37.07 21.43
N GLN B 73 -10.20 37.30 20.93
CA GLN B 73 -10.90 38.55 21.18
C GLN B 73 -12.29 38.30 21.72
N ARG B 74 -12.96 37.29 21.17
CA ARG B 74 -14.31 36.94 21.61
C ARG B 74 -15.26 38.12 21.42
N LYS B 75 -16.36 37.88 20.73
CA LYS B 75 -17.34 38.93 20.48
C LYS B 75 -18.09 39.29 21.75
N LEU B 76 -18.22 40.58 22.00
CA LEU B 76 -18.93 41.05 23.19
C LEU B 76 -18.25 40.50 24.45
N ARG B 77 -18.38 41.24 25.54
CA ARG B 77 -17.78 40.83 26.81
C ARG B 77 -18.45 39.55 27.32
N GLU B 78 -19.76 39.46 27.12
CA GLU B 78 -20.51 38.29 27.56
C GLU B 78 -20.33 38.08 29.06
N GLU B 79 -19.38 37.21 29.42
CA GLU B 79 -19.10 36.91 30.82
C GLU B 79 -17.60 36.81 31.06
N TRP B 80 -16.82 37.14 30.03
CA TRP B 80 -15.36 37.07 30.15
C TRP B 80 -14.70 37.95 29.09
N MET A 1 0.10 12.90 -38.58
CA MET A 1 0.32 11.63 -37.83
C MET A 1 -0.98 11.17 -37.21
N ASN A 2 -1.18 9.86 -37.14
CA ASN A 2 -2.40 9.31 -36.56
C ASN A 2 -2.44 9.56 -35.05
N SER A 3 -3.48 10.23 -34.59
CA SER A 3 -3.62 10.52 -33.17
C SER A 3 -4.01 9.27 -32.40
N LEU A 4 -3.66 9.23 -31.11
CA LEU A 4 -3.97 8.09 -30.28
C LEU A 4 -5.03 8.45 -29.25
N ALA A 5 -6.10 7.66 -29.19
CA ALA A 5 -7.17 7.91 -28.25
C ALA A 5 -7.94 6.62 -27.94
N GLY A 6 -7.20 5.55 -27.64
CA GLY A 6 -7.81 4.27 -27.34
C GLY A 6 -8.34 4.24 -25.91
N ILE A 7 -9.67 4.22 -25.78
CA ILE A 7 -10.28 4.20 -24.46
C ILE A 7 -10.76 2.79 -24.11
N ASP A 8 -10.08 2.16 -23.17
CA ASP A 8 -10.44 0.80 -22.75
C ASP A 8 -9.68 0.40 -21.49
N MET A 9 -10.15 0.89 -20.35
CA MET A 9 -9.50 0.58 -19.07
C MET A 9 -9.43 -0.92 -18.87
N GLY A 10 -8.80 -1.34 -17.77
CA GLY A 10 -8.67 -2.76 -17.46
C GLY A 10 -9.46 -3.12 -16.21
N ARG A 11 -9.84 -4.39 -16.12
CA ARG A 11 -10.60 -4.86 -14.95
C ARG A 11 -9.89 -6.02 -14.29
N ILE A 12 -9.55 -5.85 -13.02
CA ILE A 12 -8.86 -6.89 -12.27
C ILE A 12 -9.43 -7.01 -10.86
N LEU A 13 -9.35 -8.21 -10.28
CA LEU A 13 -9.86 -8.44 -8.94
C LEU A 13 -8.75 -8.38 -7.91
N LEU A 14 -9.03 -7.77 -6.77
CA LEU A 14 -8.04 -7.65 -5.71
C LEU A 14 -8.65 -8.01 -4.36
N ASP A 15 -7.88 -8.70 -3.53
CA ASP A 15 -8.36 -9.10 -2.21
C ASP A 15 -7.48 -8.51 -1.11
N LEU A 16 -8.11 -7.81 -0.17
CA LEU A 16 -7.37 -7.20 0.94
C LEU A 16 -8.02 -7.55 2.27
N SER A 17 -7.19 -7.65 3.32
CA SER A 17 -7.69 -7.97 4.65
C SER A 17 -8.70 -6.92 5.10
N ASN A 18 -9.63 -7.33 5.96
CA ASN A 18 -10.65 -6.43 6.47
C ASN A 18 -10.01 -5.29 7.26
N GLU A 19 -8.96 -5.61 8.01
CA GLU A 19 -8.28 -4.61 8.82
C GLU A 19 -7.81 -3.46 7.95
N VAL A 20 -7.40 -3.76 6.73
CA VAL A 20 -6.94 -2.74 5.79
C VAL A 20 -8.09 -1.84 5.37
N ILE A 21 -9.23 -2.45 5.09
CA ILE A 21 -10.41 -1.69 4.67
C ILE A 21 -10.73 -0.60 5.68
N LYS A 22 -10.58 -0.93 6.96
CA LYS A 22 -10.82 0.05 8.03
C LYS A 22 -9.83 1.20 7.92
N GLN A 23 -8.59 0.88 7.60
CA GLN A 23 -7.55 1.89 7.47
C GLN A 23 -7.85 2.80 6.28
N LEU A 24 -8.15 2.20 5.13
CA LEU A 24 -8.46 2.97 3.94
C LEU A 24 -9.72 3.79 4.15
N ASP A 25 -10.71 3.19 4.81
CA ASP A 25 -11.97 3.89 5.07
C ASP A 25 -11.73 5.15 5.89
N ASP A 26 -10.87 5.06 6.89
CA ASP A 26 -10.56 6.20 7.74
C ASP A 26 -9.89 7.30 6.91
N LEU A 27 -8.98 6.90 6.02
CA LEU A 27 -8.28 7.86 5.19
C LEU A 27 -9.19 8.37 4.07
N GLU A 28 -10.14 7.53 3.67
CA GLU A 28 -11.07 7.90 2.61
C GLU A 28 -11.97 9.06 3.05
N VAL A 29 -12.43 9.00 4.30
CA VAL A 29 -13.29 10.05 4.84
C VAL A 29 -12.52 11.35 5.01
N GLN A 30 -11.30 11.24 5.52
CA GLN A 30 -10.48 12.42 5.73
C GLN A 30 -10.20 13.14 4.42
N ARG A 31 -9.87 12.38 3.39
CA ARG A 31 -9.59 12.95 2.08
C ARG A 31 -10.89 13.33 1.36
N ASN A 32 -12.01 12.85 1.90
CA ASN A 32 -13.31 13.15 1.31
C ASN A 32 -13.32 12.77 -0.16
N LEU A 33 -12.60 11.70 -0.50
CA LEU A 33 -12.53 11.24 -1.88
C LEU A 33 -12.69 9.72 -1.95
N PRO A 34 -13.17 9.23 -3.06
CA PRO A 34 -13.38 7.77 -3.27
C PRO A 34 -12.08 6.98 -3.12
N ARG A 35 -12.20 5.76 -2.60
CA ARG A 35 -11.02 4.91 -2.40
C ARG A 35 -10.35 4.62 -3.73
N ALA A 36 -11.16 4.34 -4.75
CA ALA A 36 -10.63 4.03 -6.07
C ALA A 36 -9.60 5.07 -6.48
N ASP A 37 -9.89 6.33 -6.21
CA ASP A 37 -8.97 7.41 -6.55
C ASP A 37 -7.69 7.31 -5.73
N LEU A 38 -7.85 6.97 -4.45
CA LEU A 38 -6.70 6.83 -3.56
C LEU A 38 -5.81 5.66 -3.99
N LEU A 39 -6.46 4.57 -4.41
CA LEU A 39 -5.72 3.39 -4.84
C LEU A 39 -4.85 3.71 -6.05
N ARG A 40 -5.40 4.43 -7.00
CA ARG A 40 -4.66 4.81 -8.21
C ARG A 40 -3.45 5.66 -7.84
N GLU A 41 -3.65 6.60 -6.93
CA GLU A 41 -2.56 7.48 -6.50
C GLU A 41 -1.44 6.67 -5.86
N ALA A 42 -1.81 5.73 -4.99
CA ALA A 42 -0.82 4.89 -4.32
C ALA A 42 0.03 4.16 -5.35
N VAL A 43 -0.61 3.63 -6.38
CA VAL A 43 0.10 2.92 -7.44
C VAL A 43 0.89 3.90 -8.31
N ASP A 44 0.21 4.95 -8.77
CA ASP A 44 0.86 5.96 -9.61
C ASP A 44 2.09 6.51 -8.89
N GLN A 45 1.93 6.89 -7.63
CA GLN A 45 3.03 7.42 -6.84
C GLN A 45 4.19 6.41 -6.80
N TYR A 46 3.84 5.14 -6.62
CA TYR A 46 4.85 4.09 -6.56
C TYR A 46 5.58 3.98 -7.89
N LEU A 47 4.83 4.06 -8.99
CA LEU A 47 5.43 3.97 -10.31
C LEU A 47 6.44 5.09 -10.52
N ILE A 48 6.08 6.29 -10.09
CA ILE A 48 6.97 7.44 -10.22
C ILE A 48 8.26 7.20 -9.43
N ASN A 49 8.11 6.71 -8.20
CA ASN A 49 9.26 6.42 -7.35
C ASN A 49 10.07 5.26 -7.95
N GLN A 50 9.36 4.23 -8.43
CA GLN A 50 10.02 3.07 -9.02
C GLN A 50 10.75 3.47 -10.30
N SER A 51 10.08 4.25 -11.13
CA SER A 51 10.67 4.70 -12.39
C SER A 51 11.81 5.69 -12.13
N GLN A 52 11.84 6.24 -10.92
CA GLN A 52 12.88 7.20 -10.56
C GLN A 52 14.25 6.54 -10.61
N THR A 53 14.36 5.34 -10.07
CA THR A 53 15.63 4.61 -10.06
C THR A 53 16.77 5.54 -9.68
N ALA A 54 16.52 6.40 -8.68
CA ALA A 54 17.54 7.34 -8.23
C ALA A 54 18.75 6.58 -7.69
N ARG A 55 19.94 7.14 -7.95
CA ARG A 55 21.17 6.50 -7.48
C ARG A 55 21.28 6.60 -5.97
N THR A 56 21.72 5.51 -5.34
CA THR A 56 21.87 5.47 -3.89
C THR A 56 20.60 5.99 -3.22
N SER A 57 20.61 5.99 -1.89
CA SER A 57 19.45 6.46 -1.13
C SER A 57 19.88 6.98 0.23
N VAL A 58 19.07 7.86 0.82
CA VAL A 58 19.38 8.44 2.11
C VAL A 58 18.73 7.62 3.22
N PRO A 59 19.35 7.59 4.37
CA PRO A 59 18.83 6.83 5.56
C PRO A 59 17.55 7.46 6.11
N GLY A 60 16.72 6.65 6.75
CA GLY A 60 15.47 7.14 7.33
C GLY A 60 15.75 8.16 8.43
N ILE A 61 14.72 8.49 9.20
CA ILE A 61 14.86 9.45 10.28
C ILE A 61 15.84 8.94 11.32
N TRP A 62 15.71 7.68 11.68
CA TRP A 62 16.59 7.08 12.68
C TRP A 62 16.70 7.97 13.90
N GLN A 63 15.93 7.66 14.94
CA GLN A 63 15.95 8.45 16.16
C GLN A 63 15.57 7.58 17.36
N GLY A 64 14.33 7.09 17.35
CA GLY A 64 13.85 6.24 18.44
C GLY A 64 13.74 4.80 18.00
N CYS A 65 14.62 3.95 18.53
CA CYS A 65 14.61 2.53 18.18
C CYS A 65 13.31 1.87 18.65
N GLU A 66 12.84 2.29 19.82
CA GLU A 66 11.61 1.74 20.37
C GLU A 66 11.71 0.23 20.48
N GLU A 67 12.24 -0.25 21.60
CA GLU A 67 12.38 -1.69 21.83
C GLU A 67 11.91 -2.07 23.23
N ASP A 68 10.67 -1.72 23.54
CA ASP A 68 10.12 -2.02 24.85
C ASP A 68 9.45 -3.40 24.84
N GLY A 69 9.52 -4.08 23.70
CA GLY A 69 8.93 -5.40 23.57
C GLY A 69 9.51 -6.36 24.61
N VAL A 70 8.77 -6.57 25.69
CA VAL A 70 9.21 -7.46 26.75
C VAL A 70 8.15 -8.53 27.04
N GLU A 71 8.59 -9.78 27.13
CA GLU A 71 7.67 -10.88 27.39
C GLU A 71 7.20 -10.83 28.85
N TYR A 72 5.90 -10.73 29.04
CA TYR A 72 5.33 -10.69 30.38
C TYR A 72 5.63 -11.98 31.13
N GLN A 73 5.43 -13.11 30.45
CA GLN A 73 5.68 -14.40 31.06
C GLN A 73 5.96 -15.46 30.00
N ARG A 74 7.07 -16.18 30.15
CA ARG A 74 7.42 -17.22 29.19
C ARG A 74 6.56 -18.45 29.38
N LYS A 75 6.26 -19.13 28.28
CA LYS A 75 5.43 -20.34 28.33
C LYS A 75 6.28 -21.57 28.06
N LEU A 76 5.64 -22.74 28.17
CA LEU A 76 6.35 -24.00 27.94
C LEU A 76 5.61 -24.84 26.89
N ARG A 77 6.39 -25.59 26.10
CA ARG A 77 5.80 -26.42 25.06
C ARG A 77 5.16 -27.67 25.67
N GLU A 78 3.94 -27.98 25.23
CA GLU A 78 3.23 -29.13 25.75
C GLU A 78 3.69 -30.41 25.03
N GLU A 79 4.16 -30.25 23.80
CA GLU A 79 4.63 -31.38 23.02
C GLU A 79 3.55 -32.47 22.95
N TRP A 80 2.33 -32.09 23.30
CA TRP A 80 1.21 -33.03 23.27
C TRP A 80 -0.12 -32.29 23.25
N MET B 1 -20.38 -22.17 -5.21
CA MET B 1 -19.35 -22.25 -6.29
C MET B 1 -18.67 -20.90 -6.45
N ASN B 2 -19.34 -19.85 -5.94
CA ASN B 2 -18.78 -18.51 -6.04
C ASN B 2 -17.47 -18.40 -5.27
N SER B 3 -17.44 -19.00 -4.08
CA SER B 3 -16.25 -18.98 -3.25
C SER B 3 -16.44 -19.83 -2.01
N LEU B 4 -15.94 -21.07 -2.06
CA LEU B 4 -16.07 -21.98 -0.93
C LEU B 4 -14.88 -21.83 0.02
N ALA B 5 -13.92 -21.01 -0.39
CA ALA B 5 -12.73 -20.78 0.43
C ALA B 5 -12.04 -19.49 0.02
N GLY B 6 -11.27 -18.92 0.95
CA GLY B 6 -10.56 -17.68 0.66
C GLY B 6 -11.47 -16.47 0.86
N ILE B 7 -12.37 -16.55 1.82
CA ILE B 7 -13.29 -15.46 2.10
C ILE B 7 -12.79 -14.62 3.27
N ASP B 8 -11.57 -14.90 3.71
CA ASP B 8 -10.99 -14.16 4.82
C ASP B 8 -10.42 -12.83 4.35
N MET B 9 -10.74 -12.47 3.11
CA MET B 9 -10.27 -11.21 2.54
C MET B 9 -11.35 -10.56 1.69
N GLY B 10 -11.68 -9.31 2.02
CA GLY B 10 -12.71 -8.59 1.28
C GLY B 10 -12.35 -8.48 -0.19
N ARG B 11 -13.25 -8.95 -1.05
CA ARG B 11 -13.02 -8.89 -2.49
C ARG B 11 -13.26 -7.48 -3.01
N ILE B 12 -12.30 -6.95 -3.77
CA ILE B 12 -12.43 -5.61 -4.32
C ILE B 12 -12.03 -5.60 -5.79
N LEU B 13 -12.55 -4.63 -6.54
CA LEU B 13 -12.25 -4.52 -7.96
C LEU B 13 -11.40 -3.29 -8.23
N LEU B 14 -10.28 -3.48 -8.93
CA LEU B 14 -9.39 -2.37 -9.25
C LEU B 14 -9.34 -2.14 -10.75
N ASP B 15 -9.50 -0.89 -11.16
CA ASP B 15 -9.46 -0.54 -12.58
C ASP B 15 -8.12 0.07 -12.95
N LEU B 16 -7.34 -0.66 -13.74
CA LEU B 16 -6.03 -0.19 -14.17
C LEU B 16 -5.98 -0.02 -15.68
N SER B 17 -5.51 1.15 -16.12
CA SER B 17 -5.42 1.43 -17.55
C SER B 17 -4.45 0.46 -18.22
N ASN B 18 -4.72 0.14 -19.49
CA ASN B 18 -3.87 -0.77 -20.24
C ASN B 18 -2.43 -0.28 -20.22
N GLU B 19 -2.24 1.04 -20.32
CA GLU B 19 -0.90 1.61 -20.30
C GLU B 19 -0.21 1.36 -18.97
N VAL B 20 -0.98 1.47 -17.88
CA VAL B 20 -0.44 1.25 -16.55
C VAL B 20 -0.09 -0.22 -16.34
N ILE B 21 -0.99 -1.09 -16.82
CA ILE B 21 -0.77 -2.54 -16.69
C ILE B 21 0.58 -2.92 -17.30
N LYS B 22 0.91 -2.30 -18.43
CA LYS B 22 2.19 -2.57 -19.09
C LYS B 22 3.35 -2.13 -18.19
N GLN B 23 3.16 -1.02 -17.49
CA GLN B 23 4.19 -0.51 -16.58
C GLN B 23 4.38 -1.48 -15.41
N LEU B 24 3.27 -1.89 -14.80
CA LEU B 24 3.33 -2.82 -13.68
C LEU B 24 3.84 -4.18 -14.13
N ASP B 25 3.41 -4.61 -15.31
CA ASP B 25 3.83 -5.90 -15.85
C ASP B 25 5.35 -5.95 -15.97
N ASP B 26 5.94 -4.90 -16.52
CA ASP B 26 7.39 -4.84 -16.69
C ASP B 26 8.08 -4.89 -15.33
N LEU B 27 7.51 -4.20 -14.36
CA LEU B 27 8.08 -4.17 -13.02
C LEU B 27 8.01 -5.55 -12.37
N GLU B 28 6.94 -6.28 -12.66
CA GLU B 28 6.74 -7.61 -12.08
C GLU B 28 7.88 -8.54 -12.51
N VAL B 29 8.26 -8.47 -13.77
CA VAL B 29 9.33 -9.32 -14.29
C VAL B 29 10.67 -8.94 -13.67
N GLN B 30 10.90 -7.64 -13.55
CA GLN B 30 12.16 -7.15 -12.98
C GLN B 30 12.40 -7.75 -11.60
N ARG B 31 11.38 -7.71 -10.76
CA ARG B 31 11.49 -8.25 -9.41
C ARG B 31 11.02 -9.70 -9.37
N ASN B 32 10.31 -10.11 -10.42
CA ASN B 32 9.80 -11.47 -10.50
C ASN B 32 8.94 -11.80 -9.29
N LEU B 33 8.17 -10.80 -8.83
CA LEU B 33 7.30 -10.99 -7.68
C LEU B 33 5.84 -10.99 -8.11
N PRO B 34 5.00 -11.61 -7.33
CA PRO B 34 3.54 -11.69 -7.62
C PRO B 34 2.89 -10.31 -7.74
N ARG B 35 1.93 -10.18 -8.65
CA ARG B 35 1.22 -8.93 -8.83
C ARG B 35 0.50 -8.54 -7.53
N ALA B 36 -0.32 -9.44 -7.02
CA ALA B 36 -1.05 -9.19 -5.78
C ALA B 36 -0.08 -8.76 -4.67
N ASP B 37 1.10 -9.38 -4.65
CA ASP B 37 2.10 -9.06 -3.64
C ASP B 37 2.62 -7.64 -3.84
N LEU B 38 2.83 -7.27 -5.10
CA LEU B 38 3.32 -5.93 -5.41
C LEU B 38 2.28 -4.87 -5.07
N LEU B 39 1.02 -5.18 -5.36
CA LEU B 39 -0.07 -4.24 -5.08
C LEU B 39 -0.17 -3.98 -3.58
N ARG B 40 -0.08 -5.04 -2.79
CA ARG B 40 -0.15 -4.90 -1.34
C ARG B 40 0.93 -3.95 -0.83
N GLU B 41 2.13 -4.09 -1.38
CA GLU B 41 3.24 -3.23 -0.97
C GLU B 41 2.95 -1.78 -1.32
N ALA B 42 2.41 -1.56 -2.51
CA ALA B 42 2.09 -0.21 -2.96
C ALA B 42 1.16 0.48 -1.96
N VAL B 43 0.10 -0.23 -1.56
CA VAL B 43 -0.86 0.32 -0.61
C VAL B 43 -0.21 0.49 0.76
N ASP B 44 0.37 -0.60 1.27
CA ASP B 44 1.03 -0.57 2.57
C ASP B 44 2.00 0.62 2.63
N GLN B 45 2.75 0.82 1.56
CA GLN B 45 3.71 1.93 1.51
C GLN B 45 2.99 3.25 1.70
N TYR B 46 1.82 3.39 1.10
CA TYR B 46 1.04 4.62 1.21
C TYR B 46 0.62 4.84 2.66
N LEU B 47 0.18 3.77 3.31
CA LEU B 47 -0.25 3.86 4.71
C LEU B 47 0.89 4.30 5.60
N ILE B 48 2.08 3.76 5.35
CA ILE B 48 3.25 4.11 6.15
C ILE B 48 3.55 5.60 6.02
N ASN B 49 3.52 6.10 4.79
CA ASN B 49 3.78 7.52 4.55
C ASN B 49 2.68 8.37 5.19
N GLN B 50 1.45 7.84 5.19
CA GLN B 50 0.34 8.56 5.78
C GLN B 50 0.43 8.55 7.31
N SER B 51 1.66 8.50 7.82
CA SER B 51 1.88 8.48 9.26
C SER B 51 1.58 7.10 9.83
N GLN B 52 2.60 6.46 10.40
CA GLN B 52 2.43 5.14 10.98
C GLN B 52 3.51 4.88 12.03
N THR B 53 4.72 4.55 11.57
CA THR B 53 5.82 4.28 12.49
C THR B 53 7.15 4.29 11.73
N ALA B 54 7.08 4.09 10.42
CA ALA B 54 8.29 4.08 9.60
C ALA B 54 9.26 3.02 10.10
N ARG B 55 9.41 1.94 9.33
CA ARG B 55 10.32 0.86 9.71
C ARG B 55 11.73 1.18 9.25
N THR B 56 12.66 1.24 10.20
CA THR B 56 14.05 1.51 9.89
C THR B 56 14.67 0.38 9.08
N SER B 57 14.23 -0.84 9.37
CA SER B 57 14.74 -2.00 8.66
C SER B 57 16.24 -2.13 8.87
N VAL B 58 16.69 -3.34 9.21
CA VAL B 58 18.11 -3.58 9.44
C VAL B 58 18.47 -5.03 9.08
N PRO B 59 18.51 -5.33 7.81
CA PRO B 59 18.84 -6.69 7.32
C PRO B 59 20.24 -7.14 7.76
N GLY B 60 20.38 -8.42 8.04
CA GLY B 60 21.67 -8.96 8.47
C GLY B 60 22.65 -9.02 7.30
N ILE B 61 22.41 -9.94 6.38
CA ILE B 61 23.27 -10.09 5.21
C ILE B 61 24.74 -10.03 5.63
N TRP B 62 25.32 -8.83 5.61
CA TRP B 62 26.71 -8.66 5.99
C TRP B 62 27.04 -7.17 6.15
N GLN B 63 26.08 -6.33 5.81
CA GLN B 63 26.28 -4.88 5.92
C GLN B 63 26.46 -4.49 7.38
N GLY B 64 25.70 -5.11 8.26
CA GLY B 64 25.80 -4.82 9.69
C GLY B 64 27.16 -5.21 10.24
N CYS B 65 28.09 -4.25 10.25
CA CYS B 65 29.43 -4.51 10.75
C CYS B 65 30.24 -3.21 10.78
N GLU B 66 29.84 -2.25 9.96
CA GLU B 66 30.54 -0.97 9.90
C GLU B 66 30.37 -0.21 11.21
N GLU B 67 31.44 0.45 11.65
CA GLU B 67 31.39 1.21 12.89
C GLU B 67 30.88 0.35 14.04
N ASP B 68 31.78 -0.44 14.63
CA ASP B 68 31.41 -1.31 15.74
C ASP B 68 31.55 -0.57 17.06
N GLY B 69 30.42 -0.31 17.72
CA GLY B 69 30.43 0.39 19.00
C GLY B 69 31.20 -0.41 20.04
N VAL B 70 30.48 -1.13 20.90
CA VAL B 70 31.12 -1.92 21.94
C VAL B 70 30.47 -3.30 22.03
N GLU B 71 31.18 -4.25 22.62
CA GLU B 71 30.66 -5.60 22.77
C GLU B 71 31.58 -6.43 23.67
N TYR B 72 32.87 -6.14 23.62
CA TYR B 72 33.84 -6.86 24.43
C TYR B 72 33.83 -6.35 25.86
N GLN B 73 34.18 -7.22 26.81
CA GLN B 73 34.22 -6.83 28.21
C GLN B 73 32.87 -6.24 28.64
N ARG B 74 31.88 -6.34 27.76
CA ARG B 74 30.55 -5.81 28.06
C ARG B 74 29.78 -6.77 28.96
N LYS B 75 29.40 -7.92 28.40
CA LYS B 75 28.66 -8.92 29.16
C LYS B 75 27.34 -8.32 29.68
N LEU B 76 26.26 -9.09 29.53
CA LEU B 76 24.94 -8.63 29.99
C LEU B 76 24.56 -7.33 29.29
N ARG B 77 23.42 -7.35 28.61
CA ARG B 77 22.95 -6.16 27.90
C ARG B 77 22.72 -5.01 28.88
N GLU B 78 22.12 -5.32 30.03
CA GLU B 78 21.86 -4.30 31.04
C GLU B 78 23.16 -3.80 31.66
N GLU B 79 23.22 -2.51 31.94
CA GLU B 79 24.41 -1.92 32.53
C GLU B 79 24.63 -2.46 33.95
N TRP B 80 23.54 -2.61 34.69
CA TRP B 80 23.62 -3.11 36.05
C TRP B 80 24.05 -4.58 36.06
N MET A 1 -12.70 16.07 -16.09
CA MET A 1 -12.92 15.67 -17.52
C MET A 1 -13.63 14.32 -17.55
N ASN A 2 -12.87 13.25 -17.34
CA ASN A 2 -13.45 11.90 -17.35
C ASN A 2 -14.16 11.63 -18.66
N SER A 3 -13.41 11.68 -19.76
CA SER A 3 -13.99 11.45 -21.08
C SER A 3 -14.58 10.04 -21.17
N LEU A 4 -15.78 9.95 -21.74
CA LEU A 4 -16.45 8.66 -21.88
C LEU A 4 -16.49 7.93 -20.54
N ALA A 5 -17.23 6.83 -20.50
CA ALA A 5 -17.36 6.05 -19.28
C ALA A 5 -16.01 5.46 -18.88
N GLY A 6 -15.27 4.95 -19.86
CA GLY A 6 -13.97 4.37 -19.59
C GLY A 6 -13.12 4.34 -20.86
N ILE A 7 -11.81 4.15 -20.70
CA ILE A 7 -10.89 4.09 -21.84
C ILE A 7 -10.26 2.71 -21.95
N ASP A 8 -11.06 1.73 -22.34
CA ASP A 8 -10.57 0.36 -22.50
C ASP A 8 -9.73 -0.04 -21.29
N MET A 9 -10.11 0.47 -20.11
CA MET A 9 -9.36 0.15 -18.89
C MET A 9 -9.52 -1.32 -18.55
N GLY A 10 -8.39 -2.02 -18.44
CA GLY A 10 -8.40 -3.44 -18.10
C GLY A 10 -8.85 -3.65 -16.67
N ARG A 11 -9.69 -4.67 -16.46
CA ARG A 11 -10.19 -4.97 -15.12
C ARG A 11 -9.19 -5.83 -14.37
N ILE A 12 -9.03 -5.56 -13.08
CA ILE A 12 -8.09 -6.32 -12.25
C ILE A 12 -8.75 -6.72 -10.93
N LEU A 13 -8.32 -7.86 -10.39
CA LEU A 13 -8.87 -8.36 -9.13
C LEU A 13 -7.90 -8.12 -8.00
N LEU A 14 -8.28 -7.22 -7.09
CA LEU A 14 -7.44 -6.91 -5.94
C LEU A 14 -8.05 -7.47 -4.67
N ASP A 15 -7.27 -8.24 -3.93
CA ASP A 15 -7.74 -8.85 -2.69
C ASP A 15 -6.96 -8.31 -1.48
N LEU A 16 -7.68 -7.76 -0.51
CA LEU A 16 -7.06 -7.22 0.69
C LEU A 16 -7.81 -7.66 1.94
N SER A 17 -7.08 -7.77 3.05
CA SER A 17 -7.69 -8.18 4.30
C SER A 17 -8.74 -7.17 4.76
N ASN A 18 -9.67 -7.62 5.59
CA ASN A 18 -10.72 -6.74 6.10
C ASN A 18 -10.12 -5.62 6.93
N GLU A 19 -9.09 -5.95 7.69
CA GLU A 19 -8.43 -4.96 8.54
C GLU A 19 -7.94 -3.78 7.70
N VAL A 20 -7.55 -4.05 6.48
CA VAL A 20 -7.07 -2.99 5.58
C VAL A 20 -8.21 -2.05 5.20
N ILE A 21 -9.36 -2.62 4.87
CA ILE A 21 -10.51 -1.82 4.48
C ILE A 21 -10.80 -0.78 5.56
N LYS A 22 -10.63 -1.17 6.82
CA LYS A 22 -10.86 -0.25 7.92
C LYS A 22 -9.84 0.88 7.88
N GLN A 23 -8.61 0.56 7.50
CA GLN A 23 -7.56 1.57 7.40
C GLN A 23 -7.86 2.54 6.26
N LEU A 24 -8.20 1.99 5.10
CA LEU A 24 -8.51 2.83 3.95
C LEU A 24 -9.69 3.73 4.24
N ASP A 25 -10.70 3.19 4.92
CA ASP A 25 -11.88 3.97 5.25
C ASP A 25 -11.49 5.28 5.93
N ASP A 26 -10.52 5.19 6.84
CA ASP A 26 -10.05 6.39 7.56
C ASP A 26 -9.52 7.42 6.57
N LEU A 27 -8.76 6.95 5.59
CA LEU A 27 -8.20 7.84 4.57
C LEU A 27 -9.30 8.36 3.65
N GLU A 28 -10.35 7.56 3.47
CA GLU A 28 -11.46 7.93 2.61
C GLU A 28 -12.28 9.05 3.24
N VAL A 29 -12.48 8.96 4.55
CA VAL A 29 -13.27 9.97 5.26
C VAL A 29 -12.56 11.31 5.23
N GLN A 30 -11.28 11.32 5.60
CA GLN A 30 -10.50 12.56 5.60
C GLN A 30 -10.42 13.14 4.20
N ARG A 31 -10.21 12.27 3.22
CA ARG A 31 -10.10 12.71 1.83
C ARG A 31 -11.47 12.82 1.19
N ASN A 32 -12.47 12.22 1.82
CA ASN A 32 -13.83 12.27 1.30
C ASN A 32 -13.88 11.71 -0.11
N LEU A 33 -13.09 10.66 -0.36
CA LEU A 33 -13.04 10.05 -1.68
C LEU A 33 -13.06 8.53 -1.56
N PRO A 34 -13.55 7.87 -2.58
CA PRO A 34 -13.63 6.37 -2.60
C PRO A 34 -12.23 5.74 -2.59
N ARG A 35 -12.15 4.53 -2.03
CA ARG A 35 -10.88 3.82 -1.97
C ARG A 35 -10.30 3.62 -3.36
N ALA A 36 -11.14 3.18 -4.29
CA ALA A 36 -10.69 2.94 -5.65
C ALA A 36 -9.85 4.11 -6.14
N ASP A 37 -10.25 5.31 -5.77
CA ASP A 37 -9.49 6.51 -6.17
C ASP A 37 -8.14 6.55 -5.46
N LEU A 38 -8.12 6.13 -4.21
CA LEU A 38 -6.89 6.12 -3.42
C LEU A 38 -5.90 5.13 -4.00
N LEU A 39 -6.41 3.98 -4.43
CA LEU A 39 -5.55 2.94 -4.99
C LEU A 39 -4.85 3.45 -6.24
N ARG A 40 -5.59 4.12 -7.10
CA ARG A 40 -5.02 4.66 -8.33
C ARG A 40 -3.91 5.65 -8.01
N GLU A 41 -4.15 6.51 -7.02
CA GLU A 41 -3.15 7.50 -6.62
C GLU A 41 -1.95 6.81 -5.97
N ALA A 42 -2.22 5.80 -5.16
CA ALA A 42 -1.15 5.06 -4.48
C ALA A 42 -0.23 4.42 -5.51
N VAL A 43 -0.82 3.80 -6.53
CA VAL A 43 -0.03 3.16 -7.57
C VAL A 43 0.79 4.20 -8.33
N ASP A 44 0.11 5.22 -8.84
CA ASP A 44 0.79 6.27 -9.60
C ASP A 44 1.96 6.82 -8.80
N GLN A 45 1.70 7.14 -7.54
CA GLN A 45 2.74 7.66 -6.66
C GLN A 45 3.84 6.63 -6.45
N TYR A 46 3.43 5.38 -6.27
CA TYR A 46 4.39 4.30 -6.05
C TYR A 46 5.31 4.16 -7.25
N LEU A 47 4.73 4.20 -8.44
CA LEU A 47 5.52 4.06 -9.67
C LEU A 47 6.56 5.16 -9.76
N ILE A 48 6.16 6.39 -9.50
CA ILE A 48 7.09 7.51 -9.56
C ILE A 48 8.16 7.38 -8.47
N ASN A 49 7.73 7.07 -7.25
CA ASN A 49 8.65 6.92 -6.14
C ASN A 49 9.43 5.63 -6.26
N GLN A 50 8.92 4.71 -7.06
CA GLN A 50 9.57 3.42 -7.24
C GLN A 50 11.08 3.60 -7.40
N SER A 51 11.48 4.70 -8.03
CA SER A 51 12.89 4.97 -8.25
C SER A 51 13.60 5.18 -6.93
N GLN A 52 12.95 5.90 -6.01
CA GLN A 52 13.54 6.19 -4.71
C GLN A 52 13.22 5.05 -3.74
N THR A 53 13.50 3.82 -4.16
CA THR A 53 13.25 2.66 -3.31
C THR A 53 14.32 2.54 -2.23
N ALA A 54 15.52 2.13 -2.65
CA ALA A 54 16.63 1.98 -1.71
C ALA A 54 16.21 1.10 -0.53
N ARG A 55 16.19 -0.21 -0.75
CA ARG A 55 15.83 -1.15 0.31
C ARG A 55 16.63 -2.44 0.19
N THR A 56 17.19 -2.90 1.30
CA THR A 56 17.99 -4.12 1.31
C THR A 56 17.89 -4.81 2.67
N SER A 57 18.34 -6.06 2.73
CA SER A 57 18.30 -6.83 3.97
C SER A 57 16.87 -6.98 4.46
N VAL A 58 16.53 -8.18 4.91
CA VAL A 58 15.19 -8.45 5.39
C VAL A 58 15.01 -7.93 6.82
N PRO A 59 13.81 -7.53 7.17
CA PRO A 59 13.51 -7.00 8.54
C PRO A 59 13.62 -8.09 9.61
N GLY A 60 13.50 -9.34 9.19
CA GLY A 60 13.57 -10.45 10.12
C GLY A 60 12.95 -11.71 9.51
N ILE A 61 12.72 -12.71 10.34
CA ILE A 61 12.13 -13.98 9.90
C ILE A 61 10.91 -14.32 10.73
N TRP A 62 10.13 -15.29 10.26
CA TRP A 62 8.94 -15.72 10.97
C TRP A 62 9.32 -16.54 12.19
N GLN A 63 8.63 -16.30 13.31
CA GLN A 63 8.89 -17.02 14.54
C GLN A 63 7.62 -17.19 15.36
N GLY A 64 7.57 -18.23 16.17
CA GLY A 64 6.41 -18.50 17.00
C GLY A 64 6.61 -19.73 17.86
N CYS A 65 5.67 -19.99 18.76
CA CYS A 65 5.75 -21.16 19.65
C CYS A 65 4.41 -21.86 19.74
N GLU A 66 4.44 -23.19 19.58
CA GLU A 66 3.21 -23.97 19.65
C GLU A 66 2.75 -24.10 21.10
N GLU A 67 1.54 -23.62 21.38
CA GLU A 67 0.99 -23.67 22.73
C GLU A 67 0.16 -24.94 22.90
N ASP A 68 0.45 -25.70 23.95
CA ASP A 68 -0.29 -26.94 24.23
C ASP A 68 -1.48 -26.65 25.13
N GLY A 69 -2.67 -26.60 24.53
CA GLY A 69 -3.89 -26.33 25.29
C GLY A 69 -4.56 -27.64 25.69
N VAL A 70 -5.84 -27.76 25.37
CA VAL A 70 -6.60 -28.96 25.70
C VAL A 70 -6.57 -29.22 27.20
N GLU A 71 -5.44 -29.73 27.70
CA GLU A 71 -5.29 -30.01 29.13
C GLU A 71 -6.63 -30.41 29.74
N TYR A 72 -7.42 -31.17 28.99
CA TYR A 72 -8.73 -31.59 29.46
C TYR A 72 -8.58 -32.70 30.50
N GLN A 73 -8.76 -33.94 30.06
CA GLN A 73 -8.65 -35.08 30.96
C GLN A 73 -9.39 -34.81 32.26
N ARG A 74 -10.63 -35.25 32.33
CA ARG A 74 -11.45 -35.05 33.53
C ARG A 74 -12.33 -36.26 33.78
N LYS A 75 -11.82 -37.21 34.57
CA LYS A 75 -12.57 -38.42 34.89
C LYS A 75 -12.84 -38.51 36.38
N LEU A 76 -14.11 -38.34 36.77
CA LEU A 76 -14.48 -38.41 38.17
C LEU A 76 -14.95 -39.81 38.54
N ARG A 77 -14.00 -40.73 38.67
CA ARG A 77 -14.32 -42.11 39.02
C ARG A 77 -14.37 -42.28 40.52
N GLU A 78 -13.65 -41.43 41.24
CA GLU A 78 -13.62 -41.52 42.70
C GLU A 78 -13.13 -42.88 43.15
N GLU A 79 -14.06 -43.80 43.38
CA GLU A 79 -13.71 -45.14 43.82
C GLU A 79 -12.60 -45.09 44.87
N TRP A 80 -12.99 -45.01 46.14
CA TRP A 80 -12.03 -44.95 47.23
C TRP A 80 -11.07 -46.13 47.15
N MET B 1 -3.88 -28.37 7.26
CA MET B 1 -5.16 -28.09 6.54
C MET B 1 -6.34 -28.49 7.43
N ASN B 2 -6.03 -28.91 8.65
CA ASN B 2 -7.06 -29.33 9.59
C ASN B 2 -7.99 -28.16 9.90
N SER B 3 -7.43 -26.97 10.05
CA SER B 3 -8.22 -25.78 10.35
C SER B 3 -9.01 -25.35 9.12
N LEU B 4 -10.32 -25.22 9.28
CA LEU B 4 -11.18 -24.81 8.16
C LEU B 4 -10.82 -23.40 7.72
N ALA B 5 -10.58 -22.51 8.68
CA ALA B 5 -10.24 -21.13 8.36
C ALA B 5 -8.95 -21.07 7.56
N GLY B 6 -8.87 -20.10 6.66
CA GLY B 6 -7.67 -19.93 5.84
C GLY B 6 -7.79 -18.72 4.93
N ILE B 7 -8.86 -18.68 4.13
CA ILE B 7 -9.09 -17.58 3.22
C ILE B 7 -10.25 -16.73 3.73
N ASP B 8 -9.94 -15.53 4.17
CA ASP B 8 -10.98 -14.59 4.66
C ASP B 8 -10.66 -13.17 4.20
N MET B 9 -10.72 -12.94 2.89
CA MET B 9 -10.45 -11.61 2.34
C MET B 9 -11.76 -10.91 2.00
N GLY B 10 -11.65 -9.66 1.56
CA GLY B 10 -12.82 -8.87 1.19
C GLY B 10 -13.01 -8.83 -0.32
N ARG B 11 -11.94 -9.12 -1.06
CA ARG B 11 -12.00 -9.09 -2.52
C ARG B 11 -12.44 -7.72 -3.01
N ILE B 12 -11.63 -7.11 -3.87
CA ILE B 12 -11.94 -5.78 -4.40
C ILE B 12 -11.66 -5.73 -5.89
N LEU B 13 -12.42 -4.92 -6.61
CA LEU B 13 -12.25 -4.78 -8.06
C LEU B 13 -11.50 -3.51 -8.38
N LEU B 14 -10.48 -3.65 -9.24
CA LEU B 14 -9.67 -2.50 -9.63
C LEU B 14 -9.51 -2.45 -11.15
N ASP B 15 -9.62 -1.27 -11.72
CA ASP B 15 -9.48 -1.09 -13.16
C ASP B 15 -8.48 0.01 -13.49
N LEU B 16 -7.57 -0.27 -14.42
CA LEU B 16 -6.55 0.70 -14.81
C LEU B 16 -6.41 0.74 -16.32
N SER B 17 -5.83 1.82 -16.83
CA SER B 17 -5.64 1.98 -18.27
C SER B 17 -4.89 0.77 -18.83
N ASN B 18 -4.27 0.96 -19.99
CA ASN B 18 -3.51 -0.12 -20.63
C ASN B 18 -2.01 0.10 -20.46
N GLU B 19 -1.57 1.34 -20.66
CA GLU B 19 -0.15 1.66 -20.52
C GLU B 19 0.32 1.34 -19.10
N VAL B 20 -0.60 1.39 -18.15
CA VAL B 20 -0.26 1.10 -16.76
C VAL B 20 0.02 -0.40 -16.58
N ILE B 21 -0.81 -1.23 -17.20
CA ILE B 21 -0.64 -2.68 -17.11
C ILE B 21 0.77 -3.06 -17.53
N LYS B 22 1.31 -2.32 -18.50
CA LYS B 22 2.66 -2.56 -18.98
C LYS B 22 3.67 -2.19 -17.89
N GLN B 23 3.39 -1.11 -17.18
CA GLN B 23 4.28 -0.66 -16.11
C GLN B 23 4.28 -1.69 -14.98
N LEU B 24 3.08 -2.12 -14.58
CA LEU B 24 2.95 -3.11 -13.52
C LEU B 24 3.62 -4.42 -13.92
N ASP B 25 3.45 -4.80 -15.18
CA ASP B 25 4.02 -6.04 -15.68
C ASP B 25 5.52 -6.08 -15.41
N ASP B 26 6.20 -4.96 -15.65
CA ASP B 26 7.63 -4.87 -15.43
C ASP B 26 7.98 -5.17 -13.98
N LEU B 27 7.17 -4.65 -13.06
CA LEU B 27 7.40 -4.86 -11.64
C LEU B 27 7.27 -6.34 -11.29
N GLU B 28 6.36 -7.03 -11.97
CA GLU B 28 6.13 -8.44 -11.70
C GLU B 28 7.31 -9.28 -12.18
N VAL B 29 7.86 -8.93 -13.32
CA VAL B 29 9.00 -9.67 -13.87
C VAL B 29 10.31 -9.15 -13.31
N GLN B 30 10.39 -7.84 -13.11
CA GLN B 30 11.61 -7.22 -12.60
C GLN B 30 12.16 -8.05 -11.46
N ARG B 31 11.28 -8.77 -10.76
CA ARG B 31 11.71 -9.64 -9.66
C ARG B 31 11.39 -11.09 -9.96
N ASN B 32 10.23 -11.54 -9.48
CA ASN B 32 9.79 -12.93 -9.70
C ASN B 32 8.62 -13.29 -8.78
N LEU B 33 7.52 -12.58 -8.91
CA LEU B 33 6.37 -12.80 -8.07
C LEU B 33 5.12 -12.16 -8.68
N PRO B 34 3.97 -12.62 -8.34
CA PRO B 34 2.68 -12.07 -8.87
C PRO B 34 2.49 -10.57 -8.58
N ARG B 35 1.93 -9.86 -9.54
CA ARG B 35 1.68 -8.43 -9.35
C ARG B 35 0.81 -8.18 -8.13
N ALA B 36 -0.19 -9.02 -7.94
CA ALA B 36 -1.09 -8.86 -6.80
C ALA B 36 -0.30 -8.60 -5.53
N ASP B 37 0.78 -9.36 -5.35
CA ASP B 37 1.62 -9.18 -4.16
C ASP B 37 2.24 -7.79 -4.15
N LEU B 38 2.59 -7.29 -5.33
CA LEU B 38 3.18 -5.96 -5.44
C LEU B 38 2.18 -4.88 -5.05
N LEU B 39 0.94 -5.08 -5.46
CA LEU B 39 -0.11 -4.10 -5.17
C LEU B 39 -0.29 -3.96 -3.67
N ARG B 40 -0.30 -5.09 -2.96
CA ARG B 40 -0.46 -5.07 -1.52
C ARG B 40 0.65 -4.25 -0.87
N GLU B 41 1.87 -4.43 -1.35
CA GLU B 41 3.01 -3.69 -0.82
C GLU B 41 2.87 -2.20 -1.09
N ALA B 42 2.34 -1.86 -2.26
CA ALA B 42 2.15 -0.47 -2.63
C ALA B 42 1.21 0.23 -1.65
N VAL B 43 0.10 -0.44 -1.32
CA VAL B 43 -0.86 0.14 -0.39
C VAL B 43 -0.22 0.32 0.99
N ASP B 44 0.33 -0.75 1.53
CA ASP B 44 0.96 -0.70 2.84
C ASP B 44 1.95 0.45 2.90
N GLN B 45 2.79 0.57 1.87
CA GLN B 45 3.76 1.66 1.80
C GLN B 45 3.05 3.01 1.74
N TYR B 46 1.98 3.07 0.97
CA TYR B 46 1.22 4.31 0.84
C TYR B 46 0.66 4.74 2.19
N LEU B 47 0.11 3.77 2.92
CA LEU B 47 -0.47 4.07 4.23
C LEU B 47 0.60 4.62 5.17
N ILE B 48 1.76 3.99 5.17
CA ILE B 48 2.85 4.44 6.01
C ILE B 48 3.32 5.83 5.58
N ASN B 49 3.50 6.01 4.27
CA ASN B 49 3.94 7.29 3.74
C ASN B 49 2.85 8.35 3.95
N GLN B 50 1.60 7.92 4.13
CA GLN B 50 0.51 8.83 4.32
C GLN B 50 0.78 9.72 5.53
N SER B 51 1.36 9.15 6.58
CA SER B 51 1.66 9.90 7.79
C SER B 51 2.91 10.75 7.60
N GLN B 52 3.11 11.70 8.51
CA GLN B 52 4.27 12.58 8.44
C GLN B 52 4.34 13.26 7.08
N THR B 53 3.31 13.06 6.26
CA THR B 53 3.26 13.66 4.93
C THR B 53 1.93 14.37 4.71
N ALA B 54 2.00 15.65 4.37
CA ALA B 54 0.78 16.43 4.13
C ALA B 54 1.13 17.86 3.75
N ARG B 55 2.12 18.01 2.86
CA ARG B 55 2.54 19.34 2.42
C ARG B 55 1.55 19.92 1.41
N THR B 56 1.70 19.52 0.15
CA THR B 56 0.81 20.01 -0.90
C THR B 56 0.57 21.50 -0.75
N SER B 57 1.46 22.18 -0.03
CA SER B 57 1.33 23.62 0.19
C SER B 57 2.67 24.23 0.52
N VAL B 58 2.74 25.57 0.48
CA VAL B 58 3.98 26.26 0.79
C VAL B 58 5.09 25.84 -0.16
N PRO B 59 5.02 26.27 -1.38
CA PRO B 59 6.03 25.93 -2.43
C PRO B 59 7.44 26.43 -2.05
N GLY B 60 8.45 25.71 -2.50
CA GLY B 60 9.83 26.10 -2.20
C GLY B 60 10.11 27.52 -2.65
N ILE B 61 10.80 28.29 -1.80
CA ILE B 61 11.13 29.68 -2.12
C ILE B 61 12.62 29.81 -2.44
N TRP B 62 12.92 30.42 -3.58
CA TRP B 62 14.31 30.60 -4.00
C TRP B 62 14.45 31.87 -4.84
N GLN B 63 13.32 32.49 -5.14
CA GLN B 63 13.34 33.71 -5.94
C GLN B 63 13.71 34.91 -5.08
N GLY B 64 14.69 35.69 -5.53
CA GLY B 64 15.13 36.87 -4.79
C GLY B 64 16.07 37.71 -5.63
N CYS B 65 16.21 38.99 -5.26
CA CYS B 65 17.08 39.90 -5.99
C CYS B 65 17.00 39.64 -7.49
N GLU B 66 15.87 40.02 -8.09
CA GLU B 66 15.67 39.84 -9.52
C GLU B 66 16.61 40.72 -10.31
N GLU B 67 16.82 41.94 -9.83
CA GLU B 67 17.72 42.88 -10.51
C GLU B 67 18.26 43.90 -9.52
N ASP B 68 19.53 44.25 -9.67
CA ASP B 68 20.17 45.23 -8.79
C ASP B 68 21.09 46.14 -9.59
N GLY B 69 20.64 47.38 -9.83
CA GLY B 69 21.44 48.34 -10.57
C GLY B 69 22.39 49.08 -9.65
N VAL B 70 23.66 49.15 -10.04
CA VAL B 70 24.67 49.84 -9.24
C VAL B 70 24.92 51.23 -9.78
N GLU B 71 24.50 52.25 -9.02
CA GLU B 71 24.69 53.64 -9.42
C GLU B 71 25.73 54.31 -8.54
N TYR B 72 26.34 53.55 -7.65
CA TYR B 72 27.35 54.08 -6.76
C TYR B 72 28.53 54.64 -7.55
N GLN B 73 28.98 53.87 -8.53
CA GLN B 73 30.10 54.30 -9.36
C GLN B 73 31.31 54.64 -8.49
N ARG B 74 32.18 53.65 -8.28
CA ARG B 74 33.37 53.85 -7.46
C ARG B 74 34.33 54.81 -8.15
N LYS B 75 34.98 55.66 -7.35
CA LYS B 75 35.92 56.63 -7.90
C LYS B 75 35.24 57.57 -8.87
N LEU B 76 34.88 58.76 -8.40
CA LEU B 76 34.20 59.72 -9.24
C LEU B 76 35.09 60.13 -10.40
N ARG B 77 36.35 60.38 -10.11
CA ARG B 77 37.29 60.79 -11.14
C ARG B 77 37.01 62.23 -11.59
N GLU B 78 35.76 62.48 -11.98
CA GLU B 78 35.37 63.81 -12.43
C GLU B 78 36.36 64.34 -13.46
N GLU B 79 37.43 64.98 -12.99
CA GLU B 79 38.44 65.52 -13.87
C GLU B 79 37.83 66.52 -14.84
N TRP B 80 38.05 67.80 -14.59
CA TRP B 80 37.51 68.85 -15.45
C TRP B 80 36.00 68.73 -15.56
N MET A 1 -22.37 7.02 -16.46
CA MET A 1 -22.17 6.07 -15.34
C MET A 1 -20.89 5.26 -15.57
N ASN A 2 -20.26 4.84 -14.48
CA ASN A 2 -19.03 4.06 -14.58
C ASN A 2 -19.31 2.73 -15.27
N SER A 3 -20.45 2.12 -14.94
CA SER A 3 -20.81 0.84 -15.54
C SER A 3 -19.63 -0.13 -15.49
N LEU A 4 -19.77 -1.25 -16.19
CA LEU A 4 -18.71 -2.25 -16.22
C LEU A 4 -17.71 -1.92 -17.33
N ALA A 5 -16.52 -2.51 -17.23
CA ALA A 5 -15.49 -2.29 -18.23
C ALA A 5 -14.93 -0.88 -18.11
N GLY A 6 -15.79 0.11 -18.33
CA GLY A 6 -15.38 1.50 -18.25
C GLY A 6 -14.65 1.92 -19.53
N ILE A 7 -13.90 3.01 -19.44
CA ILE A 7 -13.17 3.52 -20.59
C ILE A 7 -12.09 2.53 -21.02
N ASP A 8 -12.51 1.41 -21.59
CA ASP A 8 -11.58 0.38 -22.04
C ASP A 8 -10.53 0.12 -20.97
N MET A 9 -10.91 0.27 -19.71
CA MET A 9 -9.99 0.04 -18.60
C MET A 9 -9.96 -1.44 -18.23
N GLY A 10 -8.76 -2.01 -18.20
CA GLY A 10 -8.60 -3.42 -17.87
C GLY A 10 -9.10 -3.70 -16.47
N ARG A 11 -10.07 -4.60 -16.35
CA ARG A 11 -10.63 -4.95 -15.04
C ARG A 11 -9.65 -5.82 -14.28
N ILE A 12 -9.39 -5.46 -13.02
CA ILE A 12 -8.47 -6.21 -12.17
C ILE A 12 -9.07 -6.42 -10.80
N LEU A 13 -8.84 -7.60 -10.23
CA LEU A 13 -9.36 -7.92 -8.90
C LEU A 13 -8.29 -7.73 -7.85
N LEU A 14 -8.63 -6.94 -6.83
CA LEU A 14 -7.69 -6.68 -5.74
C LEU A 14 -8.22 -7.27 -4.44
N ASP A 15 -7.37 -8.05 -3.77
CA ASP A 15 -7.76 -8.68 -2.51
C ASP A 15 -7.02 -8.04 -1.33
N LEU A 16 -7.77 -7.34 -0.49
CA LEU A 16 -7.21 -6.67 0.69
C LEU A 16 -7.58 -7.45 1.94
N SER A 17 -7.46 -6.80 3.09
CA SER A 17 -7.77 -7.45 4.36
C SER A 17 -8.71 -6.57 5.19
N ASN A 18 -9.51 -7.20 6.04
CA ASN A 18 -10.45 -6.46 6.87
C ASN A 18 -9.73 -5.34 7.61
N GLU A 19 -8.52 -5.62 8.08
CA GLU A 19 -7.74 -4.63 8.80
C GLU A 19 -7.32 -3.50 7.86
N VAL A 20 -6.97 -3.85 6.63
CA VAL A 20 -6.56 -2.85 5.65
C VAL A 20 -7.76 -1.99 5.23
N ILE A 21 -8.89 -2.64 4.96
CA ILE A 21 -10.09 -1.92 4.55
C ILE A 21 -10.40 -0.82 5.55
N LYS A 22 -10.12 -1.09 6.83
CA LYS A 22 -10.36 -0.11 7.87
C LYS A 22 -9.41 1.07 7.71
N GLN A 23 -8.16 0.77 7.38
CA GLN A 23 -7.15 1.82 7.20
C GLN A 23 -7.54 2.73 6.03
N LEU A 24 -7.91 2.12 4.91
CA LEU A 24 -8.30 2.87 3.73
C LEU A 24 -9.52 3.73 4.02
N ASP A 25 -10.47 3.15 4.74
CA ASP A 25 -11.69 3.88 5.08
C ASP A 25 -11.35 5.15 5.86
N ASP A 26 -10.39 5.04 6.77
CA ASP A 26 -9.99 6.19 7.58
C ASP A 26 -9.50 7.32 6.67
N LEU A 27 -8.75 6.96 5.63
CA LEU A 27 -8.24 7.94 4.68
C LEU A 27 -9.36 8.48 3.81
N GLU A 28 -10.36 7.66 3.55
CA GLU A 28 -11.49 8.05 2.73
C GLU A 28 -12.36 9.07 3.45
N VAL A 29 -12.57 8.85 4.75
CA VAL A 29 -13.39 9.76 5.54
C VAL A 29 -12.72 11.12 5.69
N GLN A 30 -11.44 11.11 6.07
CA GLN A 30 -10.70 12.35 6.26
C GLN A 30 -10.61 13.11 4.94
N ARG A 31 -10.28 12.39 3.88
CA ARG A 31 -10.16 13.01 2.56
C ARG A 31 -11.52 13.10 1.88
N ASN A 32 -12.50 12.38 2.40
CA ASN A 32 -13.84 12.39 1.84
C ASN A 32 -13.80 12.02 0.37
N LEU A 33 -12.98 11.04 0.02
CA LEU A 33 -12.85 10.61 -1.37
C LEU A 33 -12.91 9.09 -1.47
N PRO A 34 -13.37 8.58 -2.59
CA PRO A 34 -13.47 7.11 -2.82
C PRO A 34 -12.10 6.42 -2.80
N ARG A 35 -12.09 5.15 -2.42
CA ARG A 35 -10.85 4.39 -2.37
C ARG A 35 -10.27 4.24 -3.77
N ALA A 36 -11.12 3.89 -4.73
CA ALA A 36 -10.67 3.70 -6.10
C ALA A 36 -9.75 4.84 -6.53
N ASP A 37 -10.11 6.05 -6.13
CA ASP A 37 -9.30 7.21 -6.47
C ASP A 37 -7.97 7.17 -5.72
N LEU A 38 -8.02 6.72 -4.47
CA LEU A 38 -6.81 6.64 -3.66
C LEU A 38 -5.87 5.56 -4.20
N LEU A 39 -6.45 4.45 -4.64
CA LEU A 39 -5.66 3.36 -5.17
C LEU A 39 -4.89 3.80 -6.40
N ARG A 40 -5.57 4.50 -7.29
CA ARG A 40 -4.95 4.98 -8.53
C ARG A 40 -3.72 5.82 -8.19
N GLU A 41 -3.86 6.68 -7.19
CA GLU A 41 -2.75 7.53 -6.77
C GLU A 41 -1.65 6.71 -6.13
N ALA A 42 -2.04 5.68 -5.38
CA ALA A 42 -1.07 4.82 -4.72
C ALA A 42 -0.12 4.21 -5.74
N VAL A 43 -0.69 3.66 -6.82
CA VAL A 43 0.13 3.04 -7.86
C VAL A 43 1.07 4.07 -8.48
N ASP A 44 0.50 5.17 -8.97
CA ASP A 44 1.29 6.21 -9.61
C ASP A 44 2.42 6.65 -8.68
N GLN A 45 2.07 6.97 -7.44
CA GLN A 45 3.07 7.39 -6.47
C GLN A 45 4.03 6.23 -6.16
N TYR A 46 3.50 5.02 -6.11
CA TYR A 46 4.32 3.86 -5.83
C TYR A 46 5.38 3.69 -6.89
N LEU A 47 5.00 3.83 -8.15
CA LEU A 47 5.95 3.67 -9.25
C LEU A 47 7.13 4.62 -9.10
N ILE A 48 6.83 5.88 -8.84
CA ILE A 48 7.89 6.87 -8.67
C ILE A 48 8.59 6.67 -7.33
N ASN A 49 7.81 6.55 -6.27
CA ASN A 49 8.36 6.36 -4.94
C ASN A 49 9.03 5.01 -4.82
N GLN A 50 8.77 4.13 -5.78
CA GLN A 50 9.35 2.81 -5.77
C GLN A 50 10.84 2.88 -5.41
N SER A 51 11.39 4.09 -5.46
CA SER A 51 12.80 4.29 -5.13
C SER A 51 13.68 4.00 -6.34
N GLN A 52 13.33 4.60 -7.47
CA GLN A 52 14.10 4.43 -8.69
C GLN A 52 15.56 4.82 -8.47
N THR A 53 16.33 3.91 -7.88
CA THR A 53 17.74 4.18 -7.61
C THR A 53 17.91 5.50 -6.88
N ALA A 54 16.78 6.10 -6.47
CA ALA A 54 16.82 7.37 -5.77
C ALA A 54 17.33 7.18 -4.35
N ARG A 55 18.11 8.13 -3.87
CA ARG A 55 18.66 8.06 -2.52
C ARG A 55 19.20 6.67 -2.23
N THR A 56 20.50 6.49 -2.39
CA THR A 56 21.13 5.20 -2.14
C THR A 56 20.88 4.75 -0.70
N SER A 57 21.05 5.66 0.24
CA SER A 57 20.84 5.34 1.64
C SER A 57 19.34 5.27 1.96
N VAL A 58 18.96 4.28 2.76
CA VAL A 58 17.56 4.10 3.12
C VAL A 58 17.45 3.37 4.46
N PRO A 59 18.03 3.92 5.49
CA PRO A 59 18.00 3.31 6.86
C PRO A 59 16.60 3.36 7.48
N GLY A 60 16.38 2.53 8.49
CA GLY A 60 15.09 2.49 9.17
C GLY A 60 14.16 1.50 8.50
N ILE A 61 14.72 0.43 7.95
CA ILE A 61 13.93 -0.59 7.27
C ILE A 61 12.65 -0.88 8.07
N TRP A 62 11.67 -1.46 7.40
CA TRP A 62 10.40 -1.78 8.04
C TRP A 62 10.61 -2.88 9.08
N GLN A 63 10.57 -2.49 10.36
CA GLN A 63 10.75 -3.43 11.45
C GLN A 63 9.39 -3.94 11.95
N GLY A 64 8.35 -3.15 11.71
CA GLY A 64 7.01 -3.54 12.14
C GLY A 64 6.88 -3.49 13.66
N CYS A 65 7.61 -2.57 14.28
CA CYS A 65 7.57 -2.43 15.73
C CYS A 65 6.22 -1.91 16.19
N GLU A 66 5.54 -2.68 17.03
CA GLU A 66 4.22 -2.27 17.53
C GLU A 66 4.12 -2.56 19.02
N GLU A 67 3.47 -1.66 19.74
CA GLU A 67 3.31 -1.81 21.19
C GLU A 67 2.23 -2.85 21.49
N ASP A 68 2.65 -4.11 21.58
CA ASP A 68 1.71 -5.20 21.85
C ASP A 68 1.50 -5.34 23.37
N GLY A 69 0.28 -5.04 23.81
CA GLY A 69 -0.03 -5.14 25.23
C GLY A 69 -1.50 -4.80 25.48
N VAL A 70 -1.81 -4.41 26.71
CA VAL A 70 -3.18 -4.05 27.08
C VAL A 70 -3.20 -2.73 27.87
N GLU A 71 -4.22 -1.92 27.63
CA GLU A 71 -4.34 -0.65 28.31
C GLU A 71 -4.67 -0.87 29.77
N TYR A 72 -5.11 0.18 30.44
CA TYR A 72 -5.47 0.12 31.86
C TYR A 72 -6.93 0.46 32.07
N GLN A 73 -7.59 -0.29 32.95
CA GLN A 73 -8.99 -0.06 33.25
C GLN A 73 -9.78 0.15 31.95
N ARG A 74 -10.21 -0.94 31.34
CA ARG A 74 -10.98 -0.87 30.10
C ARG A 74 -12.46 -0.69 30.39
N LYS A 75 -13.14 0.08 29.54
CA LYS A 75 -14.57 0.33 29.71
C LYS A 75 -15.36 -0.20 28.52
N LEU A 76 -16.57 -0.66 28.78
CA LEU A 76 -17.42 -1.18 27.72
C LEU A 76 -16.71 -2.31 26.98
N ARG A 77 -17.26 -2.70 25.83
CA ARG A 77 -16.67 -3.76 25.04
C ARG A 77 -15.57 -3.21 24.14
N GLU A 78 -14.47 -3.95 24.03
CA GLU A 78 -13.35 -3.53 23.21
C GLU A 78 -13.72 -3.58 21.73
N GLU A 79 -13.28 -2.58 20.97
CA GLU A 79 -13.57 -2.51 19.55
C GLU A 79 -12.50 -3.27 18.75
N TRP A 80 -11.52 -3.83 19.47
CA TRP A 80 -10.45 -4.57 18.82
C TRP A 80 -9.66 -3.66 17.88
N MET B 1 4.07 -23.90 8.28
CA MET B 1 3.98 -22.81 7.27
C MET B 1 2.73 -21.97 7.55
N ASN B 2 2.75 -20.73 7.09
CA ASN B 2 1.62 -19.83 7.30
C ASN B 2 0.37 -20.37 6.60
N SER B 3 0.57 -20.99 5.44
CA SER B 3 -0.53 -21.55 4.67
C SER B 3 -1.56 -20.47 4.35
N LEU B 4 -1.76 -20.21 3.06
CA LEU B 4 -2.72 -19.20 2.63
C LEU B 4 -4.12 -19.81 2.51
N ALA B 5 -4.27 -21.04 2.97
CA ALA B 5 -5.55 -21.72 2.90
C ALA B 5 -6.62 -20.90 3.61
N GLY B 6 -7.84 -20.96 3.08
CA GLY B 6 -8.96 -20.21 3.66
C GLY B 6 -8.96 -18.78 3.13
N ILE B 7 -10.17 -18.20 3.01
CA ILE B 7 -10.30 -16.84 2.51
C ILE B 7 -10.73 -15.91 3.64
N ASP B 8 -9.83 -14.98 3.99
CA ASP B 8 -10.11 -14.02 5.07
C ASP B 8 -10.10 -12.61 4.50
N MET B 9 -10.33 -12.47 3.21
CA MET B 9 -10.34 -11.16 2.56
C MET B 9 -11.76 -10.74 2.24
N GLY B 10 -11.91 -9.56 1.64
CA GLY B 10 -13.23 -9.04 1.27
C GLY B 10 -13.37 -8.92 -0.24
N ARG B 11 -12.28 -9.14 -0.95
CA ARG B 11 -12.28 -9.05 -2.40
C ARG B 11 -12.74 -7.67 -2.85
N ILE B 12 -12.02 -7.09 -3.81
CA ILE B 12 -12.36 -5.76 -4.32
C ILE B 12 -12.14 -5.72 -5.83
N LEU B 13 -12.86 -4.81 -6.49
CA LEU B 13 -12.75 -4.66 -7.94
C LEU B 13 -12.16 -3.32 -8.30
N LEU B 14 -11.29 -3.33 -9.31
CA LEU B 14 -10.65 -2.10 -9.75
C LEU B 14 -10.49 -2.08 -11.26
N ASP B 15 -10.57 -0.89 -11.85
CA ASP B 15 -10.41 -0.73 -13.30
C ASP B 15 -9.17 0.08 -13.62
N LEU B 16 -8.21 -0.57 -14.29
CA LEU B 16 -6.95 0.09 -14.67
C LEU B 16 -6.82 0.16 -16.18
N SER B 17 -6.21 1.25 -16.64
CA SER B 17 -6.01 1.45 -18.07
C SER B 17 -5.21 0.29 -18.65
N ASN B 18 -4.61 0.51 -19.81
CA ASN B 18 -3.80 -0.51 -20.47
C ASN B 18 -2.32 -0.17 -20.38
N GLU B 19 -2.03 1.11 -20.19
CA GLU B 19 -0.66 1.57 -20.08
C GLU B 19 -0.07 1.22 -18.73
N VAL B 20 -0.92 1.22 -17.70
CA VAL B 20 -0.48 0.89 -16.35
C VAL B 20 -0.13 -0.58 -16.24
N ILE B 21 -0.98 -1.44 -16.79
CA ILE B 21 -0.74 -2.88 -16.75
C ILE B 21 0.65 -3.18 -17.30
N LYS B 22 1.08 -2.40 -18.28
CA LYS B 22 2.40 -2.57 -18.86
C LYS B 22 3.48 -2.20 -17.85
N GLN B 23 3.24 -1.13 -17.09
CA GLN B 23 4.20 -0.68 -16.10
C GLN B 23 4.33 -1.71 -14.98
N LEU B 24 3.18 -2.19 -14.50
CA LEU B 24 3.18 -3.18 -13.43
C LEU B 24 3.84 -4.47 -13.89
N ASP B 25 3.54 -4.87 -15.13
CA ASP B 25 4.12 -6.09 -15.68
C ASP B 25 5.64 -5.97 -15.73
N ASP B 26 6.13 -4.80 -16.09
CA ASP B 26 7.57 -4.58 -16.18
C ASP B 26 8.22 -4.84 -14.82
N LEU B 27 7.53 -4.42 -13.76
CA LEU B 27 8.04 -4.62 -12.41
C LEU B 27 7.93 -6.08 -12.00
N GLU B 28 6.95 -6.78 -12.56
CA GLU B 28 6.74 -8.18 -12.23
C GLU B 28 7.85 -9.03 -12.85
N VAL B 29 8.25 -8.68 -14.07
CA VAL B 29 9.30 -9.43 -14.74
C VAL B 29 10.64 -9.29 -14.02
N GLN B 30 11.01 -8.05 -13.72
CA GLN B 30 12.28 -7.79 -13.04
C GLN B 30 12.27 -8.43 -11.65
N ARG B 31 11.18 -8.22 -10.92
CA ARG B 31 11.07 -8.79 -9.57
C ARG B 31 10.61 -10.24 -9.63
N ASN B 32 10.13 -10.66 -10.78
CA ASN B 32 9.66 -12.03 -10.96
C ASN B 32 8.68 -12.41 -9.86
N LEU B 33 7.72 -11.53 -9.60
CA LEU B 33 6.73 -11.78 -8.57
C LEU B 33 5.33 -11.41 -9.08
N PRO B 34 4.31 -11.96 -8.48
CA PRO B 34 2.89 -11.67 -8.86
C PRO B 34 2.49 -10.22 -8.60
N ARG B 35 1.60 -9.71 -9.42
CA ARG B 35 1.12 -8.34 -9.26
C ARG B 35 0.47 -8.16 -7.90
N ALA B 36 -0.37 -9.11 -7.51
CA ALA B 36 -1.07 -9.01 -6.24
C ALA B 36 -0.10 -8.61 -5.13
N ASP B 37 1.10 -9.18 -5.16
CA ASP B 37 2.11 -8.86 -4.15
C ASP B 37 2.53 -7.40 -4.27
N LEU B 38 2.62 -6.91 -5.51
CA LEU B 38 3.02 -5.54 -5.74
C LEU B 38 1.96 -4.58 -5.22
N LEU B 39 0.70 -4.90 -5.47
CA LEU B 39 -0.39 -4.06 -5.04
C LEU B 39 -0.46 -3.98 -3.52
N ARG B 40 -0.36 -5.14 -2.88
CA ARG B 40 -0.40 -5.19 -1.42
C ARG B 40 0.72 -4.37 -0.82
N GLU B 41 1.91 -4.51 -1.39
CA GLU B 41 3.08 -3.78 -0.91
C GLU B 41 2.92 -2.29 -1.19
N ALA B 42 2.36 -1.96 -2.35
CA ALA B 42 2.16 -0.57 -2.72
C ALA B 42 1.26 0.13 -1.71
N VAL B 43 0.20 -0.54 -1.29
CA VAL B 43 -0.72 0.05 -0.33
C VAL B 43 -0.02 0.22 1.02
N ASP B 44 0.59 -0.86 1.51
CA ASP B 44 1.29 -0.82 2.79
C ASP B 44 2.27 0.35 2.80
N GLN B 45 3.05 0.47 1.74
CA GLN B 45 4.02 1.55 1.64
C GLN B 45 3.33 2.91 1.65
N TYR B 46 2.21 3.00 0.92
CA TYR B 46 1.45 4.24 0.86
C TYR B 46 0.97 4.65 2.24
N LEU B 47 0.52 3.68 3.01
CA LEU B 47 0.03 3.95 4.36
C LEU B 47 1.14 4.49 5.24
N ILE B 48 2.33 3.90 5.11
CA ILE B 48 3.47 4.35 5.90
C ILE B 48 3.79 5.79 5.58
N ASN B 49 3.80 6.14 4.30
CA ASN B 49 4.09 7.49 3.87
C ASN B 49 3.03 8.44 4.40
N GLN B 50 1.77 8.00 4.37
CA GLN B 50 0.66 8.82 4.84
C GLN B 50 0.59 8.78 6.37
N SER B 51 1.74 8.66 7.01
CA SER B 51 1.80 8.60 8.46
C SER B 51 3.23 8.84 8.94
N GLN B 52 3.79 10.00 8.61
CA GLN B 52 5.15 10.32 9.01
C GLN B 52 5.16 10.94 10.40
N THR B 53 5.16 10.08 11.42
CA THR B 53 5.16 10.56 12.81
C THR B 53 4.19 11.71 12.99
N ALA B 54 3.09 11.67 12.24
CA ALA B 54 2.06 12.72 12.32
C ALA B 54 0.74 12.13 12.78
N ARG B 55 0.58 12.01 14.10
CA ARG B 55 -0.66 11.46 14.67
C ARG B 55 -1.71 12.54 14.79
N THR B 56 -2.95 12.19 14.48
CA THR B 56 -4.07 13.14 14.56
C THR B 56 -4.81 12.98 15.87
N SER B 57 -5.67 13.95 16.18
CA SER B 57 -6.45 13.92 17.40
C SER B 57 -7.54 12.87 17.32
N VAL B 58 -8.32 12.71 18.38
CA VAL B 58 -9.41 11.74 18.42
C VAL B 58 -10.70 12.39 18.91
N PRO B 59 -11.17 13.39 18.21
CA PRO B 59 -12.41 14.12 18.57
C PRO B 59 -13.66 13.27 18.34
N GLY B 60 -14.75 13.63 19.03
CA GLY B 60 -16.00 12.90 18.89
C GLY B 60 -16.44 12.85 17.42
N ILE B 61 -17.24 11.85 17.09
CA ILE B 61 -17.73 11.69 15.72
C ILE B 61 -19.12 12.32 15.57
N TRP B 62 -19.28 13.15 14.54
CA TRP B 62 -20.55 13.82 14.31
C TRP B 62 -21.64 12.78 13.99
N GLN B 63 -21.29 11.80 13.15
CA GLN B 63 -22.24 10.76 12.78
C GLN B 63 -21.95 9.47 13.55
N GLY B 64 -22.85 9.12 14.45
CA GLY B 64 -22.68 7.91 15.25
C GLY B 64 -22.92 6.67 14.39
N CYS B 65 -21.83 6.01 14.00
CA CYS B 65 -21.92 4.79 13.19
C CYS B 65 -22.66 3.70 13.94
N GLU B 66 -22.55 3.73 15.27
CA GLU B 66 -23.20 2.73 16.10
C GLU B 66 -24.71 2.81 15.96
N GLU B 67 -25.21 4.02 15.78
CA GLU B 67 -26.65 4.23 15.64
C GLU B 67 -27.41 3.65 16.83
N ASP B 68 -28.14 2.58 16.57
CA ASP B 68 -28.91 1.92 17.63
C ASP B 68 -28.01 1.02 18.47
N GLY B 69 -26.75 0.90 18.05
CA GLY B 69 -25.80 0.06 18.77
C GLY B 69 -25.87 -1.39 18.28
N VAL B 70 -24.85 -2.17 18.62
CA VAL B 70 -24.80 -3.57 18.22
C VAL B 70 -25.67 -4.42 19.12
N GLU B 71 -26.11 -3.83 20.24
CA GLU B 71 -26.95 -4.54 21.19
C GLU B 71 -28.00 -5.39 20.46
N TYR B 72 -27.66 -6.64 20.21
CA TYR B 72 -28.58 -7.54 19.52
C TYR B 72 -29.60 -8.13 20.50
N GLN B 73 -30.87 -8.08 20.12
CA GLN B 73 -31.92 -8.61 20.97
C GLN B 73 -31.82 -10.13 21.07
N ARG B 74 -31.79 -10.63 22.29
CA ARG B 74 -31.70 -12.07 22.53
C ARG B 74 -33.03 -12.75 22.21
N LYS B 75 -32.95 -13.94 21.62
CA LYS B 75 -34.16 -14.69 21.28
C LYS B 75 -33.83 -16.17 21.10
N LEU B 76 -34.05 -16.95 22.14
CA LEU B 76 -33.78 -18.39 22.08
C LEU B 76 -35.00 -19.15 21.58
N ARG B 77 -34.78 -20.06 20.65
CA ARG B 77 -35.87 -20.86 20.10
C ARG B 77 -36.35 -21.89 21.11
N GLU B 78 -37.67 -22.07 21.19
CA GLU B 78 -38.24 -23.02 22.13
C GLU B 78 -39.69 -23.35 21.74
N GLU B 79 -39.95 -24.62 21.48
CA GLU B 79 -41.29 -25.05 21.10
C GLU B 79 -42.24 -24.96 22.30
N TRP B 80 -41.74 -25.30 23.48
CA TRP B 80 -42.54 -25.26 24.68
C TRP B 80 -43.06 -23.84 24.93
N MET A 1 -26.18 11.98 -20.95
CA MET A 1 -26.27 10.51 -21.19
C MET A 1 -25.34 9.79 -20.20
N ASN A 2 -25.02 8.54 -20.51
CA ASN A 2 -24.14 7.76 -19.65
C ASN A 2 -22.69 7.99 -20.03
N SER A 3 -22.16 9.15 -19.65
CA SER A 3 -20.77 9.48 -19.94
C SER A 3 -19.82 8.49 -19.28
N LEU A 4 -20.12 8.12 -18.04
CA LEU A 4 -19.28 7.19 -17.31
C LEU A 4 -19.54 5.76 -17.77
N ALA A 5 -18.46 5.00 -17.98
CA ALA A 5 -18.60 3.62 -18.43
C ALA A 5 -17.24 2.93 -18.41
N GLY A 6 -16.41 3.24 -19.40
CA GLY A 6 -15.08 2.65 -19.48
C GLY A 6 -14.46 2.90 -20.85
N ILE A 7 -13.54 3.87 -20.92
CA ILE A 7 -12.87 4.20 -22.18
C ILE A 7 -11.54 3.46 -22.28
N ASP A 8 -11.55 2.33 -22.97
CA ASP A 8 -10.34 1.55 -23.15
C ASP A 8 -9.63 1.36 -21.81
N MET A 9 -10.19 0.51 -20.97
CA MET A 9 -9.60 0.24 -19.65
C MET A 9 -9.59 -1.25 -19.36
N GLY A 10 -9.10 -1.63 -18.19
CA GLY A 10 -9.03 -3.04 -17.80
C GLY A 10 -9.41 -3.21 -16.34
N ARG A 11 -10.15 -4.26 -16.04
CA ARG A 11 -10.58 -4.53 -14.67
C ARG A 11 -9.57 -5.44 -13.97
N ILE A 12 -9.41 -5.24 -12.67
CA ILE A 12 -8.47 -6.03 -11.88
C ILE A 12 -9.10 -6.51 -10.60
N LEU A 13 -8.59 -7.61 -10.05
CA LEU A 13 -9.12 -8.17 -8.81
C LEU A 13 -8.08 -8.13 -7.73
N LEU A 14 -8.40 -7.45 -6.63
CA LEU A 14 -7.49 -7.35 -5.50
C LEU A 14 -8.19 -7.76 -4.21
N ASP A 15 -7.49 -8.52 -3.37
CA ASP A 15 -8.04 -8.97 -2.10
C ASP A 15 -7.28 -8.37 -0.92
N LEU A 16 -7.96 -7.51 -0.15
CA LEU A 16 -7.36 -6.88 1.01
C LEU A 16 -8.03 -7.34 2.29
N SER A 17 -7.22 -7.57 3.33
CA SER A 17 -7.76 -8.01 4.61
C SER A 17 -8.79 -7.02 5.13
N ASN A 18 -9.67 -7.50 6.00
CA ASN A 18 -10.71 -6.65 6.57
C ASN A 18 -10.10 -5.55 7.43
N GLU A 19 -8.92 -5.83 7.98
CA GLU A 19 -8.24 -4.86 8.83
C GLU A 19 -7.78 -3.66 8.00
N VAL A 20 -7.32 -3.91 6.79
CA VAL A 20 -6.87 -2.84 5.91
C VAL A 20 -8.05 -1.99 5.45
N ILE A 21 -9.15 -2.65 5.09
CA ILE A 21 -10.34 -1.94 4.63
C ILE A 21 -10.75 -0.89 5.66
N LYS A 22 -10.58 -1.24 6.93
CA LYS A 22 -10.92 -0.31 8.01
C LYS A 22 -9.98 0.90 7.97
N GLN A 23 -8.71 0.64 7.72
CA GLN A 23 -7.72 1.71 7.67
C GLN A 23 -8.05 2.66 6.52
N LEU A 24 -8.29 2.10 5.34
CA LEU A 24 -8.63 2.91 4.17
C LEU A 24 -9.91 3.68 4.40
N ASP A 25 -10.89 3.02 5.00
CA ASP A 25 -12.17 3.67 5.26
C ASP A 25 -11.97 4.92 6.11
N ASP A 26 -11.11 4.81 7.12
CA ASP A 26 -10.84 5.95 8.01
C ASP A 26 -10.23 7.09 7.21
N LEU A 27 -9.30 6.76 6.32
CA LEU A 27 -8.65 7.77 5.49
C LEU A 27 -9.63 8.33 4.46
N GLU A 28 -10.54 7.48 3.99
CA GLU A 28 -11.51 7.90 3.00
C GLU A 28 -12.46 8.95 3.58
N VAL A 29 -12.90 8.73 4.80
CA VAL A 29 -13.80 9.67 5.45
C VAL A 29 -13.13 11.02 5.65
N GLN A 30 -11.89 10.99 6.11
CA GLN A 30 -11.13 12.21 6.34
C GLN A 30 -10.83 12.91 5.01
N ARG A 31 -10.49 12.12 4.00
CA ARG A 31 -10.17 12.67 2.68
C ARG A 31 -11.43 12.79 1.84
N ASN A 32 -12.55 12.33 2.39
CA ASN A 32 -13.82 12.41 1.68
C ASN A 32 -13.64 12.01 0.23
N LEU A 33 -12.85 10.96 0.00
CA LEU A 33 -12.61 10.49 -1.36
C LEU A 33 -12.70 8.97 -1.44
N PRO A 34 -13.10 8.46 -2.58
CA PRO A 34 -13.23 6.98 -2.78
C PRO A 34 -11.88 6.27 -2.75
N ARG A 35 -11.90 5.00 -2.36
CA ARG A 35 -10.66 4.22 -2.30
C ARG A 35 -10.04 4.09 -3.69
N ALA A 36 -10.90 3.89 -4.69
CA ALA A 36 -10.42 3.73 -6.06
C ALA A 36 -9.46 4.86 -6.42
N ASP A 37 -9.85 6.09 -6.09
CA ASP A 37 -9.02 7.25 -6.38
C ASP A 37 -7.72 7.19 -5.58
N LEU A 38 -7.84 6.82 -4.31
CA LEU A 38 -6.67 6.71 -3.44
C LEU A 38 -5.73 5.63 -3.92
N LEU A 39 -6.28 4.51 -4.34
CA LEU A 39 -5.47 3.40 -4.82
C LEU A 39 -4.68 3.81 -6.05
N ARG A 40 -5.34 4.53 -6.95
CA ARG A 40 -4.68 4.97 -8.18
C ARG A 40 -3.48 5.85 -7.85
N GLU A 41 -3.66 6.76 -6.90
CA GLU A 41 -2.58 7.66 -6.50
C GLU A 41 -1.47 6.88 -5.80
N ALA A 42 -1.86 6.00 -4.88
CA ALA A 42 -0.89 5.21 -4.14
C ALA A 42 -0.02 4.39 -5.09
N VAL A 43 -0.64 3.85 -6.14
CA VAL A 43 0.10 3.06 -7.12
C VAL A 43 0.93 3.96 -8.03
N ASP A 44 0.27 4.94 -8.64
CA ASP A 44 0.96 5.85 -9.55
C ASP A 44 2.12 6.54 -8.84
N GLN A 45 1.87 7.00 -7.61
CA GLN A 45 2.91 7.67 -6.84
C GLN A 45 4.14 6.77 -6.72
N TYR A 46 3.93 5.51 -6.41
CA TYR A 46 5.03 4.57 -6.27
C TYR A 46 5.74 4.38 -7.60
N LEU A 47 4.96 4.20 -8.66
CA LEU A 47 5.54 4.00 -9.99
C LEU A 47 6.34 5.21 -10.43
N ILE A 48 5.79 6.39 -10.22
CA ILE A 48 6.48 7.61 -10.61
C ILE A 48 7.86 7.67 -9.98
N ASN A 49 7.96 7.21 -8.74
CA ASN A 49 9.24 7.19 -8.05
C ASN A 49 10.01 5.93 -8.37
N GLN A 50 9.29 4.83 -8.66
CA GLN A 50 9.91 3.59 -8.98
C GLN A 50 10.00 3.42 -10.47
N SER A 51 8.84 3.17 -11.12
CA SER A 51 8.77 3.03 -12.58
C SER A 51 10.09 2.48 -13.13
N GLN A 52 11.04 3.41 -13.30
CA GLN A 52 12.37 3.06 -13.76
C GLN A 52 12.90 1.86 -12.99
N THR A 53 13.70 1.04 -13.65
CA THR A 53 14.27 -0.15 -13.02
C THR A 53 15.80 -0.16 -13.19
N ALA A 54 16.51 -0.33 -12.08
CA ALA A 54 17.96 -0.36 -12.12
C ALA A 54 18.52 -0.82 -10.78
N ARG A 55 17.79 -1.73 -10.12
CA ARG A 55 18.23 -2.25 -8.83
C ARG A 55 19.05 -3.51 -9.00
N THR A 56 20.37 -3.37 -8.88
CA THR A 56 21.27 -4.51 -9.03
C THR A 56 21.47 -5.23 -7.69
N SER A 57 21.03 -4.58 -6.61
CA SER A 57 21.16 -5.15 -5.28
C SER A 57 22.63 -5.34 -4.93
N VAL A 58 22.97 -5.03 -3.68
CA VAL A 58 24.36 -5.16 -3.20
C VAL A 58 24.39 -5.67 -1.78
N PRO A 59 23.86 -6.85 -1.56
CA PRO A 59 23.83 -7.48 -0.19
C PRO A 59 25.22 -7.87 0.28
N GLY A 60 25.38 -7.94 1.60
CA GLY A 60 26.67 -8.31 2.18
C GLY A 60 27.56 -7.10 2.33
N ILE A 61 27.50 -6.46 3.50
CA ILE A 61 28.32 -5.27 3.77
C ILE A 61 29.64 -5.67 4.43
N TRP A 62 30.71 -4.98 4.06
CA TRP A 62 32.02 -5.25 4.64
C TRP A 62 32.00 -5.10 6.14
N GLN A 63 31.25 -4.10 6.63
CA GLN A 63 31.15 -3.86 8.05
C GLN A 63 30.41 -5.00 8.74
N GLY A 64 30.99 -5.52 9.82
CA GLY A 64 30.38 -6.61 10.56
C GLY A 64 30.86 -6.62 12.01
N CYS A 65 29.92 -6.67 12.94
CA CYS A 65 30.25 -6.68 14.37
C CYS A 65 29.61 -7.88 15.05
N GLU A 66 30.25 -8.35 16.12
CA GLU A 66 29.73 -9.50 16.87
C GLU A 66 30.14 -9.41 18.34
N GLU A 67 29.74 -10.40 19.11
CA GLU A 67 30.08 -10.43 20.53
C GLU A 67 31.56 -10.72 20.73
N ASP A 68 32.39 -10.12 19.88
CA ASP A 68 33.83 -10.32 19.97
C ASP A 68 34.35 -9.90 21.34
N GLY A 69 35.60 -10.26 21.63
CA GLY A 69 36.19 -9.93 22.91
C GLY A 69 35.77 -10.92 23.99
N VAL A 70 36.69 -11.79 24.38
CA VAL A 70 36.40 -12.80 25.40
C VAL A 70 37.59 -12.94 26.36
N GLU A 71 37.28 -13.13 27.64
CA GLU A 71 38.33 -13.30 28.64
C GLU A 71 37.79 -14.07 29.85
N TYR A 72 37.72 -15.38 29.72
CA TYR A 72 37.23 -16.22 30.81
C TYR A 72 38.22 -16.23 31.96
N GLN A 73 37.72 -15.94 33.17
CA GLN A 73 38.58 -15.92 34.35
C GLN A 73 38.85 -17.34 34.84
N ARG A 74 40.11 -17.75 34.78
CA ARG A 74 40.50 -19.09 35.21
C ARG A 74 40.61 -19.14 36.74
N LYS A 75 39.98 -20.14 37.34
CA LYS A 75 40.02 -20.31 38.79
C LYS A 75 40.19 -21.77 39.16
N LEU A 76 41.07 -22.03 40.12
CA LEU A 76 41.32 -23.41 40.56
C LEU A 76 40.14 -23.91 41.38
N ARG A 77 38.95 -23.88 40.80
CA ARG A 77 37.76 -24.35 41.48
C ARG A 77 37.88 -25.82 41.85
N GLU A 78 38.41 -26.62 40.92
CA GLU A 78 38.59 -28.05 41.16
C GLU A 78 37.25 -28.70 41.51
N GLU A 79 36.69 -29.45 40.57
CA GLU A 79 35.42 -30.12 40.80
C GLU A 79 35.54 -31.17 41.90
N TRP A 80 36.64 -31.94 41.85
CA TRP A 80 36.87 -32.98 42.85
C TRP A 80 37.70 -32.43 44.01
N MET B 1 3.90 -9.30 10.54
CA MET B 1 3.54 -10.13 11.73
C MET B 1 2.62 -11.27 11.29
N ASN B 2 2.46 -11.42 9.98
CA ASN B 2 1.60 -12.47 9.44
C ASN B 2 0.22 -12.43 10.10
N SER B 3 0.10 -13.07 11.27
CA SER B 3 -1.16 -13.09 11.98
C SER B 3 -2.30 -13.45 11.04
N LEU B 4 -2.17 -14.60 10.38
CA LEU B 4 -3.21 -15.06 9.46
C LEU B 4 -3.46 -14.04 8.36
N ALA B 5 -3.76 -14.54 7.17
CA ALA B 5 -4.02 -13.64 6.05
C ALA B 5 -5.28 -12.82 6.29
N GLY B 6 -6.32 -13.48 6.79
CA GLY B 6 -7.59 -12.79 7.06
C GLY B 6 -8.76 -13.74 6.87
N ILE B 7 -9.98 -13.22 7.03
CA ILE B 7 -11.18 -14.03 6.86
C ILE B 7 -11.69 -13.90 5.43
N ASP B 8 -11.38 -14.90 4.61
CA ASP B 8 -11.84 -14.90 3.23
C ASP B 8 -11.70 -13.51 2.62
N MET B 9 -10.84 -12.69 3.20
CA MET B 9 -10.63 -11.34 2.72
C MET B 9 -11.97 -10.67 2.44
N GLY B 10 -11.92 -9.47 1.84
CA GLY B 10 -13.13 -8.72 1.52
C GLY B 10 -13.31 -8.61 0.01
N ARG B 11 -12.30 -9.02 -0.73
CA ARG B 11 -12.35 -8.96 -2.20
C ARG B 11 -12.64 -7.54 -2.65
N ILE B 12 -11.69 -6.96 -3.38
CA ILE B 12 -11.84 -5.58 -3.88
C ILE B 12 -11.75 -5.55 -5.39
N LEU B 13 -12.48 -4.62 -6.00
CA LEU B 13 -12.48 -4.49 -7.45
C LEU B 13 -11.78 -3.21 -7.86
N LEU B 14 -10.72 -3.36 -8.66
CA LEU B 14 -9.96 -2.20 -9.13
C LEU B 14 -9.80 -2.24 -10.64
N ASP B 15 -9.91 -1.07 -11.27
CA ASP B 15 -9.76 -0.97 -12.73
C ASP B 15 -8.73 0.09 -13.08
N LEU B 16 -7.71 -0.30 -13.84
CA LEU B 16 -6.66 0.62 -14.25
C LEU B 16 -6.55 0.66 -15.76
N SER B 17 -6.07 1.80 -16.28
CA SER B 17 -5.91 1.97 -17.72
C SER B 17 -5.21 0.75 -18.34
N ASN B 18 -4.62 0.95 -19.50
CA ASN B 18 -3.91 -0.14 -20.18
C ASN B 18 -2.40 0.07 -20.09
N GLU B 19 -1.97 1.32 -20.21
CA GLU B 19 -0.55 1.63 -20.14
C GLU B 19 0.01 1.29 -18.76
N VAL B 20 -0.83 1.42 -17.75
CA VAL B 20 -0.41 1.11 -16.39
C VAL B 20 -0.15 -0.39 -16.24
N ILE B 21 -1.08 -1.20 -16.71
CA ILE B 21 -0.93 -2.65 -16.61
C ILE B 21 0.41 -3.08 -17.17
N LYS B 22 0.88 -2.37 -18.19
CA LYS B 22 2.17 -2.68 -18.79
C LYS B 22 3.29 -2.39 -17.78
N GLN B 23 3.13 -1.29 -17.04
CA GLN B 23 4.13 -0.91 -16.02
C GLN B 23 4.21 -2.01 -14.97
N LEU B 24 3.06 -2.47 -14.48
CA LEU B 24 3.04 -3.52 -13.48
C LEU B 24 3.65 -4.81 -14.04
N ASP B 25 3.30 -5.14 -15.26
CA ASP B 25 3.82 -6.34 -15.88
C ASP B 25 5.35 -6.31 -15.92
N ASP B 26 5.89 -5.18 -16.38
CA ASP B 26 7.34 -5.02 -16.46
C ASP B 26 7.97 -5.15 -15.08
N LEU B 27 7.40 -4.48 -14.10
CA LEU B 27 7.91 -4.52 -12.75
C LEU B 27 7.75 -5.91 -12.15
N GLU B 28 6.67 -6.58 -12.53
CA GLU B 28 6.40 -7.92 -12.02
C GLU B 28 7.45 -8.91 -12.51
N VAL B 29 7.82 -8.80 -13.77
CA VAL B 29 8.80 -9.70 -14.35
C VAL B 29 10.17 -9.47 -13.73
N GLN B 30 10.53 -8.21 -13.54
CA GLN B 30 11.82 -7.86 -12.96
C GLN B 30 11.85 -8.24 -11.47
N ARG B 31 10.78 -7.94 -10.77
CA ARG B 31 10.70 -8.25 -9.35
C ARG B 31 10.65 -9.75 -9.12
N ASN B 32 9.93 -10.44 -9.99
CA ASN B 32 9.81 -11.90 -9.89
C ASN B 32 8.91 -12.29 -8.73
N LEU B 33 7.74 -11.67 -8.66
CA LEU B 33 6.80 -11.97 -7.59
C LEU B 33 5.37 -11.67 -8.03
N PRO B 34 4.40 -12.27 -7.39
CA PRO B 34 2.96 -12.05 -7.72
C PRO B 34 2.55 -10.59 -7.63
N ARG B 35 1.66 -10.17 -8.50
CA ARG B 35 1.18 -8.80 -8.52
C ARG B 35 0.49 -8.46 -7.19
N ALA B 36 -0.26 -9.42 -6.67
CA ALA B 36 -0.96 -9.22 -5.40
C ALA B 36 0.00 -8.67 -4.35
N ASP B 37 1.19 -9.25 -4.28
CA ASP B 37 2.19 -8.80 -3.30
C ASP B 37 2.59 -7.36 -3.59
N LEU B 38 2.73 -7.03 -4.87
CA LEU B 38 3.11 -5.68 -5.26
C LEU B 38 2.04 -4.68 -4.85
N LEU B 39 0.79 -5.04 -5.09
CA LEU B 39 -0.32 -4.17 -4.75
C LEU B 39 -0.39 -3.94 -3.24
N ARG B 40 -0.23 -5.02 -2.48
CA ARG B 40 -0.28 -4.92 -1.03
C ARG B 40 0.79 -3.97 -0.53
N GLU B 41 1.99 -4.07 -1.10
CA GLU B 41 3.09 -3.19 -0.69
C GLU B 41 2.76 -1.74 -0.98
N ALA B 42 2.12 -1.49 -2.12
CA ALA B 42 1.77 -0.14 -2.51
C ALA B 42 0.85 0.49 -1.47
N VAL B 43 -0.11 -0.30 -0.98
CA VAL B 43 -1.04 0.20 0.02
C VAL B 43 -0.32 0.49 1.33
N ASP B 44 0.40 -0.51 1.84
CA ASP B 44 1.13 -0.35 3.09
C ASP B 44 2.04 0.86 3.02
N GLN B 45 2.79 0.97 1.94
CA GLN B 45 3.70 2.10 1.75
C GLN B 45 2.93 3.42 1.83
N TYR B 46 1.76 3.45 1.19
CA TYR B 46 0.94 4.65 1.18
C TYR B 46 0.48 4.99 2.59
N LEU B 47 0.07 3.97 3.32
CA LEU B 47 -0.41 4.17 4.69
C LEU B 47 0.70 4.76 5.56
N ILE B 48 1.90 4.22 5.45
CA ILE B 48 3.02 4.70 6.24
C ILE B 48 3.17 6.21 6.04
N ASN B 49 3.07 6.66 4.79
CA ASN B 49 3.20 8.08 4.49
C ASN B 49 2.36 8.91 5.46
N GLN B 50 1.46 8.24 6.18
CA GLN B 50 0.59 8.93 7.13
C GLN B 50 1.43 9.72 8.14
N SER B 51 2.53 9.13 8.59
CA SER B 51 3.41 9.79 9.55
C SER B 51 4.86 9.66 9.13
N GLN B 52 5.39 10.74 8.54
CA GLN B 52 6.78 10.73 8.10
C GLN B 52 7.29 12.16 7.96
N THR B 53 6.38 13.12 7.98
CA THR B 53 6.75 14.52 7.85
C THR B 53 7.68 14.95 8.99
N ALA B 54 7.29 14.60 10.21
CA ALA B 54 8.09 14.96 11.37
C ALA B 54 8.46 16.44 11.35
N ARG B 55 9.42 16.83 12.19
CA ARG B 55 9.84 18.23 12.25
C ARG B 55 11.03 18.46 11.32
N THR B 56 10.74 18.97 10.12
CA THR B 56 11.78 19.25 9.15
C THR B 56 12.66 20.41 9.60
N SER B 57 12.05 21.34 10.34
CA SER B 57 12.78 22.50 10.82
C SER B 57 13.42 23.25 9.67
N VAL B 58 14.57 22.76 9.22
CA VAL B 58 15.28 23.40 8.12
C VAL B 58 16.01 22.36 7.27
N PRO B 59 16.19 22.63 6.00
CA PRO B 59 16.91 21.70 5.08
C PRO B 59 18.19 21.13 5.71
N GLY B 60 18.36 19.83 5.59
CA GLY B 60 19.54 19.16 6.14
C GLY B 60 19.20 17.76 6.63
N ILE B 61 19.62 16.76 5.89
CA ILE B 61 19.37 15.38 6.27
C ILE B 61 20.14 15.01 7.53
N TRP B 62 21.38 15.47 7.61
CA TRP B 62 22.22 15.18 8.77
C TRP B 62 21.94 16.17 9.88
N GLN B 63 21.38 15.67 10.98
CA GLN B 63 21.05 16.52 12.13
C GLN B 63 22.01 16.25 13.28
N GLY B 64 22.35 17.29 14.03
CA GLY B 64 23.26 17.15 15.15
C GLY B 64 23.12 18.34 16.11
N CYS B 65 21.90 18.58 16.57
CA CYS B 65 21.65 19.69 17.49
C CYS B 65 22.42 19.49 18.79
N GLU B 66 22.41 18.27 19.30
CA GLU B 66 23.11 17.96 20.54
C GLU B 66 24.60 18.13 20.36
N GLU B 67 25.25 18.75 21.35
CA GLU B 67 26.70 18.97 21.30
C GLU B 67 27.38 18.29 22.50
N ASP B 68 28.35 17.44 22.19
CA ASP B 68 29.07 16.73 23.24
C ASP B 68 29.81 17.72 24.14
N GLY B 69 30.42 18.73 23.54
CA GLY B 69 31.15 19.74 24.30
C GLY B 69 32.63 19.37 24.41
N VAL B 70 33.48 20.14 23.73
CA VAL B 70 34.92 19.88 23.76
C VAL B 70 35.69 21.19 23.81
N GLU B 71 36.73 21.23 24.63
CA GLU B 71 37.54 22.43 24.77
C GLU B 71 36.66 23.66 24.95
N TYR B 72 36.25 24.26 23.84
CA TYR B 72 35.39 25.44 23.89
C TYR B 72 34.82 25.74 22.51
N GLN B 73 34.44 24.70 21.79
CA GLN B 73 33.87 24.86 20.46
C GLN B 73 34.79 25.72 19.60
N ARG B 74 34.35 26.95 19.31
CA ARG B 74 35.13 27.86 18.49
C ARG B 74 36.25 28.48 19.30
N LYS B 75 37.44 28.55 18.72
CA LYS B 75 38.59 29.13 19.40
C LYS B 75 38.66 30.63 19.14
N LEU B 76 38.99 31.38 20.19
CA LEU B 76 39.09 32.83 20.06
C LEU B 76 40.22 33.22 19.11
N ARG B 77 41.33 32.52 19.23
CA ARG B 77 42.49 32.79 18.38
C ARG B 77 43.58 31.76 18.61
N GLU B 78 43.34 30.85 19.54
CA GLU B 78 44.32 29.81 19.85
C GLU B 78 44.43 28.83 18.70
N GLU B 79 45.66 28.45 18.35
CA GLU B 79 45.89 27.51 17.26
C GLU B 79 45.91 26.08 17.79
N TRP B 80 46.35 25.15 16.94
CA TRP B 80 46.42 23.75 17.33
C TRP B 80 47.22 22.95 16.31
N MET A 1 -16.69 17.61 -23.40
CA MET A 1 -16.63 16.29 -24.07
C MET A 1 -15.77 15.35 -23.24
N ASN A 2 -15.71 14.09 -23.67
CA ASN A 2 -14.92 13.08 -22.97
C ASN A 2 -15.32 13.01 -21.50
N SER A 3 -14.82 13.94 -20.70
CA SER A 3 -15.14 13.98 -19.29
C SER A 3 -14.81 12.64 -18.63
N LEU A 4 -13.66 12.57 -17.96
CA LEU A 4 -13.25 11.35 -17.30
C LEU A 4 -13.20 10.19 -18.28
N ALA A 5 -14.36 9.58 -18.52
CA ALA A 5 -14.45 8.45 -19.44
C ALA A 5 -13.39 7.42 -19.10
N GLY A 6 -13.41 6.29 -19.82
CA GLY A 6 -12.44 5.22 -19.58
C GLY A 6 -13.11 3.86 -19.64
N ILE A 7 -13.67 3.52 -20.81
CA ILE A 7 -14.33 2.23 -20.98
C ILE A 7 -13.32 1.14 -21.31
N ASP A 8 -12.05 1.52 -21.34
CA ASP A 8 -10.98 0.57 -21.65
C ASP A 8 -10.18 0.23 -20.41
N MET A 9 -10.72 0.60 -19.25
CA MET A 9 -10.04 0.34 -17.98
C MET A 9 -10.18 -1.13 -17.60
N GLY A 10 -9.05 -1.84 -17.58
CA GLY A 10 -9.06 -3.25 -17.23
C GLY A 10 -9.31 -3.44 -15.74
N ARG A 11 -10.27 -4.29 -15.42
CA ARG A 11 -10.61 -4.56 -14.02
C ARG A 11 -9.69 -5.61 -13.44
N ILE A 12 -9.37 -5.47 -12.16
CA ILE A 12 -8.49 -6.41 -11.49
C ILE A 12 -8.99 -6.70 -10.08
N LEU A 13 -8.71 -7.91 -9.59
CA LEU A 13 -9.15 -8.30 -8.25
C LEU A 13 -8.04 -8.09 -7.26
N LEU A 14 -8.35 -7.30 -6.22
CA LEU A 14 -7.38 -7.01 -5.17
C LEU A 14 -7.81 -7.61 -3.84
N ASP A 15 -6.90 -8.32 -3.21
CA ASP A 15 -7.18 -8.93 -1.91
C ASP A 15 -6.58 -8.12 -0.78
N LEU A 16 -7.44 -7.49 0.02
CA LEU A 16 -6.99 -6.68 1.15
C LEU A 16 -7.63 -7.16 2.45
N SER A 17 -6.81 -7.31 3.48
CA SER A 17 -7.31 -7.76 4.77
C SER A 17 -8.39 -6.82 5.29
N ASN A 18 -9.26 -7.34 6.14
CA ASN A 18 -10.35 -6.54 6.70
C ASN A 18 -9.79 -5.36 7.48
N GLU A 19 -8.67 -5.58 8.16
CA GLU A 19 -8.04 -4.52 8.94
C GLU A 19 -7.73 -3.31 8.05
N VAL A 20 -7.36 -3.58 6.81
CA VAL A 20 -7.04 -2.50 5.88
C VAL A 20 -8.31 -1.74 5.48
N ILE A 21 -9.38 -2.47 5.22
CA ILE A 21 -10.64 -1.85 4.82
C ILE A 21 -11.04 -0.78 5.82
N LYS A 22 -10.85 -1.08 7.10
CA LYS A 22 -11.17 -0.12 8.15
C LYS A 22 -10.30 1.13 8.02
N GLN A 23 -9.02 0.92 7.71
CA GLN A 23 -8.09 2.04 7.55
C GLN A 23 -8.51 2.90 6.36
N LEU A 24 -8.80 2.25 5.24
CA LEU A 24 -9.20 2.98 4.04
C LEU A 24 -10.44 3.81 4.32
N ASP A 25 -11.41 3.24 4.99
CA ASP A 25 -12.63 3.96 5.31
C ASP A 25 -12.33 5.17 6.20
N ASP A 26 -11.35 5.02 7.07
CA ASP A 26 -10.98 6.11 7.97
C ASP A 26 -10.39 7.29 7.21
N LEU A 27 -9.43 7.01 6.35
CA LEU A 27 -8.78 8.06 5.56
C LEU A 27 -9.63 8.46 4.37
N GLU A 28 -10.42 7.50 3.88
CA GLU A 28 -11.26 7.76 2.71
C GLU A 28 -12.47 8.59 3.09
N VAL A 29 -13.03 8.33 4.25
CA VAL A 29 -14.20 9.06 4.71
C VAL A 29 -13.89 10.53 4.95
N GLN A 30 -12.77 10.78 5.62
CA GLN A 30 -12.36 12.15 5.91
C GLN A 30 -11.97 12.87 4.62
N ARG A 31 -11.35 12.15 3.71
CA ARG A 31 -10.93 12.73 2.44
C ARG A 31 -12.13 13.01 1.56
N ASN A 32 -13.25 12.38 1.87
CA ASN A 32 -14.47 12.56 1.11
C ASN A 32 -14.22 12.28 -0.37
N LEU A 33 -13.45 11.23 -0.64
CA LEU A 33 -13.14 10.85 -2.01
C LEU A 33 -13.23 9.34 -2.20
N PRO A 34 -13.53 8.90 -3.40
CA PRO A 34 -13.65 7.45 -3.71
C PRO A 34 -12.32 6.71 -3.52
N ARG A 35 -12.41 5.47 -3.05
CA ARG A 35 -11.21 4.66 -2.84
C ARG A 35 -10.47 4.47 -4.16
N ALA A 36 -11.22 4.27 -5.24
CA ALA A 36 -10.62 4.06 -6.55
C ALA A 36 -9.59 5.14 -6.83
N ASP A 37 -9.91 6.38 -6.47
CA ASP A 37 -9.00 7.49 -6.67
C ASP A 37 -7.77 7.36 -5.77
N LEU A 38 -8.00 6.98 -4.52
CA LEU A 38 -6.90 6.83 -3.57
C LEU A 38 -6.01 5.66 -3.97
N LEU A 39 -6.64 4.56 -4.37
CA LEU A 39 -5.88 3.38 -4.77
C LEU A 39 -5.01 3.68 -5.99
N ARG A 40 -5.61 4.34 -6.98
CA ARG A 40 -4.87 4.69 -8.19
C ARG A 40 -3.64 5.51 -7.85
N GLU A 41 -3.81 6.48 -6.95
CA GLU A 41 -2.70 7.34 -6.54
C GLU A 41 -1.63 6.51 -5.82
N ALA A 42 -2.07 5.59 -4.96
CA ALA A 42 -1.15 4.76 -4.21
C ALA A 42 -0.25 3.98 -5.17
N VAL A 43 -0.85 3.36 -6.18
CA VAL A 43 -0.08 2.59 -7.15
C VAL A 43 0.79 3.52 -7.99
N ASP A 44 0.18 4.53 -8.58
CA ASP A 44 0.91 5.48 -9.41
C ASP A 44 2.10 6.03 -8.63
N GLN A 45 1.88 6.35 -7.38
CA GLN A 45 2.95 6.89 -6.54
C GLN A 45 4.12 5.91 -6.50
N TYR A 46 3.81 4.62 -6.44
CA TYR A 46 4.85 3.60 -6.40
C TYR A 46 5.71 3.64 -7.66
N LEU A 47 5.05 3.84 -8.80
CA LEU A 47 5.77 3.90 -10.07
C LEU A 47 6.80 5.02 -10.06
N ILE A 48 6.42 6.16 -9.49
CA ILE A 48 7.33 7.29 -9.43
C ILE A 48 8.61 6.92 -8.70
N ASN A 49 8.45 6.27 -7.55
CA ASN A 49 9.61 5.86 -6.76
C ASN A 49 10.48 4.87 -7.54
N GLN A 50 9.81 3.94 -8.24
CA GLN A 50 10.53 2.95 -9.02
C GLN A 50 11.44 3.61 -10.04
N SER A 51 10.92 4.64 -10.71
CA SER A 51 11.69 5.35 -11.72
C SER A 51 12.96 5.94 -11.11
N GLN A 52 12.81 6.51 -9.92
CA GLN A 52 13.96 7.11 -9.22
C GLN A 52 14.69 6.06 -8.39
N THR A 53 14.08 4.89 -8.27
CA THR A 53 14.67 3.80 -7.50
C THR A 53 15.09 4.30 -6.11
N ALA A 54 15.74 3.44 -5.34
CA ALA A 54 16.18 3.80 -4.01
C ALA A 54 17.13 4.99 -4.07
N ARG A 55 16.95 5.94 -3.15
CA ARG A 55 17.79 7.13 -3.12
C ARG A 55 18.20 7.45 -1.68
N THR A 56 19.45 7.86 -1.51
CA THR A 56 19.96 8.19 -0.18
C THR A 56 19.80 7.00 0.77
N SER A 57 20.92 6.32 1.05
CA SER A 57 20.88 5.16 1.93
C SER A 57 20.65 5.60 3.37
N VAL A 58 20.29 4.66 4.24
CA VAL A 58 20.04 4.97 5.64
C VAL A 58 20.57 3.84 6.54
N PRO A 59 21.86 3.76 6.66
CA PRO A 59 22.52 2.72 7.52
C PRO A 59 22.08 2.81 8.97
N GLY A 60 22.02 1.65 9.63
CA GLY A 60 21.61 1.61 11.03
C GLY A 60 22.32 2.69 11.84
N ILE A 61 23.50 2.34 12.36
CA ILE A 61 24.28 3.29 13.14
C ILE A 61 25.74 3.28 12.70
N TRP A 62 26.44 4.39 12.96
CA TRP A 62 27.84 4.50 12.59
C TRP A 62 28.72 3.66 13.52
N GLN A 63 28.94 4.17 14.72
CA GLN A 63 29.77 3.45 15.69
C GLN A 63 29.59 4.05 17.08
N GLY A 64 30.35 5.10 17.38
CA GLY A 64 30.26 5.75 18.68
C GLY A 64 28.88 6.34 18.90
N CYS A 65 28.28 6.88 17.83
CA CYS A 65 26.95 7.47 17.93
C CYS A 65 26.87 8.42 19.13
N GLU A 66 27.33 9.65 18.93
CA GLU A 66 27.31 10.65 19.99
C GLU A 66 27.83 10.06 21.29
N GLU A 67 26.91 9.57 22.12
CA GLU A 67 27.30 8.98 23.41
C GLU A 67 28.10 9.96 24.23
N ASP A 68 27.42 10.93 24.84
CA ASP A 68 28.09 11.93 25.66
C ASP A 68 28.31 11.42 27.08
N GLY A 69 29.40 10.70 27.28
CA GLY A 69 29.71 10.14 28.59
C GLY A 69 30.17 11.23 29.55
N VAL A 70 30.79 12.28 29.00
CA VAL A 70 31.28 13.38 29.82
C VAL A 70 30.14 14.05 30.55
N GLU A 71 28.93 13.95 29.98
CA GLU A 71 27.75 14.56 30.60
C GLU A 71 27.78 14.38 32.11
N TYR A 72 28.34 15.37 32.80
CA TYR A 72 28.44 15.32 34.26
C TYR A 72 27.46 16.29 34.90
N GLN A 73 27.08 16.02 36.14
CA GLN A 73 26.16 16.89 36.86
C GLN A 73 26.79 18.25 37.10
N ARG A 74 28.04 18.26 37.54
CA ARG A 74 28.74 19.50 37.81
C ARG A 74 27.93 20.38 38.77
N LYS A 75 26.86 19.82 39.31
CA LYS A 75 26.01 20.55 40.24
C LYS A 75 25.80 21.99 39.76
N LEU A 76 25.94 22.20 38.45
CA LEU A 76 25.77 23.51 37.88
C LEU A 76 24.35 24.02 38.11
N ARG A 77 23.37 23.15 37.92
CA ARG A 77 21.96 23.53 38.10
C ARG A 77 21.46 23.02 39.44
N GLU A 78 20.75 23.89 40.16
CA GLU A 78 20.20 23.52 41.46
C GLU A 78 18.99 22.62 41.30
N GLU A 79 18.85 21.65 42.18
CA GLU A 79 17.72 20.72 42.13
C GLU A 79 17.40 20.18 43.52
N TRP A 80 16.12 19.93 43.77
CA TRP A 80 15.70 19.40 45.07
C TRP A 80 14.23 19.01 45.02
N MET B 1 -3.83 -26.60 9.65
CA MET B 1 -4.10 -25.15 9.90
C MET B 1 -2.89 -24.33 9.45
N ASN B 2 -2.08 -23.91 10.42
CA ASN B 2 -0.89 -23.12 10.11
C ASN B 2 -1.28 -21.87 9.32
N SER B 3 -2.44 -21.31 9.64
CA SER B 3 -2.90 -20.11 8.95
C SER B 3 -3.71 -19.22 9.89
N LEU B 4 -3.17 -18.04 10.18
CA LEU B 4 -3.84 -17.10 11.08
C LEU B 4 -3.55 -15.66 10.65
N ALA B 5 -3.43 -15.44 9.35
CA ALA B 5 -3.15 -14.11 8.82
C ALA B 5 -3.47 -14.04 7.33
N GLY B 6 -4.74 -14.27 7.00
CA GLY B 6 -5.17 -14.24 5.60
C GLY B 6 -6.45 -15.03 5.41
N ILE B 7 -7.40 -14.89 6.33
CA ILE B 7 -8.66 -15.60 6.25
C ILE B 7 -9.76 -14.65 5.77
N ASP B 8 -10.27 -14.92 4.58
CA ASP B 8 -11.35 -14.10 4.02
C ASP B 8 -10.88 -12.65 3.87
N MET B 9 -10.04 -12.40 2.89
CA MET B 9 -9.54 -11.05 2.65
C MET B 9 -10.54 -10.24 1.85
N GLY B 10 -10.72 -8.98 2.24
CA GLY B 10 -11.66 -8.11 1.55
C GLY B 10 -11.42 -8.13 0.05
N ARG B 11 -12.43 -8.56 -0.70
CA ARG B 11 -12.31 -8.63 -2.17
C ARG B 11 -12.92 -7.39 -2.81
N ILE B 12 -12.10 -6.65 -3.56
CA ILE B 12 -12.55 -5.44 -4.23
C ILE B 12 -12.03 -5.40 -5.66
N LEU B 13 -12.79 -4.76 -6.54
CA LEU B 13 -12.40 -4.65 -7.94
C LEU B 13 -11.66 -3.35 -8.18
N LEU B 14 -10.51 -3.46 -8.84
CA LEU B 14 -9.69 -2.30 -9.14
C LEU B 14 -9.66 -2.02 -10.64
N ASP B 15 -9.91 -0.77 -11.00
CA ASP B 15 -9.91 -0.38 -12.41
C ASP B 15 -8.63 0.38 -12.76
N LEU B 16 -7.82 -0.22 -13.63
CA LEU B 16 -6.56 0.40 -14.05
C LEU B 16 -6.40 0.31 -15.56
N SER B 17 -5.94 1.40 -16.17
CA SER B 17 -5.74 1.43 -17.61
C SER B 17 -4.79 0.32 -18.04
N ASN B 18 -4.96 -0.13 -19.28
CA ASN B 18 -4.11 -1.20 -19.81
C ASN B 18 -2.65 -0.74 -19.87
N GLU B 19 -2.45 0.57 -19.93
CA GLU B 19 -1.10 1.13 -20.00
C GLU B 19 -0.37 0.87 -18.69
N VAL B 20 -1.10 0.94 -17.59
CA VAL B 20 -0.51 0.71 -16.26
C VAL B 20 -0.10 -0.75 -16.09
N ILE B 21 -0.97 -1.65 -16.51
CA ILE B 21 -0.69 -3.09 -16.39
C ILE B 21 0.66 -3.40 -17.03
N LYS B 22 0.96 -2.74 -18.13
CA LYS B 22 2.22 -2.95 -18.82
C LYS B 22 3.38 -2.49 -17.94
N GLN B 23 3.19 -1.35 -17.26
CA GLN B 23 4.22 -0.82 -16.38
C GLN B 23 4.45 -1.76 -15.20
N LEU B 24 3.36 -2.21 -14.59
CA LEU B 24 3.46 -3.12 -13.45
C LEU B 24 4.12 -4.42 -13.87
N ASP B 25 3.71 -4.94 -15.01
CA ASP B 25 4.29 -6.19 -15.52
C ASP B 25 5.76 -5.99 -15.87
N ASP B 26 6.09 -4.82 -16.41
CA ASP B 26 7.46 -4.51 -16.78
C ASP B 26 8.36 -4.52 -15.56
N LEU B 27 7.86 -3.96 -14.46
CA LEU B 27 8.62 -3.92 -13.22
C LEU B 27 8.57 -5.25 -12.50
N GLU B 28 7.48 -5.99 -12.71
CA GLU B 28 7.32 -7.29 -12.06
C GLU B 28 8.41 -8.25 -12.51
N VAL B 29 8.73 -8.22 -13.79
CA VAL B 29 9.76 -9.09 -14.33
C VAL B 29 11.13 -8.74 -13.79
N GLN B 30 11.42 -7.45 -13.71
CA GLN B 30 12.71 -6.99 -13.21
C GLN B 30 13.01 -7.59 -11.84
N ARG B 31 12.03 -7.51 -10.95
CA ARG B 31 12.19 -8.06 -9.60
C ARG B 31 11.83 -9.53 -9.57
N ASN B 32 10.87 -9.91 -10.39
CA ASN B 32 10.41 -11.29 -10.46
C ASN B 32 9.64 -11.66 -9.21
N LEU B 33 8.85 -10.71 -8.71
CA LEU B 33 8.04 -10.94 -7.50
C LEU B 33 6.55 -10.90 -7.83
N PRO B 34 5.74 -11.52 -7.01
CA PRO B 34 4.27 -11.54 -7.20
C PRO B 34 3.67 -10.13 -7.18
N ARG B 35 2.68 -9.90 -8.04
CA ARG B 35 2.03 -8.61 -8.11
C ARG B 35 1.39 -8.25 -6.77
N ALA B 36 0.72 -9.24 -6.18
CA ALA B 36 0.05 -9.01 -4.89
C ALA B 36 0.99 -8.33 -3.92
N ASP B 37 2.26 -8.75 -3.92
CA ASP B 37 3.25 -8.15 -3.03
C ASP B 37 3.50 -6.70 -3.42
N LEU B 38 3.57 -6.44 -4.71
CA LEU B 38 3.81 -5.08 -5.20
C LEU B 38 2.64 -4.18 -4.82
N LEU B 39 1.43 -4.67 -5.03
CA LEU B 39 0.24 -3.89 -4.70
C LEU B 39 0.10 -3.71 -3.20
N ARG B 40 0.25 -4.79 -2.46
CA ARG B 40 0.13 -4.74 -1.02
C ARG B 40 1.09 -3.70 -0.44
N GLU B 41 2.32 -3.71 -0.94
CA GLU B 41 3.32 -2.75 -0.49
C GLU B 41 2.94 -1.33 -0.89
N ALA B 42 2.39 -1.20 -2.09
CA ALA B 42 1.97 0.11 -2.58
C ALA B 42 0.97 0.75 -1.62
N VAL B 43 -0.05 -0.02 -1.23
CA VAL B 43 -1.05 0.48 -0.31
C VAL B 43 -0.44 0.71 1.07
N ASP B 44 0.22 -0.32 1.60
CA ASP B 44 0.84 -0.22 2.91
C ASP B 44 1.71 1.03 2.98
N GLN B 45 2.43 1.30 1.90
CA GLN B 45 3.29 2.47 1.85
C GLN B 45 2.46 3.74 1.96
N TYR B 46 1.31 3.75 1.31
CA TYR B 46 0.44 4.92 1.34
C TYR B 46 -0.04 5.18 2.77
N LEU B 47 -0.43 4.12 3.46
CA LEU B 47 -0.92 4.25 4.83
C LEU B 47 0.17 4.79 5.74
N ILE B 48 1.39 4.29 5.56
CA ILE B 48 2.51 4.72 6.39
C ILE B 48 2.74 6.22 6.20
N ASN B 49 2.72 6.69 4.96
CA ASN B 49 2.92 8.10 4.67
C ASN B 49 1.75 8.92 5.20
N GLN B 50 0.54 8.39 5.04
CA GLN B 50 -0.66 9.07 5.52
C GLN B 50 -0.89 8.77 6.99
N SER B 51 0.17 8.37 7.68
CA SER B 51 0.08 8.07 9.11
C SER B 51 0.41 9.29 9.95
N GLN B 52 1.04 10.28 9.33
CA GLN B 52 1.43 11.51 10.03
C GLN B 52 1.28 12.72 9.12
N THR B 53 1.07 13.89 9.71
CA THR B 53 0.91 15.12 8.95
C THR B 53 1.51 16.29 9.70
N ALA B 54 2.79 16.55 9.47
CA ALA B 54 3.48 17.64 10.13
C ALA B 54 3.22 17.63 11.63
N ARG B 55 2.12 18.25 12.04
CA ARG B 55 1.77 18.29 13.45
C ARG B 55 0.27 18.54 13.62
N THR B 56 -0.16 19.76 13.33
CA THR B 56 -1.57 20.12 13.45
C THR B 56 -2.13 19.64 14.79
N SER B 57 -1.75 20.33 15.86
CA SER B 57 -2.22 19.96 17.20
C SER B 57 -3.62 20.51 17.43
N VAL B 58 -3.79 21.80 17.19
CA VAL B 58 -5.09 22.44 17.39
C VAL B 58 -5.97 22.27 16.16
N PRO B 59 -7.27 22.24 16.35
CA PRO B 59 -8.24 22.10 15.22
C PRO B 59 -7.86 22.96 14.02
N GLY B 60 -7.86 22.35 12.84
CA GLY B 60 -7.52 23.06 11.61
C GLY B 60 -8.78 23.44 10.84
N ILE B 61 -9.75 24.01 11.54
CA ILE B 61 -11.00 24.41 10.90
C ILE B 61 -10.80 25.68 10.09
N TRP B 62 -9.64 25.80 9.45
CA TRP B 62 -9.34 26.97 8.65
C TRP B 62 -9.94 26.84 7.25
N GLN B 63 -10.51 27.93 6.76
CA GLN B 63 -11.12 27.93 5.43
C GLN B 63 -12.04 26.73 5.27
N GLY B 64 -13.24 26.82 5.83
CA GLY B 64 -14.21 25.73 5.74
C GLY B 64 -15.06 25.86 4.49
N CYS B 65 -14.71 25.09 3.46
CA CYS B 65 -15.45 25.12 2.21
C CYS B 65 -16.68 24.24 2.28
N GLU B 66 -16.52 23.06 2.87
CA GLU B 66 -17.63 22.11 3.00
C GLU B 66 -18.51 22.49 4.20
N GLU B 67 -19.72 22.94 3.92
CA GLU B 67 -20.64 23.31 4.99
C GLU B 67 -21.10 22.08 5.76
N ASP B 68 -21.30 20.99 5.05
CA ASP B 68 -21.73 19.74 5.68
C ASP B 68 -23.05 19.95 6.41
N GLY B 69 -23.88 20.85 5.89
CA GLY B 69 -25.17 21.13 6.49
C GLY B 69 -25.66 22.52 6.12
N VAL B 70 -26.71 22.98 6.80
CA VAL B 70 -27.26 24.31 6.54
C VAL B 70 -27.68 24.44 5.08
N GLU B 71 -26.71 24.62 4.20
CA GLU B 71 -26.99 24.75 2.78
C GLU B 71 -28.00 25.86 2.54
N TYR B 72 -27.93 26.91 3.34
CA TYR B 72 -28.85 28.03 3.21
C TYR B 72 -28.10 29.35 3.31
N GLN B 73 -28.60 30.38 2.62
CA GLN B 73 -27.97 31.69 2.64
C GLN B 73 -28.66 32.61 3.64
N ARG B 74 -27.88 33.45 4.31
CA ARG B 74 -28.43 34.37 5.29
C ARG B 74 -29.21 33.61 6.36
N LYS B 75 -29.33 34.21 7.54
CA LYS B 75 -30.05 33.59 8.64
C LYS B 75 -30.84 34.63 9.43
N LEU B 76 -32.14 34.38 9.59
CA LEU B 76 -33.00 35.31 10.33
C LEU B 76 -33.09 34.89 11.80
N ARG B 77 -32.78 35.82 12.68
CA ARG B 77 -32.83 35.53 14.12
C ARG B 77 -34.27 35.60 14.63
N GLU B 78 -34.73 36.81 14.96
CA GLU B 78 -36.09 37.00 15.46
C GLU B 78 -36.47 35.85 16.40
N GLU B 79 -36.27 36.06 17.69
CA GLU B 79 -36.60 35.02 18.67
C GLU B 79 -38.10 34.74 18.68
N TRP B 80 -38.90 35.80 18.62
CA TRP B 80 -40.35 35.66 18.61
C TRP B 80 -40.85 35.32 17.22
N MET A 1 -22.75 -1.55 -14.96
CA MET A 1 -23.85 -2.26 -15.67
C MET A 1 -23.84 -1.86 -17.14
N ASN A 2 -22.71 -1.34 -17.61
CA ASN A 2 -22.58 -0.94 -19.01
C ASN A 2 -21.13 -0.98 -19.44
N SER A 3 -20.87 -1.58 -20.59
CA SER A 3 -19.51 -1.68 -21.12
C SER A 3 -18.99 -0.29 -21.49
N LEU A 4 -19.90 0.66 -21.68
CA LEU A 4 -19.51 2.02 -22.05
C LEU A 4 -18.67 2.64 -20.94
N ALA A 5 -19.08 2.43 -19.69
CA ALA A 5 -18.36 2.98 -18.56
C ALA A 5 -16.94 2.42 -18.50
N GLY A 6 -16.00 3.26 -18.08
CA GLY A 6 -14.60 2.84 -17.98
C GLY A 6 -13.81 3.31 -19.19
N ILE A 7 -12.60 3.80 -18.96
CA ILE A 7 -11.75 4.28 -20.05
C ILE A 7 -10.88 3.14 -20.58
N ASP A 8 -11.47 2.31 -21.43
CA ASP A 8 -10.74 1.18 -22.00
C ASP A 8 -9.95 0.44 -20.93
N MET A 9 -10.57 0.23 -19.77
CA MET A 9 -9.91 -0.45 -18.67
C MET A 9 -9.92 -1.96 -18.91
N GLY A 10 -9.24 -2.70 -18.03
CA GLY A 10 -9.18 -4.16 -18.14
C GLY A 10 -9.79 -4.84 -16.92
N ARG A 11 -10.18 -4.03 -15.94
CA ARG A 11 -10.79 -4.55 -14.72
C ARG A 11 -9.85 -5.54 -14.05
N ILE A 12 -9.49 -5.25 -12.80
CA ILE A 12 -8.58 -6.11 -12.04
C ILE A 12 -9.13 -6.38 -10.65
N LEU A 13 -8.88 -7.60 -10.18
CA LEU A 13 -9.36 -8.01 -8.87
C LEU A 13 -8.25 -7.91 -7.84
N LEU A 14 -8.56 -7.26 -6.74
CA LEU A 14 -7.58 -7.08 -5.66
C LEU A 14 -8.14 -7.59 -4.34
N ASP A 15 -7.31 -8.35 -3.61
CA ASP A 15 -7.72 -8.91 -2.32
C ASP A 15 -6.93 -8.27 -1.18
N LEU A 16 -7.64 -7.53 -0.33
CA LEU A 16 -7.02 -6.85 0.81
C LEU A 16 -7.70 -7.25 2.11
N SER A 17 -6.91 -7.36 3.17
CA SER A 17 -7.44 -7.73 4.47
C SER A 17 -8.52 -6.74 4.91
N ASN A 18 -9.43 -7.20 5.74
CA ASN A 18 -10.51 -6.34 6.23
C ASN A 18 -9.95 -5.21 7.10
N GLU A 19 -8.92 -5.52 7.87
CA GLU A 19 -8.31 -4.52 8.74
C GLU A 19 -7.83 -3.31 7.93
N VAL A 20 -7.33 -3.58 6.72
CA VAL A 20 -6.85 -2.51 5.86
C VAL A 20 -8.00 -1.64 5.38
N ILE A 21 -9.10 -2.28 4.99
CA ILE A 21 -10.27 -1.54 4.51
C ILE A 21 -10.71 -0.53 5.55
N LYS A 22 -10.62 -0.91 6.82
CA LYS A 22 -10.98 -0.02 7.91
C LYS A 22 -10.05 1.19 7.93
N GLN A 23 -8.76 0.94 7.68
CA GLN A 23 -7.77 2.01 7.69
C GLN A 23 -8.05 2.99 6.55
N LEU A 24 -8.24 2.44 5.35
CA LEU A 24 -8.53 3.27 4.18
C LEU A 24 -9.81 4.05 4.38
N ASP A 25 -10.81 3.40 4.97
CA ASP A 25 -12.08 4.06 5.20
C ASP A 25 -11.90 5.33 6.01
N ASP A 26 -11.13 5.24 7.09
CA ASP A 26 -10.88 6.40 7.93
C ASP A 26 -10.22 7.52 7.13
N LEU A 27 -9.21 7.17 6.34
CA LEU A 27 -8.52 8.14 5.52
C LEU A 27 -9.40 8.62 4.37
N GLU A 28 -10.22 7.71 3.85
CA GLU A 28 -11.09 8.05 2.73
C GLU A 28 -12.14 9.06 3.17
N VAL A 29 -12.70 8.86 4.36
CA VAL A 29 -13.73 9.75 4.88
C VAL A 29 -13.14 11.14 5.17
N GLN A 30 -11.97 11.16 5.79
CA GLN A 30 -11.32 12.41 6.13
C GLN A 30 -11.02 13.22 4.87
N ARG A 31 -10.60 12.53 3.82
CA ARG A 31 -10.28 13.19 2.56
C ARG A 31 -11.53 13.40 1.73
N ASN A 32 -12.66 12.87 2.21
CA ASN A 32 -13.92 13.01 1.50
C ASN A 32 -13.74 12.76 0.02
N LEU A 33 -12.97 11.73 -0.31
CA LEU A 33 -12.71 11.39 -1.71
C LEU A 33 -12.86 9.89 -1.95
N PRO A 34 -13.20 9.50 -3.15
CA PRO A 34 -13.38 8.06 -3.50
C PRO A 34 -12.10 7.25 -3.30
N ARG A 35 -12.27 6.00 -2.89
CA ARG A 35 -11.13 5.12 -2.67
C ARG A 35 -10.39 4.88 -3.98
N ALA A 36 -11.14 4.66 -5.05
CA ALA A 36 -10.52 4.41 -6.35
C ALA A 36 -9.44 5.45 -6.62
N ASP A 37 -9.71 6.70 -6.28
CA ASP A 37 -8.74 7.77 -6.49
C ASP A 37 -7.49 7.52 -5.64
N LEU A 38 -7.70 7.04 -4.42
CA LEU A 38 -6.59 6.79 -3.51
C LEU A 38 -5.68 5.71 -4.11
N LEU A 39 -6.29 4.66 -4.64
CA LEU A 39 -5.53 3.58 -5.25
C LEU A 39 -4.78 4.11 -6.46
N ARG A 40 -5.46 4.90 -7.28
CA ARG A 40 -4.86 5.45 -8.48
C ARG A 40 -3.61 6.23 -8.13
N GLU A 41 -3.74 7.06 -7.12
CA GLU A 41 -2.61 7.88 -6.66
C GLU A 41 -1.54 7.00 -6.00
N ALA A 42 -2.00 6.03 -5.21
CA ALA A 42 -1.07 5.13 -4.53
C ALA A 42 -0.18 4.43 -5.55
N VAL A 43 -0.79 3.87 -6.60
CA VAL A 43 -0.03 3.19 -7.63
C VAL A 43 0.85 4.20 -8.38
N ASP A 44 0.24 5.27 -8.85
CA ASP A 44 0.97 6.29 -9.59
C ASP A 44 2.17 6.75 -8.78
N GLN A 45 1.95 7.04 -7.50
CA GLN A 45 3.02 7.47 -6.63
C GLN A 45 4.04 6.35 -6.46
N TYR A 46 3.54 5.12 -6.40
CA TYR A 46 4.41 3.97 -6.23
C TYR A 46 5.37 3.85 -7.40
N LEU A 47 4.85 4.05 -8.61
CA LEU A 47 5.66 3.96 -9.81
C LEU A 47 6.78 5.01 -9.79
N ILE A 48 6.45 6.21 -9.32
CA ILE A 48 7.44 7.27 -9.26
C ILE A 48 8.58 6.87 -8.35
N ASN A 49 8.26 6.29 -7.21
CA ASN A 49 9.30 5.89 -6.28
C ASN A 49 10.19 4.84 -6.94
N GLN A 50 9.59 4.01 -7.77
CA GLN A 50 10.32 2.98 -8.48
C GLN A 50 11.22 3.61 -9.53
N SER A 51 11.83 4.74 -9.19
CA SER A 51 12.70 5.45 -10.11
C SER A 51 11.87 6.33 -11.02
N GLN A 52 12.47 6.74 -12.12
CA GLN A 52 11.81 7.62 -13.09
C GLN A 52 11.87 9.07 -12.63
N THR A 53 13.07 9.63 -12.62
CA THR A 53 13.26 11.01 -12.20
C THR A 53 12.65 11.24 -10.82
N ALA A 54 13.51 11.39 -9.82
CA ALA A 54 13.04 11.61 -8.45
C ALA A 54 14.14 12.27 -7.62
N ARG A 55 14.90 13.15 -8.24
CA ARG A 55 15.97 13.85 -7.55
C ARG A 55 16.94 12.85 -6.93
N THR A 56 18.17 13.30 -6.70
CA THR A 56 19.19 12.44 -6.10
C THR A 56 19.17 12.57 -4.58
N SER A 57 19.79 11.61 -3.90
CA SER A 57 19.84 11.62 -2.45
C SER A 57 21.10 10.92 -1.96
N VAL A 58 21.28 9.69 -2.42
CA VAL A 58 22.47 8.93 -2.03
C VAL A 58 22.84 7.92 -3.14
N PRO A 59 24.12 7.70 -3.35
CA PRO A 59 24.58 6.70 -4.35
C PRO A 59 23.81 5.39 -4.26
N GLY A 60 23.38 4.87 -5.40
CA GLY A 60 22.64 3.62 -5.46
C GLY A 60 23.48 2.48 -4.90
N ILE A 61 22.94 1.76 -3.92
CA ILE A 61 23.65 0.65 -3.31
C ILE A 61 23.16 -0.67 -3.89
N TRP A 62 24.03 -1.32 -4.67
CA TRP A 62 23.68 -2.60 -5.29
C TRP A 62 24.06 -3.77 -4.38
N GLN A 63 25.28 -3.70 -3.84
CA GLN A 63 25.77 -4.76 -2.95
C GLN A 63 25.24 -4.55 -1.54
N GLY A 64 25.01 -5.64 -0.82
CA GLY A 64 24.50 -5.58 0.55
C GLY A 64 25.26 -6.54 1.46
N CYS A 65 26.58 -6.46 1.42
CA CYS A 65 27.40 -7.33 2.26
C CYS A 65 27.22 -8.79 1.85
N GLU A 66 28.15 -9.64 2.30
CA GLU A 66 28.08 -11.06 1.97
C GLU A 66 27.03 -11.76 2.83
N GLU A 67 26.29 -12.66 2.21
CA GLU A 67 25.25 -13.40 2.93
C GLU A 67 25.84 -14.54 3.73
N ASP A 68 25.04 -15.13 4.60
CA ASP A 68 25.50 -16.23 5.44
C ASP A 68 25.88 -17.43 4.57
N GLY A 69 26.94 -18.12 4.96
CA GLY A 69 27.40 -19.29 4.22
C GLY A 69 28.88 -19.55 4.47
N VAL A 70 29.59 -18.52 4.93
CA VAL A 70 31.02 -18.64 5.21
C VAL A 70 31.36 -18.02 6.57
N GLU A 71 30.43 -18.14 7.51
CA GLU A 71 30.64 -17.58 8.84
C GLU A 71 31.62 -18.44 9.63
N TYR A 72 32.04 -19.56 9.03
CA TYR A 72 32.98 -20.45 9.69
C TYR A 72 32.39 -20.97 11.00
N GLN A 73 32.70 -22.22 11.32
CA GLN A 73 32.20 -22.82 12.56
C GLN A 73 32.37 -21.85 13.73
N ARG A 74 31.83 -22.23 14.89
CA ARG A 74 31.92 -21.40 16.08
C ARG A 74 33.16 -21.75 16.88
N LYS A 75 34.03 -22.58 16.31
CA LYS A 75 35.26 -22.98 16.99
C LYS A 75 34.94 -23.60 18.35
N LEU A 76 34.63 -24.89 18.34
CA LEU A 76 34.31 -25.59 19.58
C LEU A 76 35.50 -25.60 20.52
N ARG A 77 36.68 -25.83 19.96
CA ARG A 77 37.89 -25.87 20.77
C ARG A 77 38.41 -24.46 21.01
N GLU A 78 38.95 -24.22 22.20
CA GLU A 78 39.49 -22.91 22.57
C GLU A 78 40.90 -23.03 23.12
N GLU A 79 41.80 -22.18 22.63
CA GLU A 79 43.18 -22.21 23.07
C GLU A 79 43.77 -23.61 22.92
N TRP A 80 44.47 -23.83 21.82
CA TRP A 80 45.09 -25.13 21.57
C TRP A 80 44.06 -26.25 21.80
N MET B 1 -4.83 -22.21 15.79
CA MET B 1 -3.96 -21.48 16.75
C MET B 1 -3.94 -19.99 16.40
N ASN B 2 -3.33 -19.67 15.26
CA ASN B 2 -3.26 -18.29 14.81
C ASN B 2 -4.54 -17.87 14.12
N SER B 3 -4.89 -16.59 14.23
CA SER B 3 -6.10 -16.08 13.60
C SER B 3 -7.32 -16.90 14.04
N LEU B 4 -8.08 -16.35 14.98
CA LEU B 4 -9.27 -17.04 15.47
C LEU B 4 -10.40 -16.96 14.46
N ALA B 5 -11.17 -18.03 14.33
CA ALA B 5 -12.27 -18.08 13.40
C ALA B 5 -11.76 -18.14 11.96
N GLY B 6 -10.76 -17.33 11.67
CA GLY B 6 -10.17 -17.30 10.32
C GLY B 6 -10.92 -16.30 9.43
N ILE B 7 -10.20 -15.30 8.93
CA ILE B 7 -10.80 -14.29 8.06
C ILE B 7 -10.39 -14.53 6.62
N ASP B 8 -11.38 -14.82 5.79
CA ASP B 8 -11.14 -15.08 4.38
C ASP B 8 -10.91 -13.77 3.62
N MET B 9 -10.22 -12.83 4.28
CA MET B 9 -9.94 -11.55 3.67
C MET B 9 -11.17 -11.01 2.95
N GLY B 10 -10.97 -10.01 2.09
CA GLY B 10 -12.07 -9.41 1.35
C GLY B 10 -11.74 -9.34 -0.14
N ARG B 11 -12.73 -8.96 -0.95
CA ARG B 11 -12.54 -8.84 -2.39
C ARG B 11 -12.89 -7.44 -2.86
N ILE B 12 -12.00 -6.84 -3.63
CA ILE B 12 -12.20 -5.49 -4.15
C ILE B 12 -11.92 -5.44 -5.65
N LEU B 13 -12.72 -4.69 -6.37
CA LEU B 13 -12.56 -4.55 -7.82
C LEU B 13 -11.87 -3.24 -8.15
N LEU B 14 -10.81 -3.33 -8.94
CA LEU B 14 -10.05 -2.15 -9.33
C LEU B 14 -9.97 -2.03 -10.85
N ASP B 15 -10.20 -0.82 -11.36
CA ASP B 15 -10.15 -0.58 -12.80
C ASP B 15 -8.86 0.15 -13.18
N LEU B 16 -7.99 -0.55 -13.88
CA LEU B 16 -6.71 0.03 -14.30
C LEU B 16 -6.64 0.11 -15.81
N SER B 17 -6.15 1.25 -16.30
CA SER B 17 -6.01 1.47 -17.74
C SER B 17 -5.30 0.29 -18.39
N ASN B 18 -4.71 0.53 -19.55
CA ASN B 18 -3.97 -0.52 -20.27
C ASN B 18 -2.48 -0.22 -20.27
N GLU B 19 -2.12 1.04 -20.42
CA GLU B 19 -0.72 1.44 -20.42
C GLU B 19 -0.08 1.21 -19.05
N VAL B 20 -0.89 1.36 -18.00
CA VAL B 20 -0.40 1.16 -16.65
C VAL B 20 -0.07 -0.31 -16.40
N ILE B 21 -0.94 -1.20 -16.87
CA ILE B 21 -0.72 -2.63 -16.68
C ILE B 21 0.64 -3.01 -17.25
N LYS B 22 1.02 -2.40 -18.36
CA LYS B 22 2.31 -2.67 -18.97
C LYS B 22 3.44 -2.24 -18.04
N GLN B 23 3.25 -1.11 -17.38
CA GLN B 23 4.25 -0.59 -16.46
C GLN B 23 4.44 -1.56 -15.29
N LEU B 24 3.34 -2.00 -14.72
CA LEU B 24 3.40 -2.92 -13.59
C LEU B 24 4.03 -4.24 -14.01
N ASP B 25 3.66 -4.72 -15.18
CA ASP B 25 4.20 -5.98 -15.68
C ASP B 25 5.71 -5.87 -15.88
N ASP B 26 6.15 -4.77 -16.45
CA ASP B 26 7.57 -4.55 -16.69
C ASP B 26 8.34 -4.54 -15.38
N LEU B 27 7.79 -3.83 -14.40
CA LEU B 27 8.42 -3.74 -13.08
C LEU B 27 8.25 -5.04 -12.31
N GLU B 28 7.17 -5.75 -12.60
CA GLU B 28 6.91 -7.01 -11.91
C GLU B 28 7.91 -8.08 -12.32
N VAL B 29 8.27 -8.08 -13.59
CA VAL B 29 9.22 -9.08 -14.09
C VAL B 29 10.57 -8.93 -13.39
N GLN B 30 11.02 -7.70 -13.23
CA GLN B 30 12.30 -7.45 -12.56
C GLN B 30 12.22 -7.87 -11.09
N ARG B 31 11.11 -7.54 -10.45
CA ARG B 31 10.92 -7.89 -9.04
C ARG B 31 10.70 -9.38 -8.88
N ASN B 32 10.13 -10.00 -9.91
CA ASN B 32 9.87 -11.43 -9.87
C ASN B 32 8.94 -11.76 -8.73
N LEU B 33 7.88 -10.98 -8.57
CA LEU B 33 6.91 -11.21 -7.48
C LEU B 33 5.49 -11.01 -7.97
N PRO B 34 4.53 -11.65 -7.35
CA PRO B 34 3.09 -11.52 -7.73
C PRO B 34 2.60 -10.07 -7.63
N ARG B 35 1.72 -9.68 -8.54
CA ARG B 35 1.19 -8.33 -8.55
C ARG B 35 0.49 -8.03 -7.23
N ALA B 36 -0.27 -8.99 -6.74
CA ALA B 36 -0.99 -8.81 -5.49
C ALA B 36 -0.04 -8.29 -4.40
N ASP B 37 1.19 -8.80 -4.40
CA ASP B 37 2.17 -8.37 -3.42
C ASP B 37 2.60 -6.93 -3.71
N LEU B 38 2.79 -6.63 -4.99
CA LEU B 38 3.22 -5.29 -5.38
C LEU B 38 2.16 -4.26 -5.03
N LEU B 39 0.90 -4.61 -5.28
CA LEU B 39 -0.20 -3.71 -4.98
C LEU B 39 -0.30 -3.46 -3.48
N ARG B 40 -0.13 -4.52 -2.70
CA ARG B 40 -0.21 -4.40 -1.26
C ARG B 40 0.87 -3.45 -0.75
N GLU B 41 2.07 -3.58 -1.30
CA GLU B 41 3.19 -2.74 -0.89
C GLU B 41 2.91 -1.28 -1.25
N ALA B 42 2.30 -1.06 -2.41
CA ALA B 42 1.99 0.29 -2.84
C ALA B 42 1.01 0.95 -1.87
N VAL B 43 -0.03 0.21 -1.47
CA VAL B 43 -1.01 0.74 -0.55
C VAL B 43 -0.40 0.95 0.84
N ASP B 44 0.22 -0.12 1.35
CA ASP B 44 0.84 -0.04 2.67
C ASP B 44 1.79 1.13 2.74
N GLN B 45 2.62 1.27 1.71
CA GLN B 45 3.58 2.37 1.66
C GLN B 45 2.88 3.71 1.85
N TYR B 46 1.74 3.87 1.19
CA TYR B 46 0.98 5.12 1.29
C TYR B 46 0.50 5.34 2.73
N LEU B 47 0.02 4.28 3.35
CA LEU B 47 -0.48 4.35 4.72
C LEU B 47 0.64 4.75 5.68
N ILE B 48 1.83 4.25 5.43
CA ILE B 48 2.97 4.56 6.29
C ILE B 48 3.22 6.06 6.29
N ASN B 49 3.17 6.68 5.12
CA ASN B 49 3.38 8.12 5.02
C ASN B 49 2.26 8.88 5.72
N GLN B 50 1.04 8.40 5.55
CA GLN B 50 -0.11 9.03 6.17
C GLN B 50 -0.13 8.76 7.67
N SER B 51 1.03 8.44 8.21
CA SER B 51 1.15 8.16 9.64
C SER B 51 2.55 8.53 10.15
N GLN B 52 3.43 8.94 9.24
CA GLN B 52 4.78 9.32 9.60
C GLN B 52 5.48 8.17 10.33
N THR B 53 6.79 8.06 10.14
CA THR B 53 7.58 7.01 10.80
C THR B 53 8.52 7.61 11.83
N ALA B 54 9.01 8.81 11.54
CA ALA B 54 9.93 9.49 12.45
C ALA B 54 10.05 10.96 12.10
N ARG B 55 8.91 11.67 12.10
CA ARG B 55 8.90 13.08 11.77
C ARG B 55 9.56 13.34 10.43
N THR B 56 8.83 13.04 9.35
CA THR B 56 9.36 13.24 8.00
C THR B 56 8.22 13.49 7.02
N SER B 57 7.12 14.03 7.52
CA SER B 57 5.97 14.31 6.67
C SER B 57 6.32 15.32 5.59
N VAL B 58 6.99 16.41 6.00
CA VAL B 58 7.38 17.46 5.05
C VAL B 58 8.70 18.09 5.47
N PRO B 59 9.79 17.42 5.24
CA PRO B 59 11.15 17.91 5.59
C PRO B 59 11.48 19.22 4.86
N GLY B 60 12.24 20.09 5.52
CA GLY B 60 12.64 21.36 4.92
C GLY B 60 12.06 22.53 5.71
N ILE B 61 12.77 22.94 6.75
CA ILE B 61 12.33 24.05 7.59
C ILE B 61 13.49 25.00 7.87
N TRP B 62 13.24 26.29 7.69
CA TRP B 62 14.27 27.31 7.93
C TRP B 62 14.08 27.93 9.31
N GLN B 63 15.19 28.14 10.01
CA GLN B 63 15.16 28.73 11.35
C GLN B 63 15.71 30.15 11.32
N GLY B 64 15.00 31.07 11.98
CA GLY B 64 15.43 32.46 12.02
C GLY B 64 14.75 33.20 13.16
N CYS B 65 15.28 34.37 13.51
CA CYS B 65 14.72 35.17 14.60
C CYS B 65 14.95 36.65 14.33
N GLU B 66 16.20 37.01 14.06
CA GLU B 66 16.54 38.41 13.79
C GLU B 66 15.89 39.32 14.82
N GLU B 67 16.55 39.50 15.96
CA GLU B 67 16.03 40.36 17.03
C GLU B 67 16.58 41.76 16.91
N ASP B 68 16.15 42.47 15.86
CA ASP B 68 16.62 43.85 15.63
C ASP B 68 15.46 44.72 15.16
N GLY B 69 14.58 44.15 14.35
CA GLY B 69 13.44 44.88 13.83
C GLY B 69 13.85 45.78 12.66
N VAL B 70 15.04 46.37 12.76
CA VAL B 70 15.54 47.24 11.71
C VAL B 70 14.53 48.33 11.38
N GLU B 71 14.82 49.56 11.80
CA GLU B 71 13.91 50.67 11.54
C GLU B 71 14.62 52.00 11.79
N TYR B 72 14.02 52.86 12.60
CA TYR B 72 14.59 54.16 12.92
C TYR B 72 14.01 54.70 14.22
N GLN B 73 13.96 53.85 15.24
CA GLN B 73 13.41 54.25 16.53
C GLN B 73 14.41 55.16 17.26
N ARG B 74 13.91 56.29 17.75
CA ARG B 74 14.75 57.25 18.46
C ARG B 74 14.95 56.80 19.91
N LYS B 75 15.52 57.69 20.72
CA LYS B 75 15.77 57.38 22.12
C LYS B 75 14.46 57.42 22.90
N LEU B 76 13.48 56.66 22.46
CA LEU B 76 12.20 56.61 23.14
C LEU B 76 11.64 58.01 23.30
N ARG B 77 10.42 58.10 23.84
CA ARG B 77 9.76 59.38 24.05
C ARG B 77 9.04 59.40 25.38
N GLU B 78 9.78 59.29 26.47
CA GLU B 78 9.20 59.30 27.81
C GLU B 78 10.24 59.67 28.85
N GLU B 79 11.51 59.48 28.51
CA GLU B 79 12.60 59.79 29.43
C GLU B 79 12.41 59.08 30.76
N TRP B 80 12.62 57.77 30.76
CA TRP B 80 12.46 56.98 31.97
C TRP B 80 13.61 57.25 32.94
N MET A 1 -19.71 -6.56 -36.02
CA MET A 1 -19.60 -5.20 -35.44
C MET A 1 -18.30 -4.54 -35.91
N ASN A 2 -18.44 -3.54 -36.77
CA ASN A 2 -17.26 -2.84 -37.30
C ASN A 2 -16.49 -2.17 -36.17
N SER A 3 -17.21 -1.56 -35.23
CA SER A 3 -16.58 -0.89 -34.11
C SER A 3 -16.06 -1.91 -33.10
N LEU A 4 -14.91 -1.63 -32.49
CA LEU A 4 -14.33 -2.53 -31.51
C LEU A 4 -14.41 -1.92 -30.12
N ALA A 5 -15.01 -2.66 -29.19
CA ALA A 5 -15.14 -2.18 -27.81
C ALA A 5 -13.96 -2.62 -26.97
N GLY A 6 -12.89 -3.05 -27.64
CA GLY A 6 -11.69 -3.50 -26.95
C GLY A 6 -11.10 -2.39 -26.09
N ILE A 7 -11.40 -1.15 -26.46
CA ILE A 7 -10.88 0.01 -25.72
C ILE A 7 -11.84 0.39 -24.60
N ASP A 8 -11.50 0.00 -23.38
CA ASP A 8 -12.33 0.32 -22.22
C ASP A 8 -11.64 -0.08 -20.93
N MET A 9 -10.43 0.45 -20.71
CA MET A 9 -9.67 0.14 -19.51
C MET A 9 -9.67 -1.36 -19.27
N GLY A 10 -9.05 -1.77 -18.16
CA GLY A 10 -8.97 -3.18 -17.81
C GLY A 10 -9.40 -3.41 -16.37
N ARG A 11 -10.22 -4.44 -16.15
CA ARG A 11 -10.70 -4.76 -14.82
C ARG A 11 -9.75 -5.73 -14.12
N ILE A 12 -9.49 -5.49 -12.83
CA ILE A 12 -8.59 -6.35 -12.07
C ILE A 12 -9.19 -6.65 -10.69
N LEU A 13 -8.92 -7.85 -10.18
CA LEU A 13 -9.44 -8.26 -8.88
C LEU A 13 -8.37 -8.10 -7.81
N LEU A 14 -8.74 -7.47 -6.69
CA LEU A 14 -7.81 -7.26 -5.60
C LEU A 14 -8.37 -7.85 -4.31
N ASP A 15 -7.55 -8.65 -3.62
CA ASP A 15 -7.98 -9.27 -2.36
C ASP A 15 -7.36 -8.54 -1.18
N LEU A 16 -8.21 -8.11 -0.24
CA LEU A 16 -7.74 -7.43 0.96
C LEU A 16 -7.88 -8.32 2.18
N SER A 17 -7.52 -7.77 3.34
CA SER A 17 -7.60 -8.52 4.59
C SER A 17 -8.77 -8.02 5.44
N ASN A 18 -9.56 -7.12 4.89
CA ASN A 18 -10.69 -6.55 5.61
C ASN A 18 -10.22 -5.52 6.64
N GLU A 19 -9.31 -5.94 7.51
CA GLU A 19 -8.77 -5.03 8.53
C GLU A 19 -8.12 -3.83 7.87
N VAL A 20 -7.62 -4.02 6.64
CA VAL A 20 -6.97 -2.94 5.91
C VAL A 20 -8.02 -1.92 5.44
N ILE A 21 -9.16 -2.42 4.98
CA ILE A 21 -10.23 -1.55 4.48
C ILE A 21 -10.53 -0.49 5.53
N LYS A 22 -10.48 -0.89 6.81
CA LYS A 22 -10.75 0.05 7.90
C LYS A 22 -9.65 1.12 7.94
N GLN A 23 -8.41 0.70 7.65
CA GLN A 23 -7.28 1.63 7.65
C GLN A 23 -7.49 2.68 6.55
N LEU A 24 -7.80 2.21 5.34
CA LEU A 24 -8.04 3.11 4.22
C LEU A 24 -9.28 3.97 4.47
N ASP A 25 -10.26 3.39 5.15
CA ASP A 25 -11.49 4.11 5.44
C ASP A 25 -11.18 5.38 6.23
N ASP A 26 -10.27 5.27 7.19
CA ASP A 26 -9.89 6.42 8.00
C ASP A 26 -9.26 7.50 7.13
N LEU A 27 -8.50 7.07 6.12
CA LEU A 27 -7.85 8.00 5.21
C LEU A 27 -8.86 8.55 4.21
N GLU A 28 -9.88 7.77 3.93
CA GLU A 28 -10.90 8.18 2.96
C GLU A 28 -11.70 9.35 3.50
N VAL A 29 -12.01 9.30 4.80
CA VAL A 29 -12.79 10.37 5.41
C VAL A 29 -12.02 11.69 5.39
N GLN A 30 -10.76 11.64 5.83
CA GLN A 30 -9.94 12.84 5.84
C GLN A 30 -9.73 13.37 4.43
N ARG A 31 -9.49 12.45 3.49
CA ARG A 31 -9.29 12.84 2.10
C ARG A 31 -10.61 13.24 1.46
N ASN A 32 -11.71 12.69 1.97
CA ASN A 32 -13.03 13.00 1.44
C ASN A 32 -13.07 12.71 -0.06
N LEU A 33 -12.50 11.58 -0.45
CA LEU A 33 -12.48 11.20 -1.86
C LEU A 33 -12.78 9.72 -2.04
N PRO A 34 -13.30 9.34 -3.16
CA PRO A 34 -13.64 7.92 -3.46
C PRO A 34 -12.42 7.00 -3.38
N ARG A 35 -12.65 5.75 -2.99
CA ARG A 35 -11.55 4.79 -2.88
C ARG A 35 -10.83 4.63 -4.21
N ALA A 36 -11.59 4.43 -5.27
CA ALA A 36 -11.01 4.25 -6.61
C ALA A 36 -9.91 5.29 -6.84
N ASP A 37 -10.18 6.53 -6.44
CA ASP A 37 -9.20 7.60 -6.60
C ASP A 37 -7.96 7.32 -5.75
N LEU A 38 -8.17 6.83 -4.54
CA LEU A 38 -7.07 6.52 -3.64
C LEU A 38 -6.21 5.42 -4.21
N LEU A 39 -6.84 4.40 -4.78
CA LEU A 39 -6.10 3.28 -5.36
C LEU A 39 -5.23 3.75 -6.51
N ARG A 40 -5.83 4.53 -7.41
CA ARG A 40 -5.09 5.05 -8.56
C ARG A 40 -3.88 5.87 -8.09
N GLU A 41 -4.10 6.70 -7.09
CA GLU A 41 -3.02 7.53 -6.55
C GLU A 41 -1.96 6.65 -5.90
N ALA A 42 -2.39 5.62 -5.18
CA ALA A 42 -1.46 4.72 -4.52
C ALA A 42 -0.54 4.05 -5.54
N VAL A 43 -1.13 3.47 -6.58
CA VAL A 43 -0.35 2.80 -7.61
C VAL A 43 0.54 3.81 -8.33
N ASP A 44 -0.07 4.89 -8.84
CA ASP A 44 0.68 5.91 -9.55
C ASP A 44 1.86 6.37 -8.70
N GLN A 45 1.59 6.71 -7.45
CA GLN A 45 2.64 7.16 -6.53
C GLN A 45 3.67 6.05 -6.33
N TYR A 46 3.18 4.82 -6.19
CA TYR A 46 4.07 3.68 -5.98
C TYR A 46 5.01 3.52 -7.17
N LEU A 47 4.46 3.61 -8.37
CA LEU A 47 5.25 3.47 -9.58
C LEU A 47 6.32 4.54 -9.65
N ILE A 48 5.94 5.78 -9.31
CA ILE A 48 6.88 6.89 -9.34
C ILE A 48 8.03 6.64 -8.37
N ASN A 49 7.70 6.21 -7.15
CA ASN A 49 8.71 5.94 -6.14
C ASN A 49 9.59 4.77 -6.58
N GLN A 50 8.97 3.76 -7.17
CA GLN A 50 9.71 2.59 -7.64
C GLN A 50 10.71 2.97 -8.72
N SER A 51 10.28 3.82 -9.65
CA SER A 51 11.14 4.27 -10.73
C SER A 51 12.38 4.95 -10.17
N GLN A 52 12.21 5.67 -9.07
CA GLN A 52 13.33 6.37 -8.45
C GLN A 52 14.43 5.38 -8.05
N THR A 53 14.04 4.32 -7.33
CA THR A 53 14.98 3.32 -6.89
C THR A 53 15.55 2.56 -8.09
N ALA A 54 14.67 2.15 -8.99
CA ALA A 54 15.09 1.41 -10.18
C ALA A 54 15.43 2.37 -11.31
N ARG A 55 16.72 2.70 -11.43
CA ARG A 55 17.16 3.61 -12.48
C ARG A 55 17.91 2.85 -13.57
N THR A 56 19.19 2.60 -13.34
CA THR A 56 20.01 1.86 -14.31
C THR A 56 20.86 0.81 -13.61
N SER A 57 20.76 0.76 -12.28
CA SER A 57 21.53 -0.21 -11.51
C SER A 57 23.01 -0.18 -11.90
N VAL A 58 23.45 0.97 -12.40
CA VAL A 58 24.82 1.14 -12.84
C VAL A 58 25.15 0.15 -13.96
N PRO A 59 25.81 0.60 -15.00
CA PRO A 59 26.23 -0.26 -16.13
C PRO A 59 27.39 -1.18 -15.76
N GLY A 60 27.36 -2.41 -16.26
CA GLY A 60 28.42 -3.36 -15.99
C GLY A 60 28.12 -4.69 -16.66
N ILE A 61 29.10 -5.61 -16.60
CA ILE A 61 28.93 -6.93 -17.21
C ILE A 61 28.77 -7.99 -16.14
N TRP A 62 27.59 -8.61 -16.09
CA TRP A 62 27.31 -9.66 -15.11
C TRP A 62 27.55 -11.03 -15.72
N GLN A 63 27.53 -11.12 -17.04
CA GLN A 63 27.74 -12.38 -17.73
C GLN A 63 29.23 -12.71 -17.82
N GLY A 64 29.76 -13.31 -16.75
CA GLY A 64 31.17 -13.66 -16.72
C GLY A 64 31.44 -14.93 -17.52
N CYS A 65 32.70 -15.26 -17.71
CA CYS A 65 33.08 -16.45 -18.47
C CYS A 65 33.12 -17.67 -17.56
N GLU A 66 32.06 -18.48 -17.61
CA GLU A 66 31.98 -19.67 -16.78
C GLU A 66 33.00 -20.70 -17.22
N GLU A 67 33.20 -20.81 -18.54
CA GLU A 67 34.17 -21.76 -19.09
C GLU A 67 35.15 -21.06 -20.01
N ASP A 68 36.44 -21.29 -19.78
CA ASP A 68 37.48 -20.67 -20.59
C ASP A 68 37.86 -21.58 -21.75
N GLY A 69 37.15 -22.70 -21.88
CA GLY A 69 37.42 -23.65 -22.96
C GLY A 69 38.26 -24.82 -22.44
N VAL A 70 38.27 -25.91 -23.21
CA VAL A 70 39.05 -27.09 -22.82
C VAL A 70 39.73 -27.69 -24.04
N GLU A 71 40.97 -28.14 -23.85
CA GLU A 71 41.73 -28.75 -24.94
C GLU A 71 42.84 -29.64 -24.38
N TYR A 72 43.03 -30.79 -25.02
CA TYR A 72 44.07 -31.73 -24.59
C TYR A 72 45.46 -31.20 -24.96
N GLN A 73 46.07 -31.84 -25.95
CA GLN A 73 47.40 -31.45 -26.40
C GLN A 73 48.30 -31.15 -25.20
N ARG A 74 48.69 -32.20 -24.49
CA ARG A 74 49.56 -32.05 -23.33
C ARG A 74 51.01 -31.97 -23.76
N LYS A 75 51.77 -31.09 -23.11
CA LYS A 75 53.19 -30.94 -23.43
C LYS A 75 54.01 -32.03 -22.75
N LEU A 76 55.01 -32.55 -23.48
CA LEU A 76 55.85 -33.61 -22.95
C LEU A 76 56.85 -33.03 -21.94
N ARG A 77 58.11 -32.91 -22.37
CA ARG A 77 59.15 -32.38 -21.49
C ARG A 77 59.03 -30.87 -21.40
N GLU A 78 59.13 -30.19 -22.54
CA GLU A 78 59.04 -28.74 -22.57
C GLU A 78 59.77 -28.12 -21.38
N GLU A 79 61.09 -28.04 -21.48
CA GLU A 79 61.90 -27.48 -20.41
C GLU A 79 61.85 -25.95 -20.44
N TRP A 80 62.82 -25.34 -21.09
CA TRP A 80 62.87 -23.88 -21.19
C TRP A 80 61.91 -23.38 -22.26
N MET B 1 -3.10 -29.12 5.25
CA MET B 1 -4.12 -29.66 6.19
C MET B 1 -4.92 -28.51 6.78
N ASN B 2 -4.53 -28.08 7.98
CA ASN B 2 -5.23 -26.98 8.65
C ASN B 2 -4.22 -26.04 9.30
N SER B 3 -3.68 -25.10 8.53
CA SER B 3 -2.71 -24.14 9.06
C SER B 3 -2.76 -22.85 8.25
N LEU B 4 -2.91 -22.98 6.94
CA LEU B 4 -2.96 -21.81 6.08
C LEU B 4 -4.30 -21.10 6.21
N ALA B 5 -4.26 -19.77 6.23
CA ALA B 5 -5.48 -18.98 6.35
C ALA B 5 -6.46 -19.34 5.25
N GLY B 6 -7.74 -19.43 5.61
CA GLY B 6 -8.78 -19.77 4.62
C GLY B 6 -9.30 -18.51 3.93
N ILE B 7 -10.47 -18.63 3.31
CA ILE B 7 -11.06 -17.49 2.61
C ILE B 7 -11.44 -16.40 3.59
N ASP B 8 -10.44 -15.67 4.08
CA ASP B 8 -10.67 -14.58 5.04
C ASP B 8 -10.19 -13.26 4.47
N MET B 9 -9.94 -13.23 3.16
CA MET B 9 -9.47 -12.02 2.50
C MET B 9 -10.58 -11.39 1.67
N GLY B 10 -10.93 -10.15 2.00
CA GLY B 10 -11.99 -9.45 1.29
C GLY B 10 -11.67 -9.39 -0.21
N ARG B 11 -12.63 -8.88 -0.98
CA ARG B 11 -12.44 -8.77 -2.44
C ARG B 11 -12.86 -7.40 -2.93
N ILE B 12 -11.98 -6.76 -3.70
CA ILE B 12 -12.26 -5.43 -4.24
C ILE B 12 -11.96 -5.38 -5.72
N LEU B 13 -12.77 -4.64 -6.47
CA LEU B 13 -12.57 -4.52 -7.92
C LEU B 13 -11.72 -3.30 -8.23
N LEU B 14 -10.71 -3.48 -9.07
CA LEU B 14 -9.84 -2.38 -9.46
C LEU B 14 -9.81 -2.23 -10.97
N ASP B 15 -9.99 -0.99 -11.44
CA ASP B 15 -9.98 -0.72 -12.88
C ASP B 15 -8.80 0.15 -13.26
N LEU B 16 -7.84 -0.42 -13.98
CA LEU B 16 -6.66 0.33 -14.42
C LEU B 16 -6.54 0.31 -15.94
N SER B 17 -5.98 1.38 -16.49
CA SER B 17 -5.82 1.49 -17.93
C SER B 17 -4.81 0.45 -18.43
N ASN B 18 -4.94 0.09 -19.70
CA ASN B 18 -4.04 -0.90 -20.29
C ASN B 18 -2.59 -0.42 -20.21
N GLU B 19 -2.39 0.87 -20.46
CA GLU B 19 -1.05 1.44 -20.42
C GLU B 19 -0.41 1.20 -19.06
N VAL B 20 -1.21 1.27 -18.00
CA VAL B 20 -0.71 1.07 -16.66
C VAL B 20 -0.24 -0.38 -16.47
N ILE B 21 -1.01 -1.32 -16.99
CA ILE B 21 -0.67 -2.72 -16.87
C ILE B 21 0.72 -2.98 -17.47
N LYS B 22 1.01 -2.31 -18.58
CA LYS B 22 2.31 -2.46 -19.23
C LYS B 22 3.41 -1.95 -18.30
N GLN B 23 3.11 -0.89 -17.55
CA GLN B 23 4.08 -0.32 -16.62
C GLN B 23 4.38 -1.31 -15.50
N LEU B 24 3.33 -1.85 -14.89
CA LEU B 24 3.49 -2.82 -13.81
C LEU B 24 4.20 -4.06 -14.31
N ASP B 25 3.87 -4.48 -15.52
CA ASP B 25 4.48 -5.67 -16.11
C ASP B 25 5.99 -5.55 -16.06
N ASP B 26 6.51 -4.37 -16.41
CA ASP B 26 7.95 -4.15 -16.39
C ASP B 26 8.50 -4.29 -14.98
N LEU B 27 7.76 -3.77 -14.00
CA LEU B 27 8.17 -3.87 -12.61
C LEU B 27 7.97 -5.28 -12.08
N GLU B 28 6.99 -5.97 -12.63
CA GLU B 28 6.69 -7.33 -12.21
C GLU B 28 7.81 -8.28 -12.61
N VAL B 29 8.32 -8.10 -13.82
CA VAL B 29 9.38 -8.96 -14.33
C VAL B 29 10.65 -8.79 -13.50
N GLN B 30 11.06 -7.54 -13.30
CA GLN B 30 12.26 -7.26 -12.52
C GLN B 30 12.10 -7.77 -11.09
N ARG B 31 10.93 -7.55 -10.52
CA ARG B 31 10.66 -8.01 -9.16
C ARG B 31 10.31 -9.49 -9.14
N ASN B 32 9.97 -10.03 -10.31
CA ASN B 32 9.62 -11.44 -10.41
C ASN B 32 8.71 -11.85 -9.27
N LEU B 33 7.63 -11.09 -9.07
CA LEU B 33 6.69 -11.39 -8.00
C LEU B 33 5.25 -11.20 -8.46
N PRO B 34 4.33 -11.88 -7.85
CA PRO B 34 2.88 -11.77 -8.21
C PRO B 34 2.36 -10.34 -8.07
N ARG B 35 1.39 -9.99 -8.91
CA ARG B 35 0.81 -8.64 -8.86
C ARG B 35 0.18 -8.38 -7.50
N ALA B 36 -0.65 -9.31 -7.05
CA ALA B 36 -1.33 -9.17 -5.76
C ALA B 36 -0.35 -8.67 -4.71
N ASP B 37 0.85 -9.26 -4.69
CA ASP B 37 1.87 -8.84 -3.72
C ASP B 37 2.30 -7.41 -3.97
N LEU B 38 2.44 -7.05 -5.25
CA LEU B 38 2.84 -5.69 -5.60
C LEU B 38 1.80 -4.68 -5.13
N LEU B 39 0.53 -4.99 -5.40
CA LEU B 39 -0.55 -4.12 -4.97
C LEU B 39 -0.63 -4.07 -3.45
N ARG B 40 -0.57 -5.25 -2.82
CA ARG B 40 -0.64 -5.32 -1.37
C ARG B 40 0.46 -4.48 -0.74
N GLU B 41 1.67 -4.64 -1.27
CA GLU B 41 2.82 -3.87 -0.77
C GLU B 41 2.65 -2.39 -1.08
N ALA B 42 2.09 -2.09 -2.25
CA ALA B 42 1.89 -0.71 -2.65
C ALA B 42 1.00 0.01 -1.65
N VAL B 43 -0.11 -0.63 -1.28
CA VAL B 43 -1.05 -0.04 -0.33
C VAL B 43 -0.39 0.08 1.05
N ASP B 44 0.15 -1.03 1.55
CA ASP B 44 0.81 -1.02 2.84
C ASP B 44 1.86 0.08 2.90
N GLN B 45 2.72 0.12 1.89
CA GLN B 45 3.76 1.14 1.83
C GLN B 45 3.15 2.53 1.89
N TYR B 46 2.06 2.73 1.14
CA TYR B 46 1.38 4.02 1.12
C TYR B 46 0.89 4.38 2.51
N LEU B 47 0.35 3.39 3.22
CA LEU B 47 -0.16 3.62 4.57
C LEU B 47 0.96 4.10 5.49
N ILE B 48 2.12 3.47 5.37
CA ILE B 48 3.26 3.84 6.21
C ILE B 48 3.65 5.30 5.95
N ASN B 49 3.75 5.66 4.68
CA ASN B 49 4.12 7.02 4.32
C ASN B 49 3.06 8.01 4.80
N GLN B 50 1.79 7.62 4.68
CA GLN B 50 0.69 8.48 5.11
C GLN B 50 0.73 8.67 6.62
N SER B 51 0.97 7.59 7.35
CA SER B 51 1.03 7.65 8.81
C SER B 51 1.54 6.33 9.37
N GLN B 52 2.81 6.32 9.80
CA GLN B 52 3.41 5.13 10.36
C GLN B 52 2.72 4.74 11.67
N THR B 53 2.39 5.75 12.48
CA THR B 53 1.73 5.50 13.76
C THR B 53 0.22 5.62 13.60
N ALA B 54 -0.48 4.53 13.88
CA ALA B 54 -1.94 4.52 13.77
C ALA B 54 -2.50 3.16 14.16
N ARG B 55 -1.61 2.20 14.41
CA ARG B 55 -2.02 0.86 14.79
C ARG B 55 -1.88 0.67 16.29
N THR B 56 -2.27 1.68 17.06
CA THR B 56 -2.18 1.62 18.52
C THR B 56 -3.57 1.46 19.13
N SER B 57 -3.82 0.30 19.75
CA SER B 57 -5.10 0.04 20.37
C SER B 57 -5.13 0.57 21.80
N VAL B 58 -6.31 0.58 22.41
CA VAL B 58 -6.46 1.06 23.77
C VAL B 58 -6.08 2.53 23.87
N PRO B 59 -6.76 3.38 23.15
CA PRO B 59 -6.49 4.85 23.14
C PRO B 59 -6.82 5.49 24.48
N GLY B 60 -7.62 4.80 25.28
CA GLY B 60 -8.01 5.33 26.59
C GLY B 60 -9.20 6.25 26.46
N ILE B 61 -10.34 5.82 27.01
CA ILE B 61 -11.56 6.62 26.97
C ILE B 61 -12.19 6.72 28.35
N TRP B 62 -12.80 7.86 28.64
CA TRP B 62 -13.45 8.06 29.94
C TRP B 62 -14.61 9.03 29.80
N GLN B 63 -15.54 8.96 30.74
CA GLN B 63 -16.71 9.84 30.73
C GLN B 63 -17.27 10.03 32.13
N GLY B 64 -17.99 11.13 32.34
CA GLY B 64 -18.58 11.41 33.65
C GLY B 64 -17.55 12.04 34.58
N CYS B 65 -17.33 11.41 35.73
CA CYS B 65 -16.38 11.93 36.70
C CYS B 65 -16.79 13.31 37.17
N GLU B 66 -16.62 13.57 38.47
CA GLU B 66 -16.98 14.86 39.04
C GLU B 66 -16.15 15.15 40.29
N GLU B 67 -16.25 14.27 41.28
CA GLU B 67 -15.50 14.44 42.52
C GLU B 67 -14.00 14.32 42.26
N ASP B 68 -13.23 15.19 42.91
CA ASP B 68 -11.78 15.17 42.73
C ASP B 68 -11.20 13.86 43.24
N GLY B 69 -11.69 13.39 44.38
CA GLY B 69 -11.21 12.14 44.96
C GLY B 69 -11.39 12.14 46.47
N VAL B 70 -12.57 11.72 46.92
CA VAL B 70 -12.87 11.68 48.36
C VAL B 70 -12.72 13.06 48.97
N GLU B 71 -13.59 13.36 49.93
CA GLU B 71 -13.55 14.66 50.60
C GLU B 71 -14.14 14.56 52.00
N TYR B 72 -13.27 14.62 53.01
CA TYR B 72 -13.71 14.54 54.40
C TYR B 72 -13.61 15.89 55.07
N GLN B 73 -14.75 16.56 55.25
CA GLN B 73 -14.78 17.86 55.89
C GLN B 73 -16.20 18.24 56.25
N ARG B 74 -16.35 19.32 57.03
CA ARG B 74 -17.66 19.80 57.44
C ARG B 74 -17.74 21.32 57.37
N LYS B 75 -18.87 21.82 56.87
CA LYS B 75 -19.06 23.26 56.74
C LYS B 75 -19.61 23.84 58.04
N LEU B 76 -19.18 25.05 58.38
CA LEU B 76 -19.63 25.71 59.59
C LEU B 76 -21.11 26.06 59.49
N ARG B 77 -21.77 26.17 60.65
CA ARG B 77 -23.20 26.50 60.67
C ARG B 77 -23.44 27.84 59.97
N GLU B 78 -24.53 27.91 59.21
CA GLU B 78 -24.87 29.14 58.50
C GLU B 78 -25.33 30.21 59.47
N GLU B 79 -24.87 31.44 59.26
CA GLU B 79 -25.24 32.55 60.12
C GLU B 79 -26.72 32.87 59.98
N TRP B 80 -27.22 32.81 58.75
CA TRP B 80 -28.63 33.10 58.49
C TRP B 80 -29.05 32.53 57.13
N MET A 1 -12.84 -1.48 -38.74
CA MET A 1 -12.04 -0.63 -37.82
C MET A 1 -12.05 -1.25 -36.43
N ASN A 2 -10.91 -1.15 -35.73
CA ASN A 2 -10.78 -1.71 -34.39
C ASN A 2 -11.10 -0.65 -33.34
N SER A 3 -11.75 0.44 -33.77
CA SER A 3 -12.10 1.52 -32.86
C SER A 3 -10.87 2.35 -32.52
N LEU A 4 -9.78 2.11 -33.24
CA LEU A 4 -8.54 2.84 -33.00
C LEU A 4 -8.25 2.93 -31.51
N ALA A 5 -8.87 2.04 -30.74
CA ALA A 5 -8.67 2.02 -29.30
C ALA A 5 -9.19 3.30 -28.68
N GLY A 6 -9.92 3.17 -27.57
CA GLY A 6 -10.48 4.32 -26.87
C GLY A 6 -10.47 4.10 -25.36
N ILE A 7 -11.62 3.75 -24.80
CA ILE A 7 -11.75 3.51 -23.36
C ILE A 7 -11.93 2.02 -23.09
N ASP A 8 -10.92 1.42 -22.50
CA ASP A 8 -10.96 0.00 -22.17
C ASP A 8 -10.05 -0.32 -21.00
N MET A 9 -10.41 0.20 -19.82
CA MET A 9 -9.61 -0.03 -18.63
C MET A 9 -9.75 -1.48 -18.18
N GLY A 10 -8.61 -2.16 -18.01
CA GLY A 10 -8.61 -3.55 -17.59
C GLY A 10 -8.98 -3.67 -16.12
N ARG A 11 -9.79 -4.67 -15.81
CA ARG A 11 -10.21 -4.90 -14.42
C ARG A 11 -9.17 -5.75 -13.69
N ILE A 12 -8.91 -5.38 -12.44
CA ILE A 12 -7.93 -6.10 -11.61
C ILE A 12 -8.51 -6.33 -10.22
N LEU A 13 -8.34 -7.54 -9.73
CA LEU A 13 -8.83 -7.89 -8.40
C LEU A 13 -7.73 -7.75 -7.37
N LEU A 14 -8.00 -6.91 -6.37
CA LEU A 14 -7.02 -6.69 -5.30
C LEU A 14 -7.42 -7.48 -4.07
N ASP A 15 -6.52 -8.34 -3.60
CA ASP A 15 -6.77 -9.17 -2.43
C ASP A 15 -6.09 -8.58 -1.19
N LEU A 16 -6.90 -8.23 -0.18
CA LEU A 16 -6.38 -7.66 1.05
C LEU A 16 -7.29 -8.00 2.23
N SER A 17 -6.67 -8.14 3.39
CA SER A 17 -7.41 -8.48 4.59
C SER A 17 -8.46 -7.42 4.87
N ASN A 18 -9.49 -7.79 5.62
CA ASN A 18 -10.55 -6.87 5.96
C ASN A 18 -10.05 -5.78 6.91
N GLU A 19 -9.06 -6.14 7.73
CA GLU A 19 -8.50 -5.20 8.70
C GLU A 19 -7.94 -3.96 7.99
N VAL A 20 -7.42 -4.16 6.79
CA VAL A 20 -6.86 -3.05 6.01
C VAL A 20 -7.98 -2.12 5.54
N ILE A 21 -9.06 -2.70 5.03
CA ILE A 21 -10.17 -1.90 4.54
C ILE A 21 -10.60 -0.92 5.62
N LYS A 22 -10.55 -1.36 6.87
CA LYS A 22 -10.92 -0.49 7.97
C LYS A 22 -9.95 0.69 8.04
N GLN A 23 -8.67 0.40 7.89
CA GLN A 23 -7.67 1.44 7.92
C GLN A 23 -7.80 2.34 6.70
N LEU A 24 -7.94 1.72 5.53
CA LEU A 24 -8.09 2.45 4.30
C LEU A 24 -9.41 3.23 4.34
N ASP A 25 -10.46 2.51 4.64
CA ASP A 25 -11.80 3.12 4.66
C ASP A 25 -11.78 4.37 5.51
N ASP A 26 -11.19 4.28 6.68
CA ASP A 26 -11.11 5.42 7.58
C ASP A 26 -10.34 6.56 6.91
N LEU A 27 -9.30 6.22 6.14
CA LEU A 27 -8.53 7.23 5.46
C LEU A 27 -9.36 7.91 4.39
N GLU A 28 -10.23 7.14 3.74
CA GLU A 28 -11.06 7.68 2.68
C GLU A 28 -12.00 8.75 3.21
N VAL A 29 -12.51 8.53 4.41
CA VAL A 29 -13.42 9.49 5.03
C VAL A 29 -12.72 10.83 5.25
N GLN A 30 -11.49 10.79 5.76
CA GLN A 30 -10.74 12.00 6.01
C GLN A 30 -10.43 12.73 4.72
N ARG A 31 -10.08 11.98 3.68
CA ARG A 31 -9.75 12.57 2.39
C ARG A 31 -11.02 12.97 1.65
N ASN A 32 -12.16 12.56 2.17
CA ASN A 32 -13.44 12.87 1.55
C ASN A 32 -13.36 12.68 0.04
N LEU A 33 -12.72 11.58 -0.37
CA LEU A 33 -12.58 11.29 -1.81
C LEU A 33 -12.85 9.82 -2.09
N PRO A 34 -13.26 9.49 -3.29
CA PRO A 34 -13.54 8.08 -3.68
C PRO A 34 -12.32 7.19 -3.52
N ARG A 35 -12.56 5.94 -3.11
CA ARG A 35 -11.47 4.99 -2.93
C ARG A 35 -10.73 4.75 -4.22
N ALA A 36 -11.48 4.55 -5.31
CA ALA A 36 -10.85 4.30 -6.61
C ALA A 36 -9.77 5.33 -6.89
N ASP A 37 -10.03 6.58 -6.54
CA ASP A 37 -9.06 7.63 -6.76
C ASP A 37 -7.84 7.43 -5.86
N LEU A 38 -8.06 6.99 -4.63
CA LEU A 38 -6.97 6.76 -3.70
C LEU A 38 -6.08 5.62 -4.18
N LEU A 39 -6.70 4.54 -4.65
CA LEU A 39 -5.96 3.40 -5.14
C LEU A 39 -5.11 3.79 -6.35
N ARG A 40 -5.71 4.54 -7.25
CA ARG A 40 -5.01 4.96 -8.46
C ARG A 40 -3.79 5.81 -8.09
N GLU A 41 -3.97 6.74 -7.15
CA GLU A 41 -2.90 7.61 -6.73
C GLU A 41 -1.81 6.80 -6.02
N ALA A 42 -2.22 5.87 -5.16
CA ALA A 42 -1.27 5.04 -4.44
C ALA A 42 -0.36 4.30 -5.41
N VAL A 43 -0.94 3.77 -6.48
CA VAL A 43 -0.16 3.06 -7.47
C VAL A 43 0.77 4.01 -8.22
N ASP A 44 0.21 5.11 -8.72
CA ASP A 44 0.99 6.09 -9.46
C ASP A 44 2.16 6.56 -8.61
N GLN A 45 1.89 6.88 -7.35
CA GLN A 45 2.94 7.33 -6.45
C GLN A 45 4.05 6.29 -6.35
N TYR A 46 3.65 5.02 -6.26
CA TYR A 46 4.62 3.93 -6.16
C TYR A 46 5.47 3.86 -7.42
N LEU A 47 4.83 4.03 -8.57
CA LEU A 47 5.53 3.98 -9.85
C LEU A 47 6.57 5.10 -9.93
N ILE A 48 6.21 6.28 -9.44
CA ILE A 48 7.13 7.40 -9.47
C ILE A 48 8.38 7.09 -8.66
N ASN A 49 8.19 6.50 -7.49
CA ASN A 49 9.32 6.14 -6.65
C ASN A 49 10.17 5.07 -7.31
N GLN A 50 9.50 4.11 -7.94
CA GLN A 50 10.19 3.03 -8.62
C GLN A 50 10.87 3.51 -9.89
N SER A 51 11.18 4.81 -9.91
CA SER A 51 11.85 5.42 -11.08
C SER A 51 13.03 6.27 -10.62
N GLN A 52 12.83 7.07 -9.58
CA GLN A 52 13.90 7.92 -9.07
C GLN A 52 13.50 8.55 -7.74
N THR A 53 12.78 9.67 -7.81
CA THR A 53 12.34 10.35 -6.61
C THR A 53 13.52 10.60 -5.67
N ALA A 54 14.07 11.82 -5.73
CA ALA A 54 15.22 12.18 -4.88
C ALA A 54 14.92 13.47 -4.11
N ARG A 55 13.90 14.19 -4.54
CA ARG A 55 13.52 15.43 -3.88
C ARG A 55 13.19 15.18 -2.41
N THR A 56 14.09 15.63 -1.54
CA THR A 56 13.91 15.46 -0.10
C THR A 56 13.13 16.64 0.48
N SER A 57 12.64 17.51 -0.39
CA SER A 57 11.89 18.67 0.05
C SER A 57 10.68 18.23 0.88
N VAL A 58 10.41 18.98 1.95
CA VAL A 58 9.28 18.66 2.82
C VAL A 58 8.75 19.93 3.50
N PRO A 59 8.34 20.90 2.72
CA PRO A 59 7.81 22.18 3.24
C PRO A 59 6.43 22.01 3.89
N GLY A 60 6.37 22.19 5.20
CA GLY A 60 5.12 22.06 5.93
C GLY A 60 5.36 21.59 7.36
N ILE A 61 4.77 20.45 7.70
CA ILE A 61 4.93 19.88 9.04
C ILE A 61 4.48 20.89 10.10
N TRP A 62 3.17 21.07 10.23
CA TRP A 62 2.61 22.00 11.20
C TRP A 62 2.36 21.30 12.53
N GLN A 63 2.32 19.97 12.50
CA GLN A 63 2.08 19.20 13.71
C GLN A 63 3.21 19.40 14.71
N GLY A 64 4.45 19.40 14.22
CA GLY A 64 5.61 19.58 15.08
C GLY A 64 5.69 18.49 16.14
N CYS A 65 6.15 18.85 17.33
CA CYS A 65 6.28 17.90 18.42
C CYS A 65 6.51 18.61 19.74
N GLU A 66 7.01 19.84 19.66
CA GLU A 66 7.29 20.62 20.87
C GLU A 66 8.20 19.85 21.81
N GLU A 67 8.72 20.54 22.82
CA GLU A 67 9.62 19.92 23.79
C GLU A 67 9.51 20.62 25.15
N ASP A 68 9.09 21.87 25.12
CA ASP A 68 8.95 22.65 26.35
C ASP A 68 7.68 22.24 27.10
N GLY A 69 7.54 22.73 28.32
CA GLY A 69 6.36 22.41 29.13
C GLY A 69 5.08 22.82 28.41
N VAL A 70 4.04 22.01 28.55
CA VAL A 70 2.76 22.29 27.90
C VAL A 70 1.88 23.13 28.82
N GLU A 71 1.31 24.21 28.27
CA GLU A 71 0.44 25.09 29.04
C GLU A 71 -0.58 25.77 28.13
N TYR A 72 -1.85 25.46 28.35
CA TYR A 72 -2.92 26.05 27.55
C TYR A 72 -2.52 26.13 26.07
N GLN A 73 -2.60 25.00 25.38
CA GLN A 73 -2.23 24.95 23.97
C GLN A 73 -3.20 25.76 23.14
N ARG A 74 -4.47 25.74 23.52
CA ARG A 74 -5.50 26.48 22.80
C ARG A 74 -5.31 27.98 22.98
N LYS A 75 -5.63 28.74 21.94
CA LYS A 75 -5.48 30.19 21.99
C LYS A 75 -4.08 30.57 22.44
N LEU A 76 -3.08 29.90 21.87
CA LEU A 76 -1.69 30.19 22.23
C LEU A 76 -0.79 30.11 21.00
N ARG A 77 -0.06 31.17 20.75
CA ARG A 77 0.84 31.23 19.61
C ARG A 77 0.05 31.40 18.31
N GLU A 78 -1.03 30.63 18.19
CA GLU A 78 -1.87 30.69 17.01
C GLU A 78 -1.00 30.68 15.74
N GLU A 79 -0.77 29.49 15.21
CA GLU A 79 0.05 29.35 14.00
C GLU A 79 -0.44 30.31 12.92
N TRP A 80 0.15 31.50 12.88
CA TRP A 80 -0.22 32.50 11.89
C TRP A 80 0.41 32.18 10.54
N MET B 1 -5.85 -29.98 0.46
CA MET B 1 -6.39 -28.87 -0.37
C MET B 1 -7.90 -29.01 -0.48
N ASN B 2 -8.45 -30.01 0.20
CA ASN B 2 -9.89 -30.23 0.18
C ASN B 2 -10.63 -29.06 0.80
N SER B 3 -10.07 -28.52 1.89
CA SER B 3 -10.69 -27.40 2.57
C SER B 3 -10.63 -26.14 1.71
N LEU B 4 -9.79 -26.17 0.68
CA LEU B 4 -9.64 -25.03 -0.21
C LEU B 4 -9.56 -23.72 0.58
N ALA B 5 -9.12 -23.83 1.83
CA ALA B 5 -8.99 -22.66 2.68
C ALA B 5 -10.35 -21.98 2.84
N GLY B 6 -10.32 -20.69 3.18
CA GLY B 6 -11.56 -19.93 3.37
C GLY B 6 -11.40 -18.49 2.87
N ILE B 7 -12.44 -17.97 2.24
CA ILE B 7 -12.40 -16.61 1.71
C ILE B 7 -12.88 -15.63 2.77
N ASP B 8 -12.03 -15.38 3.76
CA ASP B 8 -12.37 -14.46 4.85
C ASP B 8 -11.78 -13.07 4.57
N MET B 9 -11.21 -12.91 3.38
CA MET B 9 -10.63 -11.63 2.99
C MET B 9 -11.71 -10.69 2.48
N GLY B 10 -11.29 -9.49 2.08
CA GLY B 10 -12.21 -8.48 1.59
C GLY B 10 -11.76 -7.94 0.24
N ARG B 11 -11.29 -8.84 -0.61
CA ARG B 11 -10.80 -8.45 -1.93
C ARG B 11 -11.71 -7.39 -2.56
N ILE B 12 -11.14 -6.58 -3.44
CA ILE B 12 -11.89 -5.51 -4.10
C ILE B 12 -11.53 -5.44 -5.59
N LEU B 13 -12.45 -4.89 -6.37
CA LEU B 13 -12.23 -4.75 -7.81
C LEU B 13 -11.62 -3.40 -8.12
N LEU B 14 -10.66 -3.39 -9.03
CA LEU B 14 -9.99 -2.15 -9.42
C LEU B 14 -9.78 -2.13 -10.93
N ASP B 15 -9.93 -0.94 -11.53
CA ASP B 15 -9.75 -0.78 -12.97
C ASP B 15 -8.57 0.15 -13.27
N LEU B 16 -7.64 -0.34 -14.08
CA LEU B 16 -6.46 0.44 -14.46
C LEU B 16 -6.43 0.64 -15.97
N SER B 17 -5.93 1.80 -16.37
CA SER B 17 -5.84 2.14 -17.79
C SER B 17 -5.17 1.01 -18.56
N ASN B 18 -4.55 1.34 -19.68
CA ASN B 18 -3.86 0.34 -20.49
C ASN B 18 -2.36 0.57 -20.46
N GLU B 19 -1.94 1.83 -20.51
CA GLU B 19 -0.53 2.17 -20.49
C GLU B 19 0.08 1.86 -19.12
N VAL B 20 -0.72 2.00 -18.08
CA VAL B 20 -0.26 1.72 -16.72
C VAL B 20 -0.04 0.22 -16.52
N ILE B 21 -0.97 -0.59 -17.02
CA ILE B 21 -0.87 -2.04 -16.87
C ILE B 21 0.47 -2.52 -17.42
N LYS B 22 0.92 -1.88 -18.49
CA LYS B 22 2.19 -2.23 -19.09
C LYS B 22 3.33 -1.91 -18.15
N GLN B 23 3.24 -0.77 -17.48
CA GLN B 23 4.27 -0.34 -16.55
C GLN B 23 4.37 -1.36 -15.41
N LEU B 24 3.22 -1.75 -14.89
CA LEU B 24 3.18 -2.72 -13.79
C LEU B 24 3.73 -4.06 -14.24
N ASP B 25 3.38 -4.46 -15.45
CA ASP B 25 3.85 -5.73 -15.99
C ASP B 25 5.38 -5.75 -16.04
N ASP B 26 5.96 -4.67 -16.56
CA ASP B 26 7.42 -4.59 -16.66
C ASP B 26 8.06 -4.68 -15.28
N LEU B 27 7.52 -3.94 -14.32
CA LEU B 27 8.03 -3.94 -12.98
C LEU B 27 7.82 -5.30 -12.33
N GLU B 28 6.69 -5.93 -12.65
CA GLU B 28 6.37 -7.23 -12.07
C GLU B 28 7.35 -8.30 -12.58
N VAL B 29 7.68 -8.23 -13.87
CA VAL B 29 8.60 -9.20 -14.46
C VAL B 29 9.98 -9.09 -13.82
N GLN B 30 10.46 -7.87 -13.66
CA GLN B 30 11.78 -7.65 -13.08
C GLN B 30 11.81 -8.11 -11.62
N ARG B 31 10.73 -7.82 -10.91
CA ARG B 31 10.63 -8.19 -9.50
C ARG B 31 10.52 -9.70 -9.35
N ASN B 32 9.81 -10.31 -10.29
CA ASN B 32 9.62 -11.76 -10.28
C ASN B 32 8.62 -12.18 -9.19
N LEU B 33 7.52 -11.44 -9.08
CA LEU B 33 6.50 -11.76 -8.08
C LEU B 33 5.12 -11.34 -8.59
N PRO B 34 4.08 -11.90 -8.05
CA PRO B 34 2.68 -11.56 -8.45
C PRO B 34 2.36 -10.08 -8.22
N ARG B 35 1.59 -9.51 -9.15
CA ARG B 35 1.21 -8.10 -9.06
C ARG B 35 0.40 -7.86 -7.79
N ALA B 36 -0.47 -8.80 -7.47
CA ALA B 36 -1.30 -8.67 -6.27
C ALA B 36 -0.43 -8.31 -5.07
N ASP B 37 0.76 -8.92 -5.01
CA ASP B 37 1.67 -8.63 -3.91
C ASP B 37 2.15 -7.19 -3.97
N LEU B 38 2.39 -6.70 -5.18
CA LEU B 38 2.86 -5.33 -5.38
C LEU B 38 1.79 -4.32 -4.95
N LEU B 39 0.55 -4.62 -5.31
CA LEU B 39 -0.55 -3.72 -4.97
C LEU B 39 -0.72 -3.64 -3.45
N ARG B 40 -0.62 -4.78 -2.80
CA ARG B 40 -0.76 -4.82 -1.34
C ARG B 40 0.32 -3.96 -0.69
N GLU B 41 1.54 -4.09 -1.19
CA GLU B 41 2.66 -3.31 -0.65
C GLU B 41 2.48 -1.83 -0.96
N ALA B 42 2.04 -1.54 -2.18
CA ALA B 42 1.82 -0.16 -2.58
C ALA B 42 0.83 0.51 -1.64
N VAL B 43 -0.27 -0.18 -1.36
CA VAL B 43 -1.29 0.37 -0.47
C VAL B 43 -0.74 0.44 0.96
N ASP B 44 -0.19 -0.67 1.44
CA ASP B 44 0.34 -0.74 2.79
C ASP B 44 1.36 0.38 2.99
N GLN B 45 2.25 0.54 2.01
CA GLN B 45 3.25 1.59 2.08
C GLN B 45 2.60 2.97 2.08
N TYR B 46 1.57 3.11 1.26
CA TYR B 46 0.85 4.38 1.16
C TYR B 46 0.25 4.76 2.51
N LEU B 47 -0.35 3.77 3.17
CA LEU B 47 -0.98 4.00 4.47
C LEU B 47 0.05 4.47 5.50
N ILE B 48 1.23 3.87 5.45
CA ILE B 48 2.28 4.24 6.40
C ILE B 48 2.66 5.71 6.22
N ASN B 49 2.80 6.12 4.96
CA ASN B 49 3.15 7.51 4.67
C ASN B 49 2.02 8.45 5.09
N GLN B 50 0.79 8.02 4.86
CA GLN B 50 -0.37 8.83 5.21
C GLN B 50 -0.42 9.07 6.72
N SER B 51 -0.13 8.02 7.49
CA SER B 51 -0.13 8.12 8.95
C SER B 51 1.28 7.95 9.51
N GLN B 52 2.19 8.79 9.04
CA GLN B 52 3.59 8.72 9.49
C GLN B 52 3.69 9.24 10.92
N THR B 53 4.38 8.49 11.77
CA THR B 53 4.56 8.88 13.16
C THR B 53 5.91 8.41 13.69
N ALA B 54 6.75 7.90 12.78
CA ALA B 54 8.07 7.41 13.16
C ALA B 54 8.95 8.56 13.63
N ARG B 55 9.96 8.23 14.42
CA ARG B 55 10.87 9.24 14.95
C ARG B 55 11.48 10.05 13.80
N THR B 56 11.28 9.58 12.57
CA THR B 56 11.82 10.26 11.40
C THR B 56 13.32 10.01 11.27
N SER B 57 13.69 9.22 10.27
CA SER B 57 15.09 8.91 10.04
C SER B 57 15.81 10.10 9.42
N VAL B 58 17.12 9.97 9.22
CA VAL B 58 17.91 11.04 8.64
C VAL B 58 17.88 12.28 9.53
N PRO B 59 18.23 12.12 10.78
CA PRO B 59 18.25 13.25 11.76
C PRO B 59 19.31 14.30 11.42
N GLY B 60 18.99 15.56 11.68
CA GLY B 60 19.92 16.65 11.40
C GLY B 60 20.31 16.66 9.92
N ILE B 61 21.61 16.67 9.67
CA ILE B 61 22.11 16.69 8.30
C ILE B 61 21.44 17.80 7.50
N TRP B 62 22.07 18.97 7.45
CA TRP B 62 21.52 20.10 6.71
C TRP B 62 21.77 19.95 5.22
N GLN B 63 20.93 19.15 4.57
CA GLN B 63 21.08 18.92 3.14
C GLN B 63 20.82 20.21 2.36
N GLY B 64 19.86 21.00 2.83
CA GLY B 64 19.53 22.26 2.17
C GLY B 64 20.77 23.14 2.03
N CYS B 65 20.72 24.05 1.07
CA CYS B 65 21.85 24.95 0.82
C CYS B 65 23.01 24.19 0.19
N GLU B 66 23.23 22.96 0.65
CA GLU B 66 24.32 22.14 0.12
C GLU B 66 25.64 22.87 0.25
N GLU B 67 26.73 22.10 0.23
CA GLU B 67 28.07 22.68 0.34
C GLU B 67 28.64 22.97 -1.04
N ASP B 68 29.34 24.09 -1.17
CA ASP B 68 29.94 24.48 -2.45
C ASP B 68 31.42 24.79 -2.27
N GLY B 69 32.19 24.58 -3.33
CA GLY B 69 33.63 24.84 -3.28
C GLY B 69 34.41 23.75 -4.02
N VAL B 70 33.84 23.26 -5.12
CA VAL B 70 34.49 22.22 -5.93
C VAL B 70 35.22 22.83 -7.13
N GLU B 71 35.06 24.15 -7.30
CA GLU B 71 35.70 24.85 -8.41
C GLU B 71 36.90 25.64 -7.92
N TYR B 72 38.07 25.31 -8.43
CA TYR B 72 39.31 25.99 -8.05
C TYR B 72 39.61 27.13 -9.02
N GLN B 73 40.89 27.47 -9.15
CA GLN B 73 41.30 28.54 -10.05
C GLN B 73 40.73 29.87 -9.59
N ARG B 74 39.42 30.04 -9.76
CA ARG B 74 38.75 31.27 -9.37
C ARG B 74 39.05 31.59 -7.90
N LYS B 75 38.32 32.56 -7.36
CA LYS B 75 38.52 32.95 -5.97
C LYS B 75 38.21 31.78 -5.05
N LEU B 76 39.16 31.46 -4.17
CA LEU B 76 39.00 30.35 -3.24
C LEU B 76 38.36 30.86 -1.94
N ARG B 77 39.22 31.23 -0.98
CA ARG B 77 38.76 31.72 0.32
C ARG B 77 39.57 32.92 0.75
N GLU B 78 38.89 34.00 1.11
CA GLU B 78 39.55 35.22 1.56
C GLU B 78 40.74 35.54 0.64
N GLU B 79 41.58 36.48 1.08
CA GLU B 79 42.75 36.87 0.30
C GLU B 79 43.96 37.06 1.21
N TRP B 80 45.12 36.66 0.72
CA TRP B 80 46.35 36.78 1.49
C TRP B 80 46.17 36.20 2.88
N MET A 1 -20.52 5.24 -34.71
CA MET A 1 -20.08 5.95 -33.49
C MET A 1 -18.80 5.31 -32.95
N ASN A 2 -17.68 5.99 -33.12
CA ASN A 2 -16.39 5.48 -32.65
C ASN A 2 -16.10 5.99 -31.24
N SER A 3 -17.10 6.60 -30.61
CA SER A 3 -16.93 7.12 -29.26
C SER A 3 -15.76 8.09 -29.21
N LEU A 4 -15.42 8.53 -28.00
CA LEU A 4 -14.31 9.47 -27.84
C LEU A 4 -13.01 8.71 -27.61
N ALA A 5 -12.00 9.03 -28.42
CA ALA A 5 -10.71 8.38 -28.30
C ALA A 5 -10.85 6.87 -28.36
N GLY A 6 -11.20 6.26 -27.24
CA GLY A 6 -11.38 4.82 -27.17
C GLY A 6 -11.39 4.33 -25.73
N ILE A 7 -12.53 3.82 -25.28
CA ILE A 7 -12.65 3.33 -23.91
C ILE A 7 -12.36 1.84 -23.86
N ASP A 8 -11.11 1.49 -23.57
CA ASP A 8 -10.69 0.09 -23.49
C ASP A 8 -9.77 -0.12 -22.30
N MET A 9 -10.03 0.60 -21.22
CA MET A 9 -9.20 0.48 -20.02
C MET A 9 -9.14 -0.97 -19.57
N GLY A 10 -8.52 -1.20 -18.41
CA GLY A 10 -8.39 -2.55 -17.86
C GLY A 10 -9.01 -2.63 -16.46
N ARG A 11 -9.24 -3.84 -15.99
CA ARG A 11 -9.83 -4.04 -14.66
C ARG A 11 -9.13 -5.20 -13.96
N ILE A 12 -8.77 -4.98 -12.69
CA ILE A 12 -8.09 -6.00 -11.89
C ILE A 12 -8.77 -6.16 -10.54
N LEU A 13 -8.53 -7.29 -9.88
CA LEU A 13 -9.13 -7.57 -8.59
C LEU A 13 -8.09 -7.47 -7.50
N LEU A 14 -8.48 -6.90 -6.36
CA LEU A 14 -7.58 -6.73 -5.22
C LEU A 14 -8.14 -7.43 -3.99
N ASP A 15 -7.32 -8.27 -3.36
CA ASP A 15 -7.73 -8.99 -2.16
C ASP A 15 -7.18 -8.32 -0.91
N LEU A 16 -8.08 -7.80 -0.07
CA LEU A 16 -7.67 -7.14 1.18
C LEU A 16 -7.78 -8.10 2.34
N SER A 17 -7.47 -7.61 3.53
CA SER A 17 -7.51 -8.43 4.75
C SER A 17 -8.61 -7.96 5.68
N ASN A 18 -9.43 -7.03 5.20
CA ASN A 18 -10.53 -6.48 5.99
C ASN A 18 -10.00 -5.45 6.99
N GLU A 19 -8.89 -5.79 7.63
CA GLU A 19 -8.28 -4.90 8.60
C GLU A 19 -7.74 -3.65 7.91
N VAL A 20 -7.30 -3.83 6.66
CA VAL A 20 -6.77 -2.72 5.88
C VAL A 20 -7.89 -1.75 5.50
N ILE A 21 -9.06 -2.30 5.17
CA ILE A 21 -10.20 -1.48 4.78
C ILE A 21 -10.49 -0.46 5.88
N LYS A 22 -10.38 -0.89 7.13
CA LYS A 22 -10.61 0.00 8.25
C LYS A 22 -9.58 1.12 8.26
N GLN A 23 -8.33 0.78 7.92
CA GLN A 23 -7.26 1.76 7.88
C GLN A 23 -7.55 2.79 6.79
N LEU A 24 -7.86 2.29 5.59
CA LEU A 24 -8.17 3.16 4.46
C LEU A 24 -9.42 3.97 4.73
N ASP A 25 -10.38 3.35 5.41
CA ASP A 25 -11.64 4.01 5.72
C ASP A 25 -11.38 5.30 6.49
N ASP A 26 -10.47 5.24 7.46
CA ASP A 26 -10.14 6.40 8.26
C ASP A 26 -9.56 7.50 7.38
N LEU A 27 -8.77 7.10 6.39
CA LEU A 27 -8.17 8.05 5.46
C LEU A 27 -9.14 8.42 4.34
N GLU A 28 -10.04 7.50 4.03
CA GLU A 28 -11.01 7.72 2.97
C GLU A 28 -12.15 8.61 3.44
N VAL A 29 -12.60 8.39 4.67
CA VAL A 29 -13.70 9.17 5.22
C VAL A 29 -13.36 10.66 5.16
N GLN A 30 -12.17 10.99 5.64
CA GLN A 30 -11.73 12.38 5.65
C GLN A 30 -11.69 12.93 4.24
N ARG A 31 -11.20 12.11 3.30
CA ARG A 31 -11.12 12.52 1.91
C ARG A 31 -12.48 12.40 1.23
N ASN A 32 -13.39 11.68 1.88
CA ASN A 32 -14.74 11.50 1.34
C ASN A 32 -14.68 11.20 -0.15
N LEU A 33 -13.85 10.23 -0.52
CA LEU A 33 -13.71 9.86 -1.93
C LEU A 33 -13.67 8.34 -2.10
N PRO A 34 -14.06 7.85 -3.24
CA PRO A 34 -14.07 6.38 -3.51
C PRO A 34 -12.68 5.75 -3.37
N ARG A 35 -12.63 4.53 -2.89
CA ARG A 35 -11.37 3.83 -2.71
C ARG A 35 -10.68 3.63 -4.06
N ALA A 36 -11.47 3.29 -5.08
CA ALA A 36 -10.91 3.04 -6.41
C ALA A 36 -9.93 4.15 -6.78
N ASP A 37 -10.31 5.40 -6.53
CA ASP A 37 -9.41 6.51 -6.85
C ASP A 37 -8.16 6.46 -5.98
N LEU A 38 -8.35 6.12 -4.71
CA LEU A 38 -7.23 6.05 -3.77
C LEU A 38 -6.27 4.96 -4.17
N LEU A 39 -6.82 3.82 -4.59
CA LEU A 39 -5.99 2.69 -5.01
C LEU A 39 -5.18 3.06 -6.24
N ARG A 40 -5.83 3.69 -7.21
CA ARG A 40 -5.16 4.08 -8.45
C ARG A 40 -4.01 5.03 -8.13
N GLU A 41 -4.27 5.99 -7.24
CA GLU A 41 -3.26 6.95 -6.86
C GLU A 41 -2.08 6.27 -6.18
N ALA A 42 -2.38 5.26 -5.36
CA ALA A 42 -1.33 4.52 -4.66
C ALA A 42 -0.41 3.84 -5.68
N VAL A 43 -0.99 3.20 -6.68
CA VAL A 43 -0.19 2.54 -7.71
C VAL A 43 0.61 3.56 -8.50
N ASP A 44 -0.09 4.57 -9.03
CA ASP A 44 0.58 5.60 -9.82
C ASP A 44 1.74 6.18 -9.03
N GLN A 45 1.48 6.55 -7.78
CA GLN A 45 2.53 7.11 -6.93
C GLN A 45 3.65 6.10 -6.73
N TYR A 46 3.27 4.83 -6.55
CA TYR A 46 4.26 3.77 -6.35
C TYR A 46 5.13 3.63 -7.59
N LEU A 47 4.51 3.66 -8.76
CA LEU A 47 5.24 3.53 -10.03
C LEU A 47 6.21 4.69 -10.20
N ILE A 48 5.76 5.89 -9.85
CA ILE A 48 6.60 7.07 -9.98
C ILE A 48 7.83 6.94 -9.09
N ASN A 49 7.62 6.51 -7.85
CA ASN A 49 8.72 6.35 -6.92
C ASN A 49 9.65 5.23 -7.40
N GLN A 50 9.06 4.17 -7.93
CA GLN A 50 9.84 3.04 -8.42
C GLN A 50 10.53 3.40 -9.74
N SER A 51 10.91 4.67 -9.87
CA SER A 51 11.57 5.14 -11.09
C SER A 51 10.56 5.33 -12.21
N GLN A 52 10.61 6.49 -12.84
CA GLN A 52 9.69 6.80 -13.93
C GLN A 52 10.18 8.00 -14.72
N THR A 53 10.64 9.02 -14.02
CA THR A 53 11.13 10.23 -14.67
C THR A 53 10.14 10.74 -15.71
N ALA A 54 10.24 10.21 -16.92
CA ALA A 54 9.36 10.61 -18.01
C ALA A 54 7.90 10.44 -17.58
N ARG A 55 7.10 11.47 -17.84
CA ARG A 55 5.68 11.44 -17.48
C ARG A 55 4.83 11.00 -18.67
N THR A 56 5.49 10.57 -19.74
CA THR A 56 4.79 10.13 -20.94
C THR A 56 3.84 11.21 -21.43
N SER A 57 4.35 12.11 -22.25
CA SER A 57 3.54 13.20 -22.78
C SER A 57 2.86 12.79 -24.06
N VAL A 58 3.00 11.52 -24.43
CA VAL A 58 2.40 10.98 -25.65
C VAL A 58 2.60 11.93 -26.85
N PRO A 59 2.67 11.43 -28.04
CA PRO A 59 2.82 12.30 -29.24
C PRO A 59 1.89 13.51 -29.20
N GLY A 60 2.45 14.70 -29.44
CA GLY A 60 1.67 15.93 -29.43
C GLY A 60 1.42 16.42 -30.86
N ILE A 61 2.45 17.01 -31.46
CA ILE A 61 2.34 17.52 -32.84
C ILE A 61 3.16 16.67 -33.80
N TRP A 62 2.49 16.16 -34.83
CA TRP A 62 3.16 15.33 -35.83
C TRP A 62 2.23 15.01 -36.98
N GLN A 63 2.44 13.86 -37.62
CA GLN A 63 1.62 13.44 -38.74
C GLN A 63 1.48 14.57 -39.75
N GLY A 64 0.48 15.44 -39.52
CA GLY A 64 0.25 16.57 -40.41
C GLY A 64 -0.66 16.17 -41.57
N CYS A 65 -1.24 14.97 -41.48
CA CYS A 65 -2.13 14.48 -42.53
C CYS A 65 -3.20 13.57 -41.93
N GLU A 66 -4.33 13.46 -42.63
CA GLU A 66 -5.43 12.62 -42.16
C GLU A 66 -6.17 11.99 -43.33
N GLU A 67 -5.75 12.35 -44.54
CA GLU A 67 -6.38 11.81 -45.74
C GLU A 67 -6.13 10.30 -45.84
N ASP A 68 -4.88 9.90 -45.62
CA ASP A 68 -4.54 8.48 -45.70
C ASP A 68 -5.23 7.81 -46.89
N GLY A 69 -6.09 6.84 -46.59
CA GLY A 69 -6.81 6.13 -47.64
C GLY A 69 -7.34 4.80 -47.13
N VAL A 70 -8.50 4.83 -46.47
CA VAL A 70 -9.10 3.62 -45.94
C VAL A 70 -9.43 2.65 -47.06
N GLU A 71 -10.03 3.17 -48.13
CA GLU A 71 -10.40 2.35 -49.29
C GLU A 71 -10.20 3.12 -50.58
N TYR A 72 -10.32 4.44 -50.51
CA TYR A 72 -10.14 5.29 -51.69
C TYR A 72 -11.09 4.84 -52.80
N GLN A 73 -12.33 4.53 -52.43
CA GLN A 73 -13.33 4.09 -53.41
C GLN A 73 -13.98 5.30 -54.08
N ARG A 74 -13.40 5.75 -55.18
CA ARG A 74 -13.95 6.89 -55.91
C ARG A 74 -14.40 7.98 -54.94
N LYS A 75 -13.45 8.52 -54.18
CA LYS A 75 -13.76 9.57 -53.22
C LYS A 75 -14.29 10.81 -53.92
N LEU A 76 -13.66 11.14 -55.05
CA LEU A 76 -14.06 12.31 -55.82
C LEU A 76 -15.57 12.32 -56.02
N ARG A 77 -16.01 11.91 -57.21
CA ARG A 77 -17.43 11.88 -57.52
C ARG A 77 -18.06 13.26 -57.34
N GLU A 78 -18.70 13.77 -58.39
CA GLU A 78 -19.33 15.07 -58.33
C GLU A 78 -20.43 15.09 -57.26
N GLU A 79 -20.51 16.18 -56.53
CA GLU A 79 -21.51 16.32 -55.48
C GLU A 79 -21.90 17.78 -55.29
N TRP A 80 -23.16 18.10 -55.61
CA TRP A 80 -23.65 19.47 -55.47
C TRP A 80 -22.63 20.46 -56.01
N MET B 1 -18.67 -22.96 1.19
CA MET B 1 -18.92 -21.53 0.90
C MET B 1 -18.46 -20.68 2.07
N ASN B 2 -17.15 -20.45 2.15
CA ASN B 2 -16.58 -19.65 3.22
C ASN B 2 -17.22 -20.00 4.56
N SER B 3 -17.43 -21.31 4.78
CA SER B 3 -18.05 -21.77 6.02
C SER B 3 -16.99 -21.98 7.09
N LEU B 4 -17.19 -21.37 8.24
CA LEU B 4 -16.23 -21.49 9.35
C LEU B 4 -14.82 -21.28 8.86
N ALA B 5 -14.29 -20.08 9.11
CA ALA B 5 -12.93 -19.77 8.69
C ALA B 5 -12.75 -20.07 7.22
N GLY B 6 -11.50 -20.32 6.82
CA GLY B 6 -11.20 -20.63 5.41
C GLY B 6 -10.71 -19.39 4.69
N ILE B 7 -11.64 -18.66 4.06
CA ILE B 7 -11.30 -17.43 3.33
C ILE B 7 -11.87 -16.21 4.04
N ASP B 8 -10.99 -15.34 4.49
CA ASP B 8 -11.40 -14.12 5.18
C ASP B 8 -10.76 -12.89 4.53
N MET B 9 -10.46 -12.99 3.24
CA MET B 9 -9.84 -11.88 2.51
C MET B 9 -10.88 -11.21 1.61
N GLY B 10 -11.17 -9.94 1.88
CA GLY B 10 -12.13 -9.20 1.09
C GLY B 10 -11.70 -9.15 -0.37
N ARG B 11 -12.60 -8.72 -1.23
CA ARG B 11 -12.32 -8.62 -2.66
C ARG B 11 -12.83 -7.29 -3.22
N ILE B 12 -11.89 -6.47 -3.69
CA ILE B 12 -12.24 -5.16 -4.26
C ILE B 12 -11.81 -5.08 -5.72
N LEU B 13 -12.58 -4.34 -6.50
CA LEU B 13 -12.29 -4.18 -7.92
C LEU B 13 -11.47 -2.93 -8.16
N LEU B 14 -10.41 -3.07 -8.96
CA LEU B 14 -9.54 -1.94 -9.28
C LEU B 14 -9.57 -1.67 -10.78
N ASP B 15 -9.84 -0.41 -11.13
CA ASP B 15 -9.89 -0.02 -12.54
C ASP B 15 -8.54 0.54 -12.99
N LEU B 16 -7.94 -0.13 -13.98
CA LEU B 16 -6.64 0.30 -14.51
C LEU B 16 -6.73 0.48 -16.01
N SER B 17 -5.57 0.60 -16.67
CA SER B 17 -5.53 0.79 -18.11
C SER B 17 -4.48 -0.15 -18.73
N ASN B 18 -4.68 -0.48 -20.00
CA ASN B 18 -3.76 -1.36 -20.70
C ASN B 18 -2.35 -0.80 -20.64
N GLU B 19 -2.24 0.52 -20.70
CA GLU B 19 -0.93 1.17 -20.66
C GLU B 19 -0.26 0.94 -19.30
N VAL B 20 -1.07 0.97 -18.25
CA VAL B 20 -0.56 0.76 -16.90
C VAL B 20 -0.10 -0.68 -16.71
N ILE B 21 -0.89 -1.62 -17.23
CA ILE B 21 -0.56 -3.04 -17.13
C ILE B 21 0.84 -3.28 -17.66
N LYS B 22 1.19 -2.60 -18.76
CA LYS B 22 2.50 -2.75 -19.35
C LYS B 22 3.57 -2.22 -18.39
N GLN B 23 3.27 -1.10 -17.72
CA GLN B 23 4.20 -0.52 -16.78
C GLN B 23 4.48 -1.49 -15.64
N LEU B 24 3.40 -2.04 -15.07
CA LEU B 24 3.53 -3.00 -13.99
C LEU B 24 4.26 -4.25 -14.45
N ASP B 25 3.99 -4.65 -15.69
CA ASP B 25 4.60 -5.84 -16.24
C ASP B 25 6.13 -5.68 -16.24
N ASP B 26 6.60 -4.49 -16.58
CA ASP B 26 8.03 -4.24 -16.61
C ASP B 26 8.62 -4.40 -15.21
N LEU B 27 7.88 -3.93 -14.21
CA LEU B 27 8.33 -4.03 -12.83
C LEU B 27 8.19 -5.46 -12.33
N GLU B 28 7.24 -6.19 -12.88
CA GLU B 28 7.01 -7.56 -12.47
C GLU B 28 8.16 -8.47 -12.92
N VAL B 29 8.67 -8.21 -14.11
CA VAL B 29 9.75 -9.02 -14.66
C VAL B 29 11.01 -8.91 -13.80
N GLN B 30 11.42 -7.68 -13.54
CA GLN B 30 12.62 -7.44 -12.73
C GLN B 30 12.43 -8.01 -11.34
N ARG B 31 11.24 -7.82 -10.78
CA ARG B 31 10.93 -8.31 -9.45
C ARG B 31 10.66 -9.81 -9.47
N ASN B 32 10.17 -10.28 -10.61
CA ASN B 32 9.86 -11.70 -10.76
C ASN B 32 8.97 -12.16 -9.62
N LEU B 33 7.86 -11.47 -9.42
CA LEU B 33 6.92 -11.83 -8.35
C LEU B 33 5.49 -11.47 -8.77
N PRO B 34 4.51 -12.07 -8.14
CA PRO B 34 3.07 -11.78 -8.43
C PRO B 34 2.69 -10.32 -8.16
N ARG B 35 1.80 -9.79 -8.98
CA ARG B 35 1.35 -8.42 -8.83
C ARG B 35 0.66 -8.24 -7.48
N ALA B 36 -0.16 -9.21 -7.10
CA ALA B 36 -0.89 -9.14 -5.83
C ALA B 36 0.06 -8.73 -4.71
N ASP B 37 1.27 -9.29 -4.74
CA ASP B 37 2.27 -8.96 -3.71
C ASP B 37 2.65 -7.49 -3.81
N LEU B 38 2.78 -6.99 -5.03
CA LEU B 38 3.16 -5.59 -5.24
C LEU B 38 2.06 -4.66 -4.73
N LEU B 39 0.82 -5.04 -4.98
CA LEU B 39 -0.30 -4.21 -4.55
C LEU B 39 -0.31 -4.07 -3.04
N ARG B 40 -0.16 -5.18 -2.34
CA ARG B 40 -0.15 -5.16 -0.89
C ARG B 40 0.94 -4.24 -0.37
N GLU B 41 2.12 -4.35 -0.98
CA GLU B 41 3.25 -3.51 -0.57
C GLU B 41 3.00 -2.05 -0.95
N ALA B 42 2.37 -1.84 -2.11
CA ALA B 42 2.08 -0.50 -2.57
C ALA B 42 1.14 0.21 -1.60
N VAL B 43 0.07 -0.47 -1.22
CA VAL B 43 -0.89 0.12 -0.29
C VAL B 43 -0.22 0.35 1.08
N ASP B 44 0.37 -0.72 1.61
CA ASP B 44 1.02 -0.62 2.92
C ASP B 44 1.99 0.56 2.93
N GLN B 45 2.82 0.65 1.88
CA GLN B 45 3.77 1.74 1.78
C GLN B 45 3.05 3.08 1.73
N TYR B 46 1.95 3.13 0.99
CA TYR B 46 1.18 4.36 0.87
C TYR B 46 0.68 4.81 2.23
N LEU B 47 0.16 3.87 3.01
CA LEU B 47 -0.37 4.18 4.34
C LEU B 47 0.74 4.75 5.22
N ILE B 48 1.92 4.15 5.14
CA ILE B 48 3.03 4.61 5.95
C ILE B 48 3.39 6.05 5.58
N ASN B 49 3.47 6.32 4.29
CA ASN B 49 3.82 7.65 3.81
C ASN B 49 2.72 8.64 4.21
N GLN B 50 1.47 8.21 4.11
CA GLN B 50 0.34 9.06 4.45
C GLN B 50 0.45 9.52 5.90
N SER B 51 0.81 8.60 6.78
CA SER B 51 0.94 8.91 8.20
C SER B 51 1.93 10.05 8.40
N GLN B 52 3.05 9.99 7.67
CA GLN B 52 4.06 11.03 7.78
C GLN B 52 3.51 12.37 7.30
N THR B 53 2.68 12.33 6.27
CA THR B 53 2.10 13.56 5.73
C THR B 53 1.01 14.08 6.65
N ALA B 54 1.41 14.76 7.71
CA ALA B 54 0.45 15.31 8.67
C ALA B 54 1.16 16.20 9.69
N ARG B 55 2.35 15.78 10.09
CA ARG B 55 3.11 16.54 11.07
C ARG B 55 3.51 17.89 10.50
N THR B 56 3.96 17.90 9.24
CA THR B 56 4.38 19.14 8.59
C THR B 56 3.79 19.23 7.19
N SER B 57 2.47 19.01 7.10
CA SER B 57 1.79 19.06 5.80
C SER B 57 1.88 20.45 5.20
N VAL B 58 1.50 21.43 5.99
CA VAL B 58 1.51 22.82 5.56
C VAL B 58 0.63 23.01 4.31
N PRO B 59 -0.16 24.06 4.24
CA PRO B 59 -1.01 24.34 3.04
C PRO B 59 -0.20 24.35 1.75
N GLY B 60 -0.82 23.88 0.67
CA GLY B 60 -0.15 23.84 -0.63
C GLY B 60 -0.95 22.99 -1.62
N ILE B 61 -1.76 23.64 -2.45
CA ILE B 61 -2.57 22.95 -3.44
C ILE B 61 -2.14 23.34 -4.85
N TRP B 62 -1.87 22.33 -5.66
CA TRP B 62 -1.44 22.57 -7.04
C TRP B 62 -2.63 22.98 -7.89
N GLN B 63 -3.60 23.64 -7.28
CA GLN B 63 -4.79 24.08 -8.00
C GLN B 63 -5.59 22.88 -8.53
N GLY B 64 -5.00 21.69 -8.41
CA GLY B 64 -5.66 20.48 -8.87
C GLY B 64 -5.93 20.56 -10.37
N CYS B 65 -5.91 19.41 -11.03
CA CYS B 65 -6.16 19.35 -12.47
C CYS B 65 -6.98 18.11 -12.82
N GLU B 66 -7.84 18.25 -13.84
CA GLU B 66 -8.68 17.13 -14.27
C GLU B 66 -9.41 16.53 -13.07
N GLU B 67 -10.63 16.98 -12.84
CA GLU B 67 -11.43 16.47 -11.73
C GLU B 67 -11.75 14.99 -11.93
N ASP B 68 -12.08 14.63 -13.17
CA ASP B 68 -12.41 13.24 -13.48
C ASP B 68 -13.52 12.73 -12.57
N GLY B 69 -14.47 13.60 -12.26
CA GLY B 69 -15.58 13.23 -11.38
C GLY B 69 -16.74 12.65 -12.21
N VAL B 70 -16.58 12.64 -13.52
CA VAL B 70 -17.62 12.12 -14.42
C VAL B 70 -17.47 10.61 -14.57
N GLU B 71 -16.63 10.01 -13.74
CA GLU B 71 -16.41 8.57 -13.79
C GLU B 71 -17.66 7.82 -13.33
N TYR B 72 -18.38 8.41 -12.38
CA TYR B 72 -19.59 7.79 -11.86
C TYR B 72 -19.37 6.31 -11.57
N GLN B 73 -20.45 5.59 -11.29
CA GLN B 73 -20.35 4.17 -11.00
C GLN B 73 -19.22 3.90 -10.02
N ARG B 74 -19.50 4.04 -8.74
CA ARG B 74 -18.49 3.81 -7.70
C ARG B 74 -18.02 2.36 -7.72
N LYS B 75 -18.97 1.44 -7.86
CA LYS B 75 -18.65 0.02 -7.89
C LYS B 75 -19.67 -0.75 -8.72
N LEU B 76 -20.84 -0.14 -8.90
CA LEU B 76 -21.90 -0.79 -9.66
C LEU B 76 -22.25 -2.15 -9.07
N ARG B 77 -23.48 -2.29 -8.60
CA ARG B 77 -23.94 -3.55 -8.02
C ARG B 77 -24.27 -4.55 -9.12
N GLU B 78 -23.99 -5.83 -8.86
CA GLU B 78 -24.26 -6.89 -9.82
C GLU B 78 -25.73 -7.28 -9.76
N GLU B 79 -26.08 -8.37 -10.45
CA GLU B 79 -27.45 -8.86 -10.48
C GLU B 79 -27.87 -9.34 -9.09
N TRP B 80 -26.95 -10.01 -8.41
CA TRP B 80 -27.24 -10.54 -7.07
C TRP B 80 -27.07 -9.44 -6.03
N MET A 1 -1.24 16.31 -19.67
CA MET A 1 -2.22 16.31 -20.79
C MET A 1 -2.56 14.88 -21.16
N ASN A 2 -3.82 14.64 -21.52
CA ASN A 2 -4.27 13.31 -21.88
C ASN A 2 -3.45 12.77 -23.06
N SER A 3 -3.86 13.15 -24.26
CA SER A 3 -3.16 12.71 -25.47
C SER A 3 -3.10 11.20 -25.52
N LEU A 4 -4.02 10.54 -24.82
CA LEU A 4 -4.06 9.08 -24.79
C LEU A 4 -4.85 8.55 -25.96
N ALA A 5 -4.31 7.52 -26.62
CA ALA A 5 -4.97 6.92 -27.78
C ALA A 5 -5.75 5.68 -27.36
N GLY A 6 -7.00 5.58 -27.81
CA GLY A 6 -7.84 4.45 -27.48
C GLY A 6 -7.81 4.17 -25.98
N ILE A 7 -8.87 4.60 -25.28
CA ILE A 7 -8.95 4.39 -23.84
C ILE A 7 -9.76 3.14 -23.53
N ASP A 8 -9.09 2.12 -23.02
CA ASP A 8 -9.76 0.86 -22.67
C ASP A 8 -9.27 0.36 -21.31
N MET A 9 -9.77 0.97 -20.24
CA MET A 9 -9.38 0.57 -18.90
C MET A 9 -9.85 -0.86 -18.61
N GLY A 10 -8.89 -1.75 -18.39
CA GLY A 10 -9.20 -3.15 -18.11
C GLY A 10 -9.75 -3.31 -16.70
N ARG A 11 -9.89 -4.55 -16.26
CA ARG A 11 -10.41 -4.84 -14.92
C ARG A 11 -9.44 -5.73 -14.16
N ILE A 12 -9.21 -5.41 -12.89
CA ILE A 12 -8.31 -6.20 -12.05
C ILE A 12 -8.96 -6.53 -10.73
N LEU A 13 -8.58 -7.65 -10.14
CA LEU A 13 -9.15 -8.07 -8.86
C LEU A 13 -8.13 -7.90 -7.75
N LEU A 14 -8.44 -7.01 -6.81
CA LEU A 14 -7.55 -6.76 -5.68
C LEU A 14 -8.15 -7.28 -4.39
N ASP A 15 -7.35 -8.03 -3.63
CA ASP A 15 -7.80 -8.58 -2.36
C ASP A 15 -6.99 -8.01 -1.20
N LEU A 16 -7.68 -7.36 -0.27
CA LEU A 16 -7.01 -6.77 0.90
C LEU A 16 -7.62 -7.29 2.19
N SER A 17 -6.78 -7.43 3.20
CA SER A 17 -7.24 -7.93 4.50
C SER A 17 -8.30 -7.00 5.08
N ASN A 18 -9.19 -7.55 5.89
CA ASN A 18 -10.25 -6.77 6.50
C ASN A 18 -9.66 -5.66 7.37
N GLU A 19 -8.52 -5.95 7.99
CA GLU A 19 -7.86 -4.97 8.84
C GLU A 19 -7.57 -3.69 8.07
N VAL A 20 -7.23 -3.83 6.81
CA VAL A 20 -6.94 -2.67 5.97
C VAL A 20 -8.21 -1.88 5.69
N ILE A 21 -9.30 -2.59 5.41
CA ILE A 21 -10.56 -1.94 5.10
C ILE A 21 -10.89 -0.92 6.18
N LYS A 22 -10.67 -1.28 7.43
CA LYS A 22 -10.93 -0.38 8.55
C LYS A 22 -10.05 0.87 8.41
N GLN A 23 -8.77 0.65 8.07
CA GLN A 23 -7.86 1.76 7.90
C GLN A 23 -8.22 2.54 6.63
N LEU A 24 -8.49 1.83 5.52
CA LEU A 24 -8.84 2.46 4.29
C LEU A 24 -10.15 3.21 4.44
N ASP A 25 -11.12 2.56 5.06
CA ASP A 25 -12.43 3.16 5.25
C ASP A 25 -12.32 4.44 6.06
N ASP A 26 -11.60 4.36 7.18
CA ASP A 26 -11.42 5.52 8.04
C ASP A 26 -10.76 6.66 7.27
N LEU A 27 -9.74 6.33 6.50
CA LEU A 27 -9.03 7.32 5.71
C LEU A 27 -9.90 7.82 4.57
N GLU A 28 -10.79 6.97 4.11
CA GLU A 28 -11.68 7.33 3.00
C GLU A 28 -12.62 8.45 3.41
N VAL A 29 -13.13 8.38 4.63
CA VAL A 29 -14.04 9.40 5.13
C VAL A 29 -13.29 10.70 5.43
N GLN A 30 -12.04 10.57 5.85
CA GLN A 30 -11.23 11.74 6.17
C GLN A 30 -11.14 12.68 4.98
N ARG A 31 -10.83 12.12 3.81
CA ARG A 31 -10.72 12.92 2.59
C ARG A 31 -12.05 12.96 1.85
N ASN A 32 -12.96 12.06 2.22
CA ASN A 32 -14.26 11.99 1.58
C ASN A 32 -14.12 11.72 0.10
N LEU A 33 -13.04 11.04 -0.28
CA LEU A 33 -12.80 10.70 -1.69
C LEU A 33 -12.96 9.20 -1.91
N PRO A 34 -13.26 8.82 -3.12
CA PRO A 34 -13.44 7.37 -3.48
C PRO A 34 -12.16 6.57 -3.29
N ARG A 35 -12.31 5.30 -2.92
CA ARG A 35 -11.16 4.42 -2.72
C ARG A 35 -10.38 4.27 -4.01
N ALA A 36 -11.10 4.09 -5.11
CA ALA A 36 -10.46 3.92 -6.41
C ALA A 36 -9.41 5.00 -6.63
N ASP A 37 -9.72 6.22 -6.20
CA ASP A 37 -8.78 7.33 -6.36
C ASP A 37 -7.59 7.15 -5.43
N LEU A 38 -7.86 6.71 -4.20
CA LEU A 38 -6.79 6.51 -3.23
C LEU A 38 -5.86 5.39 -3.69
N LEU A 39 -6.44 4.30 -4.17
CA LEU A 39 -5.65 3.17 -4.63
C LEU A 39 -4.84 3.54 -5.86
N ARG A 40 -5.50 4.22 -6.80
CA ARG A 40 -4.82 4.62 -8.03
C ARG A 40 -3.58 5.45 -7.72
N GLU A 41 -3.71 6.37 -6.76
CA GLU A 41 -2.59 7.22 -6.38
C GLU A 41 -1.47 6.38 -5.76
N ALA A 42 -1.86 5.38 -4.98
CA ALA A 42 -0.86 4.51 -4.34
C ALA A 42 0.02 3.86 -5.39
N VAL A 43 -0.60 3.32 -6.44
CA VAL A 43 0.16 2.68 -7.51
C VAL A 43 0.98 3.72 -8.28
N ASP A 44 0.30 4.75 -8.76
CA ASP A 44 0.97 5.80 -9.52
C ASP A 44 2.16 6.34 -8.73
N GLN A 45 1.95 6.60 -7.45
CA GLN A 45 3.03 7.09 -6.59
C GLN A 45 4.17 6.09 -6.54
N TYR A 46 3.83 4.81 -6.45
CA TYR A 46 4.84 3.76 -6.37
C TYR A 46 5.66 3.74 -7.66
N LEU A 47 4.98 3.82 -8.80
CA LEU A 47 5.67 3.79 -10.09
C LEU A 47 6.61 4.97 -10.23
N ILE A 48 6.16 6.13 -9.79
CA ILE A 48 6.99 7.34 -9.87
C ILE A 48 8.28 7.14 -9.08
N ASN A 49 8.17 6.58 -7.88
CA ASN A 49 9.34 6.35 -7.05
C ASN A 49 10.22 5.27 -7.68
N GLN A 50 9.59 4.22 -8.20
CA GLN A 50 10.33 3.13 -8.83
C GLN A 50 11.12 3.64 -10.02
N SER A 51 10.49 4.50 -10.83
CA SER A 51 11.14 5.07 -11.99
C SER A 51 12.05 6.23 -11.60
N GLN A 52 11.65 6.95 -10.56
CA GLN A 52 12.43 8.09 -10.08
C GLN A 52 12.58 9.13 -11.18
N THR A 53 13.48 8.86 -12.12
CA THR A 53 13.72 9.78 -13.23
C THR A 53 13.79 11.22 -12.73
N ALA A 54 14.33 11.39 -11.53
CA ALA A 54 14.46 12.72 -10.94
C ALA A 54 15.39 12.69 -9.74
N ARG A 55 15.44 13.79 -9.00
CA ARG A 55 16.30 13.89 -7.81
C ARG A 55 15.51 14.41 -6.62
N THR A 56 15.76 13.84 -5.45
CA THR A 56 15.07 14.26 -4.23
C THR A 56 15.28 15.75 -3.99
N SER A 57 16.38 16.09 -3.33
CA SER A 57 16.69 17.48 -3.03
C SER A 57 15.53 18.14 -2.29
N VAL A 58 14.50 18.53 -3.04
CA VAL A 58 13.34 19.17 -2.45
C VAL A 58 13.75 20.38 -1.60
N PRO A 59 14.35 21.35 -2.22
CA PRO A 59 14.82 22.59 -1.52
C PRO A 59 13.66 23.51 -1.16
N GLY A 60 13.79 24.19 -0.02
CA GLY A 60 12.75 25.12 0.42
C GLY A 60 11.38 24.51 0.26
N ILE A 61 10.86 23.91 1.33
CA ILE A 61 9.55 23.28 1.30
C ILE A 61 8.71 23.72 2.49
N TRP A 62 7.45 24.08 2.23
CA TRP A 62 6.55 24.52 3.28
C TRP A 62 5.14 23.98 3.04
N GLN A 63 4.84 22.84 3.65
CA GLN A 63 3.52 22.22 3.49
C GLN A 63 2.45 23.11 4.13
N GLY A 64 2.75 23.67 5.30
CA GLY A 64 1.81 24.53 5.99
C GLY A 64 0.73 23.70 6.68
N CYS A 65 0.99 22.40 6.83
CA CYS A 65 0.03 21.51 7.48
C CYS A 65 0.46 21.21 8.91
N GLU A 66 -0.40 20.51 9.65
CA GLU A 66 -0.10 20.16 11.03
C GLU A 66 1.05 19.16 11.10
N GLU A 67 1.95 19.38 12.04
CA GLU A 67 3.10 18.49 12.20
C GLU A 67 2.85 17.48 13.33
N ASP A 68 3.20 17.88 14.55
CA ASP A 68 3.01 17.01 15.70
C ASP A 68 3.64 15.65 15.45
N GLY A 69 3.62 14.80 16.48
CA GLY A 69 4.20 13.46 16.36
C GLY A 69 5.71 13.50 16.47
N VAL A 70 6.23 14.57 17.06
CA VAL A 70 7.68 14.73 17.21
C VAL A 70 8.15 14.07 18.52
N GLU A 71 7.45 13.01 18.93
CA GLU A 71 7.82 12.31 20.15
C GLU A 71 9.32 12.03 20.19
N TYR A 72 10.05 12.93 20.85
CA TYR A 72 11.51 12.79 20.95
C TYR A 72 11.87 12.06 22.24
N GLN A 73 10.87 11.50 22.91
CA GLN A 73 11.10 10.78 24.15
C GLN A 73 11.72 11.70 25.20
N ARG A 74 11.07 11.80 26.35
CA ARG A 74 11.57 12.66 27.42
C ARG A 74 12.87 12.11 27.99
N LYS A 75 13.81 13.00 28.31
CA LYS A 75 15.10 12.58 28.86
C LYS A 75 15.01 12.44 30.37
N LEU A 76 15.41 11.28 30.88
CA LEU A 76 15.37 11.03 32.31
C LEU A 76 16.54 11.72 33.01
N ARG A 77 16.29 12.23 34.21
CA ARG A 77 17.33 12.91 34.98
C ARG A 77 18.30 11.90 35.57
N GLU A 78 19.58 12.27 35.66
CA GLU A 78 20.60 11.40 36.22
C GLU A 78 21.50 12.16 37.16
N GLU A 79 21.12 12.23 38.44
CA GLU A 79 21.91 12.94 39.44
C GLU A 79 22.26 12.00 40.59
N TRP A 80 23.55 11.73 40.75
CA TRP A 80 24.01 10.85 41.82
C TRP A 80 24.10 11.61 43.13
N MET B 1 2.30 -13.86 14.10
CA MET B 1 1.92 -13.45 12.72
C MET B 1 3.05 -13.79 11.76
N ASN B 2 3.57 -15.00 11.88
CA ASN B 2 4.68 -15.43 11.01
C ASN B 2 4.13 -16.17 9.79
N SER B 3 3.99 -15.43 8.68
CA SER B 3 3.48 -16.02 7.45
C SER B 3 2.01 -16.36 7.59
N LEU B 4 1.39 -15.89 8.67
CA LEU B 4 -0.03 -16.17 8.91
C LEU B 4 -0.89 -15.02 8.41
N ALA B 5 -1.70 -15.29 7.39
CA ALA B 5 -2.57 -14.27 6.82
C ALA B 5 -3.51 -14.89 5.80
N GLY B 6 -4.29 -14.04 5.13
CA GLY B 6 -5.24 -14.51 4.13
C GLY B 6 -6.47 -15.11 4.78
N ILE B 7 -6.81 -14.61 5.96
CA ILE B 7 -7.98 -15.12 6.69
C ILE B 7 -9.23 -14.37 6.25
N ASP B 8 -9.95 -14.94 5.28
CA ASP B 8 -11.17 -14.34 4.78
C ASP B 8 -10.97 -12.84 4.54
N MET B 9 -9.92 -12.51 3.79
CA MET B 9 -9.63 -11.11 3.48
C MET B 9 -10.83 -10.45 2.81
N GLY B 10 -10.57 -9.37 2.09
CA GLY B 10 -11.63 -8.64 1.40
C GLY B 10 -11.51 -8.81 -0.12
N ARG B 11 -12.41 -8.15 -0.86
CA ARG B 11 -12.39 -8.23 -2.31
C ARG B 11 -12.74 -6.88 -2.92
N ILE B 12 -11.88 -6.38 -3.80
CA ILE B 12 -12.11 -5.10 -4.45
C ILE B 12 -11.69 -5.15 -5.91
N LEU B 13 -12.42 -4.45 -6.77
CA LEU B 13 -12.11 -4.42 -8.21
C LEU B 13 -11.40 -3.13 -8.56
N LEU B 14 -10.24 -3.26 -9.18
CA LEU B 14 -9.44 -2.10 -9.59
C LEU B 14 -9.31 -2.03 -11.09
N ASP B 15 -9.54 -0.84 -11.62
CA ASP B 15 -9.45 -0.61 -13.07
C ASP B 15 -8.28 0.31 -13.40
N LEU B 16 -7.40 -0.15 -14.28
CA LEU B 16 -6.22 0.63 -14.67
C LEU B 16 -6.05 0.61 -16.19
N SER B 17 -5.58 1.73 -16.73
CA SER B 17 -5.37 1.84 -18.17
C SER B 17 -4.43 0.73 -18.65
N ASN B 18 -4.60 0.31 -19.89
CA ASN B 18 -3.77 -0.74 -20.46
C ASN B 18 -2.31 -0.32 -20.47
N GLU B 19 -2.07 0.99 -20.57
CA GLU B 19 -0.71 1.51 -20.59
C GLU B 19 -0.03 1.26 -19.25
N VAL B 20 -0.80 1.35 -18.17
CA VAL B 20 -0.26 1.13 -16.83
C VAL B 20 0.10 -0.34 -16.64
N ILE B 21 -0.79 -1.23 -17.09
CA ILE B 21 -0.55 -2.67 -16.96
C ILE B 21 0.81 -3.03 -17.56
N LYS B 22 1.16 -2.37 -18.65
CA LYS B 22 2.44 -2.62 -19.30
C LYS B 22 3.59 -2.19 -18.39
N GLN B 23 3.40 -1.08 -17.69
CA GLN B 23 4.42 -0.57 -16.78
C GLN B 23 4.65 -1.55 -15.64
N LEU B 24 3.56 -2.01 -15.03
CA LEU B 24 3.66 -2.94 -13.92
C LEU B 24 4.31 -4.25 -14.37
N ASP B 25 3.92 -4.72 -15.54
CA ASP B 25 4.47 -5.95 -16.07
C ASP B 25 5.99 -5.88 -16.14
N ASP B 26 6.50 -4.79 -16.69
CA ASP B 26 7.96 -4.62 -16.81
C ASP B 26 8.61 -4.64 -15.44
N LEU B 27 8.05 -3.89 -14.50
CA LEU B 27 8.59 -3.83 -13.15
C LEU B 27 8.40 -5.17 -12.43
N GLU B 28 7.29 -5.84 -12.74
CA GLU B 28 7.00 -7.12 -12.10
C GLU B 28 8.01 -8.18 -12.51
N VAL B 29 8.42 -8.15 -13.77
CA VAL B 29 9.38 -9.11 -14.29
C VAL B 29 10.74 -8.94 -13.60
N GLN B 30 11.17 -7.69 -13.43
CA GLN B 30 12.45 -7.43 -12.80
C GLN B 30 12.50 -8.02 -11.40
N ARG B 31 11.46 -7.78 -10.61
CA ARG B 31 11.41 -8.29 -9.24
C ARG B 31 11.03 -9.77 -9.25
N ASN B 32 10.39 -10.22 -10.32
CA ASN B 32 9.98 -11.61 -10.43
C ASN B 32 9.03 -12.00 -9.31
N LEU B 33 7.87 -11.36 -9.28
CA LEU B 33 6.88 -11.64 -8.25
C LEU B 33 5.47 -11.33 -8.75
N PRO B 34 4.47 -11.90 -8.15
CA PRO B 34 3.05 -11.67 -8.54
C PRO B 34 2.66 -10.20 -8.39
N ARG B 35 1.82 -9.72 -9.30
CA ARG B 35 1.37 -8.33 -9.26
C ARG B 35 0.59 -8.07 -7.97
N ALA B 36 -0.21 -9.04 -7.56
CA ALA B 36 -1.02 -8.90 -6.35
C ALA B 36 -0.14 -8.44 -5.19
N ASP B 37 1.08 -8.97 -5.12
CA ASP B 37 2.00 -8.59 -4.06
C ASP B 37 2.41 -7.13 -4.21
N LEU B 38 2.62 -6.69 -5.44
CA LEU B 38 3.01 -5.31 -5.71
C LEU B 38 1.91 -4.36 -5.27
N LEU B 39 0.66 -4.73 -5.57
CA LEU B 39 -0.47 -3.88 -5.22
C LEU B 39 -0.58 -3.73 -3.70
N ARG B 40 -0.38 -4.84 -2.98
CA ARG B 40 -0.45 -4.81 -1.53
C ARG B 40 0.61 -3.89 -0.96
N GLU B 41 1.81 -3.97 -1.51
CA GLU B 41 2.92 -3.14 -1.04
C GLU B 41 2.63 -1.67 -1.28
N ALA B 42 2.02 -1.36 -2.43
CA ALA B 42 1.69 0.02 -2.75
C ALA B 42 0.71 0.59 -1.74
N VAL B 43 -0.27 -0.21 -1.34
CA VAL B 43 -1.26 0.24 -0.37
C VAL B 43 -0.60 0.48 0.99
N ASP B 44 0.12 -0.54 1.49
CA ASP B 44 0.79 -0.43 2.77
C ASP B 44 1.65 0.84 2.81
N GLN B 45 2.43 1.05 1.77
CA GLN B 45 3.28 2.24 1.69
C GLN B 45 2.44 3.50 1.80
N TYR B 46 1.29 3.52 1.14
CA TYR B 46 0.40 4.67 1.17
C TYR B 46 -0.07 4.93 2.59
N LEU B 47 -0.40 3.86 3.30
CA LEU B 47 -0.86 3.99 4.68
C LEU B 47 0.22 4.64 5.54
N ILE B 48 1.46 4.25 5.32
CA ILE B 48 2.57 4.80 6.08
C ILE B 48 2.69 6.31 5.82
N ASN B 49 2.66 6.69 4.55
CA ASN B 49 2.78 8.09 4.18
C ASN B 49 1.80 8.94 5.00
N GLN B 50 0.80 8.28 5.57
CA GLN B 50 -0.19 9.00 6.38
C GLN B 50 0.45 9.56 7.65
N SER B 51 1.43 8.83 8.18
CA SER B 51 2.11 9.26 9.39
C SER B 51 3.26 10.20 9.06
N GLN B 52 3.09 10.98 7.99
CA GLN B 52 4.14 11.92 7.58
C GLN B 52 4.50 12.86 8.73
N THR B 53 5.56 12.53 9.44
CA THR B 53 6.00 13.35 10.56
C THR B 53 6.41 14.74 10.06
N ALA B 54 7.17 14.79 8.97
CA ALA B 54 7.62 16.05 8.41
C ALA B 54 8.54 16.76 9.39
N ARG B 55 9.31 17.72 8.87
CA ARG B 55 10.24 18.49 9.71
C ARG B 55 11.22 17.55 10.39
N THR B 56 12.51 17.91 10.36
CA THR B 56 13.54 17.10 11.00
C THR B 56 13.58 17.35 12.49
N SER B 57 14.36 16.55 13.21
CA SER B 57 14.48 16.71 14.66
C SER B 57 14.75 18.17 15.01
N VAL B 58 14.81 18.44 16.30
CA VAL B 58 15.04 19.78 16.79
C VAL B 58 13.93 20.73 16.32
N PRO B 59 13.44 21.57 17.19
CA PRO B 59 12.38 22.57 16.83
C PRO B 59 12.74 23.35 15.57
N GLY B 60 11.75 23.54 14.69
CA GLY B 60 11.97 24.28 13.45
C GLY B 60 11.52 25.72 13.61
N ILE B 61 10.35 25.92 14.21
CA ILE B 61 9.81 27.27 14.40
C ILE B 61 9.23 27.41 15.81
N TRP B 62 9.49 28.56 16.43
CA TRP B 62 8.97 28.81 17.78
C TRP B 62 7.49 29.14 17.73
N GLN B 63 6.69 28.34 18.43
CA GLN B 63 5.24 28.57 18.46
C GLN B 63 4.61 27.78 19.60
N GLY B 64 3.55 28.34 20.17
CA GLY B 64 2.85 27.67 21.28
C GLY B 64 1.91 28.63 21.98
N CYS B 65 1.14 29.38 21.18
CA CYS B 65 0.18 30.34 21.74
C CYS B 65 -1.17 29.67 21.96
N GLU B 66 -1.75 29.87 23.14
CA GLU B 66 -3.05 29.29 23.45
C GLU B 66 -4.18 30.20 23.01
N GLU B 67 -3.82 31.43 22.63
CA GLU B 67 -4.81 32.40 22.18
C GLU B 67 -5.68 32.86 23.35
N ASP B 68 -5.08 33.57 24.29
CA ASP B 68 -5.81 34.06 25.45
C ASP B 68 -6.64 35.29 25.08
N GLY B 69 -7.95 35.21 25.28
CA GLY B 69 -8.83 36.32 24.97
C GLY B 69 -10.05 36.32 25.89
N VAL B 70 -10.23 37.40 26.65
CA VAL B 70 -11.36 37.51 27.57
C VAL B 70 -12.36 38.53 27.05
N GLU B 71 -13.59 38.07 26.80
CA GLU B 71 -14.64 38.95 26.30
C GLU B 71 -15.11 39.89 27.40
N TYR B 72 -15.16 39.39 28.63
CA TYR B 72 -15.60 40.20 29.76
C TYR B 72 -14.77 39.88 31.00
N GLN B 73 -14.20 40.92 31.61
CA GLN B 73 -13.39 40.74 32.81
C GLN B 73 -14.25 40.75 34.06
N ARG B 74 -13.90 39.91 35.03
CA ARG B 74 -14.65 39.82 36.28
C ARG B 74 -13.71 39.57 37.45
N LYS B 75 -13.91 40.31 38.53
CA LYS B 75 -13.08 40.16 39.73
C LYS B 75 -13.88 40.45 40.98
N LEU B 76 -13.91 41.72 41.37
CA LEU B 76 -14.65 42.14 42.57
C LEU B 76 -16.00 42.72 42.18
N ARG B 77 -16.71 42.02 41.30
CA ARG B 77 -18.01 42.50 40.86
C ARG B 77 -19.06 42.25 41.94
N GLU B 78 -19.14 43.17 42.90
CA GLU B 78 -20.10 43.05 43.98
C GLU B 78 -21.52 43.25 43.48
N GLU B 79 -21.68 44.18 42.54
CA GLU B 79 -23.00 44.47 41.97
C GLU B 79 -23.13 43.85 40.59
N TRP B 80 -24.20 43.10 40.38
CA TRP B 80 -24.43 42.46 39.09
C TRP B 80 -24.60 43.51 37.99
#